data_7FFF
#
_entry.id   7FFF
#
loop_
_entity.id
_entity.type
_entity.pdbx_description
1 polymer 'Capsid protein'
2 polymer 'Spike glycoprotein E1'
3 polymer 'Low-density lipoprotein receptor class A domain-containing protein 3'
4 polymer 'assembly protein E3'
5 polymer 'Spike glycoprotein E2'
6 non-polymer 'CALCIUM ION'
#
loop_
_entity_poly.entity_id
_entity_poly.type
_entity_poly.pdbx_seq_one_letter_code
_entity_poly.pdbx_strand_id
1 'polypeptide(L)'
;MFPFQPMYPMQPMPYRNPFAAPRRPWFPRTDPFLAMQVQELTRSMANLTFKQRRDAPPEGPSANKPKKEASQKQKGGGQG
KKKKNQGKKKAKTGPPNPKAQNGNKKKTNKKPGKRQRMVMKLESDKTFPIMLEGKINGYACVVGGKLFRPMHVEGKIDND
VLAALKTKKASKYDLEYADVPQNMRADTFKYTHEKPQGYYSWHHGAVQYENGRFTVPKGVGAKGDSGRPILDNQGRVVAI
VLGGVNEGSRTALSVVMWNEKGVTVKYTPENCEQW
;
K,S,A,F
2 'polypeptide(L)'
;YEHATTMPSQAGISYNTIVNRAGYAPLPISITPTKIKLIPTVNLEYVTCHYKTGMDSPAIKCCGSQECTPTYRPDEQCKV
FTGVYPFMWGGAYCFCDTENTQVSKAYVMKSDDCLADHAEAYKAHTASVQAFLNITVGEHSIVTTVYVNGETPVNFNGVK
ITAGPLSTAWTPFDRKIVQYAGEIYNYDFPEYGAGQPGAFGDIQSRTVSSSDLYANTNLVLQRPKAGAIHVPYTQAPSGF
EQWKKDKAPSLKFTAPFGCEIYTNPIRAENCAVGSIPLAFDIPDALFTRVSETPTLSAAECTLNECVYSSDFGGIATVKY
SASKSGKCAVHVPSGTATLKEAAVELTEQGSATIHFSTANIHPEFRLQICTSYVTCKGDCHPPKDHIVTHPQYHAQTFTA
AVSKTAWTWLTSLLGGSAVIIIIGLVLATIVAMYVLTNQKHN
;
G,B,C,O
3 'polypeptide(L)' MWLLGPLCLLLSSAAESQLLPGNNFTNECNIPGNFMCSNGRCIPGAWQCDGLPDCFDKSDEKECPKAKSK H,D,E,M
4 'polypeptide(L)' SLVTTMCLLANVTFPCAQPPICYDRKPAETLAMLSVNVDNPGYDELLEAAVKCPGRKRR I,T,P,L
5 'polypeptide(L)'
;STEELFNEYKLTRPYMARCIRCAVGSCHSPIAIEAVKSDGHDGYVRLQTSSQYGLDSSGNLKGRTMRYDMHGTIKEIPLH
QVSLYTSRPCHIVDGHGYFLLARCPAGDSITMEFKKDSVRHSCSVPYEVKFNPVGRELYTHPPEHGVEQACQVYAHDAQN
RGAYVEMHLPGSEVDSSLVSLSGSSVTVTPPDGTSALVECECGGTKISETINKTKQFSQCTKKEQCRAYRLQNDKWVYNS
DKLPKAAGATLKGKLHVPFLLADGKCTVPLAPEPMITFGFRSVSLKLHPKNPTYLITRQLADEPHYTHELISEPAVRNFT
VTEKGWEFVWGNHPPKRFWAQETAPGNPHGLPHEVITHYYHRYPMSTILGLSICAAIATVSVAASTWLFCRSRVACLTPY
RLTPNARIPFCLAVLCCARTARA
;
J,Q,R,N
#
loop_
_chem_comp.id
_chem_comp.type
_chem_comp.name
_chem_comp.formula
CA non-polymer 'CALCIUM ION' 'Ca 2'
#
# COMPACT_ATOMS: atom_id res chain seq x y z
N GLY A 113 89.26 32.40 -55.68
CA GLY A 113 89.61 33.72 -55.24
C GLY A 113 88.53 34.76 -55.49
N LYS A 114 88.49 35.27 -56.73
CA LYS A 114 87.50 36.28 -57.09
C LYS A 114 86.13 35.68 -57.38
N ARG A 115 86.06 34.36 -57.59
CA ARG A 115 84.78 33.73 -57.87
C ARG A 115 83.86 33.73 -56.65
N GLN A 116 84.44 33.48 -55.47
CA GLN A 116 83.66 33.57 -54.23
C GLN A 116 83.23 35.01 -53.95
N ARG A 117 84.05 35.98 -54.32
CA ARG A 117 83.68 37.38 -54.17
C ARG A 117 82.54 37.76 -55.11
N MET A 118 82.55 37.21 -56.33
CA MET A 118 81.44 37.46 -57.25
C MET A 118 80.16 36.78 -56.78
N VAL A 119 80.27 35.59 -56.17
CA VAL A 119 79.10 34.94 -55.59
C VAL A 119 78.55 35.74 -54.41
N MET A 120 79.43 36.29 -53.57
CA MET A 120 78.98 37.11 -52.46
C MET A 120 78.40 38.45 -52.91
N LYS A 121 78.87 38.97 -54.05
CA LYS A 121 78.29 40.21 -54.56
C LYS A 121 76.96 39.98 -55.26
N LEU A 122 76.78 38.83 -55.91
CA LEU A 122 75.51 38.57 -56.59
C LEU A 122 74.45 38.07 -55.61
N GLU A 123 74.83 37.23 -54.66
CA GLU A 123 73.90 36.66 -53.69
C GLU A 123 73.87 37.40 -52.37
N SER A 124 74.11 38.72 -52.37
CA SER A 124 74.14 39.49 -51.13
C SER A 124 72.73 39.77 -50.62
N ASP A 125 71.93 40.47 -51.41
CA ASP A 125 70.61 40.90 -50.97
C ASP A 125 69.52 39.89 -51.29
N LYS A 126 69.69 39.08 -52.34
CA LYS A 126 68.64 38.18 -52.79
C LYS A 126 68.60 36.85 -52.04
N THR A 127 69.65 36.51 -51.30
CA THR A 127 69.70 35.25 -50.57
C THR A 127 69.42 35.51 -49.09
N PHE A 128 68.40 34.83 -48.57
CA PHE A 128 68.01 34.96 -47.17
C PHE A 128 68.15 33.62 -46.47
N PRO A 129 68.86 33.54 -45.35
CA PRO A 129 69.00 32.27 -44.64
C PRO A 129 67.75 31.90 -43.86
N ILE A 130 67.70 30.63 -43.46
CA ILE A 130 66.61 30.09 -42.66
C ILE A 130 67.15 29.84 -41.26
N MET A 131 66.51 30.44 -40.26
CA MET A 131 66.95 30.34 -38.88
C MET A 131 66.12 29.31 -38.13
N LEU A 132 66.78 28.55 -37.26
CA LEU A 132 66.10 27.58 -36.40
C LEU A 132 66.84 27.58 -35.06
N GLU A 133 66.34 28.40 -34.13
CA GLU A 133 66.92 28.64 -32.79
C GLU A 133 68.37 29.10 -32.89
N GLY A 134 68.65 29.95 -33.88
CA GLY A 134 69.97 30.50 -34.08
C GLY A 134 70.85 29.71 -35.05
N LYS A 135 70.37 28.59 -35.57
CA LYS A 135 71.15 27.75 -36.48
C LYS A 135 70.74 28.00 -37.92
N ILE A 136 71.72 28.14 -38.80
CA ILE A 136 71.49 28.34 -40.22
C ILE A 136 71.50 26.97 -40.89
N ASN A 137 70.34 26.53 -41.35
CA ASN A 137 70.19 25.20 -41.93
C ASN A 137 69.85 25.19 -43.42
N GLY A 138 69.44 26.33 -43.98
CA GLY A 138 69.11 26.37 -45.39
C GLY A 138 69.04 27.79 -45.91
N TYR A 139 68.86 27.89 -47.23
CA TYR A 139 68.80 29.16 -47.92
C TYR A 139 67.69 29.12 -48.96
N ALA A 140 66.82 30.12 -48.94
CA ALA A 140 65.77 30.23 -49.95
C ALA A 140 66.31 30.90 -51.21
N CYS A 141 65.48 30.95 -52.24
CA CYS A 141 65.88 31.57 -53.50
C CYS A 141 64.74 32.40 -54.04
N VAL A 142 65.05 33.63 -54.44
CA VAL A 142 64.07 34.56 -54.98
C VAL A 142 64.39 34.76 -56.45
N VAL A 143 63.64 34.10 -57.32
CA VAL A 143 63.89 34.15 -58.76
C VAL A 143 62.57 34.06 -59.51
N GLY A 144 62.41 34.93 -60.52
CA GLY A 144 61.24 34.92 -61.37
C GLY A 144 59.96 35.33 -60.69
N GLY A 145 60.05 36.07 -59.59
CA GLY A 145 58.88 36.33 -58.77
C GLY A 145 58.44 35.17 -57.91
N LYS A 146 59.33 34.18 -57.74
CA LYS A 146 59.02 32.99 -56.96
C LYS A 146 60.03 32.76 -55.85
N LEU A 147 59.54 32.20 -54.75
CA LEU A 147 60.36 31.95 -53.56
C LEU A 147 60.49 30.44 -53.39
N PHE A 148 61.63 29.89 -53.82
CA PHE A 148 61.91 28.47 -53.67
C PHE A 148 62.51 28.19 -52.29
N ARG A 149 62.02 27.14 -51.65
CA ARG A 149 62.39 26.76 -50.29
C ARG A 149 62.07 25.28 -50.08
N PRO A 150 63.03 24.49 -49.59
CA PRO A 150 62.82 23.03 -49.53
C PRO A 150 61.94 22.60 -48.37
N MET A 151 61.65 21.30 -48.34
CA MET A 151 60.79 20.72 -47.33
C MET A 151 61.54 20.42 -46.04
N HIS A 152 62.69 19.73 -46.16
CA HIS A 152 63.40 19.23 -44.99
C HIS A 152 64.04 20.34 -44.16
N VAL A 153 64.34 21.49 -44.77
CA VAL A 153 64.82 22.64 -44.02
C VAL A 153 63.60 23.31 -43.39
N GLU A 154 63.52 23.25 -42.06
CA GLU A 154 62.39 23.81 -41.31
C GLU A 154 62.89 24.94 -40.42
N GLY A 155 62.19 26.05 -40.46
CA GLY A 155 62.56 27.20 -39.67
C GLY A 155 61.83 28.44 -40.14
N LYS A 156 62.25 29.57 -39.57
CA LYS A 156 61.63 30.86 -39.86
C LYS A 156 62.47 31.62 -40.88
N ILE A 157 61.80 32.35 -41.76
CA ILE A 157 62.47 33.16 -42.77
C ILE A 157 63.02 34.42 -42.11
N ASP A 158 64.29 34.73 -42.38
CA ASP A 158 64.93 35.89 -41.78
C ASP A 158 64.35 37.19 -42.32
N ASN A 159 63.89 37.19 -43.57
CA ASN A 159 63.22 38.36 -44.12
C ASN A 159 61.82 38.47 -43.55
N ASP A 160 61.39 39.71 -43.30
CA ASP A 160 60.09 39.95 -42.70
C ASP A 160 58.97 39.90 -43.75
N VAL A 161 59.28 40.27 -45.00
CA VAL A 161 58.26 40.27 -46.04
C VAL A 161 57.98 38.85 -46.50
N LEU A 162 59.02 38.04 -46.71
CA LEU A 162 58.84 36.68 -47.25
C LEU A 162 58.28 35.71 -46.22
N ALA A 163 58.39 36.04 -44.93
CA ALA A 163 57.90 35.13 -43.90
C ALA A 163 56.38 35.18 -43.73
N ALA A 164 55.76 36.33 -44.02
CA ALA A 164 54.31 36.49 -43.83
C ALA A 164 53.57 36.23 -45.14
N LEU A 165 53.78 35.03 -45.68
CA LEU A 165 53.11 34.59 -46.90
C LEU A 165 52.65 33.16 -46.72
N LYS A 166 52.11 32.58 -47.80
CA LYS A 166 51.67 31.20 -47.81
C LYS A 166 52.29 30.50 -49.01
N THR A 167 53.04 29.44 -48.74
CA THR A 167 53.81 28.74 -49.77
C THR A 167 53.07 27.47 -50.19
N LYS A 168 52.73 27.37 -51.46
CA LYS A 168 52.21 26.15 -52.02
C LYS A 168 53.30 25.08 -52.07
N LYS A 169 52.91 23.84 -51.80
CA LYS A 169 53.84 22.75 -51.60
C LYS A 169 53.88 21.81 -52.80
N ALA A 170 55.03 21.15 -52.97
CA ALA A 170 55.18 20.08 -53.95
C ALA A 170 56.18 19.09 -53.35
N SER A 171 55.66 18.01 -52.77
CA SER A 171 56.50 17.05 -52.06
C SER A 171 57.26 16.14 -53.00
N LYS A 172 56.74 15.90 -54.21
CA LYS A 172 57.44 15.06 -55.17
C LYS A 172 58.65 15.78 -55.75
N TYR A 173 58.52 17.06 -56.02
CA TYR A 173 59.66 17.82 -56.54
C TYR A 173 60.54 18.33 -55.41
N ASP A 174 59.97 18.35 -54.21
CA ASP A 174 60.68 18.81 -53.00
C ASP A 174 60.84 20.33 -53.00
N LEU A 175 59.76 21.05 -53.29
CA LEU A 175 59.82 22.50 -53.42
C LEU A 175 58.56 23.16 -52.86
N GLU A 176 58.77 24.20 -52.05
CA GLU A 176 57.71 25.14 -51.71
C GLU A 176 57.91 26.43 -52.50
N TYR A 177 56.81 26.93 -53.08
CA TYR A 177 56.90 28.11 -53.93
C TYR A 177 55.82 29.10 -53.51
N ALA A 178 56.08 30.38 -53.77
CA ALA A 178 55.16 31.45 -53.40
C ALA A 178 55.25 32.55 -54.46
N ASP A 179 54.48 33.61 -54.25
CA ASP A 179 54.40 34.73 -55.18
C ASP A 179 55.07 35.95 -54.57
N VAL A 180 56.20 36.35 -55.13
CA VAL A 180 56.87 37.59 -54.70
C VAL A 180 56.08 38.78 -55.24
N PRO A 181 55.83 39.81 -54.43
CA PRO A 181 55.07 40.98 -54.92
C PRO A 181 55.84 41.77 -55.98
N GLN A 182 55.10 42.65 -56.65
CA GLN A 182 55.59 43.34 -57.84
C GLN A 182 56.70 44.35 -57.53
N ASN A 183 56.76 44.86 -56.29
CA ASN A 183 57.80 45.81 -55.90
C ASN A 183 59.16 45.16 -55.61
N MET A 184 59.30 43.84 -55.86
CA MET A 184 60.55 43.14 -55.60
C MET A 184 60.92 42.23 -56.77
N ARG A 185 60.09 42.15 -57.81
CA ARG A 185 60.34 41.26 -58.94
C ARG A 185 61.53 41.67 -59.79
N ALA A 186 61.90 42.96 -59.76
CA ALA A 186 63.07 43.40 -60.51
C ALA A 186 64.37 43.02 -59.81
N ASP A 187 64.35 42.93 -58.49
CA ASP A 187 65.52 42.53 -57.70
C ASP A 187 65.51 41.04 -57.40
N THR A 188 65.49 40.22 -58.45
CA THR A 188 65.51 38.77 -58.33
C THR A 188 66.74 38.22 -59.08
N PHE A 189 66.91 36.90 -59.03
CA PHE A 189 67.92 36.26 -59.85
C PHE A 189 67.44 36.11 -61.29
N LYS A 190 68.38 35.80 -62.17
CA LYS A 190 68.05 35.47 -63.55
C LYS A 190 68.03 33.95 -63.72
N TYR A 191 67.30 33.49 -64.73
CA TYR A 191 67.21 32.07 -65.01
C TYR A 191 67.23 31.83 -66.51
N THR A 192 67.73 30.66 -66.89
CA THR A 192 67.79 30.25 -68.28
C THR A 192 67.79 28.73 -68.37
N HIS A 193 67.60 28.23 -69.59
CA HIS A 193 67.62 26.80 -69.85
C HIS A 193 68.75 26.36 -70.76
N GLU A 194 69.36 27.28 -71.50
CA GLU A 194 70.47 26.96 -72.38
C GLU A 194 71.76 26.76 -71.59
N LYS A 195 72.19 25.52 -71.42
CA LYS A 195 73.41 25.23 -70.67
C LYS A 195 74.30 24.24 -71.43
N PRO A 196 75.58 24.56 -71.64
CA PRO A 196 76.52 23.55 -72.17
C PRO A 196 77.21 22.80 -71.05
N GLN A 197 78.02 21.80 -71.42
CA GLN A 197 78.79 21.08 -70.42
C GLN A 197 80.07 21.84 -70.07
N GLY A 198 80.66 21.50 -68.92
CA GLY A 198 81.89 22.14 -68.52
C GLY A 198 81.93 22.60 -67.08
N TYR A 199 82.23 23.88 -66.85
CA TYR A 199 82.41 24.43 -65.51
C TYR A 199 81.34 25.46 -65.22
N TYR A 200 80.99 25.57 -63.93
CA TYR A 200 80.08 26.61 -63.46
C TYR A 200 80.54 27.07 -62.08
N SER A 201 80.04 28.23 -61.67
CA SER A 201 80.40 28.86 -60.42
C SER A 201 79.47 28.39 -59.31
N TRP A 202 80.03 28.11 -58.13
CA TRP A 202 79.29 27.72 -56.95
C TRP A 202 79.90 28.47 -55.78
N HIS A 203 79.17 28.50 -54.66
CA HIS A 203 79.55 29.32 -53.51
C HIS A 203 80.89 28.90 -52.92
N HIS A 204 81.14 27.59 -52.85
CA HIS A 204 82.48 27.10 -52.53
C HIS A 204 83.27 26.74 -53.79
N GLY A 205 83.35 27.69 -54.73
CA GLY A 205 84.27 27.53 -55.84
C GLY A 205 83.67 27.14 -57.18
N ALA A 206 84.01 25.96 -57.69
CA ALA A 206 83.57 25.52 -59.00
C ALA A 206 82.74 24.24 -58.89
N VAL A 207 81.98 23.98 -59.94
CA VAL A 207 81.17 22.76 -60.04
C VAL A 207 81.20 22.29 -61.50
N GLN A 208 81.32 20.99 -61.70
CA GLN A 208 81.43 20.45 -63.05
C GLN A 208 80.08 19.91 -63.51
N TYR A 209 79.73 20.23 -64.76
CA TYR A 209 78.50 19.77 -65.39
C TYR A 209 78.91 18.82 -66.52
N GLU A 210 78.80 17.52 -66.25
CA GLU A 210 79.21 16.48 -67.19
C GLU A 210 78.09 15.45 -67.30
N ASN A 211 77.71 15.15 -68.56
CA ASN A 211 76.67 14.18 -68.91
C ASN A 211 75.33 14.50 -68.24
N GLY A 212 75.01 15.78 -68.11
CA GLY A 212 73.81 16.19 -67.42
C GLY A 212 73.85 15.98 -65.92
N ARG A 213 75.04 15.95 -65.32
CA ARG A 213 75.19 15.69 -63.90
C ARG A 213 76.13 16.72 -63.29
N PHE A 214 75.74 17.24 -62.12
CA PHE A 214 76.55 18.19 -61.38
C PHE A 214 77.42 17.45 -60.37
N THR A 215 78.73 17.68 -60.44
CA THR A 215 79.70 17.04 -59.58
C THR A 215 80.55 18.10 -58.87
N VAL A 216 80.82 17.87 -57.59
CA VAL A 216 81.59 18.76 -56.73
C VAL A 216 82.76 17.96 -56.18
N PRO A 217 83.99 18.49 -56.20
CA PRO A 217 85.10 17.79 -55.54
C PRO A 217 84.93 17.76 -54.03
N LYS A 218 85.57 16.77 -53.40
CA LYS A 218 85.34 16.50 -51.99
C LYS A 218 86.03 17.53 -51.11
N GLY A 219 85.87 17.37 -49.80
CA GLY A 219 86.36 18.33 -48.82
C GLY A 219 85.31 19.27 -48.30
N VAL A 220 84.37 19.65 -49.17
CA VAL A 220 83.28 20.54 -48.81
C VAL A 220 81.97 19.75 -48.86
N GLY A 221 80.97 20.21 -48.11
CA GLY A 221 79.69 19.53 -48.07
C GLY A 221 79.33 19.02 -46.69
N ALA A 222 78.36 19.66 -46.05
CA ALA A 222 77.91 19.30 -44.71
C ALA A 222 76.40 19.51 -44.65
N LYS A 223 75.86 19.56 -43.42
CA LYS A 223 74.45 19.84 -43.20
C LYS A 223 74.27 21.33 -42.98
N GLY A 224 73.56 21.98 -43.90
CA GLY A 224 73.26 23.40 -43.75
C GLY A 224 73.34 24.19 -45.04
N ASP A 225 74.14 23.73 -46.00
CA ASP A 225 74.31 24.43 -47.28
C ASP A 225 73.34 23.91 -48.34
N SER A 226 72.06 23.89 -48.01
CA SER A 226 71.01 23.44 -48.91
C SER A 226 70.22 24.64 -49.42
N GLY A 227 70.03 24.71 -50.74
CA GLY A 227 69.30 25.79 -51.36
C GLY A 227 70.16 26.81 -52.07
N ARG A 228 71.48 26.62 -52.10
CA ARG A 228 72.36 27.56 -52.78
C ARG A 228 72.24 27.39 -54.29
N PRO A 229 71.89 28.43 -55.04
CA PRO A 229 71.77 28.29 -56.49
C PRO A 229 73.13 28.23 -57.17
N ILE A 230 73.15 27.56 -58.32
CA ILE A 230 74.35 27.41 -59.14
C ILE A 230 74.33 28.48 -60.23
N LEU A 231 75.39 29.27 -60.30
CA LEU A 231 75.50 30.37 -61.25
C LEU A 231 76.44 30.00 -62.39
N ASP A 232 76.43 30.84 -63.42
CA ASP A 232 77.27 30.67 -64.60
C ASP A 232 78.21 31.86 -64.74
N ASN A 233 78.90 31.93 -65.87
CA ASN A 233 79.83 33.02 -66.14
C ASN A 233 79.14 34.33 -66.49
N GLN A 234 77.84 34.31 -66.77
CA GLN A 234 77.08 35.52 -67.06
C GLN A 234 76.31 36.04 -65.85
N GLY A 235 75.82 35.15 -64.99
CA GLY A 235 75.05 35.55 -63.84
C GLY A 235 73.64 35.02 -63.80
N ARG A 236 73.39 33.84 -64.36
CA ARG A 236 72.07 33.23 -64.40
C ARG A 236 72.07 31.93 -63.61
N VAL A 237 70.97 31.67 -62.90
CA VAL A 237 70.81 30.47 -62.11
C VAL A 237 70.46 29.32 -63.03
N VAL A 238 71.25 28.25 -62.98
CA VAL A 238 71.00 27.07 -63.80
C VAL A 238 70.50 25.88 -63.00
N ALA A 239 70.74 25.83 -61.68
CA ALA A 239 70.29 24.72 -60.85
C ALA A 239 70.20 25.21 -59.41
N ILE A 240 69.51 24.43 -58.58
CA ILE A 240 69.35 24.71 -57.15
C ILE A 240 69.81 23.49 -56.38
N VAL A 241 70.82 23.66 -55.53
CA VAL A 241 71.40 22.54 -54.80
C VAL A 241 70.45 22.11 -53.69
N LEU A 242 70.04 20.84 -53.73
CA LEU A 242 69.17 20.27 -52.71
C LEU A 242 69.82 19.16 -51.91
N GLY A 243 70.56 18.25 -52.56
CA GLY A 243 71.23 17.19 -51.82
C GLY A 243 72.54 16.75 -52.46
N GLY A 244 73.25 15.84 -51.82
CA GLY A 244 74.51 15.37 -52.37
C GLY A 244 74.80 13.95 -51.92
N VAL A 245 75.54 13.24 -52.77
CA VAL A 245 75.94 11.86 -52.50
C VAL A 245 77.42 11.71 -52.80
N ASN A 246 78.13 11.02 -51.91
CA ASN A 246 79.58 10.84 -52.02
C ASN A 246 79.86 9.71 -53.00
N GLU A 247 80.55 10.04 -54.10
CA GLU A 247 80.89 9.08 -55.14
C GLU A 247 82.41 9.05 -55.33
N GLY A 248 83.07 8.11 -54.65
CA GLY A 248 84.50 7.93 -54.81
C GLY A 248 85.27 9.12 -54.29
N SER A 249 85.84 9.89 -55.22
CA SER A 249 86.53 11.12 -54.86
C SER A 249 85.67 12.34 -55.13
N ARG A 250 84.72 12.24 -56.06
CA ARG A 250 83.99 13.41 -56.55
C ARG A 250 82.51 13.21 -56.35
N THR A 251 81.92 14.01 -55.46
CA THR A 251 80.53 13.85 -55.07
C THR A 251 79.60 14.33 -56.19
N ALA A 252 78.38 13.79 -56.21
CA ALA A 252 77.36 14.18 -57.15
C ALA A 252 76.24 14.91 -56.42
N LEU A 253 75.52 15.76 -57.16
CA LEU A 253 74.46 16.57 -56.59
C LEU A 253 73.09 16.07 -57.03
N SER A 254 72.12 16.20 -56.13
CA SER A 254 70.71 15.95 -56.41
C SER A 254 70.03 17.31 -56.44
N VAL A 255 69.70 17.79 -57.64
CA VAL A 255 69.27 19.16 -57.85
C VAL A 255 67.97 19.20 -58.65
N VAL A 256 67.51 20.41 -58.97
CA VAL A 256 66.42 20.63 -59.90
C VAL A 256 66.92 21.60 -60.98
N MET A 257 66.27 21.53 -62.14
CA MET A 257 66.59 22.41 -63.25
C MET A 257 65.39 22.51 -64.17
N TRP A 258 65.55 23.26 -65.25
CA TRP A 258 64.49 23.45 -66.23
C TRP A 258 64.95 22.91 -67.58
N ASN A 259 64.09 23.09 -68.59
CA ASN A 259 64.40 22.64 -69.94
C ASN A 259 63.77 23.61 -70.95
N GLU A 260 63.85 23.28 -72.23
CA GLU A 260 63.33 24.16 -73.26
C GLU A 260 61.80 24.16 -73.28
N LYS A 261 61.21 23.02 -72.94
CA LYS A 261 59.75 22.91 -72.94
C LYS A 261 59.13 23.70 -71.79
N GLY A 262 59.76 23.64 -70.62
CA GLY A 262 59.25 24.34 -69.45
C GLY A 262 58.82 23.41 -68.34
N VAL A 263 59.47 22.25 -68.25
CA VAL A 263 59.15 21.24 -67.24
C VAL A 263 60.29 21.19 -66.24
N THR A 264 59.97 21.35 -64.96
CA THR A 264 60.96 21.32 -63.89
C THR A 264 61.37 19.86 -63.67
N VAL A 265 62.62 19.56 -64.01
CA VAL A 265 63.16 18.21 -63.90
C VAL A 265 63.99 18.14 -62.62
N LYS A 266 63.69 17.14 -61.79
CA LYS A 266 64.45 16.90 -60.56
C LYS A 266 65.39 15.72 -60.78
N TYR A 267 66.69 15.97 -60.71
CA TYR A 267 67.69 14.93 -60.89
C TYR A 267 68.19 14.46 -59.52
N THR A 268 68.11 13.15 -59.30
CA THR A 268 68.46 12.56 -58.01
C THR A 268 69.24 11.27 -58.22
N PRO A 269 70.52 11.24 -57.86
CA PRO A 269 71.29 9.99 -57.91
C PRO A 269 70.89 9.02 -56.80
N GLU A 270 71.59 7.89 -56.78
CA GLU A 270 71.25 6.81 -55.87
C GLU A 270 71.83 7.06 -54.48
N ASN A 271 70.99 6.85 -53.46
CA ASN A 271 71.36 6.87 -52.03
C ASN A 271 71.91 8.22 -51.59
N CYS A 272 71.18 9.28 -51.92
CA CYS A 272 71.60 10.62 -51.54
C CYS A 272 71.25 10.91 -50.09
N GLU A 273 72.00 11.84 -49.50
CA GLU A 273 71.76 12.32 -48.14
C GLU A 273 71.32 13.78 -48.22
N GLN A 274 70.18 14.08 -47.59
CA GLN A 274 69.65 15.44 -47.64
C GLN A 274 70.47 16.36 -46.74
N TRP A 275 70.75 17.57 -47.23
CA TRP A 275 71.56 18.53 -46.51
C TRP A 275 70.70 19.62 -45.88
N GLY B 113 98.65 32.70 -17.73
CA GLY B 113 99.18 33.05 -19.02
C GLY B 113 99.15 31.89 -20.01
N LYS B 114 100.17 31.03 -19.92
CA LYS B 114 100.27 29.89 -20.82
C LYS B 114 99.36 28.73 -20.40
N ARG B 115 98.87 28.75 -19.16
CA ARG B 115 97.99 27.68 -18.70
C ARG B 115 96.65 27.70 -19.40
N GLN B 116 96.09 28.91 -19.60
CA GLN B 116 94.85 29.04 -20.36
C GLN B 116 95.05 28.67 -21.82
N ARG B 117 96.24 28.93 -22.38
CA ARG B 117 96.53 28.52 -23.75
C ARG B 117 96.63 27.00 -23.85
N MET B 118 97.20 26.34 -22.83
CA MET B 118 97.25 24.88 -22.84
C MET B 118 95.86 24.28 -22.68
N VAL B 119 95.00 24.92 -21.88
CA VAL B 119 93.61 24.46 -21.75
C VAL B 119 92.86 24.62 -23.08
N MET B 120 93.08 25.74 -23.78
CA MET B 120 92.45 25.94 -25.07
C MET B 120 93.01 25.01 -26.15
N LYS B 121 94.27 24.60 -26.02
CA LYS B 121 94.82 23.65 -27.00
C LYS B 121 94.36 22.22 -26.71
N LEU B 122 94.18 21.86 -25.44
CA LEU B 122 93.74 20.50 -25.13
C LEU B 122 92.23 20.34 -25.32
N GLU B 123 91.45 21.35 -24.92
CA GLU B 123 90.00 21.29 -25.00
C GLU B 123 89.44 21.96 -26.26
N SER B 124 90.18 21.96 -27.37
CA SER B 124 89.72 22.61 -28.58
C SER B 124 88.67 21.78 -29.30
N ASP B 125 89.02 20.57 -29.71
CA ASP B 125 88.13 19.75 -30.51
C ASP B 125 87.22 18.86 -29.67
N LYS B 126 87.65 18.47 -28.47
CA LYS B 126 86.91 17.52 -27.66
C LYS B 126 85.80 18.14 -26.82
N THR B 127 85.80 19.47 -26.67
CA THR B 127 84.78 20.15 -25.86
C THR B 127 83.75 20.77 -26.80
N PHE B 128 82.48 20.40 -26.62
CA PHE B 128 81.38 20.93 -27.41
C PHE B 128 80.41 21.68 -26.50
N PRO B 129 80.06 22.92 -26.82
CA PRO B 129 79.11 23.66 -25.99
C PRO B 129 77.66 23.21 -26.21
N ILE B 130 76.80 23.61 -25.28
CA ILE B 130 75.38 23.32 -25.34
C ILE B 130 74.66 24.63 -25.64
N MET B 131 73.89 24.66 -26.72
CA MET B 131 73.20 25.85 -27.17
C MET B 131 71.74 25.81 -26.74
N LEU B 132 71.23 26.98 -26.34
CA LEU B 132 69.81 27.13 -25.97
C LEU B 132 69.38 28.51 -26.45
N GLU B 133 68.82 28.56 -27.67
CA GLU B 133 68.40 29.79 -28.35
C GLU B 133 69.55 30.80 -28.47
N GLY B 134 70.75 30.28 -28.74
CA GLY B 134 71.94 31.10 -28.89
C GLY B 134 72.74 31.31 -27.64
N LYS B 135 72.30 30.79 -26.49
CA LYS B 135 72.99 30.98 -25.23
C LYS B 135 73.80 29.75 -24.88
N ILE B 136 75.04 29.96 -24.44
CA ILE B 136 75.92 28.88 -24.03
C ILE B 136 75.75 28.68 -22.52
N ASN B 137 75.17 27.56 -22.14
CA ASN B 137 74.87 27.30 -20.73
C ASN B 137 75.64 26.14 -20.14
N GLY B 138 76.27 25.30 -20.96
CA GLY B 138 77.02 24.17 -20.43
C GLY B 138 77.95 23.59 -21.47
N TYR B 139 78.76 22.64 -21.00
CA TYR B 139 79.76 21.96 -21.83
C TYR B 139 79.75 20.47 -21.52
N ALA B 140 79.67 19.66 -22.57
CA ALA B 140 79.75 18.21 -22.40
C ALA B 140 81.21 17.77 -22.34
N CYS B 141 81.42 16.48 -22.07
CA CYS B 141 82.76 15.94 -21.98
C CYS B 141 82.80 14.59 -22.69
N VAL B 142 83.81 14.41 -23.55
CA VAL B 142 83.98 13.17 -24.30
C VAL B 142 85.24 12.50 -23.77
N VAL B 143 85.06 11.48 -22.93
CA VAL B 143 86.19 10.80 -22.30
C VAL B 143 85.85 9.32 -22.12
N GLY B 144 86.81 8.45 -22.45
CA GLY B 144 86.66 7.02 -22.28
C GLY B 144 85.62 6.38 -23.16
N GLY B 145 85.28 7.01 -24.28
CA GLY B 145 84.15 6.56 -25.08
C GLY B 145 82.80 6.92 -24.50
N LYS B 146 82.79 7.85 -23.56
CA LYS B 146 81.55 8.28 -22.91
C LYS B 146 81.32 9.77 -23.08
N LEU B 147 80.04 10.14 -23.10
CA LEU B 147 79.64 11.55 -23.26
C LEU B 147 78.93 11.98 -21.98
N PHE B 148 79.66 12.69 -21.11
CA PHE B 148 79.09 13.21 -19.88
C PHE B 148 78.43 14.56 -20.13
N ARG B 149 77.22 14.73 -19.58
CA ARG B 149 76.38 15.90 -19.78
C ARG B 149 75.39 16.01 -18.62
N PRO B 150 75.28 17.17 -17.97
CA PRO B 150 74.47 17.26 -16.76
C PRO B 150 72.98 17.35 -17.05
N MET B 151 72.20 17.33 -15.96
CA MET B 151 70.75 17.37 -16.04
C MET B 151 70.21 18.78 -16.20
N HIS B 152 70.67 19.71 -15.36
CA HIS B 152 70.11 21.05 -15.30
C HIS B 152 70.45 21.89 -16.54
N VAL B 153 71.54 21.58 -17.23
CA VAL B 153 71.86 22.22 -18.50
C VAL B 153 71.00 21.56 -19.58
N GLU B 154 70.05 22.31 -20.13
CA GLU B 154 69.13 21.82 -21.13
C GLU B 154 69.34 22.57 -22.43
N GLY B 155 69.45 21.83 -23.52
CA GLY B 155 69.67 22.43 -24.83
C GLY B 155 70.08 21.38 -25.84
N LYS B 156 70.48 21.88 -27.01
CA LYS B 156 70.88 21.04 -28.12
C LYS B 156 72.40 20.95 -28.19
N ILE B 157 72.90 19.79 -28.56
CA ILE B 157 74.34 19.56 -28.72
C ILE B 157 74.79 20.21 -30.02
N ASP B 158 75.87 20.99 -29.94
CA ASP B 158 76.39 21.68 -31.13
C ASP B 158 76.97 20.69 -32.14
N ASN B 159 77.52 19.58 -31.67
CA ASN B 159 78.01 18.55 -32.56
C ASN B 159 76.84 17.78 -33.16
N ASP B 160 76.98 17.41 -34.43
CA ASP B 160 75.90 16.72 -35.14
C ASP B 160 75.89 15.23 -34.84
N VAL B 161 77.07 14.66 -34.55
CA VAL B 161 77.15 13.22 -34.25
C VAL B 161 76.64 12.93 -32.85
N LEU B 162 77.04 13.74 -31.87
CA LEU B 162 76.68 13.48 -30.48
C LEU B 162 75.23 13.82 -30.17
N ALA B 163 74.59 14.64 -31.00
CA ALA B 163 73.21 15.02 -30.74
C ALA B 163 72.21 13.94 -31.12
N ALA B 164 72.53 13.10 -32.11
CA ALA B 164 71.62 12.07 -32.59
C ALA B 164 71.91 10.73 -31.91
N LEU B 165 71.86 10.73 -30.58
CA LEU B 165 72.07 9.54 -29.78
C LEU B 165 71.02 9.51 -28.67
N LYS B 166 71.15 8.52 -27.78
CA LYS B 166 70.27 8.38 -26.63
C LYS B 166 71.13 8.25 -25.38
N THR B 167 70.92 9.15 -24.43
CA THR B 167 71.75 9.23 -23.23
C THR B 167 71.01 8.60 -22.06
N LYS B 168 71.61 7.57 -21.47
CA LYS B 168 71.10 7.00 -20.23
C LYS B 168 71.32 7.98 -19.08
N LYS B 169 70.35 8.04 -18.18
CA LYS B 169 70.29 9.05 -17.15
C LYS B 169 70.69 8.49 -15.79
N ALA B 170 71.20 9.38 -14.93
CA ALA B 170 71.45 9.07 -13.53
C ALA B 170 71.22 10.36 -12.75
N SER B 171 70.04 10.48 -12.14
CA SER B 171 69.65 11.71 -11.47
C SER B 171 70.32 11.86 -10.11
N LYS B 172 70.69 10.76 -9.47
CA LYS B 172 71.36 10.84 -8.17
C LYS B 172 72.81 11.33 -8.34
N TYR B 173 73.50 10.82 -9.35
CA TYR B 173 74.86 11.25 -9.66
C TYR B 173 74.90 12.44 -10.59
N ASP B 174 73.73 12.91 -11.06
CA ASP B 174 73.57 14.12 -11.87
C ASP B 174 74.35 14.02 -13.18
N LEU B 175 74.21 12.89 -13.88
CA LEU B 175 74.98 12.64 -15.09
C LEU B 175 74.16 11.90 -16.14
N GLU B 176 74.21 12.39 -17.37
CA GLU B 176 73.77 11.64 -18.54
C GLU B 176 74.99 11.10 -19.28
N TYR B 177 74.94 9.84 -19.66
CA TYR B 177 76.07 9.20 -20.31
C TYR B 177 75.59 8.46 -21.56
N ALA B 178 76.50 8.31 -22.52
CA ALA B 178 76.19 7.67 -23.78
C ALA B 178 77.43 6.93 -24.27
N ASP B 179 77.30 6.29 -25.44
CA ASP B 179 78.36 5.50 -26.02
C ASP B 179 78.91 6.20 -27.25
N VAL B 180 80.14 6.68 -27.16
CA VAL B 180 80.82 7.27 -28.33
C VAL B 180 81.24 6.15 -29.27
N PRO B 181 81.02 6.29 -30.59
CA PRO B 181 81.41 5.23 -31.53
C PRO B 181 82.92 5.06 -31.62
N GLN B 182 83.31 3.95 -32.24
CA GLN B 182 84.70 3.50 -32.23
C GLN B 182 85.62 4.40 -33.06
N ASN B 183 85.07 5.12 -34.04
CA ASN B 183 85.85 6.03 -34.88
C ASN B 183 86.20 7.35 -34.20
N MET B 184 85.85 7.52 -32.91
CA MET B 184 86.12 8.75 -32.19
C MET B 184 86.71 8.48 -30.80
N ARG B 185 86.86 7.21 -30.42
CA ARG B 185 87.35 6.85 -29.09
C ARG B 185 88.82 7.19 -28.89
N ALA B 186 89.61 7.30 -29.95
CA ALA B 186 91.00 7.70 -29.82
C ALA B 186 91.15 9.19 -29.56
N ASP B 187 90.22 10.00 -30.07
CA ASP B 187 90.23 11.44 -29.87
C ASP B 187 89.36 11.84 -28.68
N THR B 188 89.67 11.32 -27.50
CA THR B 188 88.95 11.62 -26.27
C THR B 188 89.94 12.21 -25.25
N PHE B 189 89.42 12.57 -24.08
CA PHE B 189 90.28 12.96 -22.98
C PHE B 189 90.87 11.73 -22.30
N LYS B 190 91.88 11.97 -21.47
CA LYS B 190 92.45 10.93 -20.63
C LYS B 190 91.87 11.04 -19.22
N TYR B 191 91.95 9.94 -18.48
CA TYR B 191 91.38 9.91 -17.14
C TYR B 191 92.22 9.01 -16.25
N THR B 192 92.30 9.37 -14.97
CA THR B 192 93.07 8.63 -13.99
C THR B 192 92.46 8.81 -12.61
N HIS B 193 92.93 7.99 -11.66
CA HIS B 193 92.45 8.06 -10.29
C HIS B 193 93.54 8.45 -9.30
N GLU B 194 94.81 8.36 -9.68
CA GLU B 194 95.91 8.73 -8.82
C GLU B 194 96.08 10.24 -8.78
N LYS B 195 95.67 10.87 -7.68
CA LYS B 195 95.78 12.32 -7.53
C LYS B 195 96.38 12.70 -6.18
N PRO B 196 97.44 13.52 -6.15
CA PRO B 196 97.90 14.07 -4.87
C PRO B 196 97.24 15.41 -4.57
N GLN B 197 97.51 15.98 -3.40
CA GLN B 197 97.01 17.29 -3.07
C GLN B 197 97.88 18.38 -3.67
N GLY B 198 97.33 19.58 -3.77
CA GLY B 198 98.09 20.69 -4.30
C GLY B 198 97.36 21.53 -5.34
N TYR B 199 97.98 21.71 -6.51
CA TYR B 199 97.45 22.59 -7.55
C TYR B 199 97.07 21.78 -8.78
N TYR B 200 96.06 22.27 -9.50
CA TYR B 200 95.66 21.70 -10.78
C TYR B 200 95.24 22.82 -11.72
N SER B 201 95.18 22.50 -13.00
CA SER B 201 94.86 23.46 -14.05
C SER B 201 93.35 23.47 -14.29
N TRP B 202 92.80 24.66 -14.45
CA TRP B 202 91.40 24.87 -14.76
C TRP B 202 91.32 25.94 -15.84
N HIS B 203 90.15 26.06 -16.48
CA HIS B 203 89.99 26.92 -17.64
C HIS B 203 90.21 28.39 -17.30
N HIS B 204 89.74 28.82 -16.14
CA HIS B 204 90.11 30.14 -15.61
C HIS B 204 91.27 30.04 -14.62
N GLY B 205 92.36 29.39 -15.01
CA GLY B 205 93.57 29.45 -14.22
C GLY B 205 93.93 28.22 -13.40
N ALA B 206 93.93 28.36 -12.08
CA ALA B 206 94.33 27.29 -11.18
C ALA B 206 93.20 26.91 -10.25
N VAL B 207 93.31 25.71 -9.68
CA VAL B 207 92.34 25.19 -8.71
C VAL B 207 93.11 24.41 -7.65
N GLN B 208 92.73 24.58 -6.39
CA GLN B 208 93.44 23.91 -5.31
C GLN B 208 92.69 22.67 -4.86
N TYR B 209 93.45 21.59 -4.65
CA TYR B 209 92.92 20.32 -4.18
C TYR B 209 93.48 20.10 -2.78
N GLU B 210 92.66 20.38 -1.77
CA GLU B 210 93.06 20.28 -0.37
C GLU B 210 92.00 19.50 0.40
N ASN B 211 92.46 18.48 1.15
CA ASN B 211 91.62 17.60 1.98
C ASN B 211 90.53 16.90 1.17
N GLY B 212 90.83 16.55 -0.07
CA GLY B 212 89.82 15.98 -0.95
C GLY B 212 88.76 16.95 -1.41
N ARG B 213 89.07 18.25 -1.44
CA ARG B 213 88.10 19.26 -1.82
C ARG B 213 88.73 20.21 -2.82
N PHE B 214 87.96 20.53 -3.87
CA PHE B 214 88.39 21.48 -4.89
C PHE B 214 87.91 22.88 -4.53
N THR B 215 88.86 23.82 -4.49
CA THR B 215 88.58 25.21 -4.14
C THR B 215 89.10 26.13 -5.23
N VAL B 216 88.31 27.15 -5.54
CA VAL B 216 88.61 28.15 -6.57
C VAL B 216 88.59 29.53 -5.91
N PRO B 217 89.58 30.37 -6.16
CA PRO B 217 89.50 31.76 -5.63
C PRO B 217 88.40 32.55 -6.30
N LYS B 218 87.92 33.58 -5.60
CA LYS B 218 86.72 34.30 -6.02
C LYS B 218 87.03 35.22 -7.20
N GLY B 219 86.00 35.91 -7.66
CA GLY B 219 86.08 36.75 -8.84
C GLY B 219 85.52 36.09 -10.09
N VAL B 220 85.70 34.78 -10.21
CA VAL B 220 85.20 34.01 -11.35
C VAL B 220 84.10 33.09 -10.85
N GLY B 221 83.20 32.69 -11.75
CA GLY B 221 82.09 31.82 -11.40
C GLY B 221 80.74 32.46 -11.61
N ALA B 222 80.02 31.99 -12.63
CA ALA B 222 78.70 32.51 -12.98
C ALA B 222 77.84 31.34 -13.46
N LYS B 223 76.74 31.66 -14.13
CA LYS B 223 75.86 30.65 -14.71
C LYS B 223 76.28 30.42 -16.16
N GLY B 224 76.74 29.21 -16.46
CA GLY B 224 77.11 28.86 -17.82
C GLY B 224 78.36 28.02 -17.94
N ASP B 225 79.27 28.13 -16.97
CA ASP B 225 80.52 27.38 -16.99
C ASP B 225 80.42 26.05 -16.23
N SER B 226 79.41 25.25 -16.58
CA SER B 226 79.17 23.95 -15.97
C SER B 226 79.57 22.85 -16.94
N GLY B 227 80.37 21.89 -16.45
CA GLY B 227 80.81 20.77 -17.26
C GLY B 227 82.26 20.86 -17.69
N ARG B 228 82.99 21.90 -17.29
CA ARG B 228 84.39 22.03 -17.66
C ARG B 228 85.23 21.04 -16.86
N PRO B 229 85.99 20.16 -17.51
CA PRO B 229 86.81 19.20 -16.77
C PRO B 229 88.05 19.86 -16.18
N ILE B 230 88.52 19.28 -15.08
CA ILE B 230 89.72 19.74 -14.39
C ILE B 230 90.90 18.89 -14.85
N LEU B 231 91.94 19.56 -15.32
CA LEU B 231 93.14 18.91 -15.86
C LEU B 231 94.28 18.99 -14.87
N ASP B 232 95.33 18.24 -15.15
CA ASP B 232 96.54 18.19 -14.34
C ASP B 232 97.74 18.65 -15.17
N ASN B 233 98.93 18.50 -14.60
CA ASN B 233 100.17 18.89 -15.28
C ASN B 233 100.56 17.96 -16.41
N GLN B 234 99.95 16.77 -16.50
CA GLN B 234 100.23 15.81 -17.56
C GLN B 234 99.20 15.88 -18.68
N GLY B 235 97.94 16.15 -18.37
CA GLY B 235 96.90 16.18 -19.37
C GLY B 235 95.78 15.18 -19.15
N ARG B 236 95.46 14.84 -17.91
CA ARG B 236 94.43 13.87 -17.58
C ARG B 236 93.32 14.55 -16.79
N VAL B 237 92.08 14.17 -17.07
CA VAL B 237 90.92 14.72 -16.38
C VAL B 237 90.79 14.04 -15.02
N VAL B 238 90.76 14.86 -13.96
CA VAL B 238 90.63 14.35 -12.61
C VAL B 238 89.25 14.62 -12.00
N ALA B 239 88.52 15.61 -12.49
CA ALA B 239 87.19 15.93 -11.96
C ALA B 239 86.41 16.67 -13.05
N ILE B 240 85.09 16.76 -12.84
CA ILE B 240 84.19 17.45 -13.75
C ILE B 240 83.40 18.47 -12.93
N VAL B 241 83.53 19.75 -13.28
CA VAL B 241 82.89 20.82 -12.52
C VAL B 241 81.39 20.82 -12.78
N LEU B 242 80.60 20.66 -11.72
CA LEU B 242 79.15 20.69 -11.82
C LEU B 242 78.52 21.86 -11.08
N GLY B 243 78.98 22.17 -9.87
CA GLY B 243 78.43 23.31 -9.15
C GLY B 243 79.44 23.99 -8.25
N GLY B 244 79.03 25.08 -7.60
CA GLY B 244 79.94 25.80 -6.73
C GLY B 244 79.18 26.51 -5.63
N VAL B 245 79.87 26.68 -4.51
CA VAL B 245 79.32 27.36 -3.34
C VAL B 245 80.35 28.36 -2.81
N ASN B 246 79.88 29.55 -2.47
CA ASN B 246 80.74 30.64 -2.02
C ASN B 246 81.05 30.44 -0.54
N GLU B 247 82.34 30.27 -0.23
CA GLU B 247 82.80 30.05 1.14
C GLU B 247 83.82 31.11 1.50
N GLY B 248 83.35 32.17 2.15
CA GLY B 248 84.23 33.22 2.63
C GLY B 248 84.90 33.96 1.48
N SER B 249 86.20 33.72 1.31
CA SER B 249 86.93 34.30 0.20
C SER B 249 87.14 33.28 -0.92
N ARG B 250 87.14 31.98 -0.58
CA ARG B 250 87.54 30.95 -1.52
C ARG B 250 86.41 29.93 -1.70
N THR B 251 85.84 29.90 -2.89
CA THR B 251 84.67 29.07 -3.16
C THR B 251 85.07 27.60 -3.26
N ALA B 252 84.10 26.73 -2.97
CA ALA B 252 84.29 25.29 -3.08
C ALA B 252 83.45 24.74 -4.23
N LEU B 253 83.89 23.62 -4.79
CA LEU B 253 83.24 23.02 -5.94
C LEU B 253 82.48 21.76 -5.54
N SER B 254 81.36 21.52 -6.22
CA SER B 254 80.59 20.29 -6.12
C SER B 254 80.80 19.54 -7.43
N VAL B 255 81.61 18.48 -7.37
CA VAL B 255 82.11 17.80 -8.56
C VAL B 255 81.87 16.31 -8.47
N VAL B 256 82.35 15.57 -9.48
CA VAL B 256 82.40 14.12 -9.44
C VAL B 256 83.84 13.70 -9.74
N MET B 257 84.22 12.54 -9.21
CA MET B 257 85.54 11.98 -9.47
C MET B 257 85.46 10.46 -9.36
N TRP B 258 86.58 9.79 -9.56
CA TRP B 258 86.68 8.34 -9.48
C TRP B 258 87.61 7.95 -8.33
N ASN B 259 87.85 6.65 -8.19
CA ASN B 259 88.71 6.12 -7.15
C ASN B 259 89.47 4.91 -7.69
N GLU B 260 90.18 4.22 -6.79
CA GLU B 260 90.94 3.05 -7.20
C GLU B 260 90.04 1.85 -7.45
N LYS B 261 88.93 1.75 -6.70
CA LYS B 261 88.03 0.62 -6.88
C LYS B 261 87.22 0.74 -8.17
N GLY B 262 86.81 1.95 -8.53
CA GLY B 262 86.05 2.17 -9.74
C GLY B 262 84.64 2.64 -9.49
N VAL B 263 84.45 3.38 -8.40
CA VAL B 263 83.13 3.90 -8.01
C VAL B 263 83.14 5.40 -8.21
N THR B 264 82.18 5.90 -8.97
CA THR B 264 82.05 7.34 -9.24
C THR B 264 81.51 8.01 -7.99
N VAL B 265 82.34 8.82 -7.35
CA VAL B 265 81.99 9.51 -6.11
C VAL B 265 81.62 10.95 -6.47
N LYS B 266 80.44 11.38 -6.03
CA LYS B 266 79.98 12.75 -6.21
C LYS B 266 80.16 13.51 -4.91
N TYR B 267 81.00 14.53 -4.93
CA TYR B 267 81.27 15.37 -3.77
C TYR B 267 80.45 16.66 -3.88
N THR B 268 79.66 16.93 -2.83
CA THR B 268 78.77 18.08 -2.82
C THR B 268 78.80 18.76 -1.46
N PRO B 269 79.31 19.98 -1.37
CA PRO B 269 79.25 20.74 -0.11
C PRO B 269 77.84 21.24 0.19
N GLU B 270 77.74 21.97 1.30
CA GLU B 270 76.45 22.43 1.78
C GLU B 270 75.99 23.68 1.05
N ASN B 271 74.72 23.68 0.64
CA ASN B 271 74.01 24.84 0.07
C ASN B 271 74.65 25.33 -1.23
N CYS B 272 74.91 24.40 -2.14
CA CYS B 272 75.51 24.76 -3.41
C CYS B 272 74.47 25.33 -4.37
N GLU B 273 74.95 26.13 -5.32
CA GLU B 273 74.12 26.68 -6.38
C GLU B 273 74.56 26.07 -7.71
N GLN B 274 73.61 25.52 -8.45
CA GLN B 274 73.92 24.89 -9.72
C GLN B 274 74.24 25.93 -10.79
N TRP B 275 75.28 25.66 -11.58
CA TRP B 275 75.71 26.60 -12.61
C TRP B 275 75.27 26.14 -13.99
N TYR C 1 26.11 -13.69 47.77
CA TYR C 1 27.11 -13.76 46.72
C TYR C 1 26.51 -13.44 45.36
N GLU C 2 26.94 -12.33 44.77
CA GLU C 2 26.36 -11.86 43.53
C GLU C 2 27.00 -12.59 42.36
N HIS C 3 26.17 -13.28 41.58
CA HIS C 3 26.59 -13.95 40.35
C HIS C 3 25.72 -13.46 39.21
N ALA C 4 26.29 -12.65 38.32
CA ALA C 4 25.56 -12.05 37.22
C ALA C 4 25.77 -12.86 35.95
N THR C 5 24.68 -13.14 35.24
CA THR C 5 24.76 -13.87 33.98
C THR C 5 23.63 -13.39 33.07
N THR C 6 23.67 -13.82 31.81
CA THR C 6 22.76 -13.35 30.79
C THR C 6 22.27 -14.53 29.96
N MET C 7 20.95 -14.66 29.86
CA MET C 7 20.28 -15.76 29.17
C MET C 7 19.61 -15.25 27.91
N PRO C 8 19.75 -15.95 26.78
CA PRO C 8 19.06 -15.53 25.56
C PRO C 8 17.56 -15.81 25.64
N SER C 9 16.77 -14.84 25.21
CA SER C 9 15.32 -14.89 25.32
C SER C 9 14.77 -15.81 24.25
N GLN C 10 14.62 -17.09 24.58
CA GLN C 10 14.12 -18.08 23.64
C GLN C 10 13.61 -19.27 24.42
N ALA C 11 12.35 -19.62 24.23
CA ALA C 11 11.70 -20.65 25.03
C ALA C 11 12.19 -22.04 24.65
N GLY C 12 12.10 -22.96 25.62
CA GLY C 12 12.35 -24.36 25.39
C GLY C 12 13.79 -24.79 25.52
N ILE C 13 14.73 -23.98 25.08
CA ILE C 13 16.15 -24.35 25.08
C ILE C 13 16.70 -24.11 26.48
N SER C 14 17.26 -25.17 27.08
CA SER C 14 17.78 -25.08 28.44
C SER C 14 19.03 -24.21 28.47
N TYR C 15 19.27 -23.57 29.62
CA TYR C 15 20.48 -22.79 29.84
C TYR C 15 21.18 -23.34 31.08
N ASN C 16 22.46 -23.66 30.92
CA ASN C 16 23.24 -24.28 31.99
C ASN C 16 24.47 -23.43 32.28
N THR C 17 24.77 -23.26 33.57
CA THR C 17 25.99 -22.60 33.98
C THR C 17 26.36 -23.11 35.36
N ILE C 18 27.60 -22.84 35.77
CA ILE C 18 28.07 -23.19 37.10
C ILE C 18 28.74 -21.98 37.74
N VAL C 19 28.71 -21.94 39.06
CA VAL C 19 29.38 -20.92 39.85
C VAL C 19 30.69 -21.50 40.34
N ASN C 20 31.81 -20.91 39.91
CA ASN C 20 33.14 -21.38 40.28
C ASN C 20 33.65 -20.56 41.45
N ARG C 21 33.29 -20.98 42.65
CA ARG C 21 33.93 -20.45 43.84
C ARG C 21 35.33 -21.04 43.97
N ALA C 22 36.29 -20.19 44.36
CA ALA C 22 37.71 -20.48 44.18
C ALA C 22 38.22 -21.63 45.02
N GLY C 23 37.57 -21.96 46.12
CA GLY C 23 38.08 -23.02 46.97
C GLY C 23 37.02 -23.97 47.47
N TYR C 24 35.82 -23.85 46.92
CA TYR C 24 34.67 -24.67 47.29
C TYR C 24 34.23 -25.46 46.06
N ALA C 25 33.18 -26.26 46.22
CA ALA C 25 32.72 -27.09 45.12
C ALA C 25 32.01 -26.23 44.06
N PRO C 26 32.12 -26.61 42.79
CA PRO C 26 31.35 -25.92 41.75
C PRO C 26 29.86 -26.17 41.90
N LEU C 27 29.08 -25.11 41.74
CA LEU C 27 27.66 -25.14 42.03
C LEU C 27 26.86 -25.05 40.74
N PRO C 28 26.11 -26.08 40.36
CA PRO C 28 25.41 -26.06 39.06
C PRO C 28 24.14 -25.23 39.09
N ILE C 29 23.84 -24.63 37.94
CA ILE C 29 22.65 -23.80 37.75
C ILE C 29 22.06 -24.13 36.38
N SER C 30 20.76 -24.43 36.35
CA SER C 30 20.08 -24.86 35.13
C SER C 30 18.73 -24.16 35.02
N ILE C 31 18.56 -23.34 33.98
CA ILE C 31 17.37 -22.51 33.83
C ILE C 31 16.78 -22.74 32.45
N THR C 32 15.55 -23.24 32.39
CA THR C 32 14.88 -23.54 31.13
C THR C 32 13.63 -22.67 31.02
N PRO C 33 13.61 -21.63 30.17
CA PRO C 33 12.38 -20.84 30.02
C PRO C 33 11.32 -21.62 29.24
N THR C 34 10.10 -21.62 29.77
CA THR C 34 9.00 -22.31 29.13
C THR C 34 8.17 -21.38 28.26
N LYS C 35 7.74 -20.25 28.83
CA LYS C 35 6.80 -19.38 28.13
C LYS C 35 7.11 -17.93 28.46
N ILE C 36 7.49 -17.16 27.46
CA ILE C 36 7.84 -15.75 27.64
C ILE C 36 6.71 -14.91 27.09
N LYS C 37 5.95 -14.27 27.97
CA LYS C 37 4.84 -13.43 27.59
C LYS C 37 5.31 -11.99 27.37
N LEU C 38 4.43 -11.18 26.79
CA LEU C 38 4.75 -9.76 26.56
C LEU C 38 3.42 -9.03 26.54
N ILE C 39 3.12 -8.30 27.60
CA ILE C 39 1.77 -7.79 27.81
C ILE C 39 1.76 -6.27 27.80
N PRO C 40 1.12 -5.63 26.83
CA PRO C 40 1.06 -4.17 26.81
C PRO C 40 -0.07 -3.66 27.68
N THR C 41 0.07 -2.40 28.11
CA THR C 41 -1.02 -1.75 28.83
C THR C 41 -2.06 -1.32 27.82
N VAL C 42 -3.30 -1.74 28.03
CA VAL C 42 -4.32 -1.78 27.01
C VAL C 42 -5.54 -1.03 27.53
N ASN C 43 -6.03 -0.07 26.74
CA ASN C 43 -7.03 0.88 27.19
C ASN C 43 -8.15 0.95 26.15
N LEU C 44 -9.38 0.61 26.56
CA LEU C 44 -10.51 0.56 25.65
C LEU C 44 -11.03 1.96 25.38
N GLU C 45 -11.12 2.32 24.10
CA GLU C 45 -11.68 3.61 23.74
C GLU C 45 -13.12 3.54 23.28
N TYR C 46 -13.48 2.59 22.42
CA TYR C 46 -14.88 2.35 22.09
C TYR C 46 -15.00 0.95 21.53
N VAL C 47 -16.23 0.59 21.16
CA VAL C 47 -16.49 -0.61 20.38
C VAL C 47 -17.21 -0.19 19.12
N THR C 48 -17.25 -1.08 18.14
CA THR C 48 -18.05 -0.85 16.94
C THR C 48 -18.67 -2.18 16.51
N CYS C 49 -19.69 -2.08 15.69
CA CYS C 49 -20.44 -3.24 15.23
C CYS C 49 -21.21 -2.86 13.97
N HIS C 50 -22.00 -3.80 13.46
CA HIS C 50 -22.95 -3.47 12.41
C HIS C 50 -24.03 -2.57 12.99
N TYR C 51 -24.62 -1.73 12.15
CA TYR C 51 -25.69 -0.93 12.68
C TYR C 51 -27.05 -1.43 12.20
N LYS C 52 -28.07 -0.67 12.56
CA LYS C 52 -29.44 -1.01 12.26
C LYS C 52 -30.18 0.31 12.18
N THR C 53 -30.63 0.68 11.00
CA THR C 53 -31.35 1.93 10.84
C THR C 53 -32.76 1.75 11.38
N GLY C 54 -33.05 2.40 12.49
CA GLY C 54 -34.38 2.34 13.05
C GLY C 54 -35.29 3.32 12.33
N MET C 55 -36.52 2.89 12.09
CA MET C 55 -37.50 3.71 11.40
C MET C 55 -38.75 3.85 12.25
N ASP C 56 -39.37 5.00 12.15
CA ASP C 56 -40.61 5.31 12.84
C ASP C 56 -41.78 5.09 11.90
N SER C 57 -42.95 4.89 12.46
CA SER C 57 -44.11 4.72 11.61
C SER C 57 -44.60 6.07 11.10
N PRO C 58 -45.09 6.15 9.86
CA PRO C 58 -45.42 7.44 9.26
C PRO C 58 -46.67 8.07 9.87
N ALA C 59 -46.54 9.33 10.27
CA ALA C 59 -47.62 10.07 10.89
C ALA C 59 -48.37 10.84 9.82
N ILE C 60 -49.57 10.40 9.47
CA ILE C 60 -50.34 10.98 8.39
C ILE C 60 -51.51 11.76 8.98
N LYS C 61 -51.61 13.03 8.61
CA LYS C 61 -52.77 13.86 8.97
C LYS C 61 -53.56 14.16 7.71
N CYS C 62 -54.84 13.75 7.70
CA CYS C 62 -55.70 13.92 6.53
C CYS C 62 -56.17 15.37 6.46
N CYS C 63 -55.70 16.08 5.42
CA CYS C 63 -55.96 17.50 5.19
C CYS C 63 -55.63 18.35 6.41
N GLY C 64 -54.35 18.38 6.72
CA GLY C 64 -53.82 19.26 7.75
C GLY C 64 -52.38 19.60 7.46
N SER C 65 -51.59 19.72 8.52
CA SER C 65 -50.16 19.94 8.41
C SER C 65 -49.49 19.38 9.66
N GLN C 66 -48.24 18.99 9.50
CA GLN C 66 -47.46 18.35 10.55
C GLN C 66 -46.21 19.16 10.84
N GLU C 67 -45.58 18.84 11.96
CA GLU C 67 -44.34 19.49 12.37
C GLU C 67 -43.35 18.42 12.80
N CYS C 68 -42.11 18.86 13.01
CA CYS C 68 -40.99 17.96 13.32
C CYS C 68 -40.72 18.00 14.81
N THR C 69 -40.85 16.84 15.47
CA THR C 69 -40.58 16.72 16.90
C THR C 69 -39.30 15.93 17.09
N PRO C 70 -38.19 16.56 17.48
CA PRO C 70 -36.93 15.80 17.61
C PRO C 70 -36.90 14.94 18.86
N THR C 71 -36.52 13.67 18.67
CA THR C 71 -36.37 12.70 19.75
C THR C 71 -34.92 12.59 20.19
N TYR C 72 -34.01 13.27 19.48
CA TYR C 72 -32.57 13.34 19.76
C TYR C 72 -31.90 11.97 19.70
N ARG C 73 -32.41 11.10 18.84
CA ARG C 73 -31.85 9.79 18.58
C ARG C 73 -30.59 9.94 17.72
N PRO C 74 -29.71 8.93 17.66
CA PRO C 74 -28.44 9.10 16.94
C PRO C 74 -28.63 9.13 15.43
N ASP C 75 -28.00 10.12 14.80
CA ASP C 75 -28.05 10.37 13.35
C ASP C 75 -29.49 10.47 12.87
N GLU C 76 -30.30 11.20 13.61
CA GLU C 76 -31.75 11.18 13.39
C GLU C 76 -32.12 12.22 12.33
N GLN C 77 -32.89 11.77 11.34
CA GLN C 77 -33.41 12.62 10.29
C GLN C 77 -34.92 12.69 10.43
N CYS C 78 -35.48 13.86 10.09
CA CYS C 78 -36.92 14.06 10.19
C CYS C 78 -37.34 15.05 9.11
N LYS C 79 -37.73 14.56 7.95
CA LYS C 79 -38.26 15.38 6.88
C LYS C 79 -39.75 15.10 6.77
N VAL C 80 -40.50 16.12 6.36
CA VAL C 80 -41.95 16.07 6.33
C VAL C 80 -42.42 16.35 4.91
N PHE C 81 -43.23 15.44 4.37
CA PHE C 81 -43.58 15.42 2.95
C PHE C 81 -45.06 15.75 2.77
N THR C 82 -45.34 16.72 1.92
CA THR C 82 -46.70 17.16 1.62
C THR C 82 -47.14 16.63 0.26
N GLY C 83 -48.46 16.66 0.04
CA GLY C 83 -49.01 16.22 -1.21
C GLY C 83 -49.00 14.71 -1.37
N VAL C 84 -49.56 14.02 -0.38
CA VAL C 84 -49.51 12.57 -0.30
C VAL C 84 -50.92 12.05 -0.54
N TYR C 85 -51.02 10.84 -1.08
CA TYR C 85 -52.30 10.13 -1.15
C TYR C 85 -52.06 8.68 -0.79
N PRO C 86 -51.99 8.36 0.50
CA PRO C 86 -51.56 7.03 0.93
C PRO C 86 -52.66 6.00 0.79
N PHE C 87 -52.27 4.75 1.02
CA PHE C 87 -53.11 3.56 0.81
C PHE C 87 -52.89 2.54 1.91
N MET C 88 -53.97 1.88 2.30
CA MET C 88 -53.90 0.68 3.12
C MET C 88 -54.43 -0.48 2.29
N TRP C 89 -54.57 -1.65 2.91
CA TRP C 89 -55.22 -2.75 2.21
C TRP C 89 -56.71 -2.50 2.04
N GLY C 90 -57.31 -1.73 2.94
CA GLY C 90 -58.71 -1.39 2.82
C GLY C 90 -58.93 -0.06 2.14
N GLY C 91 -58.44 0.09 0.92
CA GLY C 91 -58.69 1.28 0.15
C GLY C 91 -57.82 2.44 0.55
N ALA C 92 -58.22 3.63 0.09
CA ALA C 92 -57.52 4.85 0.40
C ALA C 92 -57.62 5.20 1.87
N TYR C 93 -56.60 5.90 2.37
CA TYR C 93 -56.55 6.26 3.79
C TYR C 93 -57.24 7.61 4.02
N CYS C 94 -56.71 8.66 3.41
CA CYS C 94 -57.37 9.96 3.45
C CYS C 94 -58.37 10.05 2.31
N PHE C 95 -59.07 11.17 2.25
CA PHE C 95 -60.07 11.37 1.21
C PHE C 95 -59.88 12.66 0.43
N CYS C 96 -58.83 13.42 0.70
CA CYS C 96 -58.52 14.62 -0.05
C CYS C 96 -57.66 14.27 -1.26
N ASP C 97 -57.46 15.25 -2.14
CA ASP C 97 -56.58 15.02 -3.29
C ASP C 97 -55.18 15.58 -3.06
N THR C 98 -55.08 16.77 -2.51
CA THR C 98 -53.82 17.36 -2.09
C THR C 98 -53.88 17.58 -0.59
N GLU C 99 -52.87 18.28 -0.07
CA GLU C 99 -52.80 18.80 1.29
C GLU C 99 -52.80 17.72 2.36
N ASN C 100 -52.47 16.49 2.02
CA ASN C 100 -52.17 15.49 3.03
C ASN C 100 -50.68 15.52 3.31
N THR C 101 -50.32 15.06 4.50
CA THR C 101 -48.97 15.27 5.00
C THR C 101 -48.47 14.05 5.74
N GLN C 102 -47.28 13.58 5.40
CA GLN C 102 -46.67 12.39 5.97
C GLN C 102 -45.32 12.75 6.55
N VAL C 103 -45.04 12.27 7.76
CA VAL C 103 -43.78 12.51 8.45
C VAL C 103 -42.97 11.22 8.48
N SER C 104 -41.75 11.29 7.95
CA SER C 104 -40.80 10.20 8.02
C SER C 104 -39.74 10.52 9.05
N LYS C 105 -39.38 9.53 9.87
CA LYS C 105 -38.34 9.67 10.87
C LYS C 105 -37.49 8.42 10.86
N ALA C 106 -36.19 8.58 10.63
CA ALA C 106 -35.26 7.47 10.69
C ALA C 106 -34.12 7.84 11.62
N TYR C 107 -33.50 6.83 12.21
CA TYR C 107 -32.40 7.01 13.13
C TYR C 107 -31.59 5.71 13.13
N VAL C 108 -30.39 5.78 13.66
CA VAL C 108 -29.47 4.64 13.67
C VAL C 108 -29.36 4.14 15.09
N MET C 109 -29.38 2.83 15.26
CA MET C 109 -29.16 2.19 16.55
C MET C 109 -28.25 0.99 16.31
N LYS C 110 -27.47 0.63 17.32
CA LYS C 110 -26.56 -0.49 17.13
C LYS C 110 -27.33 -1.80 17.12
N SER C 111 -26.70 -2.82 16.54
CA SER C 111 -27.43 -4.00 16.10
C SER C 111 -27.83 -4.87 17.29
N ASP C 112 -28.69 -5.85 17.01
CA ASP C 112 -29.14 -6.77 18.03
C ASP C 112 -28.07 -7.79 18.38
N ASP C 113 -27.15 -8.05 17.44
CA ASP C 113 -26.05 -8.99 17.64
C ASP C 113 -24.77 -8.28 18.05
N CYS C 114 -24.89 -7.15 18.73
CA CYS C 114 -23.72 -6.37 19.13
C CYS C 114 -22.89 -7.07 20.21
N LEU C 115 -23.54 -7.87 21.05
CA LEU C 115 -22.86 -8.43 22.21
C LEU C 115 -21.87 -9.51 21.79
N ALA C 116 -22.23 -10.33 20.81
CA ALA C 116 -21.39 -11.45 20.39
C ALA C 116 -20.68 -11.21 19.07
N ASP C 117 -20.80 -10.01 18.49
CA ASP C 117 -20.14 -9.72 17.21
C ASP C 117 -19.85 -8.23 17.17
N HIS C 118 -18.65 -7.86 17.64
CA HIS C 118 -18.25 -6.46 17.69
C HIS C 118 -16.73 -6.40 17.78
N ALA C 119 -16.18 -5.27 17.36
CA ALA C 119 -14.74 -5.04 17.42
C ALA C 119 -14.42 -4.08 18.55
N GLU C 120 -13.38 -4.39 19.31
CA GLU C 120 -12.97 -3.61 20.46
C GLU C 120 -11.71 -2.84 20.11
N ALA C 121 -11.76 -1.51 20.20
CA ALA C 121 -10.69 -0.65 19.74
C ALA C 121 -9.87 -0.19 20.94
N TYR C 122 -8.65 -0.69 21.07
CA TYR C 122 -7.82 -0.42 22.22
C TYR C 122 -6.68 0.52 21.89
N LYS C 123 -5.95 0.91 22.92
CA LYS C 123 -4.69 1.64 22.79
C LYS C 123 -3.62 0.97 23.62
N ALA C 124 -2.49 0.70 23.01
CA ALA C 124 -1.42 -0.05 23.66
C ALA C 124 -0.21 0.83 23.86
N HIS C 125 0.49 0.57 24.97
CA HIS C 125 1.70 1.25 25.38
C HIS C 125 2.31 0.45 26.51
N THR C 126 3.64 0.54 26.65
CA THR C 126 4.39 0.19 27.87
C THR C 126 4.17 -1.28 28.27
N ALA C 127 4.80 -2.16 27.49
CA ALA C 127 4.70 -3.59 27.71
C ALA C 127 5.33 -4.00 29.05
N SER C 128 5.02 -5.23 29.46
CA SER C 128 5.42 -5.74 30.78
C SER C 128 5.70 -7.24 30.62
N VAL C 129 6.97 -7.56 30.37
CA VAL C 129 7.34 -8.94 30.05
C VAL C 129 7.31 -9.77 31.32
N GLN C 130 6.88 -11.02 31.18
CA GLN C 130 6.64 -11.97 32.27
C GLN C 130 6.96 -13.35 31.72
N ALA C 131 7.54 -14.21 32.55
CA ALA C 131 8.14 -15.43 32.03
C ALA C 131 7.91 -16.61 32.96
N PHE C 132 7.60 -17.77 32.39
CA PHE C 132 7.45 -19.00 33.15
C PHE C 132 8.79 -19.72 33.13
N LEU C 133 9.56 -19.59 34.21
CA LEU C 133 10.84 -20.26 34.28
C LEU C 133 10.72 -21.62 34.96
N ASN C 134 11.86 -22.31 35.01
CA ASN C 134 12.00 -23.64 35.62
C ASN C 134 13.47 -23.71 36.06
N ILE C 135 13.70 -23.41 37.33
CA ILE C 135 15.03 -23.07 37.82
C ILE C 135 15.55 -24.18 38.70
N THR C 136 16.75 -24.67 38.40
CA THR C 136 17.44 -25.67 39.20
C THR C 136 18.78 -25.12 39.64
N VAL C 137 18.95 -24.90 40.94
CA VAL C 137 20.18 -24.38 41.50
C VAL C 137 20.66 -25.41 42.53
N GLY C 138 21.60 -26.26 42.14
CA GLY C 138 22.18 -27.25 43.03
C GLY C 138 21.20 -28.26 43.59
N GLU C 139 20.55 -29.01 42.69
CA GLU C 139 19.43 -29.92 42.91
C GLU C 139 18.35 -29.40 43.86
N HIS C 140 18.10 -28.09 43.82
CA HIS C 140 16.87 -27.48 44.31
C HIS C 140 16.13 -26.98 43.08
N SER C 141 15.00 -27.58 42.76
CA SER C 141 14.28 -27.30 41.52
C SER C 141 12.89 -26.76 41.84
N ILE C 142 12.56 -25.60 41.25
CA ILE C 142 11.22 -25.04 41.33
C ILE C 142 10.73 -24.74 39.92
N VAL C 143 9.43 -24.47 39.82
CA VAL C 143 8.78 -23.96 38.62
C VAL C 143 7.94 -22.77 39.05
N THR C 144 8.30 -21.57 38.62
CA THR C 144 7.66 -20.38 39.16
C THR C 144 7.60 -19.29 38.10
N THR C 145 6.43 -18.66 37.97
CA THR C 145 6.27 -17.46 37.18
C THR C 145 7.17 -16.34 37.69
N VAL C 146 7.94 -15.74 36.80
CA VAL C 146 8.77 -14.61 37.18
C VAL C 146 8.26 -13.37 36.44
N TYR C 147 8.51 -12.21 37.04
CA TYR C 147 8.30 -10.92 36.42
C TYR C 147 9.67 -10.36 36.10
N VAL C 148 9.93 -10.06 34.83
CA VAL C 148 11.32 -9.79 34.46
C VAL C 148 11.65 -8.30 34.45
N ASN C 149 10.91 -7.47 35.17
CA ASN C 149 11.47 -6.18 35.58
C ASN C 149 12.65 -6.40 36.52
N GLY C 150 13.49 -5.37 36.68
CA GLY C 150 14.74 -5.53 37.42
C GLY C 150 14.69 -5.78 38.92
N GLU C 151 13.51 -6.14 39.41
CA GLU C 151 13.18 -6.40 40.80
C GLU C 151 12.11 -7.49 40.78
N THR C 152 11.31 -7.60 41.86
CA THR C 152 10.30 -8.62 42.11
C THR C 152 10.97 -9.99 42.10
N PRO C 153 11.69 -10.32 43.16
CA PRO C 153 12.53 -11.52 43.15
C PRO C 153 11.70 -12.79 43.30
N VAL C 154 12.31 -13.91 42.95
CA VAL C 154 11.79 -15.22 43.26
C VAL C 154 12.67 -15.84 44.34
N ASN C 155 12.03 -16.41 45.35
CA ASN C 155 12.72 -16.90 46.55
C ASN C 155 12.47 -18.39 46.68
N PHE C 156 13.55 -19.17 46.73
CA PHE C 156 13.45 -20.57 47.12
C PHE C 156 14.77 -20.97 47.78
N ASN C 157 14.66 -21.60 48.95
CA ASN C 157 15.78 -22.14 49.73
C ASN C 157 16.85 -21.09 50.03
N GLY C 158 16.41 -19.86 50.28
CA GLY C 158 17.33 -18.78 50.59
C GLY C 158 18.00 -18.14 49.41
N VAL C 159 17.84 -18.67 48.20
CA VAL C 159 18.42 -18.08 47.01
C VAL C 159 17.44 -17.03 46.51
N LYS C 160 17.96 -15.85 46.15
CA LYS C 160 17.16 -14.73 45.69
C LYS C 160 17.57 -14.42 44.26
N ILE C 161 16.72 -14.76 43.31
CA ILE C 161 16.98 -14.62 41.88
C ILE C 161 16.09 -13.51 41.35
N THR C 162 16.68 -12.60 40.59
CA THR C 162 15.96 -11.47 40.00
C THR C 162 16.30 -11.40 38.52
N ALA C 163 15.29 -11.55 37.67
CA ALA C 163 15.47 -11.51 36.23
C ALA C 163 15.41 -10.07 35.76
N GLY C 164 16.51 -9.57 35.20
CA GLY C 164 16.61 -8.19 34.82
C GLY C 164 15.76 -7.87 33.61
N PRO C 165 15.66 -6.59 33.30
CA PRO C 165 14.79 -6.16 32.20
C PRO C 165 15.37 -6.52 30.84
N LEU C 166 14.48 -6.59 29.86
CA LEU C 166 14.87 -6.93 28.49
C LEU C 166 15.81 -5.89 27.91
N SER C 167 16.73 -6.35 27.08
CA SER C 167 17.67 -5.46 26.40
C SER C 167 17.04 -4.74 25.22
N THR C 168 15.76 -4.96 24.93
CA THR C 168 15.09 -4.33 23.82
C THR C 168 13.66 -4.00 24.23
N ALA C 169 13.20 -2.79 23.91
CA ALA C 169 11.83 -2.37 24.17
C ALA C 169 10.91 -2.65 22.99
N TRP C 170 11.19 -3.69 22.20
CA TRP C 170 10.38 -4.00 21.05
C TRP C 170 9.05 -4.60 21.47
N THR C 171 7.97 -4.16 20.81
CA THR C 171 6.63 -4.70 20.93
C THR C 171 6.09 -4.99 19.54
N PRO C 172 5.36 -6.10 19.36
CA PRO C 172 4.73 -6.35 18.06
C PRO C 172 3.52 -5.49 17.80
N PHE C 173 3.02 -4.79 18.82
CA PHE C 173 1.79 -4.02 18.74
C PHE C 173 2.11 -2.57 18.42
N ASP C 174 1.21 -1.92 17.70
CA ASP C 174 1.39 -0.51 17.44
C ASP C 174 0.74 0.29 18.57
N ARG C 175 0.63 1.60 18.37
CA ARG C 175 -0.04 2.45 19.34
C ARG C 175 -1.54 2.19 19.40
N LYS C 176 -2.10 1.63 18.33
CA LYS C 176 -3.53 1.40 18.23
C LYS C 176 -3.82 -0.03 17.79
N ILE C 177 -4.80 -0.66 18.46
CA ILE C 177 -5.09 -2.08 18.31
C ILE C 177 -6.60 -2.28 18.15
N VAL C 178 -7.00 -3.15 17.23
CA VAL C 178 -8.36 -3.63 17.12
C VAL C 178 -8.36 -5.12 17.42
N GLN C 179 -9.25 -5.55 18.31
CA GLN C 179 -9.53 -6.97 18.53
C GLN C 179 -10.83 -7.34 17.85
N TYR C 180 -10.80 -8.37 17.01
CA TYR C 180 -12.03 -8.94 16.46
C TYR C 180 -11.90 -10.46 16.43
N ALA C 181 -12.64 -11.14 17.31
CA ALA C 181 -12.84 -12.59 17.31
C ALA C 181 -11.53 -13.35 17.50
N GLY C 182 -10.89 -13.08 18.64
CA GLY C 182 -9.67 -13.78 18.99
C GLY C 182 -8.45 -13.33 18.24
N GLU C 183 -8.54 -12.29 17.42
CA GLU C 183 -7.46 -11.89 16.54
C GLU C 183 -7.28 -10.38 16.61
N ILE C 184 -6.03 -9.96 16.56
CA ILE C 184 -5.62 -8.61 16.93
C ILE C 184 -4.96 -7.96 15.73
N TYR C 185 -5.28 -6.68 15.50
CA TYR C 185 -4.86 -5.97 14.30
C TYR C 185 -4.23 -4.65 14.69
N ASN C 186 -3.04 -4.37 14.16
CA ASN C 186 -2.50 -3.03 14.22
C ASN C 186 -3.27 -2.20 13.21
N TYR C 187 -4.24 -1.43 13.68
CA TYR C 187 -5.12 -0.69 12.79
C TYR C 187 -5.36 0.71 13.34
N ASP C 188 -5.16 1.72 12.48
CA ASP C 188 -5.25 3.12 12.88
C ASP C 188 -6.71 3.57 12.79
N PHE C 189 -7.47 3.25 13.83
CA PHE C 189 -8.89 3.57 13.85
C PHE C 189 -9.09 5.06 14.10
N PRO C 190 -10.20 5.64 13.64
CA PRO C 190 -10.48 7.03 13.95
C PRO C 190 -10.88 7.19 15.41
N GLU C 191 -10.65 8.39 15.94
CA GLU C 191 -10.96 8.67 17.32
C GLU C 191 -12.46 8.73 17.54
N TYR C 192 -12.85 8.73 18.82
CA TYR C 192 -14.25 8.75 19.16
C TYR C 192 -14.82 10.11 18.83
N GLY C 193 -15.91 10.14 18.09
CA GLY C 193 -16.43 11.37 17.54
C GLY C 193 -15.83 11.76 16.21
N ALA C 194 -14.90 10.97 15.69
CA ALA C 194 -14.26 11.26 14.41
C ALA C 194 -14.59 10.22 13.37
N GLY C 195 -15.67 9.46 13.57
CA GLY C 195 -15.99 8.41 12.63
C GLY C 195 -16.58 8.95 11.35
N GLN C 196 -16.26 8.28 10.26
CA GLN C 196 -16.72 8.63 8.93
C GLN C 196 -17.62 7.51 8.42
N PRO C 197 -18.62 7.82 7.60
CA PRO C 197 -19.49 6.76 7.12
C PRO C 197 -18.82 5.90 6.07
N GLY C 198 -19.28 4.66 5.98
CA GLY C 198 -18.72 3.70 5.06
C GLY C 198 -17.37 3.15 5.42
N ALA C 199 -16.82 3.53 6.57
CA ALA C 199 -15.52 3.05 7.02
C ALA C 199 -15.68 2.55 8.45
N PHE C 200 -14.55 2.13 9.02
CA PHE C 200 -14.53 1.60 10.37
C PHE C 200 -14.91 2.69 11.37
N GLY C 201 -15.77 2.34 12.32
CA GLY C 201 -16.11 3.30 13.34
C GLY C 201 -17.09 4.37 12.93
N ASP C 202 -17.96 4.08 11.96
CA ASP C 202 -19.12 4.94 11.75
C ASP C 202 -20.14 4.79 12.87
N ILE C 203 -20.08 3.69 13.61
CA ILE C 203 -20.82 3.49 14.84
C ILE C 203 -19.80 3.38 15.96
N GLN C 204 -19.94 4.22 16.98
CA GLN C 204 -18.99 4.25 18.08
C GLN C 204 -19.76 4.30 19.40
N SER C 205 -19.84 3.17 20.07
CA SER C 205 -20.35 3.09 21.42
C SER C 205 -19.18 2.94 22.38
N ARG C 206 -19.22 3.70 23.47
CA ARG C 206 -18.06 3.82 24.36
C ARG C 206 -17.76 2.50 25.08
N THR C 207 -18.78 1.83 25.60
CA THR C 207 -18.64 0.45 26.03
C THR C 207 -19.68 -0.39 25.31
N VAL C 208 -19.78 -1.67 25.68
CA VAL C 208 -20.69 -2.55 24.96
C VAL C 208 -22.14 -2.27 25.35
N SER C 209 -22.36 -1.82 26.59
CA SER C 209 -23.70 -1.50 27.07
C SER C 209 -23.77 -0.04 27.51
N SER C 210 -23.24 0.85 26.68
CA SER C 210 -23.02 2.23 27.10
C SER C 210 -24.29 3.08 27.06
N SER C 211 -25.26 2.71 26.24
CA SER C 211 -26.51 3.46 26.01
C SER C 211 -26.25 4.90 25.56
N ASP C 212 -25.16 5.11 24.81
CA ASP C 212 -24.89 6.38 24.15
C ASP C 212 -23.93 6.08 23.02
N LEU C 213 -24.41 6.14 21.78
CA LEU C 213 -23.57 5.79 20.64
C LEU C 213 -23.43 6.98 19.71
N TYR C 214 -22.26 7.06 19.08
CA TYR C 214 -21.98 8.04 18.05
C TYR C 214 -22.24 7.42 16.68
N ALA C 215 -23.16 8.01 15.92
CA ALA C 215 -23.52 7.52 14.61
C ALA C 215 -23.29 8.60 13.58
N ASN C 216 -22.43 8.32 12.61
CA ASN C 216 -22.23 9.18 11.43
C ASN C 216 -22.30 8.24 10.24
N THR C 217 -23.51 8.00 9.72
CA THR C 217 -23.72 6.98 8.71
C THR C 217 -24.23 7.53 7.38
N ASN C 218 -24.31 8.85 7.24
CA ASN C 218 -24.75 9.55 6.01
C ASN C 218 -26.19 9.15 5.65
N LEU C 219 -27.06 9.15 6.66
CA LEU C 219 -28.46 8.81 6.48
C LEU C 219 -29.21 9.99 5.88
N VAL C 220 -29.92 9.75 4.77
CA VAL C 220 -30.71 10.75 4.09
C VAL C 220 -32.10 10.16 3.84
N LEU C 221 -33.14 10.93 4.14
CA LEU C 221 -34.51 10.50 3.88
C LEU C 221 -34.96 10.88 2.47
N GLN C 222 -35.70 9.99 1.84
CA GLN C 222 -36.21 10.20 0.49
C GLN C 222 -37.72 10.35 0.52
N ARG C 223 -38.28 10.69 -0.64
CA ARG C 223 -39.72 10.91 -0.73
C ARG C 223 -40.43 9.62 -1.10
N PRO C 224 -41.49 9.24 -0.39
CA PRO C 224 -42.15 7.96 -0.67
C PRO C 224 -42.90 7.94 -1.99
N LYS C 225 -43.17 6.74 -2.47
CA LYS C 225 -43.88 6.53 -3.72
C LYS C 225 -45.33 6.92 -3.58
N ALA C 226 -45.93 7.36 -4.67
CA ALA C 226 -47.32 7.76 -4.67
C ALA C 226 -48.21 6.56 -4.34
N GLY C 227 -48.97 6.68 -3.27
CA GLY C 227 -49.86 5.61 -2.86
C GLY C 227 -49.19 4.49 -2.14
N ALA C 228 -48.31 4.80 -1.18
CA ALA C 228 -47.60 3.78 -0.43
C ALA C 228 -47.18 4.37 0.91
N ILE C 229 -47.43 3.62 1.98
CA ILE C 229 -47.03 4.02 3.33
C ILE C 229 -45.74 3.27 3.64
N HIS C 230 -44.62 3.97 3.50
CA HIS C 230 -43.32 3.45 3.92
C HIS C 230 -42.38 4.63 4.11
N VAL C 231 -41.26 4.38 4.77
CA VAL C 231 -40.22 5.37 4.98
C VAL C 231 -39.05 4.99 4.09
N PRO C 232 -38.83 5.69 2.98
CA PRO C 232 -37.64 5.45 2.17
C PRO C 232 -36.45 6.25 2.68
N TYR C 233 -35.27 5.66 2.54
CA TYR C 233 -34.06 6.29 3.01
C TYR C 233 -32.87 5.80 2.20
N THR C 234 -31.83 6.61 2.18
CA THR C 234 -30.58 6.27 1.53
C THR C 234 -29.45 6.53 2.51
N GLN C 235 -28.51 5.59 2.63
CA GLN C 235 -27.36 5.81 3.49
C GLN C 235 -26.18 5.00 3.00
N ALA C 236 -25.00 5.41 3.42
CA ALA C 236 -23.78 4.68 3.07
C ALA C 236 -23.76 3.35 3.80
N PRO C 237 -23.28 2.29 3.16
CA PRO C 237 -23.35 0.96 3.77
C PRO C 237 -22.43 0.84 4.97
N SER C 238 -22.55 -0.32 5.63
CA SER C 238 -21.94 -0.53 6.93
C SER C 238 -20.44 -0.67 6.78
N GLY C 239 -19.70 0.08 7.60
CA GLY C 239 -18.26 0.07 7.51
C GLY C 239 -17.60 -1.02 8.31
N PHE C 240 -18.32 -1.64 9.23
CA PHE C 240 -17.78 -2.80 9.92
C PHE C 240 -17.76 -4.02 9.00
N GLU C 241 -18.77 -4.14 8.13
CA GLU C 241 -18.75 -5.18 7.12
C GLU C 241 -17.69 -4.90 6.05
N GLN C 242 -17.52 -3.65 5.65
CA GLN C 242 -16.48 -3.33 4.69
C GLN C 242 -15.09 -3.49 5.28
N TRP C 243 -14.94 -3.25 6.58
CA TRP C 243 -13.69 -3.53 7.24
C TRP C 243 -13.42 -5.02 7.37
N LYS C 244 -14.46 -5.82 7.58
CA LYS C 244 -14.30 -7.27 7.52
C LYS C 244 -13.97 -7.75 6.11
N LYS C 245 -14.44 -7.05 5.09
CA LYS C 245 -14.07 -7.42 3.73
C LYS C 245 -12.64 -7.04 3.41
N ASP C 246 -12.14 -5.95 3.98
CA ASP C 246 -10.75 -5.58 3.69
C ASP C 246 -9.78 -6.47 4.48
N LYS C 247 -9.70 -6.26 5.80
CA LYS C 247 -8.99 -7.10 6.78
C LYS C 247 -7.67 -7.72 6.35
N ALA C 248 -6.64 -6.91 6.16
CA ALA C 248 -5.28 -7.44 6.08
C ALA C 248 -5.00 -8.31 7.29
N PRO C 249 -4.29 -9.44 7.13
CA PRO C 249 -4.33 -10.54 8.12
C PRO C 249 -3.83 -10.15 9.51
N SER C 250 -4.13 -11.05 10.45
CA SER C 250 -4.01 -10.79 11.87
C SER C 250 -2.56 -10.61 12.29
N LEU C 251 -2.39 -10.31 13.55
CA LEU C 251 -1.03 -10.08 13.99
C LEU C 251 -0.32 -11.38 14.34
N LYS C 252 -1.05 -12.50 14.40
CA LYS C 252 -0.37 -13.77 14.57
C LYS C 252 0.16 -14.34 13.27
N PHE C 253 0.00 -13.63 12.15
CA PHE C 253 0.52 -14.06 10.87
C PHE C 253 1.56 -13.12 10.31
N THR C 254 1.58 -11.87 10.75
CA THR C 254 2.47 -10.86 10.20
C THR C 254 3.50 -10.35 11.19
N ALA C 255 3.52 -10.85 12.42
CA ALA C 255 4.43 -10.25 13.39
C ALA C 255 5.83 -10.83 13.21
N PRO C 256 6.87 -10.01 13.29
CA PRO C 256 8.24 -10.54 13.23
C PRO C 256 8.66 -11.25 14.50
N PHE C 257 9.88 -11.82 14.47
CA PHE C 257 10.52 -12.52 15.57
C PHE C 257 9.73 -13.73 16.06
N GLY C 258 8.86 -14.30 15.24
CA GLY C 258 8.19 -15.54 15.57
C GLY C 258 7.16 -15.43 16.68
N CYS C 259 6.50 -14.28 16.81
CA CYS C 259 5.64 -14.07 17.96
C CYS C 259 4.28 -14.74 17.75
N GLU C 260 3.63 -15.06 18.87
CA GLU C 260 2.38 -15.81 18.86
C GLU C 260 1.32 -15.00 19.60
N ILE C 261 0.47 -14.28 18.88
CA ILE C 261 -0.47 -13.36 19.50
C ILE C 261 -1.65 -14.14 20.06
N TYR C 262 -1.86 -14.04 21.37
CA TYR C 262 -3.00 -14.63 22.05
C TYR C 262 -3.81 -13.53 22.72
N THR C 263 -5.08 -13.82 22.98
CA THR C 263 -5.93 -12.90 23.73
C THR C 263 -6.89 -13.63 24.66
N ASN C 264 -6.42 -14.02 25.84
CA ASN C 264 -7.37 -14.00 26.95
C ASN C 264 -7.24 -12.60 27.57
N PRO C 265 -6.02 -12.14 28.06
CA PRO C 265 -5.67 -10.75 27.82
C PRO C 265 -4.78 -10.63 26.60
N ILE C 266 -4.65 -9.42 26.05
CA ILE C 266 -3.87 -9.22 24.83
C ILE C 266 -2.39 -9.36 25.15
N ARG C 267 -1.73 -10.30 24.48
CA ARG C 267 -0.33 -10.59 24.77
C ARG C 267 0.29 -11.27 23.56
N ALA C 268 1.61 -11.12 23.45
CA ALA C 268 2.45 -11.92 22.56
C ALA C 268 3.21 -12.93 23.38
N GLU C 269 3.47 -14.09 22.78
CA GLU C 269 4.25 -15.12 23.46
C GLU C 269 5.38 -15.59 22.58
N ASN C 270 6.50 -15.93 23.22
CA ASN C 270 7.64 -16.62 22.64
C ASN C 270 8.28 -15.86 21.48
N CYS C 271 8.41 -14.54 21.62
CA CYS C 271 9.18 -13.77 20.65
C CYS C 271 10.66 -14.03 20.87
N ALA C 272 11.39 -14.29 19.79
CA ALA C 272 12.82 -14.57 19.89
C ALA C 272 13.61 -13.29 19.63
N VAL C 273 13.47 -12.35 20.56
CA VAL C 273 14.18 -11.09 20.50
C VAL C 273 14.71 -10.79 21.90
N GLY C 274 15.87 -10.14 21.96
CA GLY C 274 16.41 -9.69 23.23
C GLY C 274 17.00 -10.83 24.04
N SER C 275 17.29 -10.50 25.30
CA SER C 275 17.95 -11.44 26.20
C SER C 275 17.73 -10.99 27.64
N ILE C 276 17.52 -11.95 28.54
CA ILE C 276 17.21 -11.66 29.93
C ILE C 276 18.52 -11.71 30.72
N PRO C 277 18.94 -10.62 31.35
CA PRO C 277 19.99 -10.72 32.35
C PRO C 277 19.45 -11.30 33.65
N LEU C 278 20.33 -11.98 34.37
CA LEU C 278 19.95 -12.62 35.62
C LEU C 278 20.83 -12.10 36.74
N ALA C 279 20.30 -12.20 37.96
CA ALA C 279 21.02 -11.80 39.15
C ALA C 279 20.82 -12.88 40.20
N PHE C 280 21.91 -13.50 40.62
CA PHE C 280 21.88 -14.53 41.65
C PHE C 280 22.43 -13.97 42.95
N ASP C 281 21.70 -14.14 44.03
CA ASP C 281 22.17 -13.81 45.36
C ASP C 281 22.24 -15.13 46.13
N ILE C 282 23.35 -15.83 45.96
CA ILE C 282 23.52 -17.16 46.54
C ILE C 282 24.04 -17.00 47.96
N PRO C 283 23.41 -17.61 48.95
CA PRO C 283 23.93 -17.55 50.32
C PRO C 283 25.17 -18.42 50.49
N ASP C 284 25.82 -18.26 51.64
CA ASP C 284 27.10 -18.90 51.91
C ASP C 284 26.96 -20.28 52.53
N ALA C 285 25.76 -20.84 52.58
CA ALA C 285 25.60 -22.19 53.12
C ALA C 285 25.55 -23.26 52.05
N LEU C 286 25.25 -22.89 50.79
CA LEU C 286 25.16 -23.87 49.72
C LEU C 286 26.52 -24.36 49.25
N PHE C 287 27.59 -23.64 49.57
CA PHE C 287 28.92 -23.98 49.07
C PHE C 287 29.52 -25.09 49.91
N THR C 288 29.47 -26.31 49.40
CA THR C 288 30.12 -27.44 50.02
C THR C 288 31.63 -27.32 49.82
N ARG C 289 32.40 -27.87 50.76
CA ARG C 289 33.84 -27.98 50.60
C ARG C 289 34.18 -28.92 49.46
N VAL C 290 35.42 -28.79 48.96
CA VAL C 290 35.85 -29.61 47.83
C VAL C 290 35.96 -31.07 48.25
N SER C 291 36.48 -31.32 49.45
CA SER C 291 36.80 -32.66 49.92
C SER C 291 35.58 -33.53 50.20
N GLU C 292 34.37 -32.99 50.15
CA GLU C 292 33.17 -33.79 50.32
C GLU C 292 32.54 -34.16 48.97
N THR C 293 33.16 -33.78 47.87
CA THR C 293 32.74 -34.06 46.51
C THR C 293 33.78 -34.94 45.85
N PRO C 294 33.46 -35.61 44.74
CA PRO C 294 34.50 -36.31 43.98
C PRO C 294 35.45 -35.34 43.31
N THR C 295 36.68 -35.81 43.11
CA THR C 295 37.70 -35.05 42.41
C THR C 295 38.53 -36.04 41.61
N LEU C 296 38.81 -35.72 40.36
CA LEU C 296 39.44 -36.66 39.45
C LEU C 296 40.95 -36.52 39.47
N SER C 297 41.61 -37.53 38.90
CA SER C 297 43.02 -37.46 38.56
C SER C 297 43.23 -38.31 37.31
N ALA C 298 44.04 -37.78 36.39
CA ALA C 298 44.35 -38.39 35.09
C ALA C 298 43.08 -38.64 34.27
N ALA C 299 42.45 -37.53 33.88
CA ALA C 299 41.30 -37.55 32.99
C ALA C 299 41.68 -37.13 31.58
N GLU C 300 41.03 -37.74 30.59
CA GLU C 300 41.39 -37.55 29.19
C GLU C 300 40.13 -37.61 28.32
N CYS C 301 40.04 -36.69 27.36
CA CYS C 301 38.86 -36.54 26.51
C CYS C 301 39.18 -36.88 25.06
N THR C 302 38.40 -37.80 24.49
CA THR C 302 38.48 -38.14 23.07
C THR C 302 37.10 -38.02 22.45
N LEU C 303 37.06 -37.50 21.22
CA LEU C 303 35.82 -37.30 20.49
C LEU C 303 35.48 -38.55 19.70
N ASN C 304 34.34 -39.18 20.00
CA ASN C 304 33.94 -40.34 19.23
C ASN C 304 33.34 -39.93 17.89
N GLU C 305 32.23 -39.20 17.92
CA GLU C 305 31.61 -38.66 16.72
C GLU C 305 31.47 -37.15 16.85
N CYS C 306 31.33 -36.50 15.70
CA CYS C 306 31.41 -35.05 15.65
C CYS C 306 30.70 -34.64 14.36
N VAL C 307 29.51 -34.06 14.50
CA VAL C 307 28.76 -33.49 13.39
C VAL C 307 28.40 -32.07 13.78
N TYR C 308 28.71 -31.10 12.92
CA TYR C 308 28.40 -29.72 13.25
C TYR C 308 26.99 -29.36 12.79
N SER C 309 26.05 -30.14 13.32
CA SER C 309 24.63 -30.02 13.03
C SER C 309 24.01 -28.94 13.94
N SER C 310 22.70 -28.91 13.99
CA SER C 310 22.00 -27.96 14.82
C SER C 310 21.59 -28.55 16.16
N ASP C 311 21.40 -29.86 16.24
CA ASP C 311 21.10 -30.53 17.49
C ASP C 311 22.38 -31.02 18.15
N PHE C 312 22.27 -31.90 19.13
CA PHE C 312 23.44 -32.48 19.79
C PHE C 312 23.94 -33.61 18.93
N GLY C 313 25.03 -33.38 18.21
CA GLY C 313 25.53 -34.36 17.26
C GLY C 313 26.95 -34.78 17.50
N GLY C 314 27.46 -34.55 18.72
CA GLY C 314 28.81 -34.90 19.05
C GLY C 314 28.90 -35.71 20.31
N ILE C 315 29.65 -36.81 20.28
CA ILE C 315 29.83 -37.69 21.44
C ILE C 315 31.30 -37.68 21.81
N ALA C 316 31.60 -37.27 23.04
CA ALA C 316 32.95 -37.30 23.57
C ALA C 316 33.02 -38.28 24.72
N THR C 317 34.10 -39.06 24.77
CA THR C 317 34.32 -40.04 25.82
C THR C 317 35.43 -39.55 26.74
N VAL C 318 35.13 -39.46 28.02
CA VAL C 318 36.07 -38.98 29.02
C VAL C 318 36.41 -40.15 29.94
N LYS C 319 37.66 -40.59 29.91
CA LYS C 319 38.14 -41.66 30.77
C LYS C 319 38.87 -41.04 31.97
N TYR C 320 38.45 -41.44 33.17
CA TYR C 320 38.89 -40.79 34.40
C TYR C 320 39.36 -41.83 35.41
N SER C 321 39.89 -41.34 36.52
CA SER C 321 40.19 -42.14 37.70
C SER C 321 39.72 -41.33 38.90
N ALA C 322 38.59 -41.72 39.49
CA ALA C 322 37.93 -40.91 40.50
C ALA C 322 38.33 -41.33 41.90
N SER C 323 38.52 -40.33 42.76
CA SER C 323 38.76 -40.54 44.17
C SER C 323 37.52 -41.02 44.91
N LYS C 324 36.33 -40.78 44.37
CA LYS C 324 35.09 -41.12 45.02
C LYS C 324 33.99 -41.12 43.95
N SER C 325 32.97 -41.95 44.15
CA SER C 325 31.88 -42.10 43.20
C SER C 325 30.74 -41.17 43.62
N GLY C 326 30.47 -40.18 42.78
CA GLY C 326 29.33 -39.29 42.98
C GLY C 326 29.12 -38.41 41.75
N LYS C 327 27.94 -37.81 41.70
CA LYS C 327 27.62 -36.92 40.59
C LYS C 327 28.33 -35.58 40.74
N CYS C 328 28.79 -35.03 39.63
CA CYS C 328 29.41 -33.71 39.66
C CYS C 328 29.07 -32.98 38.37
N ALA C 329 29.43 -31.70 38.35
CA ALA C 329 29.09 -30.84 37.23
C ALA C 329 30.02 -31.06 36.06
N VAL C 330 29.46 -30.95 34.86
CA VAL C 330 30.22 -30.74 33.64
C VAL C 330 29.76 -29.42 33.03
N HIS C 331 30.70 -28.69 32.44
CA HIS C 331 30.41 -27.39 31.87
C HIS C 331 31.50 -27.04 30.87
N VAL C 332 31.13 -26.31 29.84
CA VAL C 332 32.07 -25.70 28.90
C VAL C 332 32.05 -24.19 29.13
N PRO C 333 33.20 -23.56 29.38
CA PRO C 333 33.21 -22.11 29.63
C PRO C 333 32.82 -21.27 28.43
N SER C 334 33.45 -21.53 27.29
CA SER C 334 33.16 -20.72 26.10
C SER C 334 31.84 -21.16 25.47
N GLY C 335 31.42 -20.37 24.48
CA GLY C 335 30.30 -20.77 23.65
C GLY C 335 30.74 -21.56 22.43
N THR C 336 31.96 -22.09 22.47
CA THR C 336 32.54 -22.95 21.45
C THR C 336 31.69 -24.18 21.20
N ALA C 337 31.21 -24.82 22.27
CA ALA C 337 30.34 -25.97 22.13
C ALA C 337 29.45 -26.05 23.36
N THR C 338 28.18 -26.40 23.15
CA THR C 338 27.17 -26.44 24.19
C THR C 338 26.83 -27.89 24.52
N LEU C 339 27.01 -28.26 25.78
CA LEU C 339 26.74 -29.62 26.22
C LEU C 339 25.24 -29.86 26.34
N LYS C 340 24.88 -31.13 26.47
CA LYS C 340 23.48 -31.50 26.63
C LYS C 340 23.05 -31.52 28.09
N GLU C 341 23.80 -32.19 28.95
CA GLU C 341 23.45 -32.34 30.35
C GLU C 341 24.31 -31.47 31.24
N ALA C 342 23.80 -31.17 32.43
CA ALA C 342 24.48 -30.32 33.39
C ALA C 342 25.23 -31.09 34.46
N ALA C 343 24.97 -32.38 34.60
CA ALA C 343 25.62 -33.20 35.61
C ALA C 343 25.89 -34.58 35.05
N VAL C 344 26.96 -35.21 35.54
CA VAL C 344 27.34 -36.56 35.16
C VAL C 344 27.59 -37.34 36.44
N GLU C 345 26.92 -38.49 36.58
CA GLU C 345 27.18 -39.36 37.72
C GLU C 345 28.39 -40.23 37.41
N LEU C 346 29.32 -40.30 38.36
CA LEU C 346 30.58 -40.99 38.16
C LEU C 346 30.62 -42.28 38.98
N THR C 347 31.31 -43.27 38.42
CA THR C 347 31.87 -44.39 39.18
C THR C 347 33.27 -43.97 39.61
N GLU C 348 34.10 -44.92 40.04
CA GLU C 348 35.46 -44.56 40.42
C GLU C 348 36.47 -44.76 39.30
N GLN C 349 36.28 -45.73 38.40
CA GLN C 349 37.23 -45.96 37.32
C GLN C 349 36.59 -46.02 35.94
N GLY C 350 35.35 -45.56 35.79
CA GLY C 350 34.64 -45.70 34.54
C GLY C 350 35.07 -44.71 33.47
N SER C 351 34.29 -44.67 32.41
CA SER C 351 34.47 -43.73 31.31
C SER C 351 33.12 -43.10 31.00
N ALA C 352 33.08 -41.77 30.99
CA ALA C 352 31.83 -41.03 30.86
C ALA C 352 31.58 -40.64 29.41
N THR C 353 30.30 -40.48 29.08
CA THR C 353 29.86 -40.08 27.75
C THR C 353 29.05 -38.79 27.87
N ILE C 354 29.51 -37.75 27.19
CA ILE C 354 28.82 -36.47 27.17
C ILE C 354 28.34 -36.19 25.75
N HIS C 355 27.23 -35.47 25.65
CA HIS C 355 26.69 -35.04 24.36
C HIS C 355 26.84 -33.53 24.25
N PHE C 356 27.46 -33.06 23.18
CA PHE C 356 27.67 -31.64 22.99
C PHE C 356 27.13 -31.24 21.62
N SER C 357 27.34 -29.97 21.26
CA SER C 357 26.78 -29.41 20.05
C SER C 357 27.62 -28.23 19.64
N THR C 358 28.12 -28.24 18.40
CA THR C 358 29.06 -27.23 17.97
C THR C 358 28.80 -26.85 16.53
N ALA C 359 29.29 -25.67 16.16
CA ALA C 359 29.31 -25.22 14.77
C ALA C 359 30.69 -25.33 14.16
N ASN C 360 31.66 -25.79 14.93
CA ASN C 360 33.05 -25.79 14.52
C ASN C 360 33.37 -27.00 13.67
N ILE C 361 34.08 -26.78 12.56
CA ILE C 361 34.61 -27.91 11.80
C ILE C 361 35.75 -28.57 12.54
N HIS C 362 36.61 -27.76 13.15
CA HIS C 362 37.75 -28.24 13.95
C HIS C 362 37.57 -27.70 15.36
N PRO C 363 36.83 -28.40 16.22
CA PRO C 363 36.63 -27.91 17.60
C PRO C 363 37.82 -28.24 18.48
N GLU C 364 38.25 -27.25 19.27
CA GLU C 364 39.24 -27.44 20.33
C GLU C 364 38.70 -26.68 21.53
N PHE C 365 37.89 -27.35 22.34
CA PHE C 365 37.27 -26.74 23.49
C PHE C 365 37.72 -27.45 24.76
N ARG C 366 37.85 -26.69 25.83
CA ARG C 366 38.35 -27.18 27.11
C ARG C 366 37.16 -27.46 28.01
N LEU C 367 36.89 -28.74 28.27
CA LEU C 367 35.81 -29.14 29.16
C LEU C 367 36.17 -28.81 30.60
N GLN C 368 35.15 -28.67 31.44
CA GLN C 368 35.33 -28.59 32.88
C GLN C 368 34.53 -29.69 33.54
N ILE C 369 35.22 -30.78 33.90
CA ILE C 369 34.66 -31.83 34.73
C ILE C 369 35.29 -31.62 36.10
N CYS C 370 34.82 -32.36 37.11
CA CYS C 370 34.38 -31.88 38.45
C CYS C 370 35.17 -30.63 38.87
N THR C 371 36.51 -30.67 38.94
CA THR C 371 37.32 -29.49 39.16
C THR C 371 38.50 -29.40 38.21
N SER C 372 38.73 -30.41 37.37
CA SER C 372 39.84 -30.39 36.44
C SER C 372 39.43 -29.73 35.12
N TYR C 373 40.33 -29.80 34.15
CA TYR C 373 40.12 -29.21 32.83
C TYR C 373 40.81 -30.07 31.79
N VAL C 374 40.05 -30.82 31.02
CA VAL C 374 40.60 -31.60 29.93
C VAL C 374 40.36 -30.84 28.63
N THR C 375 41.12 -31.20 27.61
CA THR C 375 41.07 -30.50 26.32
C THR C 375 40.55 -31.46 25.26
N CYS C 376 39.30 -31.25 24.85
CA CYS C 376 38.67 -32.07 23.83
C CYS C 376 39.01 -31.49 22.46
N LYS C 377 39.49 -32.34 21.55
CA LYS C 377 39.99 -31.88 20.27
C LYS C 377 39.65 -32.91 19.19
N GLY C 378 39.16 -32.44 18.05
CA GLY C 378 38.79 -33.34 16.98
C GLY C 378 38.35 -32.60 15.75
N ASP C 379 37.63 -33.32 14.87
CA ASP C 379 37.16 -32.78 13.60
C ASP C 379 35.71 -33.21 13.39
N CYS C 380 34.87 -32.26 13.00
CA CYS C 380 33.47 -32.55 12.72
C CYS C 380 33.20 -32.73 11.23
N HIS C 381 32.04 -33.28 10.94
CA HIS C 381 31.58 -33.65 9.61
C HIS C 381 30.23 -32.99 9.30
N PRO C 382 29.92 -32.74 8.03
CA PRO C 382 28.66 -32.10 7.70
C PRO C 382 27.49 -33.03 7.93
N PRO C 383 26.33 -32.51 8.31
CA PRO C 383 25.14 -33.34 8.52
C PRO C 383 24.51 -33.74 7.19
N LYS C 384 23.36 -34.41 7.28
CA LYS C 384 22.72 -34.92 6.07
C LYS C 384 21.41 -34.23 5.71
N ASP C 385 20.66 -33.71 6.68
CA ASP C 385 19.43 -33.01 6.40
C ASP C 385 19.71 -31.55 6.09
N HIS C 386 19.07 -31.04 5.04
CA HIS C 386 19.22 -29.63 4.72
C HIS C 386 18.40 -28.76 5.66
N ILE C 387 17.17 -29.16 5.95
CA ILE C 387 16.21 -28.35 6.68
C ILE C 387 15.72 -29.17 7.86
N VAL C 388 15.85 -28.62 9.07
CA VAL C 388 15.38 -29.27 10.27
C VAL C 388 14.19 -28.49 10.81
N THR C 389 13.46 -29.11 11.73
CA THR C 389 12.28 -28.52 12.34
C THR C 389 12.48 -28.21 13.82
N HIS C 390 13.68 -27.75 14.18
CA HIS C 390 13.99 -27.34 15.54
C HIS C 390 15.08 -26.30 15.47
N PRO C 391 15.04 -25.27 16.30
CA PRO C 391 16.03 -24.18 16.17
C PRO C 391 17.42 -24.55 16.65
N GLN C 392 18.31 -23.58 16.67
CA GLN C 392 19.74 -23.82 16.79
C GLN C 392 20.16 -23.85 18.26
N TYR C 393 20.85 -24.91 18.65
CA TYR C 393 21.20 -25.14 20.05
C TYR C 393 22.57 -24.57 20.43
N HIS C 394 23.28 -23.94 19.50
CA HIS C 394 24.62 -23.43 19.76
C HIS C 394 24.73 -22.02 19.20
N ALA C 395 25.92 -21.45 19.34
CA ALA C 395 26.18 -20.06 18.99
C ALA C 395 27.02 -19.97 17.72
N GLN C 396 26.82 -18.90 16.96
CA GLN C 396 27.53 -18.68 15.70
C GLN C 396 28.73 -17.80 15.98
N THR C 397 29.86 -18.44 16.26
CA THR C 397 31.10 -17.70 16.46
C THR C 397 31.64 -17.23 15.12
N PHE C 398 32.15 -16.00 15.07
CA PHE C 398 32.86 -15.53 13.89
C PHE C 398 34.15 -16.32 13.74
N THR C 399 34.42 -16.73 12.50
CA THR C 399 35.49 -17.67 12.13
C THR C 399 35.40 -18.96 12.96
N ALA C 400 34.26 -19.63 12.83
CA ALA C 400 34.06 -20.92 13.47
C ALA C 400 34.20 -22.09 12.51
N ALA C 401 34.06 -21.86 11.21
CA ALA C 401 34.00 -22.93 10.23
C ALA C 401 35.05 -22.72 9.15
N VAL C 402 36.29 -22.46 9.56
CA VAL C 402 37.30 -22.01 8.61
C VAL C 402 38.05 -23.19 7.98
N SER C 403 37.98 -24.39 8.58
CA SER C 403 38.37 -25.64 7.92
C SER C 403 39.84 -25.69 7.50
N LYS C 404 40.75 -25.97 8.45
CA LYS C 404 42.18 -25.65 8.50
C LYS C 404 42.96 -25.49 7.21
N THR C 405 42.57 -26.23 6.16
CA THR C 405 43.12 -26.01 4.82
C THR C 405 43.00 -24.55 4.39
N ALA C 406 41.84 -23.93 4.63
CA ALA C 406 41.70 -22.52 4.27
C ALA C 406 42.46 -21.60 5.20
N TRP C 407 42.72 -22.01 6.44
CA TRP C 407 43.70 -21.29 7.26
C TRP C 407 45.07 -21.30 6.61
N THR C 408 45.46 -22.43 6.02
CA THR C 408 46.76 -22.53 5.36
C THR C 408 46.81 -21.66 4.11
N TRP C 409 45.71 -21.62 3.34
CA TRP C 409 45.68 -20.77 2.15
C TRP C 409 45.70 -19.29 2.50
N LEU C 410 44.94 -18.88 3.53
CA LEU C 410 44.97 -17.50 3.98
C LEU C 410 46.33 -17.13 4.55
N THR C 411 46.95 -18.05 5.30
CA THR C 411 48.22 -17.75 5.94
C THR C 411 49.34 -17.66 4.91
N SER C 412 49.29 -18.49 3.85
CA SER C 412 50.25 -18.37 2.77
C SER C 412 50.08 -17.06 2.01
N LEU C 413 48.85 -16.78 1.52
CA LEU C 413 48.60 -15.58 0.74
C LEU C 413 48.71 -14.29 1.55
N LEU C 414 48.69 -14.37 2.88
CA LEU C 414 48.81 -13.19 3.72
C LEU C 414 50.19 -13.04 4.35
N GLY C 415 50.96 -14.11 4.44
CA GLY C 415 52.26 -14.05 5.08
C GLY C 415 53.41 -14.03 4.12
N GLY C 416 53.30 -14.71 2.98
CA GLY C 416 54.37 -14.69 2.00
C GLY C 416 54.60 -13.33 1.41
N SER C 417 53.53 -12.54 1.25
CA SER C 417 53.66 -11.17 0.78
C SER C 417 54.41 -10.30 1.79
N ALA C 418 54.14 -10.49 3.08
CA ALA C 418 54.85 -9.75 4.11
C ALA C 418 56.31 -10.18 4.20
N VAL C 419 56.59 -11.47 4.01
CA VAL C 419 57.97 -11.97 3.97
C VAL C 419 58.74 -11.34 2.81
N ILE C 420 58.12 -11.29 1.64
CA ILE C 420 58.76 -10.74 0.46
C ILE C 420 58.99 -9.23 0.62
N ILE C 421 58.05 -8.52 1.23
CA ILE C 421 58.26 -7.09 1.36
C ILE C 421 59.28 -6.75 2.47
N ILE C 422 59.40 -7.57 3.52
CA ILE C 422 60.42 -7.25 4.50
C ILE C 422 61.81 -7.67 4.02
N ILE C 423 61.92 -8.71 3.19
CA ILE C 423 63.25 -9.00 2.66
C ILE C 423 63.63 -8.00 1.59
N GLY C 424 62.64 -7.41 0.90
CA GLY C 424 62.93 -6.31 0.00
C GLY C 424 63.42 -5.06 0.75
N LEU C 425 62.83 -4.77 1.91
CA LEU C 425 63.27 -3.61 2.68
C LEU C 425 64.66 -3.82 3.28
N VAL C 426 64.94 -5.05 3.75
CA VAL C 426 66.28 -5.36 4.26
C VAL C 426 67.32 -5.31 3.14
N LEU C 427 66.96 -5.78 1.95
CA LEU C 427 67.87 -5.70 0.81
C LEU C 427 68.13 -4.26 0.40
N ALA C 428 67.11 -3.40 0.50
CA ALA C 428 67.30 -1.98 0.21
C ALA C 428 68.24 -1.32 1.22
N THR C 429 68.11 -1.68 2.49
CA THR C 429 69.00 -1.13 3.52
C THR C 429 70.44 -1.59 3.33
N ILE C 430 70.63 -2.87 2.99
CA ILE C 430 71.98 -3.40 2.75
C ILE C 430 72.60 -2.76 1.52
N VAL C 431 71.81 -2.51 0.47
CA VAL C 431 72.32 -1.86 -0.73
C VAL C 431 72.71 -0.41 -0.43
N ALA C 432 71.93 0.29 0.40
CA ALA C 432 72.28 1.65 0.79
C ALA C 432 73.58 1.70 1.59
N MET C 433 73.75 0.76 2.52
CA MET C 433 75.00 0.70 3.28
C MET C 433 76.18 0.33 2.40
N TYR C 434 75.97 -0.51 1.39
CA TYR C 434 77.04 -0.90 0.50
C TYR C 434 77.45 0.25 -0.42
N VAL C 435 76.49 1.09 -0.82
CA VAL C 435 76.81 2.32 -1.56
C VAL C 435 77.62 3.28 -0.71
N LEU C 436 77.20 3.47 0.56
CA LEU C 436 77.93 4.38 1.44
C LEU C 436 79.31 3.84 1.79
N THR C 437 79.49 2.52 1.77
CA THR C 437 80.81 1.93 1.97
C THR C 437 81.69 2.13 0.74
N ASN C 438 81.14 1.91 -0.47
CA ASN C 438 81.94 2.03 -1.67
C ASN C 438 82.26 3.47 -2.05
N GLN C 439 81.51 4.42 -1.51
CA GLN C 439 81.75 5.83 -1.78
C GLN C 439 82.69 6.44 -0.75
N LYS C 440 82.97 5.67 0.31
CA LYS C 440 83.84 6.10 1.39
C LYS C 440 85.27 6.37 0.92
N HIS C 441 85.76 5.52 0.02
CA HIS C 441 87.11 5.65 -0.50
C HIS C 441 87.32 7.01 -1.16
N ASN C 442 86.23 7.61 -1.64
CA ASN C 442 86.29 8.90 -2.30
C ASN C 442 87.73 9.35 -2.51
N ASN D 27 -24.70 -35.42 25.51
CA ASN D 27 -23.49 -34.64 25.76
C ASN D 27 -23.79 -33.17 25.52
N GLU D 28 -23.15 -32.59 24.51
CA GLU D 28 -23.44 -31.23 24.09
C GLU D 28 -23.46 -31.14 22.57
N CYS D 29 -24.39 -30.34 22.06
CA CYS D 29 -24.44 -30.04 20.64
C CYS D 29 -23.49 -28.88 20.33
N ASN D 30 -22.98 -28.89 19.10
CA ASN D 30 -22.08 -27.83 18.65
C ASN D 30 -22.83 -26.51 18.51
N ILE D 31 -24.04 -26.58 17.97
CA ILE D 31 -24.87 -25.40 17.80
C ILE D 31 -25.21 -24.83 19.17
N PRO D 32 -25.34 -23.51 19.26
CA PRO D 32 -25.62 -22.79 20.52
C PRO D 32 -26.93 -23.16 21.21
N GLY D 33 -28.00 -23.38 20.46
CA GLY D 33 -29.28 -23.72 21.08
C GLY D 33 -29.98 -24.93 20.49
N ASN D 34 -29.44 -26.11 20.77
CA ASN D 34 -30.02 -27.36 20.29
C ASN D 34 -30.05 -28.42 21.40
N PHE D 35 -31.04 -29.30 21.34
CA PHE D 35 -31.17 -30.37 22.32
C PHE D 35 -30.75 -31.68 21.68
N MET D 36 -29.95 -32.47 22.40
CA MET D 36 -29.36 -33.69 21.88
C MET D 36 -30.23 -34.89 22.24
N CYS D 37 -30.57 -35.69 21.24
CA CYS D 37 -31.39 -36.87 21.46
C CYS D 37 -30.51 -38.01 22.00
N SER D 38 -31.14 -39.18 22.13
CA SER D 38 -30.48 -40.39 22.59
C SER D 38 -29.44 -40.88 21.57
N ASN D 39 -29.80 -40.75 20.30
CA ASN D 39 -28.96 -41.18 19.18
C ASN D 39 -27.92 -40.14 18.75
N GLY D 40 -27.93 -38.99 19.40
CA GLY D 40 -27.00 -37.92 19.09
C GLY D 40 -27.50 -36.88 18.10
N ARG D 41 -28.69 -37.08 17.54
CA ARG D 41 -29.23 -36.08 16.64
C ARG D 41 -29.64 -34.85 17.43
N CYS D 42 -29.18 -33.68 17.02
CA CYS D 42 -29.51 -32.43 17.69
C CYS D 42 -30.75 -31.83 17.04
N ILE D 43 -31.79 -31.62 17.83
CA ILE D 43 -33.00 -30.94 17.40
C ILE D 43 -33.07 -29.63 18.18
N PRO D 44 -33.75 -28.60 17.66
CA PRO D 44 -33.83 -27.32 18.37
C PRO D 44 -34.52 -27.43 19.71
N GLY D 45 -34.32 -26.39 20.53
CA GLY D 45 -34.70 -26.46 21.93
C GLY D 45 -36.20 -26.40 22.16
N ALA D 46 -36.93 -25.78 21.26
CA ALA D 46 -38.38 -25.66 21.38
C ALA D 46 -39.11 -26.86 20.82
N TRP D 47 -38.40 -27.92 20.45
CA TRP D 47 -39.02 -29.18 20.09
C TRP D 47 -39.03 -30.17 21.24
N GLN D 48 -38.55 -29.76 22.41
CA GLN D 48 -38.53 -30.63 23.58
C GLN D 48 -39.80 -30.40 24.37
N CYS D 49 -40.57 -31.48 24.59
CA CYS D 49 -41.89 -31.46 25.21
C CYS D 49 -42.82 -30.49 24.50
N ASP D 50 -43.07 -30.77 23.22
CA ASP D 50 -44.03 -29.99 22.45
C ASP D 50 -45.24 -30.78 22.01
N GLY D 51 -45.20 -32.11 22.08
CA GLY D 51 -46.33 -32.92 21.69
C GLY D 51 -46.17 -33.66 20.38
N LEU D 52 -45.00 -33.61 19.75
CA LEU D 52 -44.76 -34.34 18.52
C LEU D 52 -43.48 -35.15 18.66
N PRO D 53 -43.42 -36.35 18.09
CA PRO D 53 -42.20 -37.16 18.19
C PRO D 53 -41.15 -36.69 17.19
N ASP D 54 -39.95 -36.45 17.69
CA ASP D 54 -38.87 -35.98 16.84
C ASP D 54 -37.61 -36.82 16.96
N CYS D 55 -37.26 -37.25 18.16
CA CYS D 55 -36.12 -38.14 18.33
C CYS D 55 -36.61 -39.55 17.98
N PHE D 56 -35.68 -40.45 17.66
CA PHE D 56 -36.10 -41.82 17.47
C PHE D 56 -36.36 -42.25 18.90
N ASP D 57 -37.53 -42.84 19.13
CA ASP D 57 -38.04 -43.29 20.45
C ASP D 57 -38.46 -42.14 21.40
N LYS D 58 -38.59 -40.95 20.85
CA LYS D 58 -39.07 -39.76 21.56
C LYS D 58 -38.37 -39.31 22.85
N SER D 59 -37.04 -39.29 22.93
CA SER D 59 -36.50 -38.84 24.21
C SER D 59 -37.05 -37.48 24.61
N ASP D 60 -37.18 -36.57 23.65
CA ASP D 60 -37.67 -35.24 23.96
C ASP D 60 -39.04 -35.26 24.64
N GLU D 61 -39.76 -36.37 24.55
CA GLU D 61 -41.13 -36.45 25.02
C GLU D 61 -41.26 -37.37 26.24
N LYS D 62 -40.24 -37.41 27.09
CA LYS D 62 -40.23 -38.30 28.24
C LYS D 62 -40.60 -37.59 29.54
N GLU D 63 -39.84 -36.58 29.92
CA GLU D 63 -40.00 -35.93 31.22
C GLU D 63 -40.44 -34.50 30.99
N CYS D 64 -41.75 -34.28 31.06
CA CYS D 64 -42.33 -32.97 30.79
C CYS D 64 -42.91 -32.35 32.06
N THR E 4 -35.13 -1.91 46.30
CA THR E 4 -35.57 -2.65 45.13
C THR E 4 -35.96 -1.73 43.99
N THR E 5 -36.86 -2.20 43.14
CA THR E 5 -37.37 -1.43 42.01
C THR E 5 -38.88 -1.50 42.02
N MET E 6 -39.54 -0.34 42.04
CA MET E 6 -40.98 -0.25 42.10
C MET E 6 -41.52 0.24 40.76
N CYS E 7 -42.38 -0.57 40.15
CA CYS E 7 -43.00 -0.20 38.89
C CYS E 7 -44.21 0.70 39.13
N LEU E 8 -44.92 1.05 38.05
CA LEU E 8 -45.97 2.06 38.11
C LEU E 8 -47.16 1.62 37.26
N LEU E 9 -48.36 1.79 37.82
CA LEU E 9 -49.61 1.75 37.09
C LEU E 9 -50.47 2.98 37.34
N ALA E 10 -50.28 3.63 38.49
CA ALA E 10 -50.98 4.81 38.95
C ALA E 10 -49.97 5.52 39.84
N ASN E 11 -50.41 6.33 40.79
CA ASN E 11 -49.50 6.73 41.86
C ASN E 11 -49.37 5.65 42.94
N VAL E 12 -49.06 4.42 42.52
CA VAL E 12 -48.95 3.26 43.40
C VAL E 12 -47.62 2.61 43.06
N THR E 13 -46.64 2.72 43.94
CA THR E 13 -45.35 2.06 43.75
C THR E 13 -45.48 0.63 44.26
N PHE E 14 -45.80 -0.29 43.35
CA PHE E 14 -45.94 -1.70 43.68
C PHE E 14 -44.67 -2.46 43.32
N PRO E 15 -44.41 -3.60 43.96
CA PRO E 15 -43.29 -4.44 43.54
C PRO E 15 -43.54 -5.05 42.17
N CYS E 16 -42.51 -5.00 41.32
CA CYS E 16 -42.65 -5.33 39.91
C CYS E 16 -42.90 -6.82 39.69
N ALA E 17 -42.45 -7.67 40.61
CA ALA E 17 -42.72 -9.10 40.52
C ALA E 17 -44.09 -9.47 41.06
N GLN E 18 -44.84 -8.51 41.61
CA GLN E 18 -46.17 -8.75 42.19
C GLN E 18 -47.20 -7.91 41.42
N PRO E 19 -47.73 -8.42 40.31
CA PRO E 19 -48.74 -7.67 39.57
C PRO E 19 -50.10 -7.80 40.24
N PRO E 20 -50.96 -6.79 40.09
CA PRO E 20 -52.34 -6.93 40.59
C PRO E 20 -53.24 -7.70 39.64
N ILE E 21 -52.94 -7.72 38.35
CA ILE E 21 -53.83 -8.19 37.31
C ILE E 21 -53.11 -9.23 36.46
N CYS E 22 -53.81 -9.74 35.45
CA CYS E 22 -53.27 -10.68 34.48
C CYS E 22 -53.78 -10.29 33.10
N TYR E 23 -53.22 -10.93 32.07
CA TYR E 23 -53.60 -10.61 30.70
C TYR E 23 -54.90 -11.28 30.28
N ASP E 24 -55.20 -12.47 30.83
CA ASP E 24 -56.47 -13.10 30.50
C ASP E 24 -57.66 -12.42 31.17
N ARG E 25 -57.42 -11.58 32.17
CA ARG E 25 -58.48 -10.79 32.80
C ARG E 25 -58.73 -9.50 32.03
N LYS E 26 -57.70 -8.66 31.90
CA LYS E 26 -57.85 -7.34 31.29
C LYS E 26 -57.22 -7.33 29.91
N PRO E 27 -57.92 -6.84 28.89
CA PRO E 27 -57.31 -6.83 27.55
C PRO E 27 -56.25 -5.76 27.39
N ALA E 28 -56.44 -4.57 27.96
CA ALA E 28 -55.55 -3.44 27.72
C ALA E 28 -55.06 -2.75 28.97
N GLU E 29 -55.21 -3.34 30.16
CA GLU E 29 -54.64 -2.74 31.35
C GLU E 29 -53.26 -3.26 31.69
N THR E 30 -52.95 -4.52 31.35
CA THR E 30 -51.56 -4.96 31.36
C THR E 30 -50.75 -4.18 30.33
N LEU E 31 -51.38 -3.84 29.22
CA LEU E 31 -50.73 -3.04 28.19
C LEU E 31 -50.47 -1.63 28.68
N ALA E 32 -51.43 -1.06 29.42
CA ALA E 32 -51.24 0.26 30.03
C ALA E 32 -50.21 0.21 31.15
N MET E 33 -50.03 -0.95 31.78
CA MET E 33 -48.99 -1.08 32.79
C MET E 33 -47.61 -1.15 32.15
N LEU E 34 -47.52 -1.83 30.99
CA LEU E 34 -46.26 -1.87 30.26
C LEU E 34 -45.99 -0.58 29.49
N SER E 35 -46.98 0.31 29.40
CA SER E 35 -46.79 1.62 28.78
C SER E 35 -45.74 2.45 29.50
N VAL E 36 -46.02 2.82 30.75
CA VAL E 36 -45.16 3.73 31.49
C VAL E 36 -43.91 3.06 32.02
N ASN E 37 -43.84 1.73 31.95
CA ASN E 37 -42.75 0.95 32.52
C ASN E 37 -41.75 0.48 31.48
N VAL E 38 -41.64 1.18 30.34
CA VAL E 38 -40.65 0.82 29.34
C VAL E 38 -39.24 1.15 29.84
N ASP E 39 -39.07 2.36 30.37
CA ASP E 39 -37.80 2.78 30.98
C ASP E 39 -37.77 2.22 32.39
N ASN E 40 -37.38 0.96 32.50
CA ASN E 40 -37.39 0.26 33.77
C ASN E 40 -36.37 -0.86 33.75
N PRO E 41 -35.46 -0.92 34.73
CA PRO E 41 -34.53 -2.06 34.80
C PRO E 41 -35.19 -3.36 35.23
N GLY E 42 -36.45 -3.36 35.63
CA GLY E 42 -37.16 -4.58 35.95
C GLY E 42 -38.33 -4.84 35.02
N TYR E 43 -38.19 -4.45 33.75
CA TYR E 43 -39.24 -4.70 32.76
C TYR E 43 -39.41 -6.20 32.51
N ASP E 44 -38.29 -6.93 32.47
CA ASP E 44 -38.33 -8.37 32.24
C ASP E 44 -38.98 -9.10 33.41
N GLU E 45 -38.67 -8.68 34.64
CA GLU E 45 -39.31 -9.24 35.83
C GLU E 45 -40.79 -8.93 35.84
N LEU E 46 -41.15 -7.67 35.52
CA LEU E 46 -42.54 -7.24 35.48
C LEU E 46 -43.36 -8.04 34.47
N LEU E 47 -42.83 -8.21 33.26
CA LEU E 47 -43.53 -8.94 32.22
C LEU E 47 -43.66 -10.43 32.54
N GLU E 48 -42.55 -11.07 32.94
CA GLU E 48 -42.58 -12.50 33.21
C GLU E 48 -43.43 -12.84 34.43
N ALA E 49 -43.53 -11.94 35.41
CA ALA E 49 -44.44 -12.16 36.52
C ALA E 49 -45.86 -11.74 36.17
N ALA E 50 -46.03 -10.84 35.20
CA ALA E 50 -47.31 -10.20 34.96
C ALA E 50 -48.16 -10.91 33.92
N VAL E 51 -47.58 -11.77 33.08
CA VAL E 51 -48.43 -12.56 32.19
C VAL E 51 -49.18 -13.62 32.98
N LYS E 52 -48.44 -14.52 33.64
CA LYS E 52 -49.03 -15.67 34.29
C LYS E 52 -49.69 -15.27 35.60
N CYS E 53 -50.41 -16.22 36.20
CA CYS E 53 -51.14 -15.99 37.44
C CYS E 53 -50.19 -15.89 38.63
N SER F 1 -39.93 -24.66 30.78
CA SER F 1 -41.13 -23.96 30.34
C SER F 1 -40.85 -23.04 29.15
N THR F 2 -41.55 -23.27 28.05
CA THR F 2 -41.43 -22.42 26.88
C THR F 2 -42.51 -21.35 26.82
N GLU F 3 -43.64 -21.56 27.51
CA GLU F 3 -44.76 -20.63 27.45
C GLU F 3 -44.42 -19.31 28.16
N GLU F 4 -43.51 -19.34 29.13
CA GLU F 4 -43.04 -18.13 29.78
C GLU F 4 -42.16 -17.29 28.84
N LEU F 5 -41.72 -17.87 27.73
CA LEU F 5 -40.93 -17.18 26.72
C LEU F 5 -41.79 -16.79 25.51
N PHE F 6 -42.83 -17.57 25.22
CA PHE F 6 -43.83 -17.20 24.23
C PHE F 6 -44.85 -16.20 24.75
N ASN F 7 -44.79 -15.81 26.02
CA ASN F 7 -45.87 -15.03 26.62
C ASN F 7 -45.89 -13.62 26.09
N GLU F 8 -44.75 -13.16 25.55
CA GLU F 8 -44.67 -11.83 24.98
C GLU F 8 -45.49 -11.70 23.71
N TYR F 9 -45.47 -12.72 22.88
CA TYR F 9 -46.13 -12.67 21.59
C TYR F 9 -47.60 -13.06 21.66
N LYS F 10 -48.09 -13.45 22.85
CA LYS F 10 -49.52 -13.53 23.07
C LYS F 10 -50.14 -12.14 23.07
N LEU F 11 -49.36 -11.13 23.45
CA LEU F 11 -49.80 -9.75 23.51
C LEU F 11 -50.00 -9.10 22.15
N THR F 12 -49.46 -9.69 21.08
CA THR F 12 -49.42 -9.07 19.77
C THR F 12 -50.20 -9.85 18.74
N ARG F 13 -50.36 -9.24 17.57
CA ARG F 13 -51.08 -9.80 16.44
C ARG F 13 -50.21 -9.74 15.19
N PRO F 14 -50.48 -10.59 14.22
CA PRO F 14 -49.89 -10.40 12.89
C PRO F 14 -50.54 -9.23 12.17
N TYR F 15 -49.88 -8.77 11.10
CA TYR F 15 -50.38 -7.64 10.35
C TYR F 15 -50.03 -7.81 8.87
N MET F 16 -50.72 -7.05 8.03
CA MET F 16 -50.43 -6.96 6.61
C MET F 16 -49.61 -5.71 6.31
N ALA F 17 -48.77 -5.80 5.30
CA ALA F 17 -47.88 -4.70 4.94
C ALA F 17 -47.57 -4.78 3.46
N ARG F 18 -46.71 -3.88 3.01
CA ARG F 18 -46.49 -3.67 1.58
C ARG F 18 -45.30 -4.48 1.08
N CYS F 19 -45.53 -5.27 0.04
CA CYS F 19 -44.50 -6.05 -0.62
C CYS F 19 -44.46 -5.62 -2.07
N ILE F 20 -43.30 -5.15 -2.52
CA ILE F 20 -43.25 -4.52 -3.83
C ILE F 20 -43.19 -5.55 -4.96
N ARG F 21 -43.01 -6.82 -4.62
CA ARG F 21 -42.88 -7.86 -5.63
C ARG F 21 -43.64 -9.08 -5.13
N CYS F 22 -44.94 -9.14 -5.43
CA CYS F 22 -45.86 -10.19 -5.01
C CYS F 22 -45.98 -11.23 -6.12
N ALA F 23 -47.02 -12.08 -6.01
CA ALA F 23 -47.21 -13.15 -6.97
C ALA F 23 -47.60 -12.64 -8.35
N VAL F 24 -48.19 -11.46 -8.45
CA VAL F 24 -48.55 -10.87 -9.74
C VAL F 24 -47.93 -9.49 -9.88
N GLY F 25 -48.21 -8.60 -8.93
CA GLY F 25 -47.70 -7.25 -8.98
C GLY F 25 -47.13 -6.84 -7.64
N SER F 26 -47.50 -5.65 -7.21
CA SER F 26 -47.13 -5.11 -5.90
C SER F 26 -48.40 -5.03 -5.06
N CYS F 27 -48.48 -5.87 -4.03
CA CYS F 27 -49.71 -6.06 -3.29
C CYS F 27 -49.55 -5.58 -1.86
N HIS F 28 -50.57 -5.86 -1.04
CA HIS F 28 -50.50 -5.76 0.41
C HIS F 28 -50.46 -7.17 0.94
N SER F 29 -49.41 -7.50 1.68
CA SER F 29 -49.15 -8.91 1.79
C SER F 29 -49.21 -9.38 3.24
N PRO F 30 -49.65 -10.61 3.49
CA PRO F 30 -49.56 -11.16 4.85
C PRO F 30 -48.16 -11.56 5.27
N ILE F 31 -47.24 -11.72 4.32
CA ILE F 31 -45.91 -12.26 4.60
C ILE F 31 -44.83 -11.28 4.17
N ALA F 32 -45.09 -9.98 4.35
CA ALA F 32 -44.10 -8.95 4.12
C ALA F 32 -42.85 -9.18 4.97
N ILE F 33 -41.70 -8.98 4.37
CA ILE F 33 -40.41 -9.32 4.97
C ILE F 33 -39.76 -8.03 5.41
N GLU F 34 -39.69 -7.81 6.73
CA GLU F 34 -39.14 -6.57 7.24
C GLU F 34 -37.63 -6.54 7.11
N ALA F 35 -36.96 -7.65 7.39
CA ALA F 35 -35.51 -7.68 7.38
C ALA F 35 -35.03 -9.09 7.11
N VAL F 36 -33.78 -9.20 6.67
CA VAL F 36 -33.04 -10.45 6.63
C VAL F 36 -31.67 -10.18 7.21
N LYS F 37 -31.32 -10.89 8.28
CA LYS F 37 -30.00 -10.77 8.89
C LYS F 37 -29.28 -12.09 8.69
N SER F 38 -28.11 -12.04 8.07
CA SER F 38 -27.32 -13.23 7.80
C SER F 38 -25.88 -12.91 8.14
N ASP F 39 -25.54 -13.05 9.42
CA ASP F 39 -24.20 -12.79 9.90
C ASP F 39 -23.55 -13.99 10.54
N GLY F 40 -24.28 -15.07 10.73
CA GLY F 40 -23.70 -16.32 11.15
C GLY F 40 -22.94 -16.95 10.02
N HIS F 41 -22.27 -18.06 10.34
CA HIS F 41 -21.38 -18.66 9.36
C HIS F 41 -22.07 -19.60 8.38
N ASP F 42 -22.54 -20.74 8.85
CA ASP F 42 -22.74 -21.88 7.96
C ASP F 42 -24.11 -21.90 7.29
N GLY F 43 -24.66 -20.72 6.99
CA GLY F 43 -25.81 -20.63 6.13
C GLY F 43 -27.09 -20.25 6.81
N TYR F 44 -27.03 -19.76 8.03
CA TYR F 44 -28.21 -19.49 8.83
C TYR F 44 -28.59 -18.02 8.72
N VAL F 45 -29.79 -17.76 8.22
CA VAL F 45 -30.32 -16.41 8.14
C VAL F 45 -31.38 -16.28 9.22
N ARG F 46 -31.84 -15.06 9.43
CA ARG F 46 -32.89 -14.79 10.40
C ARG F 46 -33.83 -13.75 9.82
N LEU F 47 -34.97 -14.20 9.29
CA LEU F 47 -35.94 -13.30 8.72
C LEU F 47 -36.78 -12.68 9.82
N GLN F 48 -37.11 -11.41 9.67
CA GLN F 48 -38.19 -10.78 10.42
C GLN F 48 -39.33 -10.53 9.45
N THR F 49 -40.42 -11.26 9.63
CA THR F 49 -41.54 -11.21 8.72
C THR F 49 -42.70 -10.48 9.35
N SER F 50 -43.76 -10.31 8.57
CA SER F 50 -44.97 -9.65 9.05
C SER F 50 -45.91 -10.64 9.73
N SER F 51 -45.70 -11.93 9.55
CA SER F 51 -46.52 -12.96 10.17
C SER F 51 -45.99 -13.26 11.56
N GLN F 52 -46.53 -14.29 12.20
CA GLN F 52 -46.03 -14.78 13.47
C GLN F 52 -46.04 -16.29 13.47
N TYR F 53 -45.19 -16.88 14.30
CA TYR F 53 -44.90 -18.30 14.23
C TYR F 53 -45.05 -18.91 15.61
N GLY F 54 -45.40 -20.19 15.64
CA GLY F 54 -45.53 -20.90 16.90
C GLY F 54 -46.77 -20.61 17.69
N LEU F 55 -47.69 -19.81 17.17
CA LEU F 55 -48.95 -19.52 17.84
C LEU F 55 -50.10 -19.82 16.89
N ASP F 56 -51.20 -20.27 17.45
CA ASP F 56 -52.41 -20.49 16.67
C ASP F 56 -53.28 -19.25 16.71
N SER F 57 -54.41 -19.28 15.98
CA SER F 57 -55.21 -18.10 15.71
C SER F 57 -55.92 -17.53 16.93
N SER F 58 -55.90 -18.23 18.06
CA SER F 58 -56.49 -17.71 19.30
C SER F 58 -55.45 -17.03 20.18
N GLY F 59 -54.27 -17.63 20.32
CA GLY F 59 -53.25 -17.07 21.17
C GLY F 59 -52.55 -18.10 22.02
N ASN F 60 -52.88 -19.37 21.81
CA ASN F 60 -52.25 -20.47 22.54
C ASN F 60 -50.98 -20.89 21.80
N LEU F 61 -50.44 -22.05 22.15
CA LEU F 61 -49.23 -22.56 21.54
C LEU F 61 -49.57 -23.72 20.63
N LYS F 62 -49.04 -23.67 19.40
CA LYS F 62 -48.97 -24.86 18.56
C LYS F 62 -47.57 -24.90 17.96
N GLY F 63 -47.09 -26.10 17.67
CA GLY F 63 -45.70 -26.33 17.37
C GLY F 63 -45.14 -25.68 16.12
N ARG F 64 -45.60 -26.11 14.95
CA ARG F 64 -45.04 -25.64 13.68
C ARG F 64 -46.18 -25.00 12.91
N THR F 65 -46.49 -23.75 13.23
CA THR F 65 -47.51 -23.02 12.48
C THR F 65 -47.06 -21.61 12.18
N MET F 66 -47.71 -21.01 11.20
CA MET F 66 -47.56 -19.60 10.89
C MET F 66 -48.92 -18.94 11.09
N ARG F 67 -48.93 -17.86 11.85
CA ARG F 67 -50.15 -17.12 12.15
C ARG F 67 -50.06 -15.78 11.44
N TYR F 68 -50.76 -15.65 10.32
CA TYR F 68 -50.74 -14.39 9.57
C TYR F 68 -52.09 -13.68 9.68
N ASP F 69 -52.11 -12.45 9.20
CA ASP F 69 -53.31 -11.63 9.13
C ASP F 69 -53.85 -11.69 7.71
N MET F 70 -55.17 -11.62 7.58
CA MET F 70 -55.81 -11.65 6.27
C MET F 70 -57.00 -10.70 6.31
N HIS F 71 -56.75 -9.43 5.96
CA HIS F 71 -57.76 -8.38 5.86
C HIS F 71 -58.51 -8.18 7.19
N GLY F 72 -57.79 -8.34 8.29
CA GLY F 72 -58.41 -8.28 9.60
C GLY F 72 -58.51 -9.64 10.25
N THR F 73 -58.92 -10.64 9.48
CA THR F 73 -59.19 -11.96 10.03
C THR F 73 -57.90 -12.76 10.11
N ILE F 74 -57.53 -13.16 11.31
CA ILE F 74 -56.25 -13.79 11.58
C ILE F 74 -56.38 -15.30 11.37
N LYS F 75 -55.65 -15.82 10.38
CA LYS F 75 -55.73 -17.22 9.97
C LYS F 75 -54.39 -17.90 10.20
N GLU F 76 -54.32 -19.19 9.87
CA GLU F 76 -53.13 -19.98 10.14
C GLU F 76 -52.96 -21.09 9.12
N ILE F 77 -51.71 -21.51 8.95
CA ILE F 77 -51.34 -22.74 8.22
C ILE F 77 -50.21 -23.42 8.99
N PRO F 78 -49.96 -24.70 8.72
CA PRO F 78 -48.75 -25.32 9.24
C PRO F 78 -47.51 -24.76 8.57
N LEU F 79 -46.37 -24.90 9.24
CA LEU F 79 -45.14 -24.30 8.76
C LEU F 79 -44.53 -25.05 7.59
N HIS F 80 -44.90 -26.32 7.39
CA HIS F 80 -44.34 -27.03 6.24
C HIS F 80 -45.07 -26.72 4.94
N GLN F 81 -46.08 -25.86 4.96
CA GLN F 81 -46.64 -25.32 3.74
C GLN F 81 -45.86 -24.13 3.22
N VAL F 82 -45.23 -23.38 4.12
CA VAL F 82 -44.39 -22.25 3.75
C VAL F 82 -43.05 -22.76 3.25
N SER F 83 -42.64 -22.31 2.08
CA SER F 83 -41.28 -22.52 1.58
C SER F 83 -40.66 -21.17 1.28
N LEU F 84 -39.33 -21.13 1.24
CA LEU F 84 -38.66 -19.97 0.71
C LEU F 84 -37.37 -20.39 0.00
N TYR F 85 -36.80 -19.45 -0.74
CA TYR F 85 -35.63 -19.72 -1.55
C TYR F 85 -34.89 -18.41 -1.81
N THR F 86 -33.60 -18.53 -2.12
CA THR F 86 -32.78 -17.40 -2.54
C THR F 86 -32.32 -17.54 -3.97
N SER F 87 -31.58 -18.58 -4.28
CA SER F 87 -31.29 -19.08 -5.61
C SER F 87 -31.57 -20.57 -5.71
N ARG F 88 -31.26 -21.30 -4.66
CA ARG F 88 -31.67 -22.65 -4.37
C ARG F 88 -32.79 -22.62 -3.35
N PRO F 89 -33.51 -23.73 -3.16
CA PRO F 89 -34.46 -23.78 -2.04
C PRO F 89 -33.75 -23.78 -0.70
N CYS F 90 -34.31 -23.03 0.25
CA CYS F 90 -33.85 -23.01 1.62
C CYS F 90 -34.57 -24.09 2.43
N HIS F 91 -34.29 -24.14 3.73
CA HIS F 91 -34.90 -25.12 4.62
C HIS F 91 -35.22 -24.43 5.94
N ILE F 92 -36.51 -24.31 6.27
CA ILE F 92 -36.91 -23.62 7.48
C ILE F 92 -36.61 -24.50 8.69
N VAL F 93 -36.08 -23.89 9.75
CA VAL F 93 -35.83 -24.63 10.98
C VAL F 93 -37.03 -24.48 11.90
N ASP F 94 -37.28 -23.26 12.37
CA ASP F 94 -38.34 -23.03 13.36
C ASP F 94 -38.64 -21.53 13.37
N GLY F 95 -39.64 -21.14 14.15
CA GLY F 95 -40.00 -19.74 14.26
C GLY F 95 -40.47 -19.41 15.66
N HIS F 96 -40.44 -18.11 15.98
CA HIS F 96 -40.85 -17.64 17.30
C HIS F 96 -41.27 -16.18 17.19
N GLY F 97 -42.57 -15.93 17.13
CA GLY F 97 -43.03 -14.56 17.05
C GLY F 97 -42.79 -14.01 15.67
N TYR F 98 -42.27 -12.79 15.54
CA TYR F 98 -42.10 -12.19 14.23
C TYR F 98 -40.90 -12.72 13.45
N PHE F 99 -40.26 -13.80 13.87
CA PHE F 99 -38.96 -14.17 13.36
C PHE F 99 -38.96 -15.60 12.88
N LEU F 100 -37.94 -15.95 12.10
CA LEU F 100 -37.82 -17.27 11.50
C LEU F 100 -36.34 -17.54 11.30
N LEU F 101 -35.97 -18.81 11.30
CA LEU F 101 -34.58 -19.22 11.17
C LEU F 101 -34.53 -20.21 10.02
N ALA F 102 -33.92 -19.84 8.92
CA ALA F 102 -33.81 -20.73 7.79
C ALA F 102 -32.37 -21.19 7.66
N ARG F 103 -32.13 -22.04 6.67
CA ARG F 103 -30.78 -22.48 6.35
C ARG F 103 -30.60 -22.23 4.86
N CYS F 104 -30.24 -21.04 4.53
CA CYS F 104 -30.27 -20.57 3.15
C CYS F 104 -28.88 -20.54 2.53
N PRO F 105 -28.80 -20.79 1.23
CA PRO F 105 -27.56 -20.53 0.49
C PRO F 105 -27.51 -19.06 0.11
N ALA F 106 -26.41 -18.67 -0.53
CA ALA F 106 -26.22 -17.28 -0.88
C ALA F 106 -27.09 -16.88 -2.06
N GLY F 107 -27.47 -15.62 -2.08
CA GLY F 107 -28.19 -15.08 -3.21
C GLY F 107 -28.40 -13.61 -3.03
N ASP F 108 -29.27 -13.04 -3.85
CA ASP F 108 -29.51 -11.61 -3.82
C ASP F 108 -30.94 -11.24 -3.44
N SER F 109 -31.79 -12.20 -3.08
CA SER F 109 -33.15 -11.91 -2.64
C SER F 109 -33.69 -13.08 -1.82
N ILE F 110 -34.79 -12.81 -1.14
CA ILE F 110 -35.57 -13.79 -0.39
C ILE F 110 -36.97 -13.81 -1.00
N THR F 111 -37.50 -15.01 -1.26
CA THR F 111 -38.88 -15.16 -1.70
C THR F 111 -39.58 -16.17 -0.82
N MET F 112 -40.34 -15.70 0.17
CA MET F 112 -41.22 -16.56 0.96
C MET F 112 -42.55 -16.72 0.24
N GLU F 113 -43.08 -17.94 0.23
CA GLU F 113 -44.36 -18.16 -0.43
C GLU F 113 -45.09 -19.33 0.19
N PHE F 114 -46.42 -19.25 0.19
CA PHE F 114 -47.29 -20.34 0.60
C PHE F 114 -48.54 -20.31 -0.28
N LYS F 115 -49.31 -21.38 -0.21
CA LYS F 115 -50.43 -21.58 -1.13
C LYS F 115 -51.67 -21.98 -0.36
N LYS F 116 -52.76 -21.28 -0.64
CA LYS F 116 -54.08 -21.57 -0.09
C LYS F 116 -54.78 -22.54 -1.07
N ASP F 117 -56.11 -22.68 -1.00
CA ASP F 117 -56.84 -23.56 -1.91
C ASP F 117 -56.56 -23.25 -3.38
N SER F 118 -56.62 -21.97 -3.75
CA SER F 118 -56.16 -21.61 -5.09
C SER F 118 -55.33 -20.34 -5.13
N VAL F 119 -55.35 -19.50 -4.11
CA VAL F 119 -54.61 -18.24 -4.12
C VAL F 119 -53.19 -18.51 -3.64
N ARG F 120 -52.21 -18.13 -4.45
CA ARG F 120 -50.79 -18.29 -4.12
C ARG F 120 -50.26 -16.96 -3.63
N HIS F 121 -49.72 -16.94 -2.42
CA HIS F 121 -49.17 -15.73 -1.83
C HIS F 121 -47.66 -15.77 -1.91
N SER F 122 -47.04 -14.60 -2.14
CA SER F 122 -45.59 -14.51 -2.22
C SER F 122 -45.14 -13.13 -1.78
N CYS F 123 -43.84 -13.01 -1.53
CA CYS F 123 -43.21 -11.73 -1.26
C CYS F 123 -41.73 -11.87 -1.57
N SER F 124 -41.23 -11.04 -2.50
CA SER F 124 -39.81 -10.98 -2.80
C SER F 124 -39.27 -9.61 -2.47
N VAL F 125 -38.14 -9.56 -1.77
CA VAL F 125 -37.50 -8.30 -1.43
C VAL F 125 -36.03 -8.36 -1.84
N PRO F 126 -35.48 -7.29 -2.39
CA PRO F 126 -34.07 -7.31 -2.86
C PRO F 126 -33.08 -7.12 -1.71
N TYR F 127 -32.99 -8.11 -0.84
CA TYR F 127 -32.06 -8.09 0.28
C TYR F 127 -31.05 -9.20 0.05
N GLU F 128 -29.78 -8.82 0.04
CA GLU F 128 -28.70 -9.77 -0.19
C GLU F 128 -28.59 -10.77 0.95
N VAL F 129 -28.57 -12.05 0.62
CA VAL F 129 -28.34 -13.13 1.56
C VAL F 129 -26.95 -13.69 1.29
N LYS F 130 -26.07 -13.61 2.29
CA LYS F 130 -24.68 -13.97 2.10
C LYS F 130 -24.29 -15.19 2.92
N PHE F 131 -23.32 -15.93 2.41
CA PHE F 131 -22.85 -17.18 3.00
C PHE F 131 -21.41 -17.00 3.43
N ASN F 132 -21.10 -17.31 4.70
CA ASN F 132 -19.81 -16.99 5.28
C ASN F 132 -19.08 -18.24 5.73
N PRO F 133 -17.95 -18.60 5.15
CA PRO F 133 -17.21 -19.77 5.61
C PRO F 133 -16.36 -19.44 6.82
N VAL F 134 -15.91 -20.49 7.51
CA VAL F 134 -15.07 -20.37 8.69
C VAL F 134 -13.65 -20.71 8.29
N GLY F 135 -12.69 -19.95 8.80
CA GLY F 135 -11.30 -20.30 8.62
C GLY F 135 -10.68 -19.88 7.32
N ARG F 136 -9.83 -20.73 6.75
CA ARG F 136 -9.04 -20.36 5.60
C ARG F 136 -9.16 -21.36 4.46
N GLU F 137 -10.27 -22.08 4.35
CA GLU F 137 -10.56 -22.87 3.16
C GLU F 137 -11.97 -22.53 2.74
N LEU F 138 -12.09 -21.81 1.63
CA LEU F 138 -13.36 -21.23 1.21
C LEU F 138 -14.20 -22.32 0.55
N TYR F 139 -15.20 -22.81 1.27
CA TYR F 139 -16.18 -23.72 0.74
C TYR F 139 -17.47 -22.97 0.44
N THR F 140 -18.48 -23.71 -0.04
CA THR F 140 -19.82 -23.17 -0.25
C THR F 140 -20.89 -24.07 0.35
N HIS F 141 -20.64 -25.35 0.46
CA HIS F 141 -21.40 -26.26 1.27
C HIS F 141 -20.45 -26.83 2.31
N PRO F 142 -20.84 -26.87 3.60
CA PRO F 142 -19.90 -27.28 4.63
C PRO F 142 -19.57 -28.75 4.51
N PRO F 143 -18.36 -29.16 4.88
CA PRO F 143 -17.85 -30.46 4.46
C PRO F 143 -18.40 -31.58 5.33
N GLU F 144 -17.99 -32.79 5.00
CA GLU F 144 -18.39 -33.96 5.75
C GLU F 144 -17.59 -34.11 7.04
N HIS F 145 -16.33 -33.65 7.03
CA HIS F 145 -15.39 -33.94 8.09
C HIS F 145 -14.23 -32.95 8.02
N GLY F 146 -13.41 -32.97 9.06
CA GLY F 146 -12.23 -32.12 9.12
C GLY F 146 -11.80 -31.89 10.56
N VAL F 147 -11.63 -30.64 10.94
CA VAL F 147 -11.40 -30.26 12.32
C VAL F 147 -12.48 -29.26 12.71
N GLU F 148 -12.55 -28.96 13.99
CA GLU F 148 -13.55 -28.02 14.50
C GLU F 148 -12.92 -26.71 14.90
N GLN F 149 -13.66 -25.63 14.60
CA GLN F 149 -13.25 -24.26 14.86
C GLN F 149 -14.37 -23.46 15.54
N ALA F 150 -13.99 -22.37 16.20
CA ALA F 150 -14.92 -21.55 16.94
C ALA F 150 -15.63 -20.63 15.96
N CYS F 151 -16.92 -20.86 15.79
CA CYS F 151 -17.73 -20.11 14.85
C CYS F 151 -18.83 -19.40 15.62
N GLN F 152 -19.63 -18.63 14.91
CA GLN F 152 -20.80 -17.96 15.48
C GLN F 152 -21.98 -18.23 14.58
N VAL F 153 -22.99 -18.90 15.11
CA VAL F 153 -24.21 -19.17 14.36
C VAL F 153 -25.38 -18.59 15.13
N TYR F 154 -26.50 -18.43 14.43
CA TYR F 154 -27.70 -18.00 15.11
C TYR F 154 -28.25 -19.14 15.95
N ALA F 155 -28.65 -18.83 17.17
CA ALA F 155 -29.11 -19.85 18.10
C ALA F 155 -30.44 -20.42 17.68
N HIS F 156 -30.64 -21.70 17.94
CA HIS F 156 -31.85 -22.39 17.52
C HIS F 156 -33.02 -22.32 18.50
N ASP F 157 -32.83 -21.64 19.62
CA ASP F 157 -33.89 -21.53 20.60
C ASP F 157 -34.14 -20.08 20.97
N ALA F 158 -35.40 -19.76 21.21
CA ALA F 158 -35.79 -18.47 21.77
C ALA F 158 -35.34 -18.48 23.22
N GLN F 159 -34.79 -17.36 23.67
CA GLN F 159 -34.27 -17.22 25.02
C GLN F 159 -33.98 -15.74 25.26
N ASN F 160 -34.32 -15.26 26.44
CA ASN F 160 -34.26 -13.82 26.70
C ASN F 160 -32.81 -13.40 26.91
N ARG F 161 -32.25 -12.78 25.87
CA ARG F 161 -30.94 -12.16 25.96
C ARG F 161 -31.14 -10.67 25.71
N GLY F 162 -30.12 -9.88 26.00
CA GLY F 162 -30.29 -8.45 26.05
C GLY F 162 -30.45 -7.75 24.72
N ALA F 163 -31.56 -8.00 24.02
CA ALA F 163 -31.82 -7.35 22.74
C ALA F 163 -33.32 -7.33 22.49
N TYR F 164 -33.89 -6.13 22.34
CA TYR F 164 -35.32 -5.96 22.32
C TYR F 164 -35.78 -5.22 21.07
N VAL F 165 -36.97 -5.59 20.57
CA VAL F 165 -37.67 -4.81 19.56
C VAL F 165 -38.90 -4.19 20.19
N GLU F 166 -39.41 -3.17 19.53
CA GLU F 166 -40.26 -2.15 20.15
C GLU F 166 -41.69 -2.28 19.63
N MET F 167 -42.65 -2.39 20.55
CA MET F 167 -44.06 -2.48 20.22
C MET F 167 -44.74 -1.12 20.30
N HIS F 168 -45.85 -0.98 19.59
CA HIS F 168 -46.58 0.28 19.55
C HIS F 168 -48.05 0.00 19.33
N LEU F 169 -48.89 0.99 19.68
CA LEU F 169 -50.30 0.97 19.33
C LEU F 169 -50.48 0.98 17.82
N PRO F 170 -51.25 0.06 17.25
CA PRO F 170 -51.58 0.15 15.84
C PRO F 170 -52.49 1.33 15.56
N GLY F 171 -52.37 1.86 14.35
CA GLY F 171 -53.21 2.94 13.90
C GLY F 171 -54.56 2.44 13.45
N SER F 172 -55.32 3.33 12.82
CA SER F 172 -56.63 2.96 12.33
C SER F 172 -56.48 2.51 10.89
N GLU F 173 -56.95 1.31 10.59
CA GLU F 173 -56.86 0.80 9.24
C GLU F 173 -58.20 1.00 8.57
N VAL F 174 -58.21 1.83 7.53
CA VAL F 174 -59.45 2.10 6.84
C VAL F 174 -59.91 0.81 6.17
N ASP F 175 -61.18 0.46 6.36
CA ASP F 175 -61.70 -0.74 5.74
C ASP F 175 -62.95 -0.44 4.92
N SER F 176 -62.86 -0.67 3.62
CA SER F 176 -63.97 -0.45 2.70
C SER F 176 -65.16 -1.40 2.87
N SER F 177 -64.88 -2.66 3.15
CA SER F 177 -65.91 -3.68 3.23
C SER F 177 -66.94 -3.40 4.31
N LEU F 178 -66.79 -2.28 5.04
CA LEU F 178 -67.74 -1.89 6.06
C LEU F 178 -68.81 -0.97 5.48
N VAL F 179 -68.39 0.09 4.80
CA VAL F 179 -69.31 1.06 4.22
C VAL F 179 -70.04 0.44 3.03
N SER F 180 -71.37 0.57 3.01
CA SER F 180 -72.19 0.11 1.92
C SER F 180 -73.26 1.14 1.62
N LEU F 181 -73.89 1.02 0.45
CA LEU F 181 -74.96 1.92 0.06
C LEU F 181 -76.33 1.30 0.31
N SER F 182 -77.15 2.04 1.04
CA SER F 182 -78.60 1.87 1.09
C SER F 182 -79.22 2.58 -0.09
N GLY F 183 -80.52 2.82 0.00
CA GLY F 183 -81.22 3.56 -1.03
C GLY F 183 -80.74 4.99 -1.21
N SER F 184 -80.63 5.73 -0.10
CA SER F 184 -80.26 7.14 -0.18
C SER F 184 -79.16 7.56 0.77
N SER F 185 -78.88 6.81 1.82
CA SER F 185 -77.87 7.17 2.80
C SER F 185 -76.68 6.22 2.69
N VAL F 186 -75.67 6.47 3.52
CA VAL F 186 -74.45 5.68 3.54
C VAL F 186 -74.48 4.81 4.79
N THR F 187 -74.48 3.51 4.60
CA THR F 187 -74.68 2.53 5.66
C THR F 187 -73.33 1.99 6.10
N VAL F 188 -73.00 2.18 7.37
CA VAL F 188 -71.74 1.72 7.95
C VAL F 188 -72.05 0.62 8.95
N THR F 189 -71.48 -0.56 8.74
CA THR F 189 -71.72 -1.74 9.57
C THR F 189 -70.41 -2.13 10.23
N PRO F 190 -70.12 -1.64 11.43
CA PRO F 190 -68.89 -2.04 12.12
C PRO F 190 -68.94 -3.51 12.50
N PRO F 191 -67.79 -4.18 12.57
CA PRO F 191 -67.79 -5.60 12.92
C PRO F 191 -68.20 -5.83 14.37
N ASP F 192 -68.63 -7.07 14.64
CA ASP F 192 -69.24 -7.39 15.91
C ASP F 192 -68.23 -7.38 17.06
N GLY F 193 -68.60 -6.72 18.15
CA GLY F 193 -67.70 -6.59 19.28
C GLY F 193 -66.53 -5.67 19.04
N THR F 194 -66.64 -4.78 18.06
CA THR F 194 -65.53 -3.93 17.67
C THR F 194 -66.09 -2.57 17.28
N SER F 195 -65.49 -1.51 17.81
CA SER F 195 -65.89 -0.17 17.44
C SER F 195 -65.25 0.24 16.11
N ALA F 196 -65.54 1.47 15.70
CA ALA F 196 -65.05 2.03 14.46
C ALA F 196 -65.11 3.55 14.57
N LEU F 197 -64.81 4.23 13.48
CA LEU F 197 -65.16 5.63 13.35
C LEU F 197 -65.26 5.97 11.88
N VAL F 198 -66.14 6.91 11.56
CA VAL F 198 -66.43 7.29 10.19
C VAL F 198 -66.13 8.78 10.05
N GLU F 199 -65.42 9.14 8.99
CA GLU F 199 -65.17 10.54 8.69
C GLU F 199 -65.60 10.84 7.27
N CYS F 200 -66.46 11.85 7.11
CA CYS F 200 -67.01 12.21 5.82
C CYS F 200 -66.80 13.70 5.60
N GLU F 201 -66.81 14.11 4.34
CA GLU F 201 -66.98 15.51 3.99
C GLU F 201 -68.01 15.62 2.87
N CYS F 202 -69.15 14.96 3.08
CA CYS F 202 -70.26 15.07 2.14
C CYS F 202 -71.10 16.30 2.43
N GLY F 203 -71.33 16.61 3.70
CA GLY F 203 -71.95 17.85 4.11
C GLY F 203 -70.89 18.81 4.59
N GLY F 204 -70.71 18.88 5.90
CA GLY F 204 -69.59 19.63 6.46
C GLY F 204 -68.49 18.72 6.99
N THR F 205 -67.76 19.17 7.99
CA THR F 205 -66.77 18.37 8.68
C THR F 205 -67.51 17.42 9.62
N LYS F 206 -67.00 16.20 9.73
CA LYS F 206 -67.76 15.13 10.37
C LYS F 206 -66.82 14.15 11.05
N ILE F 207 -67.26 13.64 12.21
CA ILE F 207 -66.55 12.61 12.97
C ILE F 207 -67.54 11.92 13.91
N SER F 208 -67.50 10.59 13.96
CA SER F 208 -68.45 9.83 14.78
C SER F 208 -67.86 8.47 15.08
N GLU F 209 -67.64 8.17 16.37
CA GLU F 209 -67.08 6.89 16.79
C GLU F 209 -68.22 5.93 17.12
N THR F 210 -68.70 5.18 16.14
CA THR F 210 -69.83 4.30 16.33
C THR F 210 -69.38 2.93 16.84
N ILE F 211 -70.19 2.34 17.72
CA ILE F 211 -69.87 1.07 18.36
C ILE F 211 -70.98 0.08 18.04
N ASN F 212 -70.72 -0.78 17.04
CA ASN F 212 -71.56 -1.94 16.69
C ASN F 212 -72.96 -1.49 16.25
N LYS F 213 -73.07 -0.25 15.81
CA LYS F 213 -74.34 0.34 15.43
C LYS F 213 -74.33 0.59 13.94
N THR F 214 -75.18 -0.14 13.23
CA THR F 214 -75.36 0.03 11.79
C THR F 214 -76.04 1.37 11.59
N LYS F 215 -75.24 2.39 11.30
CA LYS F 215 -75.70 3.78 11.40
C LYS F 215 -75.63 4.44 10.03
N GLN F 216 -76.77 4.91 9.55
CA GLN F 216 -76.77 5.69 8.32
C GLN F 216 -76.47 7.14 8.63
N PHE F 217 -76.12 7.90 7.60
CA PHE F 217 -75.70 9.29 7.73
C PHE F 217 -76.43 10.15 6.71
N SER F 218 -76.92 11.29 7.15
CA SER F 218 -77.60 12.21 6.23
C SER F 218 -76.56 13.02 5.45
N GLN F 219 -77.05 13.71 4.41
CA GLN F 219 -76.29 14.61 3.54
C GLN F 219 -75.25 13.90 2.67
N CYS F 220 -75.15 12.58 2.75
CA CYS F 220 -74.13 11.82 2.03
C CYS F 220 -74.80 10.99 0.94
N THR F 221 -74.38 11.23 -0.31
CA THR F 221 -74.91 10.48 -1.45
C THR F 221 -73.97 9.35 -1.87
N LYS F 222 -72.71 9.69 -2.14
CA LYS F 222 -71.73 8.73 -2.58
C LYS F 222 -70.96 8.17 -1.39
N LYS F 223 -70.64 6.87 -1.45
CA LYS F 223 -69.83 6.25 -0.42
C LYS F 223 -68.36 6.59 -0.53
N GLU F 224 -67.96 7.24 -1.63
CA GLU F 224 -66.62 7.79 -1.78
C GLU F 224 -66.44 9.09 -1.02
N GLN F 225 -67.49 9.61 -0.40
CA GLN F 225 -67.39 10.76 0.49
C GLN F 225 -66.90 10.36 1.88
N CYS F 226 -67.04 9.09 2.25
CA CYS F 226 -66.87 8.66 3.63
C CYS F 226 -65.75 7.64 3.76
N ARG F 227 -64.97 7.80 4.83
CA ARG F 227 -63.87 6.91 5.16
C ARG F 227 -64.16 6.28 6.51
N ALA F 228 -64.28 4.96 6.56
CA ALA F 228 -64.52 4.23 7.80
C ALA F 228 -63.22 3.56 8.22
N TYR F 229 -62.88 3.68 9.50
CA TYR F 229 -61.66 3.10 10.04
C TYR F 229 -62.00 1.90 10.92
N ARG F 230 -60.97 1.30 11.51
CA ARG F 230 -61.12 0.17 12.41
C ARG F 230 -60.18 0.34 13.58
N LEU F 231 -60.64 -0.04 14.77
CA LEU F 231 -59.97 0.31 16.01
C LEU F 231 -59.67 -0.92 16.85
N GLN F 232 -58.47 -0.97 17.40
CA GLN F 232 -58.07 -1.96 18.40
C GLN F 232 -57.21 -1.28 19.45
N ASN F 233 -57.45 -1.62 20.71
CA ASN F 233 -56.58 -1.19 21.80
C ASN F 233 -55.82 -2.32 22.44
N ASP F 234 -56.23 -3.57 22.22
CA ASP F 234 -55.39 -4.72 22.53
C ASP F 234 -54.52 -5.02 21.32
N LYS F 235 -53.74 -6.11 21.39
CA LYS F 235 -53.07 -6.72 20.24
C LYS F 235 -52.11 -5.80 19.50
N TRP F 236 -50.96 -5.50 20.12
CA TRP F 236 -49.94 -4.65 19.50
C TRP F 236 -49.41 -5.19 18.18
N VAL F 237 -48.67 -4.32 17.48
CA VAL F 237 -47.89 -4.67 16.30
C VAL F 237 -46.45 -4.22 16.51
N TYR F 238 -45.58 -4.55 15.56
CA TYR F 238 -44.21 -4.08 15.55
C TYR F 238 -44.17 -2.60 15.19
N ASN F 239 -43.08 -1.92 15.58
CA ASN F 239 -42.83 -0.55 15.17
C ASN F 239 -42.47 -0.51 13.68
N SER F 240 -43.41 -0.78 12.80
CA SER F 240 -43.07 -0.94 11.40
C SER F 240 -43.18 0.39 10.69
N ASP F 241 -42.40 0.53 9.62
CA ASP F 241 -42.50 1.70 8.75
C ASP F 241 -43.62 1.57 7.74
N LYS F 242 -44.26 0.41 7.63
CA LYS F 242 -45.26 0.14 6.61
C LYS F 242 -46.67 0.19 7.16
N LEU F 243 -46.85 0.83 8.33
CA LEU F 243 -48.13 0.99 8.99
C LEU F 243 -48.19 2.41 9.50
N PRO F 244 -49.35 3.05 9.49
CA PRO F 244 -49.45 4.42 10.04
C PRO F 244 -49.44 4.40 11.56
N LYS F 245 -48.90 5.46 12.16
CA LYS F 245 -48.71 5.45 13.61
C LYS F 245 -49.93 6.01 14.31
N ALA F 246 -50.03 5.71 15.60
CA ALA F 246 -51.19 6.04 16.40
C ALA F 246 -51.10 7.48 16.89
N ALA F 247 -51.98 7.85 17.83
CA ALA F 247 -52.09 9.23 18.30
C ALA F 247 -51.70 9.29 19.77
N GLY F 248 -50.49 9.79 20.03
CA GLY F 248 -50.04 10.13 21.36
C GLY F 248 -49.11 9.12 21.99
N ALA F 249 -47.81 9.36 21.80
CA ALA F 249 -46.65 8.79 22.48
C ALA F 249 -46.41 7.30 22.23
N THR F 250 -47.46 6.55 21.89
CA THR F 250 -47.48 5.31 21.12
C THR F 250 -46.72 4.12 21.75
N LEU F 251 -45.87 4.36 22.75
CA LEU F 251 -44.86 3.41 23.18
C LEU F 251 -45.34 2.65 24.41
N LYS F 252 -45.42 1.33 24.28
CA LYS F 252 -46.04 0.52 25.30
C LYS F 252 -45.34 -0.79 25.60
N GLY F 253 -44.06 -0.92 25.32
CA GLY F 253 -43.34 -2.11 25.74
C GLY F 253 -42.24 -2.48 24.79
N LYS F 254 -41.68 -3.66 25.00
CA LYS F 254 -40.62 -4.17 24.14
C LYS F 254 -40.55 -5.68 24.27
N LEU F 255 -40.07 -6.33 23.20
CA LEU F 255 -40.05 -7.78 23.10
C LEU F 255 -38.65 -8.25 22.74
N HIS F 256 -38.19 -9.31 23.38
CA HIS F 256 -36.86 -9.82 23.08
C HIS F 256 -36.87 -10.55 21.74
N VAL F 257 -35.76 -10.42 21.03
CA VAL F 257 -35.63 -11.13 19.75
C VAL F 257 -35.18 -12.56 20.02
N PRO F 258 -35.81 -13.54 19.42
CA PRO F 258 -35.29 -14.90 19.47
C PRO F 258 -34.15 -15.04 18.49
N PHE F 259 -33.51 -16.21 18.54
CA PHE F 259 -32.54 -16.69 17.56
C PHE F 259 -31.35 -15.74 17.42
N LEU F 260 -30.74 -15.39 18.55
CA LEU F 260 -29.59 -14.50 18.47
C LEU F 260 -28.33 -15.25 18.09
N LEU F 261 -27.25 -14.49 17.92
CA LEU F 261 -25.96 -15.03 17.54
C LEU F 261 -25.21 -15.45 18.79
N ALA F 262 -24.43 -16.53 18.68
CA ALA F 262 -23.83 -17.15 19.85
C ALA F 262 -22.65 -17.99 19.41
N ASP F 263 -21.77 -18.30 20.35
CA ASP F 263 -20.55 -19.00 20.03
C ASP F 263 -20.80 -20.49 19.86
N GLY F 264 -20.32 -21.04 18.76
CA GLY F 264 -20.55 -22.44 18.44
C GLY F 264 -19.30 -23.23 18.14
N LYS F 265 -19.47 -24.36 17.47
CA LYS F 265 -18.39 -25.21 17.01
C LYS F 265 -18.74 -25.64 15.60
N CYS F 266 -17.81 -25.47 14.66
CA CYS F 266 -18.10 -25.71 13.26
C CYS F 266 -17.00 -26.54 12.63
N THR F 267 -17.39 -27.57 11.89
CA THR F 267 -16.41 -28.39 11.22
C THR F 267 -15.99 -27.69 9.93
N VAL F 268 -14.69 -27.50 9.80
CA VAL F 268 -14.10 -26.85 8.63
C VAL F 268 -13.33 -27.94 7.87
N PRO F 269 -13.12 -27.82 6.56
CA PRO F 269 -12.37 -28.86 5.86
C PRO F 269 -10.89 -28.81 6.20
N LEU F 270 -10.18 -29.82 5.74
CA LEU F 270 -8.75 -29.91 5.96
C LEU F 270 -8.12 -30.23 4.61
N ALA F 271 -7.24 -29.35 4.14
CA ALA F 271 -6.70 -29.43 2.79
C ALA F 271 -5.82 -30.66 2.63
N PRO F 272 -5.59 -31.12 1.39
CA PRO F 272 -4.58 -32.15 1.16
C PRO F 272 -3.20 -31.68 1.59
N GLU F 273 -2.47 -32.59 2.21
CA GLU F 273 -1.20 -32.27 2.83
C GLU F 273 -0.18 -31.96 1.76
N PRO F 274 0.57 -30.87 1.88
CA PRO F 274 1.53 -30.51 0.83
C PRO F 274 2.72 -31.45 0.84
N MET F 275 3.42 -31.46 -0.29
CA MET F 275 4.58 -32.30 -0.49
C MET F 275 5.80 -31.40 -0.56
N ILE F 276 6.72 -31.58 0.38
CA ILE F 276 7.80 -30.64 0.58
C ILE F 276 9.10 -31.25 0.08
N THR F 277 9.87 -30.45 -0.64
CA THR F 277 11.15 -30.87 -1.21
C THR F 277 12.21 -29.89 -0.73
N PHE F 278 13.08 -30.35 0.16
CA PHE F 278 14.04 -29.46 0.78
C PHE F 278 15.28 -29.34 -0.11
N GLY F 279 15.84 -28.14 -0.16
CA GLY F 279 17.11 -27.93 -0.80
C GLY F 279 18.03 -27.20 0.13
N PHE F 280 19.20 -26.77 -0.34
CA PHE F 280 20.09 -25.95 0.46
C PHE F 280 19.48 -24.58 0.68
N ARG F 281 19.08 -24.33 1.93
CA ARG F 281 18.45 -23.08 2.37
C ARG F 281 17.22 -22.73 1.54
N SER F 282 16.42 -23.75 1.24
CA SER F 282 15.24 -23.54 0.40
C SER F 282 14.22 -24.64 0.66
N VAL F 283 12.96 -24.31 0.43
CA VAL F 283 11.84 -25.23 0.63
C VAL F 283 10.88 -25.08 -0.54
N SER F 284 10.59 -26.19 -1.22
CA SER F 284 9.62 -26.25 -2.30
C SER F 284 8.34 -26.88 -1.80
N LEU F 285 7.21 -26.47 -2.39
CA LEU F 285 5.90 -26.86 -1.87
C LEU F 285 4.94 -27.14 -3.02
N LYS F 286 4.76 -28.42 -3.36
CA LYS F 286 3.76 -28.80 -4.33
C LYS F 286 2.40 -28.84 -3.65
N LEU F 287 1.47 -28.04 -4.14
CA LEU F 287 0.19 -27.80 -3.49
C LEU F 287 -0.95 -28.26 -4.39
N HIS F 288 -1.92 -28.95 -3.80
CA HIS F 288 -3.05 -29.51 -4.55
C HIS F 288 -4.33 -29.30 -3.76
N PRO F 289 -4.91 -28.12 -3.82
CA PRO F 289 -6.10 -27.85 -3.02
C PRO F 289 -7.33 -28.50 -3.63
N LYS F 290 -8.35 -28.65 -2.79
CA LYS F 290 -9.65 -29.15 -3.23
C LYS F 290 -10.59 -28.00 -3.56
N ASN F 291 -10.71 -27.04 -2.66
CA ASN F 291 -11.46 -25.80 -2.80
C ASN F 291 -10.53 -24.68 -2.35
N PRO F 292 -10.83 -23.41 -2.69
CA PRO F 292 -9.81 -22.35 -2.54
C PRO F 292 -9.34 -22.10 -1.11
N THR F 293 -8.03 -21.92 -0.99
CA THR F 293 -7.30 -22.11 0.25
C THR F 293 -6.24 -21.03 0.37
N TYR F 294 -6.07 -20.49 1.56
CA TYR F 294 -5.02 -19.50 1.81
C TYR F 294 -3.73 -20.17 2.23
N LEU F 295 -2.65 -19.85 1.54
CA LEU F 295 -1.29 -20.16 1.97
C LEU F 295 -0.69 -18.90 2.57
N ILE F 296 -0.30 -18.95 3.84
CA ILE F 296 0.23 -17.79 4.54
C ILE F 296 1.61 -18.16 5.09
N THR F 297 2.64 -17.43 4.68
CA THR F 297 3.98 -17.64 5.20
C THR F 297 4.50 -16.37 5.85
N ARG F 298 5.54 -16.51 6.67
CA ARG F 298 6.29 -15.41 7.26
C ARG F 298 7.61 -15.94 7.81
N GLN F 299 8.65 -15.11 7.77
CA GLN F 299 9.93 -15.48 8.34
C GLN F 299 10.03 -15.06 9.81
N LEU F 300 10.99 -15.65 10.50
CA LEU F 300 11.12 -15.51 11.94
C LEU F 300 12.26 -14.56 12.31
N ALA F 301 12.40 -13.48 11.56
CA ALA F 301 13.51 -12.55 11.67
C ALA F 301 12.99 -11.18 12.07
N ASP F 302 13.86 -10.18 11.99
CA ASP F 302 13.45 -8.81 12.26
C ASP F 302 12.50 -8.27 11.20
N GLU F 303 12.63 -8.72 9.97
CA GLU F 303 11.68 -8.42 8.90
C GLU F 303 11.10 -9.73 8.39
N PRO F 304 9.82 -9.98 8.57
CA PRO F 304 9.29 -11.29 8.20
C PRO F 304 9.02 -11.49 6.71
N HIS F 305 8.68 -10.41 6.00
CA HIS F 305 8.21 -10.46 4.61
C HIS F 305 7.06 -11.45 4.45
N TYR F 306 5.94 -11.12 5.08
CA TYR F 306 4.83 -12.06 5.10
C TYR F 306 4.19 -12.15 3.73
N THR F 307 3.60 -13.31 3.46
CA THR F 307 3.02 -13.60 2.16
C THR F 307 1.63 -14.14 2.37
N HIS F 308 0.64 -13.49 1.75
CA HIS F 308 -0.75 -13.88 1.87
C HIS F 308 -1.26 -14.18 0.46
N GLU F 309 -1.81 -15.36 0.24
CA GLU F 309 -2.17 -15.75 -1.10
C GLU F 309 -3.27 -16.80 -1.08
N LEU F 310 -4.26 -16.64 -1.94
CA LEU F 310 -5.35 -17.60 -2.11
C LEU F 310 -5.05 -18.49 -3.30
N ILE F 311 -5.04 -19.79 -3.08
CA ILE F 311 -4.60 -20.76 -4.08
C ILE F 311 -5.76 -21.71 -4.39
N SER F 312 -6.20 -21.71 -5.64
CA SER F 312 -7.34 -22.50 -6.07
C SER F 312 -7.01 -23.49 -7.17
N GLU F 313 -5.85 -23.38 -7.80
CA GLU F 313 -5.31 -24.33 -8.76
C GLU F 313 -4.14 -25.06 -8.13
N PRO F 314 -3.67 -26.15 -8.72
CA PRO F 314 -2.41 -26.74 -8.24
C PRO F 314 -1.23 -25.83 -8.53
N ALA F 315 -0.31 -25.75 -7.56
CA ALA F 315 0.74 -24.74 -7.63
C ALA F 315 1.99 -25.22 -6.91
N VAL F 316 3.12 -24.64 -7.30
CA VAL F 316 4.43 -24.92 -6.71
C VAL F 316 5.05 -23.59 -6.29
N ARG F 317 5.28 -23.41 -5.00
CA ARG F 317 5.79 -22.16 -4.46
C ARG F 317 7.12 -22.41 -3.78
N ASN F 318 8.21 -21.99 -4.41
CA ASN F 318 9.53 -22.08 -3.83
C ASN F 318 9.75 -20.93 -2.84
N PHE F 319 10.65 -21.16 -1.88
CA PHE F 319 10.87 -20.18 -0.81
C PHE F 319 12.32 -20.21 -0.38
N THR F 320 12.69 -19.23 0.43
CA THR F 320 14.04 -19.09 0.95
C THR F 320 14.00 -19.25 2.46
N VAL F 321 14.55 -20.34 2.96
CA VAL F 321 14.62 -20.63 4.38
C VAL F 321 16.03 -20.34 4.84
N THR F 322 16.19 -19.44 5.80
CA THR F 322 17.50 -19.15 6.33
C THR F 322 17.71 -19.85 7.66
N GLU F 323 18.81 -19.53 8.34
CA GLU F 323 19.08 -20.09 9.66
C GLU F 323 18.22 -19.46 10.73
N LYS F 324 17.46 -18.42 10.41
CA LYS F 324 16.63 -17.73 11.38
C LYS F 324 15.18 -18.19 11.38
N GLY F 325 14.75 -19.00 10.41
CA GLY F 325 13.47 -19.67 10.49
C GLY F 325 12.52 -19.28 9.35
N TRP F 326 11.46 -20.07 9.25
CA TRP F 326 10.41 -19.89 8.25
C TRP F 326 9.20 -20.71 8.70
N GLU F 327 8.01 -20.32 8.23
CA GLU F 327 6.76 -20.83 8.80
C GLU F 327 5.62 -20.66 7.81
N PHE F 328 5.00 -21.75 7.37
CA PHE F 328 3.83 -21.62 6.51
C PHE F 328 2.58 -22.15 7.21
N VAL F 329 1.46 -21.51 6.90
CA VAL F 329 0.13 -22.01 7.28
C VAL F 329 -0.59 -22.36 6.00
N TRP F 330 -0.99 -23.61 5.85
CA TRP F 330 -1.69 -24.05 4.66
C TRP F 330 -3.09 -24.51 5.06
N GLY F 331 -4.04 -23.61 4.96
CA GLY F 331 -5.42 -23.98 5.21
C GLY F 331 -5.74 -23.92 6.68
N ASN F 332 -6.29 -25.02 7.19
CA ASN F 332 -6.67 -25.15 8.59
C ASN F 332 -5.70 -26.04 9.35
N HIS F 333 -4.53 -26.26 8.80
CA HIS F 333 -3.47 -27.01 9.45
C HIS F 333 -2.77 -26.13 10.48
N PRO F 334 -2.09 -26.73 11.45
CA PRO F 334 -1.26 -25.93 12.36
C PRO F 334 -0.04 -25.39 11.64
N PRO F 335 0.60 -24.35 12.19
CA PRO F 335 1.80 -23.82 11.55
C PRO F 335 3.00 -24.75 11.70
N LYS F 336 3.67 -25.01 10.58
CA LYS F 336 4.92 -25.77 10.57
C LYS F 336 6.06 -24.79 10.51
N ARG F 337 7.07 -24.98 11.36
CA ARG F 337 8.26 -24.15 11.33
C ARG F 337 9.46 -24.96 10.84
N PHE F 338 10.27 -24.33 10.00
CA PHE F 338 11.43 -24.97 9.40
C PHE F 338 12.68 -24.15 9.70
N TRP F 339 13.82 -24.83 9.70
CA TRP F 339 15.07 -24.22 10.11
C TRP F 339 16.17 -24.80 9.25
N ALA F 340 17.04 -23.95 8.72
CA ALA F 340 18.10 -24.40 7.83
C ALA F 340 19.41 -24.58 8.58
N GLN F 341 20.10 -25.68 8.29
CA GLN F 341 21.40 -25.94 8.86
C GLN F 341 22.45 -25.97 7.75
N GLU F 342 23.72 -26.06 8.17
CA GLU F 342 24.84 -25.64 7.33
C GLU F 342 25.35 -26.81 6.50
N THR F 343 24.74 -27.02 5.33
CA THR F 343 25.21 -28.03 4.38
C THR F 343 25.47 -27.33 3.05
N ALA F 344 26.62 -26.69 2.95
CA ALA F 344 26.95 -25.98 1.71
C ALA F 344 27.56 -26.96 0.71
N PRO F 345 27.39 -26.72 -0.58
CA PRO F 345 27.97 -27.65 -1.57
C PRO F 345 29.47 -27.48 -1.69
N GLY F 346 30.15 -28.58 -1.95
CA GLY F 346 31.58 -28.60 -2.15
C GLY F 346 32.29 -29.34 -1.03
N ASN F 347 33.59 -29.12 -0.94
CA ASN F 347 34.41 -29.73 0.10
C ASN F 347 35.39 -28.68 0.60
N PRO F 348 35.35 -28.34 1.89
CA PRO F 348 36.28 -27.33 2.42
C PRO F 348 37.64 -27.89 2.81
N HIS F 349 37.97 -29.10 2.37
CA HIS F 349 39.17 -29.77 2.81
C HIS F 349 40.07 -30.14 1.63
N GLY F 350 40.32 -29.21 0.72
CA GLY F 350 41.24 -29.46 -0.36
C GLY F 350 40.73 -29.00 -1.71
N LEU F 351 41.61 -29.01 -2.73
CA LEU F 351 41.31 -28.64 -4.11
C LEU F 351 40.80 -27.22 -4.20
N PRO F 352 41.68 -26.19 -4.11
CA PRO F 352 41.25 -24.81 -3.80
C PRO F 352 40.26 -24.14 -4.73
N HIS F 353 39.86 -24.79 -5.83
CA HIS F 353 38.69 -24.34 -6.57
C HIS F 353 37.39 -24.87 -5.99
N GLU F 354 37.46 -25.78 -4.99
CA GLU F 354 36.27 -26.28 -4.31
C GLU F 354 35.99 -25.51 -3.03
N VAL F 355 37.03 -25.07 -2.32
CA VAL F 355 36.83 -24.36 -1.07
C VAL F 355 36.25 -22.97 -1.34
N ILE F 356 36.53 -22.39 -2.51
CA ILE F 356 35.96 -21.10 -2.85
C ILE F 356 34.50 -21.25 -3.20
N THR F 357 34.11 -22.36 -3.83
CA THR F 357 32.68 -22.61 -4.08
C THR F 357 31.94 -22.89 -2.77
N HIS F 358 32.59 -23.58 -1.83
CA HIS F 358 31.96 -23.86 -0.54
C HIS F 358 31.75 -22.57 0.26
N TYR F 359 32.78 -21.74 0.37
CA TYR F 359 32.61 -20.49 1.11
C TYR F 359 31.96 -19.39 0.28
N TYR F 360 31.63 -19.63 -0.98
CA TYR F 360 30.75 -18.72 -1.68
C TYR F 360 29.29 -19.10 -1.49
N HIS F 361 28.98 -20.39 -1.54
CA HIS F 361 27.63 -20.81 -1.17
C HIS F 361 27.39 -20.74 0.33
N ARG F 362 28.43 -20.55 1.14
CA ARG F 362 28.32 -20.46 2.59
C ARG F 362 28.18 -19.02 3.04
N TYR F 363 29.16 -18.17 2.71
CA TYR F 363 29.14 -16.74 3.02
C TYR F 363 29.40 -15.97 1.73
N PRO F 364 28.35 -15.54 1.02
CA PRO F 364 28.58 -14.83 -0.24
C PRO F 364 29.15 -13.44 -0.08
N MET F 365 28.72 -12.69 0.94
CA MET F 365 29.16 -11.32 1.10
C MET F 365 30.61 -11.24 1.58
N SER F 366 31.03 -12.18 2.43
CA SER F 366 32.36 -12.11 3.01
C SER F 366 33.44 -12.58 2.05
N THR F 367 33.12 -13.57 1.22
CA THR F 367 34.13 -14.25 0.42
C THR F 367 34.68 -13.35 -0.68
N ILE F 368 33.80 -12.56 -1.32
CA ILE F 368 34.22 -11.69 -2.42
C ILE F 368 35.12 -10.58 -1.90
N LEU F 369 34.76 -9.97 -0.75
CA LEU F 369 35.61 -8.95 -0.17
C LEU F 369 36.92 -9.52 0.37
N GLY F 370 36.89 -10.76 0.86
CA GLY F 370 38.12 -11.38 1.34
C GLY F 370 39.10 -11.66 0.20
N LEU F 371 38.59 -12.21 -0.91
CA LEU F 371 39.42 -12.44 -2.08
C LEU F 371 39.90 -11.13 -2.69
N SER F 372 39.07 -10.08 -2.62
CA SER F 372 39.47 -8.76 -3.12
C SER F 372 40.63 -8.19 -2.32
N ILE F 373 40.53 -8.23 -0.99
CA ILE F 373 41.60 -7.63 -0.19
C ILE F 373 42.85 -8.51 -0.19
N CYS F 374 42.71 -9.83 -0.35
CA CYS F 374 43.90 -10.67 -0.46
C CYS F 374 44.62 -10.44 -1.78
N ALA F 375 43.87 -10.30 -2.88
CA ALA F 375 44.49 -10.00 -4.17
C ALA F 375 45.12 -8.62 -4.17
N ALA F 376 44.49 -7.65 -3.48
CA ALA F 376 45.05 -6.30 -3.41
C ALA F 376 46.34 -6.27 -2.59
N ILE F 377 46.37 -6.98 -1.45
CA ILE F 377 47.58 -7.03 -0.64
C ILE F 377 48.70 -7.74 -1.37
N ALA F 378 48.39 -8.84 -2.08
CA ALA F 378 49.41 -9.55 -2.83
C ALA F 378 49.96 -8.70 -3.98
N THR F 379 49.08 -7.98 -4.69
CA THR F 379 49.51 -7.14 -5.80
C THR F 379 50.37 -5.98 -5.32
N VAL F 380 49.95 -5.30 -4.25
CA VAL F 380 50.70 -4.15 -3.74
C VAL F 380 52.05 -4.60 -3.18
N SER F 381 52.08 -5.76 -2.52
CA SER F 381 53.35 -6.23 -1.94
C SER F 381 54.34 -6.65 -3.01
N VAL F 382 53.88 -7.39 -4.03
CA VAL F 382 54.79 -7.76 -5.11
C VAL F 382 55.22 -6.54 -5.92
N ALA F 383 54.34 -5.55 -6.08
CA ALA F 383 54.69 -4.33 -6.79
C ALA F 383 55.76 -3.53 -6.06
N ALA F 384 55.60 -3.34 -4.75
CA ALA F 384 56.59 -2.58 -3.98
C ALA F 384 57.89 -3.35 -3.83
N SER F 385 57.83 -4.69 -3.78
CA SER F 385 59.06 -5.46 -3.72
C SER F 385 59.84 -5.40 -5.03
N THR F 386 59.14 -5.42 -6.16
CA THR F 386 59.81 -5.27 -7.44
C THR F 386 60.36 -3.87 -7.61
N TRP F 387 59.65 -2.85 -7.08
CA TRP F 387 60.14 -1.48 -7.08
C TRP F 387 61.44 -1.34 -6.30
N LEU F 388 61.48 -1.93 -5.10
CA LEU F 388 62.70 -1.89 -4.29
C LEU F 388 63.83 -2.70 -4.93
N PHE F 389 63.52 -3.81 -5.58
CA PHE F 389 64.56 -4.61 -6.24
C PHE F 389 65.16 -3.86 -7.43
N CYS F 390 64.32 -3.18 -8.22
CA CYS F 390 64.84 -2.41 -9.35
C CYS F 390 65.66 -1.21 -8.88
N ARG F 391 65.22 -0.54 -7.82
CA ARG F 391 66.00 0.58 -7.31
C ARG F 391 67.31 0.12 -6.67
N SER F 392 67.32 -1.06 -6.06
CA SER F 392 68.57 -1.59 -5.52
C SER F 392 69.52 -2.02 -6.64
N ARG F 393 68.98 -2.54 -7.74
CA ARG F 393 69.83 -2.90 -8.87
C ARG F 393 70.45 -1.67 -9.52
N VAL F 394 69.65 -0.60 -9.66
CA VAL F 394 70.18 0.66 -10.19
C VAL F 394 71.22 1.25 -9.23
N ALA F 395 70.97 1.17 -7.92
CA ALA F 395 71.90 1.72 -6.95
C ALA F 395 73.21 0.93 -6.89
N CYS F 396 73.17 -0.37 -7.19
CA CYS F 396 74.41 -1.13 -7.22
C CYS F 396 75.14 -1.00 -8.56
N LEU F 397 74.42 -0.78 -9.65
CA LEU F 397 75.08 -0.77 -10.95
C LEU F 397 75.37 0.63 -11.49
N THR F 398 74.92 1.70 -10.82
CA THR F 398 75.17 3.04 -11.35
C THR F 398 76.61 3.51 -11.20
N PRO F 399 77.27 3.45 -10.02
CA PRO F 399 78.64 4.00 -9.97
C PRO F 399 79.68 3.16 -10.68
N TYR F 400 79.40 1.87 -10.92
CA TYR F 400 80.32 1.05 -11.70
C TYR F 400 80.17 1.24 -13.20
N ARG F 401 79.23 2.08 -13.62
CA ARG F 401 79.01 2.33 -15.04
C ARG F 401 79.41 3.74 -15.47
N LEU F 402 79.56 4.63 -14.50
CA LEU F 402 79.94 6.02 -14.79
C LEU F 402 81.43 6.19 -14.97
N THR F 403 82.20 5.11 -14.93
CA THR F 403 83.61 5.18 -15.25
C THR F 403 83.81 4.84 -16.73
N PRO F 404 84.75 5.52 -17.41
CA PRO F 404 84.91 5.31 -18.86
C PRO F 404 85.45 3.94 -19.24
N ASN F 405 86.07 3.20 -18.32
CA ASN F 405 86.43 1.82 -18.60
C ASN F 405 85.31 0.84 -18.30
N ALA F 406 84.58 1.06 -17.19
CA ALA F 406 83.34 0.37 -16.85
C ALA F 406 83.53 -1.15 -16.74
N ARG F 407 84.33 -1.57 -15.78
CA ARG F 407 84.58 -3.00 -15.56
C ARG F 407 83.97 -3.38 -14.21
N ILE F 408 82.72 -3.84 -14.27
CA ILE F 408 82.01 -4.45 -13.15
C ILE F 408 82.76 -5.69 -12.69
N PRO F 409 82.89 -5.96 -11.40
CA PRO F 409 83.44 -7.25 -10.96
C PRO F 409 82.57 -8.42 -11.39
N PHE F 410 83.19 -9.60 -11.41
CA PHE F 410 82.59 -10.78 -12.02
C PHE F 410 81.39 -11.28 -11.23
N CYS F 411 81.53 -11.34 -9.90
CA CYS F 411 80.45 -11.87 -9.06
C CYS F 411 79.22 -10.97 -9.08
N LEU F 412 79.42 -9.66 -8.99
CA LEU F 412 78.30 -8.73 -9.06
C LEU F 412 77.68 -8.66 -10.45
N ALA F 413 78.45 -8.88 -11.51
CA ALA F 413 77.87 -8.94 -12.84
C ALA F 413 77.08 -10.22 -13.05
N VAL F 414 77.47 -11.32 -12.39
CA VAL F 414 76.65 -12.52 -12.43
C VAL F 414 75.37 -12.34 -11.62
N LEU F 415 75.48 -11.73 -10.44
CA LEU F 415 74.31 -11.57 -9.56
C LEU F 415 73.30 -10.57 -10.12
N CYS F 416 73.74 -9.32 -10.32
CA CYS F 416 72.82 -8.25 -10.69
C CYS F 416 72.55 -8.17 -12.20
N CYS F 417 72.83 -9.26 -12.93
CA CYS F 417 72.41 -9.46 -14.32
C CYS F 417 73.01 -8.43 -15.26
N ALA F 418 74.35 -8.34 -15.24
CA ALA F 418 75.07 -7.50 -16.17
C ALA F 418 75.72 -8.36 -17.25
N ARG F 419 76.11 -7.72 -18.35
CA ARG F 419 76.81 -8.41 -19.43
C ARG F 419 78.31 -8.41 -19.17
N TYR G 1 -31.99 56.10 -33.61
CA TYR G 1 -30.65 56.17 -33.07
C TYR G 1 -30.07 54.77 -32.99
N GLU G 2 -29.10 54.50 -33.86
CA GLU G 2 -28.54 53.16 -33.97
C GLU G 2 -27.59 52.88 -32.81
N HIS G 3 -27.68 51.67 -32.25
CA HIS G 3 -26.90 51.30 -31.07
C HIS G 3 -26.66 49.79 -31.12
N ALA G 4 -25.48 49.40 -31.58
CA ALA G 4 -25.11 47.99 -31.64
C ALA G 4 -24.38 47.60 -30.36
N THR G 5 -24.69 46.41 -29.85
CA THR G 5 -24.06 45.93 -28.64
C THR G 5 -23.68 44.46 -28.82
N THR G 6 -22.97 43.93 -27.83
CA THR G 6 -22.47 42.56 -27.86
C THR G 6 -22.84 41.89 -26.55
N MET G 7 -23.59 40.79 -26.63
CA MET G 7 -24.04 40.04 -25.47
C MET G 7 -23.31 38.72 -25.38
N PRO G 8 -22.77 38.35 -24.22
CA PRO G 8 -22.12 37.03 -24.10
C PRO G 8 -23.14 35.90 -24.11
N SER G 9 -22.88 34.90 -24.94
CA SER G 9 -23.81 33.78 -25.16
C SER G 9 -23.76 32.81 -23.98
N GLN G 10 -24.37 33.23 -22.88
CA GLN G 10 -24.45 32.38 -21.69
C GLN G 10 -25.71 32.73 -20.92
N ALA G 11 -26.59 31.75 -20.78
CA ALA G 11 -27.89 31.97 -20.16
C ALA G 11 -27.77 32.16 -18.66
N GLY G 12 -28.79 32.78 -18.09
CA GLY G 12 -28.90 32.93 -16.65
C GLY G 12 -28.23 34.16 -16.08
N ILE G 13 -27.31 34.77 -16.81
CA ILE G 13 -26.58 35.93 -16.35
C ILE G 13 -27.27 37.18 -16.91
N SER G 14 -27.37 38.22 -16.10
CA SER G 14 -27.89 39.49 -16.59
C SER G 14 -26.84 40.20 -17.45
N TYR G 15 -27.25 41.32 -18.04
CA TYR G 15 -26.34 42.12 -18.87
C TYR G 15 -26.87 43.55 -18.89
N ASN G 16 -26.14 44.46 -18.26
CA ASN G 16 -26.51 45.86 -18.21
C ASN G 16 -25.62 46.68 -19.14
N THR G 17 -26.23 47.67 -19.79
CA THR G 17 -25.51 48.60 -20.63
C THR G 17 -26.26 49.92 -20.64
N ILE G 18 -25.64 50.94 -21.23
CA ILE G 18 -26.23 52.27 -21.32
C ILE G 18 -26.12 52.79 -22.74
N VAL G 19 -27.04 53.67 -23.11
CA VAL G 19 -27.05 54.34 -24.41
C VAL G 19 -26.82 55.83 -24.16
N ASN G 20 -25.67 56.31 -24.58
CA ASN G 20 -25.22 57.67 -24.27
C ASN G 20 -25.56 58.59 -25.45
N ARG G 21 -26.49 59.52 -25.22
CA ARG G 21 -26.66 60.65 -26.12
C ARG G 21 -25.92 61.85 -25.55
N ALA G 22 -25.29 62.62 -26.43
CA ALA G 22 -24.53 63.79 -26.00
C ALA G 22 -25.45 64.90 -25.48
N GLY G 23 -26.68 64.98 -25.98
CA GLY G 23 -27.57 66.05 -25.58
C GLY G 23 -28.78 65.59 -24.78
N TYR G 24 -28.98 64.30 -24.69
CA TYR G 24 -30.07 63.72 -23.91
C TYR G 24 -29.47 62.94 -22.73
N ALA G 25 -30.34 62.29 -21.98
CA ALA G 25 -29.90 61.51 -20.83
C ALA G 25 -29.44 60.12 -21.28
N PRO G 26 -28.56 59.47 -20.50
CA PRO G 26 -28.26 58.07 -20.76
C PRO G 26 -29.45 57.16 -20.51
N LEU G 27 -29.40 55.98 -21.13
CA LEU G 27 -30.56 55.09 -21.22
C LEU G 27 -30.20 53.67 -20.85
N PRO G 28 -30.74 53.12 -19.77
CA PRO G 28 -30.35 51.76 -19.35
C PRO G 28 -31.05 50.68 -20.16
N ILE G 29 -30.33 49.56 -20.33
CA ILE G 29 -30.85 48.36 -20.99
C ILE G 29 -30.41 47.15 -20.18
N SER G 30 -31.38 46.30 -19.82
CA SER G 30 -31.13 45.06 -19.10
C SER G 30 -31.56 43.89 -19.97
N ILE G 31 -30.64 42.96 -20.23
CA ILE G 31 -30.91 41.79 -21.06
C ILE G 31 -30.48 40.55 -20.28
N THR G 32 -31.42 39.66 -20.01
CA THR G 32 -31.10 38.36 -19.42
C THR G 32 -31.54 37.28 -20.39
N PRO G 33 -30.64 36.63 -21.12
CA PRO G 33 -31.05 35.49 -21.95
C PRO G 33 -31.41 34.31 -21.06
N THR G 34 -32.54 33.67 -21.37
CA THR G 34 -33.06 32.60 -20.55
C THR G 34 -32.73 31.23 -21.09
N LYS G 35 -32.83 31.03 -22.41
CA LYS G 35 -32.69 29.70 -22.97
C LYS G 35 -32.29 29.82 -24.42
N ILE G 36 -31.03 29.53 -24.73
CA ILE G 36 -30.48 29.63 -26.07
C ILE G 36 -30.51 28.24 -26.69
N LYS G 37 -31.13 28.13 -27.86
CA LYS G 37 -31.29 26.84 -28.51
C LYS G 37 -30.43 26.76 -29.76
N LEU G 38 -30.31 25.55 -30.31
CA LEU G 38 -29.48 25.33 -31.48
C LEU G 38 -30.07 24.08 -32.16
N ILE G 39 -30.85 24.29 -33.20
CA ILE G 39 -31.67 23.22 -33.76
C ILE G 39 -31.15 22.87 -35.14
N PRO G 40 -30.45 21.76 -35.31
CA PRO G 40 -29.97 21.37 -36.64
C PRO G 40 -31.10 20.83 -37.49
N THR G 41 -30.94 20.98 -38.80
CA THR G 41 -31.91 20.43 -39.75
C THR G 41 -31.65 18.93 -39.88
N VAL G 42 -32.70 18.14 -39.72
CA VAL G 42 -32.60 16.71 -39.47
C VAL G 42 -33.20 15.94 -40.63
N ASN G 43 -32.40 15.04 -41.21
CA ASN G 43 -32.79 14.23 -42.36
C ASN G 43 -32.85 12.77 -41.94
N LEU G 44 -34.05 12.22 -41.83
CA LEU G 44 -34.21 10.79 -41.56
C LEU G 44 -33.71 9.96 -42.73
N GLU G 45 -32.79 9.05 -42.46
CA GLU G 45 -32.39 8.09 -43.47
C GLU G 45 -33.08 6.75 -43.29
N TYR G 46 -32.92 6.11 -42.15
CA TYR G 46 -33.57 4.82 -41.94
C TYR G 46 -33.73 4.56 -40.45
N VAL G 47 -34.48 3.51 -40.15
CA VAL G 47 -34.63 3.03 -38.78
C VAL G 47 -34.13 1.60 -38.73
N THR G 48 -33.77 1.16 -37.54
CA THR G 48 -33.35 -0.21 -37.34
C THR G 48 -33.83 -0.70 -35.99
N CYS G 49 -33.86 -2.02 -35.84
CA CYS G 49 -34.37 -2.67 -34.65
C CYS G 49 -33.82 -4.09 -34.62
N HIS G 50 -34.33 -4.90 -33.69
CA HIS G 50 -34.02 -6.31 -33.69
C HIS G 50 -34.68 -6.98 -34.88
N TYR G 51 -34.10 -8.05 -35.36
CA TYR G 51 -34.72 -8.77 -36.44
C TYR G 51 -35.44 -9.99 -35.90
N LYS G 52 -35.95 -10.81 -36.80
CA LYS G 52 -36.74 -11.98 -36.43
C LYS G 52 -36.68 -12.94 -37.60
N THR G 53 -35.95 -14.03 -37.44
CA THR G 53 -35.78 -14.96 -38.55
C THR G 53 -37.08 -15.72 -38.75
N GLY G 54 -37.84 -15.31 -39.77
CA GLY G 54 -39.04 -16.03 -40.13
C GLY G 54 -38.68 -17.26 -40.93
N MET G 55 -39.42 -18.33 -40.67
CA MET G 55 -39.12 -19.63 -41.24
C MET G 55 -40.42 -20.23 -41.77
N ASP G 56 -40.45 -20.52 -43.05
CA ASP G 56 -41.60 -21.19 -43.63
C ASP G 56 -41.56 -22.67 -43.22
N SER G 57 -42.74 -23.28 -43.17
CA SER G 57 -42.85 -24.67 -42.76
C SER G 57 -42.25 -25.58 -43.82
N PRO G 58 -41.69 -26.73 -43.42
CA PRO G 58 -41.03 -27.62 -44.40
C PRO G 58 -42.02 -28.29 -45.33
N ALA G 59 -41.58 -28.49 -46.57
CA ALA G 59 -42.39 -29.10 -47.62
C ALA G 59 -41.84 -30.50 -47.90
N ILE G 60 -42.53 -31.52 -47.42
CA ILE G 60 -42.06 -32.89 -47.49
C ILE G 60 -42.81 -33.61 -48.61
N LYS G 61 -42.07 -34.33 -49.46
CA LYS G 61 -42.66 -35.20 -50.48
C LYS G 61 -42.08 -36.59 -50.35
N CYS G 62 -42.95 -37.60 -50.33
CA CYS G 62 -42.53 -38.99 -50.12
C CYS G 62 -42.36 -39.66 -51.48
N CYS G 63 -41.15 -40.15 -51.75
CA CYS G 63 -40.73 -40.72 -53.04
C CYS G 63 -41.03 -39.79 -54.21
N GLY G 64 -40.37 -38.65 -54.19
CA GLY G 64 -40.48 -37.69 -55.27
C GLY G 64 -39.32 -36.74 -55.21
N SER G 65 -39.57 -35.50 -55.60
CA SER G 65 -38.56 -34.47 -55.54
C SER G 65 -39.26 -33.12 -55.45
N GLN G 66 -38.46 -32.10 -55.16
CA GLN G 66 -38.94 -30.74 -54.95
C GLN G 66 -38.11 -29.79 -55.80
N GLU G 67 -38.56 -28.54 -55.86
CA GLU G 67 -37.78 -27.46 -56.44
C GLU G 67 -37.88 -26.24 -55.54
N CYS G 68 -37.10 -25.22 -55.87
CA CYS G 68 -37.03 -24.00 -55.07
C CYS G 68 -37.79 -22.90 -55.79
N THR G 69 -38.78 -22.32 -55.13
CA THR G 69 -39.53 -21.19 -55.66
C THR G 69 -39.14 -19.94 -54.90
N PRO G 70 -38.54 -18.95 -55.54
CA PRO G 70 -38.19 -17.72 -54.83
C PRO G 70 -39.42 -16.87 -54.49
N THR G 71 -39.26 -16.04 -53.48
CA THR G 71 -40.33 -15.17 -53.00
C THR G 71 -39.87 -13.73 -52.89
N TYR G 72 -38.56 -13.48 -53.10
CA TYR G 72 -37.93 -12.15 -53.05
C TYR G 72 -38.12 -11.48 -51.69
N ARG G 73 -38.16 -12.29 -50.65
CA ARG G 73 -38.18 -11.88 -49.26
C ARG G 73 -36.78 -11.42 -48.85
N PRO G 74 -36.67 -10.59 -47.79
CA PRO G 74 -35.36 -10.05 -47.41
C PRO G 74 -34.41 -11.13 -46.90
N ASP G 75 -33.26 -11.26 -47.58
CA ASP G 75 -32.17 -12.19 -47.24
C ASP G 75 -32.67 -13.63 -47.21
N GLU G 76 -33.51 -13.98 -48.17
CA GLU G 76 -34.17 -15.27 -48.15
C GLU G 76 -33.21 -16.36 -48.59
N GLN G 77 -33.02 -17.36 -47.74
CA GLN G 77 -32.24 -18.53 -48.05
C GLN G 77 -33.20 -19.68 -48.31
N CYS G 78 -32.97 -20.40 -49.40
CA CYS G 78 -33.77 -21.56 -49.75
C CYS G 78 -32.87 -22.67 -50.24
N LYS G 79 -33.13 -23.87 -49.75
CA LYS G 79 -32.28 -25.01 -50.07
C LYS G 79 -33.09 -26.27 -49.78
N VAL G 80 -32.91 -27.27 -50.62
CA VAL G 80 -33.68 -28.50 -50.53
C VAL G 80 -32.78 -29.61 -50.00
N PHE G 81 -33.35 -30.53 -49.24
CA PHE G 81 -32.59 -31.58 -48.57
C PHE G 81 -33.21 -32.93 -48.89
N THR G 82 -32.36 -33.90 -49.22
CA THR G 82 -32.80 -35.21 -49.65
C THR G 82 -32.28 -36.27 -48.70
N GLY G 83 -32.79 -37.48 -48.85
CA GLY G 83 -32.40 -38.57 -47.98
C GLY G 83 -32.97 -38.42 -46.59
N VAL G 84 -34.25 -38.06 -46.52
CA VAL G 84 -34.90 -37.70 -45.27
C VAL G 84 -35.85 -38.84 -44.89
N TYR G 85 -36.08 -39.02 -43.59
CA TYR G 85 -37.10 -39.94 -43.11
C TYR G 85 -37.73 -39.36 -41.86
N PRO G 86 -38.67 -38.43 -42.01
CA PRO G 86 -39.17 -37.66 -40.87
C PRO G 86 -40.14 -38.45 -40.00
N PHE G 87 -40.44 -37.86 -38.84
CA PHE G 87 -41.22 -38.48 -37.78
C PHE G 87 -42.17 -37.44 -37.19
N MET G 88 -43.47 -37.64 -37.34
CA MET G 88 -44.45 -36.82 -36.64
C MET G 88 -44.69 -37.42 -35.25
N TRP G 89 -45.68 -36.91 -34.53
CA TRP G 89 -46.04 -37.55 -33.27
C TRP G 89 -46.76 -38.88 -33.47
N GLY G 90 -47.29 -39.14 -34.65
CA GLY G 90 -47.99 -40.37 -34.90
C GLY G 90 -47.09 -41.48 -35.37
N GLY G 91 -46.11 -41.15 -36.20
CA GLY G 91 -45.21 -42.15 -36.72
C GLY G 91 -44.44 -41.61 -37.91
N ALA G 92 -43.95 -42.53 -38.74
CA ALA G 92 -43.16 -42.16 -39.90
C ALA G 92 -44.02 -41.42 -40.91
N TYR G 93 -43.55 -40.24 -41.33
CA TYR G 93 -44.35 -39.44 -42.25
C TYR G 93 -44.32 -39.99 -43.66
N CYS G 94 -43.24 -40.69 -44.03
CA CYS G 94 -43.15 -41.35 -45.33
C CYS G 94 -43.08 -42.86 -45.14
N PHE G 95 -43.11 -43.57 -46.26
CA PHE G 95 -42.91 -45.01 -46.29
C PHE G 95 -41.66 -45.42 -47.04
N CYS G 96 -40.98 -44.48 -47.67
CA CYS G 96 -39.80 -44.76 -48.49
C CYS G 96 -38.54 -44.67 -47.64
N ASP G 97 -37.55 -45.47 -48.00
CA ASP G 97 -36.28 -45.46 -47.27
C ASP G 97 -35.45 -44.23 -47.64
N THR G 98 -35.18 -44.06 -48.92
CA THR G 98 -34.51 -42.88 -49.44
C THR G 98 -35.44 -42.17 -50.41
N GLU G 99 -34.88 -41.16 -51.08
CA GLU G 99 -35.56 -40.36 -52.12
C GLU G 99 -36.78 -39.62 -51.58
N ASN G 100 -36.76 -39.30 -50.29
CA ASN G 100 -37.70 -38.34 -49.72
C ASN G 100 -37.04 -36.98 -49.74
N THR G 101 -37.85 -35.93 -49.82
CA THR G 101 -37.31 -34.62 -50.12
C THR G 101 -37.97 -33.57 -49.25
N GLN G 102 -37.17 -32.68 -48.69
CA GLN G 102 -37.64 -31.66 -47.76
C GLN G 102 -37.08 -30.30 -48.15
N VAL G 103 -37.90 -29.26 -48.07
CA VAL G 103 -37.51 -27.90 -48.41
C VAL G 103 -37.46 -27.08 -47.13
N SER G 104 -36.28 -26.59 -46.78
CA SER G 104 -36.11 -25.65 -45.70
C SER G 104 -35.91 -24.26 -46.28
N LYS G 105 -36.70 -23.30 -45.79
CA LYS G 105 -36.75 -21.96 -46.38
C LYS G 105 -36.87 -20.95 -45.26
N ALA G 106 -35.89 -20.05 -45.17
CA ALA G 106 -35.90 -19.02 -44.14
C ALA G 106 -35.57 -17.68 -44.77
N TYR G 107 -35.84 -16.63 -44.02
CA TYR G 107 -35.72 -15.24 -44.45
C TYR G 107 -35.82 -14.38 -43.22
N VAL G 108 -35.71 -13.07 -43.40
CA VAL G 108 -35.62 -12.12 -42.30
C VAL G 108 -36.79 -11.16 -42.38
N MET G 109 -37.43 -10.93 -41.23
CA MET G 109 -38.43 -9.89 -41.07
C MET G 109 -38.16 -9.18 -39.76
N LYS G 110 -38.48 -7.90 -39.69
CA LYS G 110 -38.14 -7.12 -38.51
C LYS G 110 -39.07 -7.50 -37.36
N SER G 111 -38.64 -7.22 -36.14
CA SER G 111 -39.32 -7.64 -34.92
C SER G 111 -40.64 -6.89 -34.79
N ASP G 112 -41.62 -7.56 -34.17
CA ASP G 112 -42.91 -6.94 -33.97
C ASP G 112 -42.89 -5.95 -32.81
N ASP G 113 -41.83 -5.99 -32.00
CA ASP G 113 -41.74 -5.07 -30.88
C ASP G 113 -41.15 -3.72 -31.28
N CYS G 114 -40.65 -3.62 -32.52
CA CYS G 114 -39.79 -2.47 -32.79
C CYS G 114 -40.54 -1.30 -33.40
N LEU G 115 -41.81 -1.11 -33.03
CA LEU G 115 -42.45 0.18 -33.21
C LEU G 115 -41.97 1.16 -32.15
N ALA G 116 -41.73 0.66 -30.93
CA ALA G 116 -41.31 1.52 -29.84
C ALA G 116 -39.84 1.37 -29.47
N ASP G 117 -39.24 0.24 -29.82
CA ASP G 117 -37.82 -0.01 -29.57
C ASP G 117 -37.11 -0.01 -30.92
N HIS G 118 -36.70 1.17 -31.37
CA HIS G 118 -35.96 1.27 -32.60
C HIS G 118 -35.00 2.45 -32.51
N ALA G 119 -34.00 2.44 -33.37
CA ALA G 119 -33.03 3.51 -33.44
C ALA G 119 -33.28 4.30 -34.72
N GLU G 120 -33.26 5.62 -34.60
CA GLU G 120 -33.52 6.51 -35.72
C GLU G 120 -32.19 7.09 -36.17
N ALA G 121 -31.78 6.75 -37.38
CA ALA G 121 -30.48 7.17 -37.92
C ALA G 121 -30.70 8.36 -38.83
N TYR G 122 -30.04 9.47 -38.52
CA TYR G 122 -30.28 10.74 -39.19
C TYR G 122 -29.00 11.29 -39.79
N LYS G 123 -29.16 12.34 -40.59
CA LYS G 123 -28.07 13.22 -40.97
C LYS G 123 -28.46 14.64 -40.66
N ALA G 124 -27.56 15.39 -40.03
CA ALA G 124 -27.87 16.73 -39.57
C ALA G 124 -26.85 17.72 -40.09
N HIS G 125 -27.33 18.91 -40.41
CA HIS G 125 -26.51 19.98 -40.96
C HIS G 125 -27.27 21.28 -40.80
N THR G 126 -26.52 22.39 -40.83
CA THR G 126 -27.03 23.76 -40.97
C THR G 126 -27.99 24.12 -39.83
N ALA G 127 -27.40 24.26 -38.64
CA ALA G 127 -28.14 24.57 -37.44
C ALA G 127 -28.78 25.95 -37.50
N SER G 128 -29.70 26.19 -36.56
CA SER G 128 -30.49 27.42 -36.53
C SER G 128 -30.65 27.84 -35.06
N VAL G 129 -29.81 28.75 -34.62
CA VAL G 129 -29.79 29.19 -33.22
C VAL G 129 -31.03 30.06 -32.98
N GLN G 130 -31.59 29.95 -31.77
CA GLN G 130 -32.91 30.49 -31.45
C GLN G 130 -32.95 30.81 -29.97
N ALA G 131 -32.99 32.09 -29.62
CA ALA G 131 -32.76 32.51 -28.25
C ALA G 131 -34.04 33.04 -27.59
N PHE G 132 -34.12 32.88 -26.28
CA PHE G 132 -35.22 33.43 -25.48
C PHE G 132 -34.62 34.59 -24.68
N LEU G 133 -35.04 35.82 -24.99
CA LEU G 133 -34.56 36.98 -24.28
C LEU G 133 -35.62 37.55 -23.35
N ASN G 134 -35.15 38.33 -22.39
CA ASN G 134 -35.98 38.98 -21.36
C ASN G 134 -35.47 40.41 -21.27
N ILE G 135 -36.01 41.29 -22.10
CA ILE G 135 -35.44 42.60 -22.38
C ILE G 135 -36.19 43.66 -21.60
N THR G 136 -35.45 44.63 -21.04
CA THR G 136 -36.04 45.77 -20.34
C THR G 136 -35.32 47.04 -20.80
N VAL G 137 -35.95 47.80 -21.68
CA VAL G 137 -35.38 49.02 -22.26
C VAL G 137 -36.28 50.19 -21.88
N GLY G 138 -35.79 51.06 -21.01
CA GLY G 138 -36.56 52.19 -20.54
C GLY G 138 -37.77 51.77 -19.73
N GLU G 139 -37.52 50.90 -18.73
CA GLU G 139 -38.47 50.22 -17.86
C GLU G 139 -39.71 49.68 -18.56
N HIS G 140 -39.52 49.14 -19.77
CA HIS G 140 -40.55 48.38 -20.47
C HIS G 140 -40.06 46.95 -20.62
N SER G 141 -40.72 46.03 -19.92
CA SER G 141 -40.28 44.63 -19.84
C SER G 141 -41.06 43.80 -20.84
N ILE G 142 -40.34 42.96 -21.59
CA ILE G 142 -40.94 41.99 -22.51
C ILE G 142 -40.22 40.66 -22.36
N VAL G 143 -40.84 39.62 -22.91
CA VAL G 143 -40.24 38.30 -23.02
C VAL G 143 -40.44 37.85 -24.47
N THR G 144 -39.36 37.61 -25.18
CA THR G 144 -39.41 37.48 -26.64
C THR G 144 -38.50 36.37 -27.12
N THR G 145 -39.06 35.44 -27.88
CA THR G 145 -38.28 34.47 -28.64
C THR G 145 -37.76 35.13 -29.90
N VAL G 146 -36.44 35.28 -29.99
CA VAL G 146 -35.84 35.95 -31.13
C VAL G 146 -35.13 34.91 -31.98
N TYR G 147 -35.02 35.19 -33.28
CA TYR G 147 -34.13 34.45 -34.16
C TYR G 147 -32.89 35.30 -34.35
N VAL G 148 -31.73 34.64 -34.42
CA VAL G 148 -30.46 35.36 -34.30
C VAL G 148 -29.65 35.27 -35.58
N ASN G 149 -30.32 35.21 -36.72
CA ASN G 149 -29.60 35.24 -37.99
C ASN G 149 -29.48 36.69 -38.47
N GLY G 150 -29.04 36.89 -39.72
CA GLY G 150 -28.81 38.21 -40.25
C GLY G 150 -30.06 39.01 -40.62
N GLU G 151 -31.25 38.48 -40.35
CA GLU G 151 -32.50 39.15 -40.65
C GLU G 151 -33.51 38.72 -39.59
N THR G 152 -34.81 38.91 -39.89
CA THR G 152 -35.98 38.60 -39.07
C THR G 152 -35.94 39.33 -37.73
N PRO G 153 -36.22 40.64 -37.72
CA PRO G 153 -36.18 41.40 -36.47
C PRO G 153 -37.49 41.31 -35.69
N VAL G 154 -37.40 41.63 -34.41
CA VAL G 154 -38.56 41.73 -33.55
C VAL G 154 -38.96 43.19 -33.44
N ASN G 155 -40.23 43.42 -33.11
CA ASN G 155 -40.77 44.76 -33.02
C ASN G 155 -41.67 44.87 -31.80
N PHE G 156 -41.42 45.89 -30.98
CA PHE G 156 -42.21 46.16 -29.79
C PHE G 156 -42.03 47.64 -29.44
N ASN G 157 -43.16 48.34 -29.27
CA ASN G 157 -43.20 49.74 -28.79
C ASN G 157 -42.38 50.69 -29.67
N GLY G 158 -42.22 50.35 -30.95
CA GLY G 158 -41.29 51.03 -31.81
C GLY G 158 -39.84 50.57 -31.71
N VAL G 159 -39.45 49.95 -30.59
CA VAL G 159 -38.07 49.54 -30.37
C VAL G 159 -37.80 48.32 -31.24
N LYS G 160 -37.04 48.51 -32.31
CA LYS G 160 -36.71 47.44 -33.24
C LYS G 160 -35.35 46.87 -32.90
N ILE G 161 -35.31 45.58 -32.56
CA ILE G 161 -34.09 44.87 -32.19
C ILE G 161 -33.83 43.78 -33.21
N THR G 162 -32.63 43.77 -33.76
CA THR G 162 -32.17 42.71 -34.66
C THR G 162 -31.00 42.01 -34.01
N ALA G 163 -31.11 40.70 -33.83
CA ALA G 163 -30.09 39.89 -33.16
C ALA G 163 -29.14 39.32 -34.22
N GLY G 164 -27.88 39.76 -34.18
CA GLY G 164 -26.93 39.47 -35.24
C GLY G 164 -26.49 38.03 -35.26
N PRO G 165 -25.85 37.62 -36.37
CA PRO G 165 -25.43 36.22 -36.50
C PRO G 165 -24.29 35.87 -35.56
N LEU G 166 -24.23 34.59 -35.21
CA LEU G 166 -23.31 34.09 -34.18
C LEU G 166 -21.86 34.24 -34.61
N SER G 167 -20.98 34.37 -33.63
CA SER G 167 -19.56 34.50 -33.90
C SER G 167 -18.90 33.18 -34.25
N THR G 168 -19.57 32.05 -34.06
CA THR G 168 -18.99 30.75 -34.30
C THR G 168 -20.06 29.81 -34.82
N ALA G 169 -19.74 29.06 -35.88
CA ALA G 169 -20.62 28.05 -36.45
C ALA G 169 -20.40 26.67 -35.85
N TRP G 170 -19.99 26.62 -34.59
CA TRP G 170 -19.76 25.35 -33.90
C TRP G 170 -21.07 24.64 -33.62
N THR G 171 -21.11 23.33 -33.88
CA THR G 171 -22.23 22.50 -33.46
C THR G 171 -21.69 21.27 -32.73
N PRO G 172 -22.38 20.83 -31.66
CA PRO G 172 -22.00 19.55 -31.04
C PRO G 172 -22.33 18.36 -31.90
N PHE G 173 -23.25 18.49 -32.83
CA PHE G 173 -23.70 17.40 -33.66
C PHE G 173 -22.76 17.21 -34.84
N ASP G 174 -22.64 15.98 -35.29
CA ASP G 174 -21.80 15.68 -36.44
C ASP G 174 -22.64 15.57 -37.70
N ARG G 175 -22.02 15.06 -38.76
CA ARG G 175 -22.72 14.86 -40.03
C ARG G 175 -23.71 13.72 -39.91
N LYS G 176 -23.42 12.72 -39.10
CA LYS G 176 -24.28 11.56 -38.89
C LYS G 176 -24.61 11.42 -37.41
N ILE G 177 -25.81 10.94 -37.13
CA ILE G 177 -26.41 10.95 -35.80
C ILE G 177 -27.33 9.75 -35.67
N VAL G 178 -27.25 9.04 -34.54
CA VAL G 178 -28.24 8.04 -34.16
C VAL G 178 -28.99 8.55 -32.95
N GLN G 179 -30.32 8.57 -33.03
CA GLN G 179 -31.18 8.78 -31.87
C GLN G 179 -31.66 7.43 -31.35
N TYR G 180 -31.52 7.21 -30.05
CA TYR G 180 -32.11 6.05 -29.41
C TYR G 180 -32.46 6.38 -27.97
N ALA G 181 -33.69 6.04 -27.57
CA ALA G 181 -34.18 6.12 -26.19
C ALA G 181 -34.09 7.53 -25.64
N GLY G 182 -34.41 8.52 -26.47
CA GLY G 182 -34.31 9.90 -26.02
C GLY G 182 -32.89 10.40 -25.87
N GLU G 183 -31.93 9.73 -26.50
CA GLU G 183 -30.52 10.08 -26.40
C GLU G 183 -29.92 10.00 -27.79
N ILE G 184 -28.85 10.77 -28.01
CA ILE G 184 -28.35 11.07 -29.34
C ILE G 184 -26.86 10.75 -29.38
N TYR G 185 -26.44 9.98 -30.38
CA TYR G 185 -25.09 9.43 -30.44
C TYR G 185 -24.46 9.83 -31.76
N ASN G 186 -23.29 10.46 -31.71
CA ASN G 186 -22.56 10.73 -32.95
C ASN G 186 -22.00 9.41 -33.45
N TYR G 187 -22.72 8.75 -34.35
CA TYR G 187 -22.33 7.43 -34.82
C TYR G 187 -22.24 7.43 -36.33
N ASP G 188 -21.10 6.99 -36.86
CA ASP G 188 -20.88 6.85 -38.29
C ASP G 188 -21.48 5.53 -38.74
N PHE G 189 -22.76 5.56 -39.04
CA PHE G 189 -23.53 4.37 -39.36
C PHE G 189 -23.44 4.05 -40.84
N PRO G 190 -23.65 2.80 -41.24
CA PRO G 190 -23.63 2.49 -42.67
C PRO G 190 -24.82 3.06 -43.40
N GLU G 191 -24.61 3.34 -44.68
CA GLU G 191 -25.63 3.87 -45.55
C GLU G 191 -26.69 2.81 -45.84
N TYR G 192 -27.82 3.26 -46.40
CA TYR G 192 -28.90 2.34 -46.74
C TYR G 192 -28.45 1.44 -47.88
N GLY G 193 -28.72 0.14 -47.74
CA GLY G 193 -28.24 -0.83 -48.68
C GLY G 193 -26.78 -1.21 -48.51
N ALA G 194 -26.11 -0.68 -47.49
CA ALA G 194 -24.70 -0.96 -47.24
C ALA G 194 -24.48 -1.50 -45.83
N GLY G 195 -25.44 -2.23 -45.30
CA GLY G 195 -25.34 -2.74 -43.94
C GLY G 195 -24.71 -4.13 -43.90
N GLN G 196 -23.83 -4.34 -42.91
CA GLN G 196 -23.03 -5.52 -42.64
C GLN G 196 -23.62 -6.31 -41.48
N PRO G 197 -23.46 -7.64 -41.49
CA PRO G 197 -24.02 -8.44 -40.38
C PRO G 197 -23.22 -8.27 -39.11
N GLY G 198 -23.91 -8.38 -37.98
CA GLY G 198 -23.31 -8.25 -36.68
C GLY G 198 -23.13 -6.84 -36.18
N ALA G 199 -23.03 -5.86 -37.07
CA ALA G 199 -22.87 -4.47 -36.68
C ALA G 199 -24.19 -3.73 -36.76
N PHE G 200 -24.18 -2.48 -36.27
CA PHE G 200 -25.36 -1.61 -36.23
C PHE G 200 -25.85 -1.30 -37.62
N GLY G 201 -26.98 -1.88 -38.00
CA GLY G 201 -27.51 -1.62 -39.32
C GLY G 201 -27.48 -2.85 -40.19
N ASP G 202 -27.54 -4.03 -39.59
CA ASP G 202 -27.73 -5.23 -40.38
C ASP G 202 -29.15 -5.32 -40.92
N ILE G 203 -30.09 -4.67 -40.25
CA ILE G 203 -31.46 -4.48 -40.72
C ILE G 203 -31.64 -3.01 -40.99
N GLN G 204 -32.18 -2.68 -42.16
CA GLN G 204 -32.33 -1.29 -42.58
C GLN G 204 -33.70 -1.13 -43.22
N SER G 205 -34.66 -0.65 -42.45
CA SER G 205 -35.97 -0.30 -42.97
C SER G 205 -36.03 1.21 -43.12
N ARG G 206 -36.66 1.66 -44.21
CA ARG G 206 -36.58 3.07 -44.60
C ARG G 206 -37.43 3.95 -43.69
N THR G 207 -38.64 3.53 -43.37
CA THR G 207 -39.44 4.15 -42.32
C THR G 207 -39.87 3.06 -41.36
N VAL G 208 -40.64 3.43 -40.34
CA VAL G 208 -41.08 2.43 -39.37
C VAL G 208 -42.19 1.57 -39.97
N SER G 209 -42.85 2.06 -41.00
CA SER G 209 -43.93 1.35 -41.65
C SER G 209 -43.72 1.28 -43.16
N SER G 210 -42.53 0.89 -43.60
CA SER G 210 -42.19 0.93 -45.02
C SER G 210 -42.53 -0.35 -45.75
N SER G 211 -42.42 -1.50 -45.07
CA SER G 211 -42.54 -2.85 -45.65
C SER G 211 -41.57 -3.05 -46.81
N ASP G 212 -40.37 -2.48 -46.67
CA ASP G 212 -39.28 -2.71 -47.62
C ASP G 212 -37.99 -2.51 -46.82
N LEU G 213 -37.43 -3.60 -46.31
CA LEU G 213 -36.22 -3.52 -45.51
C LEU G 213 -35.05 -4.20 -46.21
N TYR G 214 -33.86 -3.74 -45.88
CA TYR G 214 -32.61 -4.34 -46.33
C TYR G 214 -32.07 -5.23 -45.22
N ALA G 215 -31.91 -6.51 -45.52
CA ALA G 215 -31.49 -7.49 -44.53
C ALA G 215 -30.20 -8.14 -44.97
N ASN G 216 -29.15 -7.98 -44.17
CA ASN G 216 -27.89 -8.70 -44.36
C ASN G 216 -27.48 -9.20 -42.98
N THR G 217 -27.93 -10.39 -42.61
CA THR G 217 -27.56 -10.97 -41.32
C THR G 217 -26.77 -12.26 -41.47
N ASN G 218 -26.26 -12.55 -42.68
CA ASN G 218 -25.37 -13.67 -42.97
C ASN G 218 -26.03 -15.01 -42.64
N LEU G 219 -27.26 -15.19 -43.12
CA LEU G 219 -28.03 -16.37 -42.82
C LEU G 219 -27.62 -17.52 -43.72
N VAL G 220 -27.50 -18.72 -43.13
CA VAL G 220 -27.06 -19.93 -43.83
C VAL G 220 -27.89 -21.08 -43.28
N LEU G 221 -28.53 -21.83 -44.17
CA LEU G 221 -29.38 -22.94 -43.76
C LEU G 221 -28.56 -24.21 -43.61
N GLN G 222 -28.72 -24.88 -42.48
CA GLN G 222 -28.02 -26.12 -42.18
C GLN G 222 -28.95 -27.30 -42.43
N ARG G 223 -28.41 -28.49 -42.27
CA ARG G 223 -29.17 -29.70 -42.58
C ARG G 223 -30.01 -30.12 -41.38
N PRO G 224 -31.26 -30.53 -41.60
CA PRO G 224 -32.06 -31.05 -40.49
C PRO G 224 -31.52 -32.37 -39.94
N LYS G 225 -31.70 -32.54 -38.64
CA LYS G 225 -31.31 -33.76 -37.94
C LYS G 225 -32.12 -34.93 -38.44
N ALA G 226 -31.50 -36.11 -38.46
CA ALA G 226 -32.13 -37.32 -38.97
C ALA G 226 -33.30 -37.72 -38.07
N GLY G 227 -34.49 -37.77 -38.67
CA GLY G 227 -35.69 -38.12 -37.92
C GLY G 227 -36.38 -36.95 -37.28
N ALA G 228 -36.30 -35.77 -37.86
CA ALA G 228 -36.87 -34.60 -37.22
C ALA G 228 -37.35 -33.61 -38.27
N ILE G 229 -38.31 -32.80 -37.89
CA ILE G 229 -38.91 -31.80 -38.78
C ILE G 229 -38.68 -30.45 -38.13
N HIS G 230 -37.62 -29.78 -38.54
CA HIS G 230 -37.35 -28.41 -38.13
C HIS G 230 -36.52 -27.75 -39.20
N VAL G 231 -36.39 -26.43 -39.10
CA VAL G 231 -35.54 -25.68 -40.01
C VAL G 231 -34.32 -25.19 -39.23
N PRO G 232 -33.18 -25.85 -39.32
CA PRO G 232 -31.98 -25.33 -38.70
C PRO G 232 -31.36 -24.22 -39.53
N TYR G 233 -30.91 -23.18 -38.85
CA TYR G 233 -30.23 -22.08 -39.51
C TYR G 233 -29.08 -21.62 -38.63
N THR G 234 -28.26 -20.72 -39.17
CA THR G 234 -27.07 -20.24 -38.47
C THR G 234 -26.75 -18.86 -39.02
N GLN G 235 -26.82 -17.85 -38.17
CA GLN G 235 -26.61 -16.49 -38.64
C GLN G 235 -25.97 -15.65 -37.55
N ALA G 236 -25.51 -14.48 -37.96
CA ALA G 236 -24.84 -13.58 -37.04
C ALA G 236 -25.86 -12.99 -36.07
N PRO G 237 -25.48 -12.78 -34.81
CA PRO G 237 -26.41 -12.17 -33.86
C PRO G 237 -26.68 -10.71 -34.19
N SER G 238 -27.65 -10.15 -33.46
CA SER G 238 -28.21 -8.86 -33.81
C SER G 238 -27.21 -7.74 -33.63
N GLY G 239 -27.15 -6.84 -34.61
CA GLY G 239 -26.22 -5.73 -34.57
C GLY G 239 -26.73 -4.56 -33.77
N PHE G 240 -28.04 -4.34 -33.78
CA PHE G 240 -28.66 -3.38 -32.87
C PHE G 240 -28.41 -3.76 -31.43
N GLU G 241 -28.49 -5.06 -31.13
CA GLU G 241 -28.25 -5.55 -29.78
C GLU G 241 -26.79 -5.41 -29.37
N GLN G 242 -25.87 -5.80 -30.25
CA GLN G 242 -24.44 -5.69 -29.95
C GLN G 242 -24.00 -4.24 -29.82
N TRP G 243 -24.60 -3.36 -30.63
CA TRP G 243 -24.36 -1.93 -30.46
C TRP G 243 -24.87 -1.44 -29.12
N LYS G 244 -26.04 -1.90 -28.68
CA LYS G 244 -26.57 -1.48 -27.38
C LYS G 244 -25.72 -1.99 -26.24
N LYS G 245 -25.11 -3.18 -26.38
CA LYS G 245 -24.12 -3.61 -25.39
C LYS G 245 -22.88 -2.74 -25.43
N ASP G 246 -22.47 -2.29 -26.62
CA ASP G 246 -21.24 -1.51 -26.64
C ASP G 246 -21.45 -0.08 -26.18
N LYS G 247 -22.11 0.76 -27.00
CA LYS G 247 -22.62 2.09 -26.62
C LYS G 247 -21.72 3.00 -25.78
N ALA G 248 -20.68 3.56 -26.38
CA ALA G 248 -20.03 4.73 -25.80
C ALA G 248 -21.10 5.80 -25.51
N PRO G 249 -20.98 6.53 -24.39
CA PRO G 249 -22.14 7.27 -23.84
C PRO G 249 -22.63 8.38 -24.74
N SER G 250 -23.78 8.93 -24.37
CA SER G 250 -24.53 9.83 -25.25
C SER G 250 -23.82 11.15 -25.41
N LEU G 251 -24.38 11.98 -26.29
CA LEU G 251 -23.87 13.33 -26.45
C LEU G 251 -24.28 14.23 -25.29
N LYS G 252 -25.19 13.76 -24.44
CA LYS G 252 -25.64 14.52 -23.28
C LYS G 252 -24.53 14.64 -22.24
N PHE G 253 -23.62 13.66 -22.19
CA PHE G 253 -22.57 13.62 -21.19
C PHE G 253 -21.20 13.92 -21.76
N THR G 254 -21.04 13.95 -23.09
CA THR G 254 -19.74 14.04 -23.72
C THR G 254 -19.61 15.27 -24.61
N ALA G 255 -20.54 16.22 -24.53
CA ALA G 255 -20.42 17.31 -25.47
C ALA G 255 -19.69 18.49 -24.83
N PRO G 256 -18.83 19.17 -25.56
CA PRO G 256 -18.11 20.29 -24.98
C PRO G 256 -18.99 21.52 -24.83
N PHE G 257 -18.44 22.51 -24.14
CA PHE G 257 -19.02 23.81 -23.78
C PHE G 257 -20.22 23.68 -22.84
N GLY G 258 -20.46 22.50 -22.29
CA GLY G 258 -21.57 22.32 -21.37
C GLY G 258 -22.91 22.30 -22.05
N CYS G 259 -23.01 21.64 -23.21
CA CYS G 259 -24.28 21.56 -23.90
C CYS G 259 -25.23 20.64 -23.18
N GLU G 260 -26.52 20.94 -23.33
CA GLU G 260 -27.59 20.13 -22.78
C GLU G 260 -28.37 19.60 -23.96
N ILE G 261 -28.30 18.29 -24.17
CA ILE G 261 -28.84 17.68 -25.38
C ILE G 261 -30.24 17.15 -25.07
N TYR G 262 -31.25 17.73 -25.73
CA TYR G 262 -32.61 17.26 -25.63
C TYR G 262 -33.04 16.73 -26.99
N THR G 263 -34.24 16.16 -27.06
CA THR G 263 -34.56 15.30 -28.18
C THR G 263 -35.98 15.43 -28.72
N ASN G 264 -36.80 16.36 -28.22
CA ASN G 264 -38.20 16.40 -28.67
C ASN G 264 -38.30 16.98 -30.09
N PRO G 265 -37.79 18.18 -30.41
CA PRO G 265 -36.96 18.28 -31.62
C PRO G 265 -35.50 18.10 -31.24
N ILE G 266 -34.68 17.57 -32.14
CA ILE G 266 -33.26 17.39 -31.82
C ILE G 266 -32.58 18.75 -31.75
N ARG G 267 -32.07 19.09 -30.57
CA ARG G 267 -31.63 20.45 -30.31
C ARG G 267 -30.58 20.40 -29.22
N ALA G 268 -29.83 21.51 -29.10
CA ALA G 268 -28.71 21.59 -28.17
C ALA G 268 -28.85 22.86 -27.34
N GLU G 269 -29.25 22.70 -26.09
CA GLU G 269 -29.53 23.83 -25.22
C GLU G 269 -28.26 24.34 -24.56
N ASN G 270 -28.14 25.67 -24.50
CA ASN G 270 -27.25 26.38 -23.57
C ASN G 270 -25.78 26.09 -23.80
N CYS G 271 -25.39 25.83 -25.05
CA CYS G 271 -24.00 25.60 -25.40
C CYS G 271 -23.23 26.91 -25.24
N ALA G 272 -22.42 27.00 -24.19
CA ALA G 272 -21.74 28.25 -23.83
C ALA G 272 -20.52 28.47 -24.72
N VAL G 273 -20.79 28.86 -25.96
CA VAL G 273 -19.76 29.20 -26.93
C VAL G 273 -20.22 30.44 -27.68
N GLY G 274 -19.27 31.29 -28.05
CA GLY G 274 -19.55 32.43 -28.89
C GLY G 274 -20.22 33.56 -28.13
N SER G 275 -20.77 34.50 -28.92
CA SER G 275 -21.46 35.67 -28.40
C SER G 275 -22.35 36.23 -29.50
N ILE G 276 -23.52 36.72 -29.13
CA ILE G 276 -24.49 37.23 -30.08
C ILE G 276 -24.36 38.75 -30.16
N PRO G 277 -24.10 39.33 -31.32
CA PRO G 277 -24.23 40.77 -31.48
C PRO G 277 -25.69 41.16 -31.69
N LEU G 278 -25.99 42.41 -31.37
CA LEU G 278 -27.36 42.91 -31.45
C LEU G 278 -27.39 44.22 -32.22
N ALA G 279 -28.57 44.83 -32.25
CA ALA G 279 -28.77 46.16 -32.82
C ALA G 279 -30.01 46.77 -32.18
N PHE G 280 -29.93 48.05 -31.85
CA PHE G 280 -31.06 48.77 -31.26
C PHE G 280 -31.48 49.90 -32.18
N ASP G 281 -32.72 49.82 -32.65
CA ASP G 281 -33.40 50.95 -33.28
C ASP G 281 -34.32 51.58 -32.23
N ILE G 282 -33.70 52.31 -31.31
CA ILE G 282 -34.45 52.96 -30.23
C ILE G 282 -35.14 54.19 -30.82
N PRO G 283 -36.44 54.34 -30.65
CA PRO G 283 -37.14 55.53 -31.15
C PRO G 283 -36.70 56.77 -30.38
N ASP G 284 -36.92 57.93 -31.01
CA ASP G 284 -36.48 59.20 -30.43
C ASP G 284 -37.37 59.62 -29.28
N ALA G 285 -38.55 59.00 -29.14
CA ALA G 285 -39.46 59.34 -28.04
C ALA G 285 -38.93 58.85 -26.70
N LEU G 286 -38.13 57.78 -26.72
CA LEU G 286 -37.67 57.18 -25.46
C LEU G 286 -36.51 57.98 -24.87
N PHE G 287 -35.81 58.73 -25.70
CA PHE G 287 -34.68 59.53 -25.23
C PHE G 287 -35.16 60.72 -24.41
N THR G 288 -34.72 60.76 -23.16
CA THR G 288 -35.23 61.69 -22.17
C THR G 288 -34.28 62.88 -22.06
N ARG G 289 -34.85 64.08 -21.95
CA ARG G 289 -34.08 65.32 -21.94
C ARG G 289 -33.30 65.45 -20.64
N VAL G 290 -32.42 66.47 -20.61
CA VAL G 290 -31.54 66.69 -19.47
C VAL G 290 -32.33 67.15 -18.26
N SER G 291 -33.17 68.19 -18.44
CA SER G 291 -33.93 68.77 -17.35
C SER G 291 -35.03 67.85 -16.83
N GLU G 292 -35.45 66.85 -17.62
CA GLU G 292 -36.41 65.86 -17.15
C GLU G 292 -35.78 64.81 -16.24
N THR G 293 -34.46 64.81 -16.09
CA THR G 293 -33.74 63.84 -15.29
C THR G 293 -33.00 64.55 -14.16
N PRO G 294 -32.90 63.92 -12.99
CA PRO G 294 -32.15 64.52 -11.88
C PRO G 294 -30.66 64.56 -12.16
N THR G 295 -29.98 65.39 -11.37
CA THR G 295 -28.55 65.61 -11.51
C THR G 295 -27.95 65.78 -10.12
N LEU G 296 -26.87 65.05 -9.84
CA LEU G 296 -26.28 65.10 -8.52
C LEU G 296 -25.34 66.28 -8.39
N SER G 297 -24.89 66.50 -7.16
CA SER G 297 -23.81 67.44 -6.86
C SER G 297 -23.20 67.01 -5.54
N ALA G 298 -21.87 66.94 -5.50
CA ALA G 298 -21.07 66.53 -4.33
C ALA G 298 -21.46 65.13 -3.84
N ALA G 299 -21.17 64.16 -4.70
CA ALA G 299 -21.36 62.75 -4.37
C ALA G 299 -20.03 62.09 -4.05
N GLU G 300 -20.04 61.25 -3.01
CA GLU G 300 -18.85 60.57 -2.53
C GLU G 300 -19.13 59.07 -2.43
N CYS G 301 -18.18 58.26 -2.87
CA CYS G 301 -18.31 56.80 -2.89
C CYS G 301 -17.32 56.17 -1.93
N THR G 302 -17.83 55.33 -1.02
CA THR G 302 -17.00 54.53 -0.13
C THR G 302 -17.38 53.07 -0.28
N LEU G 303 -16.38 52.19 -0.12
CA LEU G 303 -16.58 50.74 -0.27
C LEU G 303 -16.74 50.14 1.13
N ASN G 304 -17.92 49.59 1.40
CA ASN G 304 -18.18 48.96 2.69
C ASN G 304 -17.58 47.56 2.74
N GLU G 305 -18.07 46.67 1.90
CA GLU G 305 -17.53 45.34 1.76
C GLU G 305 -16.82 45.23 0.43
N CYS G 306 -15.71 44.50 0.42
CA CYS G 306 -14.96 44.31 -0.81
C CYS G 306 -14.34 42.93 -0.70
N VAL G 307 -14.91 41.99 -1.44
CA VAL G 307 -14.40 40.63 -1.57
C VAL G 307 -14.50 40.25 -3.03
N TYR G 308 -13.38 39.86 -3.64
CA TYR G 308 -13.39 39.53 -5.07
C TYR G 308 -13.86 38.10 -5.29
N SER G 309 -15.12 37.88 -4.94
CA SER G 309 -15.74 36.58 -5.11
C SER G 309 -16.36 36.48 -6.50
N SER G 310 -16.97 35.32 -6.78
CA SER G 310 -17.51 35.08 -8.10
C SER G 310 -18.88 35.71 -8.28
N ASP G 311 -19.62 35.93 -7.20
CA ASP G 311 -20.90 36.59 -7.24
C ASP G 311 -20.72 38.10 -6.98
N PHE G 312 -21.83 38.78 -6.70
CA PHE G 312 -21.81 40.20 -6.38
C PHE G 312 -21.38 40.34 -4.92
N GLY G 313 -20.07 40.36 -4.71
CA GLY G 313 -19.52 40.36 -3.36
C GLY G 313 -18.85 41.66 -2.96
N GLY G 314 -19.44 42.79 -3.34
CA GLY G 314 -18.93 44.08 -2.92
C GLY G 314 -20.02 45.11 -2.74
N ILE G 315 -19.94 45.89 -1.66
CA ILE G 315 -20.98 46.87 -1.32
C ILE G 315 -20.36 48.25 -1.33
N ALA G 316 -20.87 49.12 -2.19
CA ALA G 316 -20.43 50.52 -2.26
C ALA G 316 -21.61 51.43 -1.97
N THR G 317 -21.47 52.27 -0.94
CA THR G 317 -22.53 53.19 -0.53
C THR G 317 -22.15 54.59 -0.99
N VAL G 318 -22.86 55.09 -2.00
CA VAL G 318 -22.60 56.40 -2.57
C VAL G 318 -23.41 57.42 -1.80
N LYS G 319 -22.70 58.37 -1.16
CA LYS G 319 -23.33 59.43 -0.39
C LYS G 319 -23.45 60.66 -1.27
N TYR G 320 -24.66 60.95 -1.72
CA TYR G 320 -24.88 61.95 -2.76
C TYR G 320 -25.67 63.13 -2.19
N SER G 321 -26.00 64.07 -3.08
CA SER G 321 -26.87 65.19 -2.76
C SER G 321 -27.52 65.61 -4.07
N ALA G 322 -28.79 65.25 -4.25
CA ALA G 322 -29.47 65.38 -5.54
C ALA G 322 -30.40 66.57 -5.55
N SER G 323 -30.43 67.27 -6.69
CA SER G 323 -31.37 68.36 -6.88
C SER G 323 -32.81 67.88 -7.02
N LYS G 324 -33.05 66.83 -7.80
CA LYS G 324 -34.37 66.23 -7.93
C LYS G 324 -34.33 64.81 -7.41
N SER G 325 -35.44 64.38 -6.84
CA SER G 325 -35.58 63.02 -6.32
C SER G 325 -36.28 62.18 -7.37
N GLY G 326 -35.51 61.34 -8.05
CA GLY G 326 -36.05 60.49 -9.09
C GLY G 326 -35.02 59.46 -9.51
N LYS G 327 -35.52 58.32 -9.99
CA LYS G 327 -34.64 57.22 -10.35
C LYS G 327 -33.91 57.49 -11.66
N CYS G 328 -32.68 57.01 -11.74
CA CYS G 328 -31.88 57.04 -12.96
C CYS G 328 -30.79 55.97 -12.84
N ALA G 329 -29.97 55.86 -13.89
CA ALA G 329 -29.17 54.65 -14.10
C ALA G 329 -27.71 54.83 -13.72
N VAL G 330 -27.17 53.81 -13.05
CA VAL G 330 -25.76 53.73 -12.69
C VAL G 330 -25.07 52.77 -13.65
N HIS G 331 -23.77 53.00 -13.88
CA HIS G 331 -23.01 52.21 -14.83
C HIS G 331 -21.52 52.40 -14.58
N VAL G 332 -20.75 51.36 -14.83
CA VAL G 332 -19.30 51.41 -14.84
C VAL G 332 -18.83 51.23 -16.27
N PRO G 333 -18.04 52.16 -16.82
CA PRO G 333 -17.61 52.01 -18.22
C PRO G 333 -16.59 50.91 -18.43
N SER G 334 -15.71 50.68 -17.47
CA SER G 334 -14.63 49.72 -17.62
C SER G 334 -15.11 48.31 -17.35
N GLY G 335 -14.19 47.35 -17.44
CA GLY G 335 -14.44 46.01 -17.01
C GLY G 335 -13.91 45.79 -15.61
N THR G 336 -13.81 46.88 -14.86
CA THR G 336 -13.29 46.82 -13.49
C THR G 336 -14.33 46.22 -12.55
N ALA G 337 -15.59 46.61 -12.70
CA ALA G 337 -16.65 46.10 -11.86
C ALA G 337 -17.90 45.86 -12.69
N THR G 338 -18.71 44.91 -12.24
CA THR G 338 -19.98 44.58 -12.89
C THR G 338 -21.09 44.81 -11.88
N LEU G 339 -21.95 45.79 -12.17
CA LEU G 339 -22.96 46.21 -11.21
C LEU G 339 -24.15 45.24 -11.21
N LYS G 340 -24.80 45.15 -10.05
CA LYS G 340 -25.95 44.26 -9.92
C LYS G 340 -27.17 44.84 -10.61
N GLU G 341 -27.64 45.98 -10.13
CA GLU G 341 -28.85 46.61 -10.65
C GLU G 341 -28.51 47.65 -11.70
N ALA G 342 -29.50 47.94 -12.54
CA ALA G 342 -29.32 48.90 -13.62
C ALA G 342 -29.68 50.32 -13.23
N ALA G 343 -30.48 50.51 -12.20
CA ALA G 343 -30.87 51.83 -11.75
C ALA G 343 -31.22 51.79 -10.28
N VAL G 344 -30.96 52.90 -9.59
CA VAL G 344 -31.30 53.08 -8.18
C VAL G 344 -32.11 54.35 -8.05
N GLU G 345 -33.24 54.27 -7.33
CA GLU G 345 -34.04 55.45 -7.03
C GLU G 345 -33.29 56.42 -6.13
N LEU G 346 -33.31 57.69 -6.50
CA LEU G 346 -32.63 58.73 -5.76
C LEU G 346 -33.63 59.54 -4.95
N THR G 347 -33.26 59.82 -3.70
CA THR G 347 -33.95 60.82 -2.89
C THR G 347 -33.22 62.14 -3.04
N GLU G 348 -33.55 63.11 -2.18
CA GLU G 348 -32.91 64.42 -2.29
C GLU G 348 -31.51 64.44 -1.69
N GLN G 349 -31.37 63.99 -0.43
CA GLN G 349 -30.09 64.04 0.25
C GLN G 349 -29.67 62.69 0.83
N GLY G 350 -30.27 61.60 0.38
CA GLY G 350 -29.96 60.29 0.92
C GLY G 350 -28.65 59.71 0.40
N SER G 351 -28.49 58.41 0.63
CA SER G 351 -27.29 57.68 0.22
C SER G 351 -27.70 56.36 -0.41
N ALA G 352 -27.26 56.15 -1.65
CA ALA G 352 -27.67 55.00 -2.45
C ALA G 352 -26.62 53.90 -2.35
N THR G 353 -27.06 52.68 -2.12
CA THR G 353 -26.19 51.53 -1.91
C THR G 353 -26.30 50.60 -3.10
N ILE G 354 -25.17 50.31 -3.74
CA ILE G 354 -25.12 49.43 -4.89
C ILE G 354 -24.30 48.20 -4.54
N HIS G 355 -24.47 47.16 -5.35
CA HIS G 355 -23.68 45.94 -5.26
C HIS G 355 -22.95 45.72 -6.56
N PHE G 356 -21.70 45.27 -6.47
CA PHE G 356 -20.87 45.06 -7.65
C PHE G 356 -20.05 43.79 -7.47
N SER G 357 -19.37 43.39 -8.54
CA SER G 357 -18.57 42.17 -8.55
C SER G 357 -17.25 42.46 -9.24
N THR G 358 -16.19 41.83 -8.79
CA THR G 358 -14.87 42.18 -9.29
C THR G 358 -13.91 41.00 -9.21
N ALA G 359 -12.78 41.18 -9.88
CA ALA G 359 -11.64 40.29 -9.77
C ALA G 359 -10.42 41.01 -9.21
N ASN G 360 -10.56 42.30 -8.91
CA ASN G 360 -9.42 43.14 -8.61
C ASN G 360 -9.12 43.12 -7.12
N ILE G 361 -7.83 42.98 -6.80
CA ILE G 361 -7.42 42.96 -5.41
C ILE G 361 -7.29 44.38 -4.88
N HIS G 362 -7.20 45.36 -5.77
CA HIS G 362 -7.27 46.78 -5.41
C HIS G 362 -8.14 47.45 -6.47
N PRO G 363 -9.46 47.33 -6.34
CA PRO G 363 -10.33 47.87 -7.39
C PRO G 363 -10.44 49.39 -7.31
N GLU G 364 -10.51 50.01 -8.48
CA GLU G 364 -10.65 51.45 -8.58
C GLU G 364 -11.30 51.76 -9.92
N PHE G 365 -12.51 52.31 -9.90
CA PHE G 365 -13.25 52.59 -11.12
C PHE G 365 -14.06 53.85 -10.97
N ARG G 366 -14.33 54.50 -12.10
CA ARG G 366 -15.19 55.68 -12.13
C ARG G 366 -16.63 55.22 -12.27
N LEU G 367 -17.45 55.53 -11.27
CA LEU G 367 -18.85 55.13 -11.28
C LEU G 367 -19.68 56.25 -11.90
N GLN G 368 -20.20 56.00 -13.08
CA GLN G 368 -21.11 56.94 -13.73
C GLN G 368 -22.47 56.82 -13.07
N ILE G 369 -23.00 57.95 -12.60
CA ILE G 369 -24.37 58.01 -12.12
C ILE G 369 -25.05 59.20 -12.79
N CYS G 370 -25.62 58.94 -13.97
CA CYS G 370 -26.66 59.65 -14.69
C CYS G 370 -26.25 60.98 -15.30
N THR G 371 -25.24 61.65 -14.75
CA THR G 371 -24.51 62.74 -15.41
C THR G 371 -23.02 62.59 -15.13
N SER G 372 -22.72 62.21 -13.88
CA SER G 372 -21.43 62.49 -13.30
C SER G 372 -20.69 61.20 -12.94
N TYR G 373 -19.40 61.34 -12.71
CA TYR G 373 -18.51 60.22 -12.45
C TYR G 373 -17.93 60.36 -11.05
N VAL G 374 -18.14 59.36 -10.21
CA VAL G 374 -17.52 59.33 -8.89
C VAL G 374 -16.56 58.16 -8.82
N THR G 375 -15.48 58.35 -8.07
CA THR G 375 -14.40 57.39 -7.99
C THR G 375 -14.61 56.50 -6.77
N CYS G 376 -14.59 55.19 -6.98
CA CYS G 376 -14.77 54.22 -5.91
C CYS G 376 -13.46 53.46 -5.76
N LYS G 377 -12.87 53.53 -4.56
CA LYS G 377 -11.54 53.00 -4.30
C LYS G 377 -11.56 52.17 -3.03
N GLY G 378 -10.96 50.98 -3.07
CA GLY G 378 -10.94 50.13 -1.91
C GLY G 378 -9.97 48.97 -2.09
N ASP G 379 -10.05 48.03 -1.15
CA ASP G 379 -9.18 46.85 -1.12
C ASP G 379 -10.04 45.61 -0.91
N CYS G 380 -10.13 44.75 -1.92
CA CYS G 380 -10.88 43.52 -1.79
C CYS G 380 -10.03 42.39 -1.21
N HIS G 381 -10.72 41.35 -0.75
CA HIS G 381 -10.15 40.27 0.03
C HIS G 381 -10.58 38.94 -0.56
N PRO G 382 -9.84 37.86 -0.32
CA PRO G 382 -10.23 36.56 -0.88
C PRO G 382 -11.48 36.01 -0.21
N PRO G 383 -12.34 35.34 -0.96
CA PRO G 383 -13.57 34.78 -0.39
C PRO G 383 -13.28 33.51 0.40
N LYS G 384 -14.33 32.91 0.93
CA LYS G 384 -14.19 31.80 1.86
C LYS G 384 -14.32 30.43 1.19
N ASP G 385 -14.91 30.35 0.01
CA ASP G 385 -15.14 29.07 -0.65
C ASP G 385 -14.13 28.84 -1.76
N HIS G 386 -13.72 27.59 -1.92
CA HIS G 386 -12.86 27.20 -3.01
C HIS G 386 -13.65 26.91 -4.28
N ILE G 387 -14.67 26.06 -4.18
CA ILE G 387 -15.48 25.65 -5.32
C ILE G 387 -16.91 26.07 -5.03
N VAL G 388 -17.52 26.80 -5.96
CA VAL G 388 -18.89 27.27 -5.82
C VAL G 388 -19.75 26.62 -6.90
N THR G 389 -21.06 26.89 -6.83
CA THR G 389 -22.03 26.18 -7.67
C THR G 389 -22.76 27.13 -8.62
N HIS G 390 -22.14 28.23 -8.99
CA HIS G 390 -22.71 29.14 -9.98
C HIS G 390 -21.56 29.68 -10.83
N PRO G 391 -21.81 30.00 -12.11
CA PRO G 391 -20.73 30.53 -12.94
C PRO G 391 -20.31 31.95 -12.60
N GLN G 392 -19.32 32.46 -13.31
CA GLN G 392 -18.62 33.68 -12.96
C GLN G 392 -19.34 34.92 -13.48
N TYR G 393 -19.43 35.95 -12.63
CA TYR G 393 -20.18 37.16 -12.94
C TYR G 393 -19.30 38.34 -13.31
N HIS G 394 -18.03 38.13 -13.64
CA HIS G 394 -17.13 39.23 -13.92
C HIS G 394 -15.98 38.73 -14.78
N ALA G 395 -15.40 39.65 -15.55
CA ALA G 395 -14.37 39.32 -16.53
C ALA G 395 -12.98 39.54 -15.94
N GLN G 396 -12.16 38.49 -15.96
CA GLN G 396 -10.80 38.56 -15.45
C GLN G 396 -9.93 39.37 -16.40
N THR G 397 -9.61 40.59 -16.02
CA THR G 397 -8.71 41.44 -16.78
C THR G 397 -7.27 40.99 -16.55
N PHE G 398 -6.44 41.13 -17.57
CA PHE G 398 -5.00 40.96 -17.39
C PHE G 398 -4.48 42.05 -16.46
N THR G 399 -3.58 41.64 -15.55
CA THR G 399 -3.13 42.42 -14.39
C THR G 399 -4.30 42.96 -13.59
N ALA G 400 -5.09 42.03 -13.05
CA ALA G 400 -6.21 42.39 -12.19
C ALA G 400 -5.87 42.28 -10.72
N ALA G 401 -5.04 41.31 -10.36
CA ALA G 401 -4.83 40.93 -8.97
C ALA G 401 -3.39 41.14 -8.56
N VAL G 402 -2.84 42.33 -8.85
CA VAL G 402 -1.40 42.51 -8.82
C VAL G 402 -0.87 42.84 -7.42
N SER G 403 -1.71 43.35 -6.51
CA SER G 403 -1.41 43.41 -5.07
C SER G 403 -0.20 44.25 -4.71
N LYS G 404 -0.37 45.57 -4.60
CA LYS G 404 0.62 46.65 -4.59
C LYS G 404 1.97 46.40 -3.91
N THR G 405 2.01 45.49 -2.93
CA THR G 405 3.28 44.92 -2.49
C THR G 405 4.07 44.36 -3.66
N ALA G 406 3.42 43.56 -4.51
CA ALA G 406 4.12 43.02 -5.68
C ALA G 406 4.35 44.09 -6.74
N TRP G 407 3.51 45.13 -6.79
CA TRP G 407 3.84 46.30 -7.60
C TRP G 407 5.14 46.95 -7.13
N THR G 408 5.31 47.05 -5.81
CA THR G 408 6.51 47.66 -5.25
C THR G 408 7.75 46.82 -5.54
N TRP G 409 7.63 45.50 -5.42
CA TRP G 409 8.76 44.61 -5.74
C TRP G 409 9.12 44.67 -7.22
N LEU G 410 8.12 44.60 -8.10
CA LEU G 410 8.39 44.64 -9.53
C LEU G 410 8.93 46.00 -9.97
N THR G 411 8.43 47.08 -9.35
CA THR G 411 8.92 48.41 -9.67
C THR G 411 10.37 48.59 -9.22
N SER G 412 10.72 48.07 -8.03
CA SER G 412 12.10 48.17 -7.56
C SER G 412 13.04 47.34 -8.44
N LEU G 413 12.73 46.06 -8.63
CA LEU G 413 13.59 45.18 -9.43
C LEU G 413 13.60 45.52 -10.91
N LEU G 414 12.66 46.33 -11.40
CA LEU G 414 12.65 46.71 -12.80
C LEU G 414 13.15 48.13 -13.03
N GLY G 415 13.17 48.96 -11.99
CA GLY G 415 13.54 50.34 -12.16
C GLY G 415 14.88 50.72 -11.57
N GLY G 416 15.26 50.09 -10.45
CA GLY G 416 16.58 50.37 -9.89
C GLY G 416 17.71 49.92 -10.78
N SER G 417 17.50 48.82 -11.51
CA SER G 417 18.47 48.37 -12.50
C SER G 417 18.63 49.37 -13.62
N ALA G 418 17.52 49.95 -14.08
CA ALA G 418 17.55 50.97 -15.14
C ALA G 418 18.23 52.24 -14.65
N VAL G 419 17.97 52.65 -13.40
CA VAL G 419 18.58 53.85 -12.85
C VAL G 419 20.09 53.67 -12.69
N ILE G 420 20.52 52.48 -12.21
CA ILE G 420 21.94 52.20 -12.07
C ILE G 420 22.64 52.15 -13.43
N ILE G 421 22.00 51.55 -14.45
CA ILE G 421 22.67 51.48 -15.74
C ILE G 421 22.69 52.85 -16.43
N ILE G 422 21.69 53.71 -16.22
CA ILE G 422 21.77 54.99 -16.89
C ILE G 422 22.71 55.95 -16.15
N ILE G 423 22.85 55.83 -14.82
CA ILE G 423 23.86 56.66 -14.18
C ILE G 423 25.27 56.12 -14.44
N GLY G 424 25.42 54.82 -14.72
CA GLY G 424 26.70 54.34 -15.18
C GLY G 424 27.06 54.86 -16.56
N LEU G 425 26.06 54.95 -17.44
CA LEU G 425 26.28 55.55 -18.75
C LEU G 425 26.63 57.03 -18.65
N VAL G 426 25.96 57.76 -17.74
CA VAL G 426 26.25 59.18 -17.53
C VAL G 426 27.66 59.36 -16.94
N LEU G 427 28.05 58.50 -16.00
CA LEU G 427 29.37 58.61 -15.39
C LEU G 427 30.48 58.26 -16.38
N ALA G 428 30.23 57.29 -17.26
CA ALA G 428 31.21 56.99 -18.31
C ALA G 428 31.33 58.15 -19.30
N THR G 429 30.22 58.81 -19.61
CA THR G 429 30.26 59.97 -20.49
C THR G 429 31.03 61.13 -19.83
N ILE G 430 30.85 61.31 -18.52
CA ILE G 430 31.59 62.34 -17.78
C ILE G 430 33.09 62.06 -17.80
N VAL G 431 33.47 60.79 -17.58
CA VAL G 431 34.90 60.44 -17.58
C VAL G 431 35.50 60.59 -18.97
N ALA G 432 34.76 60.21 -20.02
CA ALA G 432 35.28 60.31 -21.38
C ALA G 432 35.45 61.76 -21.82
N MET G 433 34.47 62.63 -21.47
CA MET G 433 34.62 64.03 -21.83
C MET G 433 35.67 64.72 -20.95
N TYR G 434 35.88 64.23 -19.72
CA TYR G 434 36.95 64.75 -18.88
C TYR G 434 38.32 64.41 -19.44
N VAL G 435 38.49 63.19 -19.95
CA VAL G 435 39.75 62.79 -20.55
C VAL G 435 40.00 63.56 -21.85
N LEU G 436 38.97 63.69 -22.70
CA LEU G 436 39.13 64.45 -23.93
C LEU G 436 39.30 65.95 -23.67
N THR G 437 38.84 66.45 -22.51
CA THR G 437 39.11 67.83 -22.13
C THR G 437 40.55 67.99 -21.64
N ASN G 438 41.03 67.08 -20.80
CA ASN G 438 42.38 67.20 -20.26
C ASN G 438 43.45 66.56 -21.14
N GLN G 439 43.12 66.20 -22.38
CA GLN G 439 44.16 65.99 -23.39
C GLN G 439 44.30 67.20 -24.33
N LYS G 440 43.60 68.29 -24.06
CA LYS G 440 43.70 69.51 -24.86
C LYS G 440 44.87 70.38 -24.43
N HIS G 441 45.60 69.99 -23.37
CA HIS G 441 46.75 70.75 -22.92
C HIS G 441 47.89 70.70 -23.95
N ASN G 442 48.10 69.53 -24.55
CA ASN G 442 49.10 69.26 -25.61
C ASN G 442 50.53 69.60 -25.16
N ASN H 27 -56.28 5.91 -10.30
CA ASN H 27 -55.53 6.88 -11.09
C ASN H 27 -54.96 6.17 -12.32
N GLU H 28 -53.63 6.17 -12.44
CA GLU H 28 -52.95 5.52 -13.55
C GLU H 28 -51.93 4.53 -13.03
N CYS H 29 -51.92 3.34 -13.62
CA CYS H 29 -50.85 2.39 -13.37
C CYS H 29 -49.60 2.82 -14.13
N ASN H 30 -48.43 2.56 -13.53
CA ASN H 30 -47.14 2.85 -14.17
C ASN H 30 -46.89 1.99 -15.41
N ILE H 31 -47.22 0.70 -15.30
CA ILE H 31 -47.08 -0.25 -16.39
C ILE H 31 -48.29 -0.04 -17.30
N PRO H 32 -48.14 -0.03 -18.63
CA PRO H 32 -49.25 0.44 -19.48
C PRO H 32 -50.47 -0.45 -19.53
N GLY H 33 -50.31 -1.76 -19.65
CA GLY H 33 -51.46 -2.60 -19.90
C GLY H 33 -52.22 -3.07 -18.66
N ASN H 34 -52.28 -2.26 -17.61
CA ASN H 34 -52.83 -2.67 -16.33
C ASN H 34 -54.08 -1.89 -15.96
N PHE H 35 -54.98 -2.57 -15.23
CA PHE H 35 -56.13 -1.95 -14.59
C PHE H 35 -55.86 -1.74 -13.12
N MET H 36 -56.34 -0.63 -12.58
CA MET H 36 -56.08 -0.24 -11.20
C MET H 36 -57.30 -0.54 -10.33
N CYS H 37 -57.07 -1.24 -9.22
CA CYS H 37 -58.14 -1.56 -8.29
C CYS H 37 -58.51 -0.34 -7.47
N SER H 38 -59.44 -0.54 -6.53
CA SER H 38 -59.86 0.50 -5.60
C SER H 38 -58.74 0.91 -4.65
N ASN H 39 -57.97 -0.07 -4.20
CA ASN H 39 -56.88 0.13 -3.24
C ASN H 39 -55.53 0.54 -3.81
N GLY H 40 -55.45 0.70 -5.12
CA GLY H 40 -54.21 1.09 -5.79
C GLY H 40 -53.44 -0.06 -6.40
N ARG H 41 -53.80 -1.28 -6.05
CA ARG H 41 -53.18 -2.45 -6.65
C ARG H 41 -53.52 -2.54 -8.13
N CYS H 42 -52.50 -2.67 -8.97
CA CYS H 42 -52.68 -2.80 -10.41
C CYS H 42 -52.74 -4.28 -10.78
N ILE H 43 -53.80 -4.66 -11.51
CA ILE H 43 -53.97 -6.02 -12.01
C ILE H 43 -53.90 -5.91 -13.53
N PRO H 44 -53.72 -7.00 -14.29
CA PRO H 44 -53.82 -6.91 -15.74
C PRO H 44 -55.20 -6.47 -16.22
N GLY H 45 -55.23 -5.84 -17.40
CA GLY H 45 -56.47 -5.33 -17.94
C GLY H 45 -57.44 -6.40 -18.39
N ALA H 46 -56.95 -7.62 -18.62
CA ALA H 46 -57.81 -8.73 -18.97
C ALA H 46 -58.37 -9.44 -17.75
N TRP H 47 -58.09 -8.95 -16.55
CA TRP H 47 -58.69 -9.47 -15.34
C TRP H 47 -59.89 -8.65 -14.88
N GLN H 48 -60.22 -7.57 -15.57
CA GLN H 48 -61.38 -6.76 -15.24
C GLN H 48 -62.60 -7.34 -15.93
N CYS H 49 -63.68 -7.53 -15.17
CA CYS H 49 -64.94 -8.12 -15.62
C CYS H 49 -64.71 -9.51 -16.23
N ASP H 50 -64.26 -10.43 -15.37
CA ASP H 50 -64.00 -11.80 -15.78
C ASP H 50 -64.76 -12.84 -14.98
N GLY H 51 -65.52 -12.42 -13.97
CA GLY H 51 -66.22 -13.37 -13.15
C GLY H 51 -65.41 -13.96 -12.02
N LEU H 52 -64.22 -13.44 -11.77
CA LEU H 52 -63.37 -13.91 -10.68
C LEU H 52 -62.91 -12.70 -9.88
N PRO H 53 -62.99 -12.74 -8.55
CA PRO H 53 -62.60 -11.57 -7.75
C PRO H 53 -61.08 -11.47 -7.62
N ASP H 54 -60.56 -10.27 -7.86
CA ASP H 54 -59.12 -10.05 -7.78
C ASP H 54 -58.76 -8.84 -6.94
N CYS H 55 -59.62 -7.83 -6.97
CA CYS H 55 -59.46 -6.64 -6.16
C CYS H 55 -60.03 -6.91 -4.77
N PHE H 56 -59.58 -6.15 -3.77
CA PHE H 56 -60.20 -6.24 -2.47
C PHE H 56 -61.54 -5.52 -2.74
N ASP H 57 -62.63 -6.12 -2.27
CA ASP H 57 -64.00 -5.59 -2.44
C ASP H 57 -64.49 -5.50 -3.90
N LYS H 58 -63.95 -6.36 -4.77
CA LYS H 58 -64.35 -6.50 -6.18
C LYS H 58 -64.50 -5.29 -7.14
N SER H 59 -63.51 -4.41 -7.21
CA SER H 59 -63.57 -3.26 -8.10
C SER H 59 -63.53 -3.65 -9.57
N ASP H 60 -63.01 -4.84 -9.90
CA ASP H 60 -63.12 -5.37 -11.25
C ASP H 60 -64.44 -6.06 -11.52
N GLU H 61 -65.35 -6.08 -10.54
CA GLU H 61 -66.61 -6.79 -10.63
C GLU H 61 -67.76 -5.87 -10.24
N LYS H 62 -67.80 -4.66 -10.82
CA LYS H 62 -68.85 -3.71 -10.50
C LYS H 62 -69.74 -3.38 -11.70
N GLU H 63 -69.16 -2.89 -12.80
CA GLU H 63 -69.95 -2.42 -13.95
C GLU H 63 -69.51 -3.19 -15.17
N CYS H 64 -70.13 -4.35 -15.38
CA CYS H 64 -69.70 -5.25 -16.44
C CYS H 64 -70.79 -5.46 -17.49
N THR I 4 -62.81 4.44 -48.49
CA THR I 4 -63.61 3.25 -48.71
C THR I 4 -62.80 2.14 -49.38
N THR I 5 -62.96 0.92 -48.87
CA THR I 5 -62.26 -0.23 -49.39
C THR I 5 -63.22 -1.41 -49.44
N MET I 6 -63.29 -2.08 -50.58
CA MET I 6 -64.16 -3.23 -50.79
C MET I 6 -63.32 -4.51 -50.81
N CYS I 7 -63.73 -5.49 -50.01
CA CYS I 7 -63.04 -6.77 -49.94
C CYS I 7 -63.61 -7.74 -50.96
N LEU I 8 -63.02 -8.93 -51.04
CA LEU I 8 -63.41 -9.93 -52.02
C LEU I 8 -63.57 -11.30 -51.39
N LEU I 9 -64.59 -12.02 -51.84
CA LEU I 9 -64.78 -13.44 -51.58
C LEU I 9 -64.87 -14.26 -52.86
N ALA I 10 -65.46 -13.68 -53.90
CA ALA I 10 -65.63 -14.18 -55.24
C ALA I 10 -65.60 -12.90 -56.07
N ASN I 11 -66.22 -12.87 -57.24
CA ASN I 11 -66.42 -11.59 -57.94
C ASN I 11 -67.52 -10.75 -57.28
N VAL I 12 -67.28 -10.40 -56.01
CA VAL I 12 -68.22 -9.73 -55.11
C VAL I 12 -67.43 -8.70 -54.31
N THR I 13 -67.68 -7.41 -54.57
CA THR I 13 -67.03 -6.34 -53.81
C THR I 13 -67.96 -5.93 -52.69
N PHE I 14 -68.02 -6.77 -51.66
CA PHE I 14 -68.89 -6.57 -50.51
C PHE I 14 -68.26 -5.56 -49.54
N PRO I 15 -69.08 -4.89 -48.73
CA PRO I 15 -68.52 -4.03 -47.68
C PRO I 15 -67.78 -4.84 -46.63
N CYS I 16 -66.55 -4.41 -46.33
CA CYS I 16 -65.66 -5.19 -45.47
C CYS I 16 -66.15 -5.23 -44.03
N ALA I 17 -66.89 -4.21 -43.60
CA ALA I 17 -67.43 -4.18 -42.25
C ALA I 17 -68.65 -5.06 -42.08
N GLN I 18 -69.25 -5.54 -43.17
CA GLN I 18 -70.42 -6.42 -43.12
C GLN I 18 -70.20 -7.58 -44.09
N PRO I 19 -69.47 -8.62 -43.67
CA PRO I 19 -69.28 -9.77 -44.54
C PRO I 19 -70.52 -10.64 -44.56
N PRO I 20 -70.73 -11.45 -45.62
CA PRO I 20 -71.92 -12.30 -45.67
C PRO I 20 -71.84 -13.54 -44.80
N ILE I 21 -70.68 -13.87 -44.23
CA ILE I 21 -70.50 -15.10 -43.47
C ILE I 21 -69.74 -14.80 -42.19
N CYS I 22 -69.98 -15.64 -41.17
CA CYS I 22 -69.33 -15.54 -39.87
C CYS I 22 -68.81 -16.91 -39.47
N TYR I 23 -67.80 -16.92 -38.59
CA TYR I 23 -67.07 -18.15 -38.31
C TYR I 23 -67.89 -19.16 -37.52
N ASP I 24 -68.80 -18.67 -36.66
CA ASP I 24 -69.62 -19.56 -35.85
C ASP I 24 -70.63 -20.35 -36.67
N ARG I 25 -70.96 -19.89 -37.88
CA ARG I 25 -71.87 -20.59 -38.77
C ARG I 25 -71.16 -21.27 -39.94
N LYS I 26 -70.05 -20.70 -40.41
CA LYS I 26 -69.26 -21.31 -41.48
C LYS I 26 -67.81 -21.47 -41.03
N PRO I 27 -67.35 -22.68 -40.73
CA PRO I 27 -65.99 -22.85 -40.20
C PRO I 27 -64.86 -22.67 -41.22
N ALA I 28 -65.00 -23.24 -42.42
CA ALA I 28 -63.93 -23.18 -43.40
C ALA I 28 -64.12 -22.08 -44.43
N GLU I 29 -65.35 -21.62 -44.66
CA GLU I 29 -65.59 -20.64 -45.71
C GLU I 29 -65.12 -19.24 -45.30
N THR I 30 -65.18 -18.92 -44.01
CA THR I 30 -64.69 -17.64 -43.54
C THR I 30 -63.16 -17.59 -43.50
N LEU I 31 -62.52 -18.73 -43.21
CA LEU I 31 -61.07 -18.79 -43.27
C LEU I 31 -60.58 -18.61 -44.71
N ALA I 32 -61.27 -19.26 -45.66
CA ALA I 32 -60.97 -19.05 -47.07
C ALA I 32 -61.39 -17.67 -47.55
N MET I 33 -62.29 -16.99 -46.83
CA MET I 33 -62.58 -15.59 -47.14
C MET I 33 -61.44 -14.69 -46.72
N LEU I 34 -60.89 -14.92 -45.51
CA LEU I 34 -59.73 -14.16 -45.06
C LEU I 34 -58.44 -14.55 -45.75
N SER I 35 -58.42 -15.70 -46.45
CA SER I 35 -57.23 -16.14 -47.16
C SER I 35 -56.84 -15.18 -48.29
N VAL I 36 -57.82 -14.55 -48.94
CA VAL I 36 -57.52 -13.78 -50.15
C VAL I 36 -57.26 -12.30 -49.83
N ASN I 37 -57.80 -11.78 -48.72
CA ASN I 37 -57.67 -10.36 -48.39
C ASN I 37 -56.54 -10.12 -47.40
N VAL I 38 -55.44 -10.86 -47.53
CA VAL I 38 -54.33 -10.68 -46.60
C VAL I 38 -53.56 -9.40 -46.93
N ASP I 39 -53.12 -9.26 -48.17
CA ASP I 39 -52.52 -8.00 -48.61
C ASP I 39 -53.61 -6.95 -48.79
N ASN I 40 -53.87 -6.18 -47.74
CA ASN I 40 -55.05 -5.32 -47.66
C ASN I 40 -54.85 -4.30 -46.55
N PRO I 41 -55.08 -3.01 -46.81
CA PRO I 41 -55.17 -2.05 -45.71
C PRO I 41 -56.39 -2.26 -44.84
N GLY I 42 -57.44 -2.89 -45.35
CA GLY I 42 -58.66 -3.08 -44.60
C GLY I 42 -58.86 -4.50 -44.10
N TYR I 43 -57.80 -5.12 -43.59
CA TYR I 43 -57.90 -6.49 -43.11
C TYR I 43 -58.36 -6.57 -41.66
N ASP I 44 -58.04 -5.57 -40.85
CA ASP I 44 -58.45 -5.57 -39.44
C ASP I 44 -59.98 -5.45 -39.31
N GLU I 45 -60.59 -4.61 -40.15
CA GLU I 45 -62.04 -4.44 -40.13
C GLU I 45 -62.74 -5.73 -40.55
N LEU I 46 -62.25 -6.37 -41.62
CA LEU I 46 -62.80 -7.64 -42.07
C LEU I 46 -62.58 -8.75 -41.05
N LEU I 47 -61.45 -8.70 -40.35
CA LEU I 47 -61.14 -9.63 -39.26
C LEU I 47 -62.17 -9.54 -38.13
N GLU I 48 -62.31 -8.34 -37.57
CA GLU I 48 -63.21 -8.12 -36.44
C GLU I 48 -64.66 -8.33 -36.82
N ALA I 49 -65.04 -8.03 -38.06
CA ALA I 49 -66.39 -8.30 -38.53
C ALA I 49 -66.57 -9.73 -39.01
N ALA I 50 -65.47 -10.46 -39.20
CA ALA I 50 -65.55 -11.81 -39.74
C ALA I 50 -65.68 -12.88 -38.68
N VAL I 51 -65.11 -12.68 -37.49
CA VAL I 51 -65.40 -13.64 -36.42
C VAL I 51 -66.78 -13.38 -35.81
N LYS I 52 -66.99 -12.18 -35.28
CA LYS I 52 -68.29 -11.83 -34.72
C LYS I 52 -69.30 -11.53 -35.81
N CYS I 53 -70.55 -11.31 -35.39
CA CYS I 53 -71.61 -10.94 -36.32
C CYS I 53 -72.07 -9.51 -36.05
N SER J 1 -65.34 -5.60 -24.10
CA SER J 1 -64.42 -5.11 -25.11
C SER J 1 -63.22 -6.05 -25.27
N THR J 2 -63.04 -6.93 -24.29
CA THR J 2 -61.90 -7.84 -24.33
C THR J 2 -62.16 -9.01 -25.26
N GLU J 3 -63.44 -9.27 -25.56
CA GLU J 3 -63.79 -10.47 -26.31
C GLU J 3 -63.61 -10.26 -27.80
N GLU J 4 -63.85 -9.03 -28.29
CA GLU J 4 -63.59 -8.72 -29.69
C GLU J 4 -62.09 -8.77 -29.98
N LEU J 5 -61.26 -8.40 -28.99
CA LEU J 5 -59.83 -8.63 -29.06
C LEU J 5 -59.50 -10.12 -29.09
N PHE J 6 -60.23 -10.90 -28.29
CA PHE J 6 -59.83 -12.27 -28.03
C PHE J 6 -60.23 -13.23 -29.15
N ASN J 7 -61.26 -12.88 -29.92
CA ASN J 7 -62.03 -13.88 -30.65
C ASN J 7 -61.25 -14.49 -31.81
N GLU J 8 -60.10 -13.92 -32.15
CA GLU J 8 -59.37 -14.34 -33.33
C GLU J 8 -58.63 -15.64 -33.10
N TYR J 9 -58.38 -16.00 -31.85
CA TYR J 9 -57.71 -17.26 -31.59
C TYR J 9 -58.72 -18.39 -31.47
N LYS J 10 -60.00 -18.10 -31.68
CA LYS J 10 -60.99 -19.17 -31.83
C LYS J 10 -60.82 -19.87 -33.16
N LEU J 11 -60.16 -19.21 -34.11
CA LEU J 11 -59.98 -19.70 -35.46
C LEU J 11 -58.91 -20.79 -35.52
N THR J 12 -58.16 -20.95 -34.44
CA THR J 12 -56.92 -21.71 -34.41
C THR J 12 -57.04 -22.94 -33.53
N ARG J 13 -55.94 -23.66 -33.41
CA ARG J 13 -55.88 -24.83 -32.52
C ARG J 13 -54.46 -24.92 -31.96
N PRO J 14 -54.29 -25.60 -30.83
CA PRO J 14 -52.95 -25.99 -30.40
C PRO J 14 -52.43 -27.15 -31.23
N TYR J 15 -51.14 -27.41 -31.09
CA TYR J 15 -50.48 -28.42 -31.89
C TYR J 15 -49.35 -29.04 -31.09
N MET J 16 -48.88 -30.19 -31.55
CA MET J 16 -47.75 -30.86 -30.95
C MET J 16 -46.52 -30.68 -31.82
N ALA J 17 -45.45 -30.17 -31.20
CA ALA J 17 -44.21 -29.91 -31.89
C ALA J 17 -43.10 -30.67 -31.18
N ARG J 18 -41.86 -30.42 -31.57
CA ARG J 18 -40.71 -31.18 -31.10
C ARG J 18 -39.91 -30.35 -30.12
N CYS J 19 -39.72 -30.88 -28.91
CA CYS J 19 -38.85 -30.28 -27.91
C CYS J 19 -37.64 -31.18 -27.72
N ILE J 20 -36.45 -30.59 -27.69
CA ILE J 20 -35.25 -31.43 -27.67
C ILE J 20 -34.96 -31.93 -26.25
N ARG J 21 -35.40 -31.20 -25.24
CA ARG J 21 -35.26 -31.64 -23.85
C ARG J 21 -36.64 -31.71 -23.25
N CYS J 22 -37.26 -32.89 -23.31
CA CYS J 22 -38.50 -33.20 -22.64
C CYS J 22 -38.18 -33.65 -21.22
N ALA J 23 -39.16 -34.28 -20.57
CA ALA J 23 -38.94 -34.73 -19.19
C ALA J 23 -37.95 -35.87 -19.11
N VAL J 24 -37.79 -36.66 -20.17
CA VAL J 24 -36.81 -37.75 -20.17
C VAL J 24 -35.75 -37.51 -21.21
N GLY J 25 -36.14 -37.40 -22.48
CA GLY J 25 -35.19 -37.16 -23.54
C GLY J 25 -35.71 -36.19 -24.57
N SER J 26 -35.53 -36.51 -25.84
CA SER J 26 -36.17 -35.76 -26.91
C SER J 26 -37.51 -36.42 -27.21
N CYS J 27 -38.57 -35.62 -27.32
CA CYS J 27 -39.89 -36.17 -27.59
C CYS J 27 -40.68 -35.16 -28.41
N HIS J 28 -41.98 -35.39 -28.52
CA HIS J 28 -42.92 -34.51 -29.21
C HIS J 28 -43.80 -33.87 -28.15
N SER J 29 -43.73 -32.57 -28.04
CA SER J 29 -44.24 -32.02 -26.80
C SER J 29 -45.55 -31.27 -27.02
N PRO J 30 -46.50 -31.36 -26.08
CA PRO J 30 -47.70 -30.52 -26.18
C PRO J 30 -47.45 -29.06 -25.89
N ILE J 31 -46.32 -28.70 -25.29
CA ILE J 31 -46.03 -27.36 -24.84
C ILE J 31 -44.70 -26.84 -25.37
N ALA J 32 -44.32 -27.25 -26.58
CA ALA J 32 -43.07 -26.83 -27.18
C ALA J 32 -43.01 -25.32 -27.35
N ILE J 33 -41.79 -24.78 -27.32
CA ILE J 33 -41.58 -23.36 -27.18
C ILE J 33 -40.95 -22.82 -28.45
N GLU J 34 -41.53 -21.75 -28.99
CA GLU J 34 -41.05 -21.20 -30.24
C GLU J 34 -40.02 -20.10 -30.01
N ALA J 35 -40.33 -19.12 -29.17
CA ALA J 35 -39.40 -18.04 -28.91
C ALA J 35 -39.66 -17.48 -27.52
N VAL J 36 -38.65 -16.83 -26.96
CA VAL J 36 -38.76 -16.12 -25.69
C VAL J 36 -38.21 -14.72 -25.92
N LYS J 37 -39.10 -13.75 -26.00
CA LYS J 37 -38.71 -12.37 -26.27
C LYS J 37 -38.58 -11.61 -24.97
N SER J 38 -37.36 -11.28 -24.61
CA SER J 38 -37.07 -10.51 -23.41
C SER J 38 -36.23 -9.31 -23.82
N ASP J 39 -36.89 -8.25 -24.28
CA ASP J 39 -36.24 -7.03 -24.67
C ASP J 39 -36.72 -5.84 -23.86
N GLY J 40 -37.69 -6.04 -22.97
CA GLY J 40 -38.09 -5.01 -22.03
C GLY J 40 -37.31 -5.10 -20.75
N HIS J 41 -37.58 -4.16 -19.85
CA HIS J 41 -36.63 -3.93 -18.76
C HIS J 41 -36.78 -4.89 -17.60
N ASP J 42 -37.87 -4.84 -16.86
CA ASP J 42 -37.87 -5.32 -15.48
C ASP J 42 -38.13 -6.80 -15.34
N GLY J 43 -37.71 -7.61 -16.30
CA GLY J 43 -37.78 -9.04 -16.16
C GLY J 43 -38.99 -9.70 -16.77
N TYR J 44 -39.78 -8.96 -17.54
CA TYR J 44 -40.95 -9.52 -18.20
C TYR J 44 -40.51 -10.12 -19.53
N VAL J 45 -40.77 -11.41 -19.70
CA VAL J 45 -40.51 -12.09 -20.95
C VAL J 45 -41.84 -12.36 -21.63
N ARG J 46 -41.78 -12.70 -22.91
CA ARG J 46 -42.97 -13.04 -23.68
C ARG J 46 -42.73 -14.35 -24.41
N LEU J 47 -43.21 -15.45 -23.86
CA LEU J 47 -43.05 -16.73 -24.52
C LEU J 47 -44.03 -16.85 -25.67
N GLN J 48 -43.64 -17.61 -26.68
CA GLN J 48 -44.57 -18.12 -27.67
C GLN J 48 -44.45 -19.63 -27.66
N THR J 49 -45.54 -20.30 -27.32
CA THR J 49 -45.53 -21.73 -27.09
C THR J 49 -46.40 -22.45 -28.12
N SER J 50 -46.39 -23.78 -28.03
CA SER J 50 -47.23 -24.65 -28.84
C SER J 50 -48.55 -24.94 -28.16
N SER J 51 -49.03 -24.03 -27.32
CA SER J 51 -50.26 -24.19 -26.57
C SER J 51 -51.02 -22.88 -26.64
N GLN J 52 -52.26 -22.89 -26.16
CA GLN J 52 -53.06 -21.68 -26.19
C GLN J 52 -53.61 -21.38 -24.81
N TYR J 53 -53.87 -20.10 -24.58
CA TYR J 53 -54.19 -19.58 -23.27
C TYR J 53 -55.43 -18.72 -23.37
N GLY J 54 -56.41 -19.00 -22.51
CA GLY J 54 -57.62 -18.22 -22.47
C GLY J 54 -58.82 -18.85 -23.12
N LEU J 55 -58.66 -19.92 -23.89
CA LEU J 55 -59.80 -20.58 -24.51
C LEU J 55 -60.14 -21.82 -23.70
N ASP J 56 -61.38 -22.26 -23.77
CA ASP J 56 -61.72 -23.53 -23.17
C ASP J 56 -61.39 -24.66 -24.14
N SER J 57 -61.67 -25.90 -23.75
CA SER J 57 -61.37 -27.04 -24.60
C SER J 57 -62.31 -27.19 -25.78
N SER J 58 -63.32 -26.33 -25.90
CA SER J 58 -64.22 -26.31 -27.05
C SER J 58 -63.99 -25.13 -27.98
N GLY J 59 -63.64 -23.96 -27.44
CA GLY J 59 -63.37 -22.81 -28.27
C GLY J 59 -63.82 -21.48 -27.70
N ASN J 60 -64.52 -21.51 -26.58
CA ASN J 60 -65.09 -20.31 -25.99
C ASN J 60 -64.17 -19.77 -24.90
N LEU J 61 -64.55 -18.65 -24.30
CA LEU J 61 -63.78 -17.97 -23.25
C LEU J 61 -63.67 -18.81 -21.99
N LYS J 62 -62.54 -18.67 -21.31
CA LYS J 62 -62.31 -19.20 -19.96
C LYS J 62 -61.10 -18.48 -19.38
N GLY J 63 -61.14 -18.21 -18.08
CA GLY J 63 -60.28 -17.22 -17.46
C GLY J 63 -58.78 -17.44 -17.46
N ARG J 64 -58.28 -18.40 -16.68
CA ARG J 64 -56.84 -18.63 -16.54
C ARG J 64 -56.61 -20.10 -16.82
N THR J 65 -56.55 -20.47 -18.10
CA THR J 65 -56.37 -21.87 -18.47
C THR J 65 -55.44 -21.98 -19.65
N MET J 66 -54.77 -23.13 -19.73
CA MET J 66 -53.94 -23.49 -20.85
C MET J 66 -54.71 -24.50 -21.70
N ARG J 67 -54.61 -24.38 -23.01
CA ARG J 67 -55.23 -25.32 -23.94
C ARG J 67 -54.15 -25.95 -24.80
N TYR J 68 -54.13 -27.27 -24.87
CA TYR J 68 -53.03 -27.95 -25.53
C TYR J 68 -53.53 -29.19 -26.28
N ASP J 69 -52.86 -29.48 -27.39
CA ASP J 69 -53.11 -30.69 -28.15
C ASP J 69 -52.40 -31.86 -27.49
N MET J 70 -53.11 -32.98 -27.37
CA MET J 70 -52.53 -34.20 -26.79
C MET J 70 -52.90 -35.37 -27.69
N HIS J 71 -52.04 -35.63 -28.68
CA HIS J 71 -52.17 -36.71 -29.66
C HIS J 71 -53.47 -36.63 -30.44
N GLY J 72 -53.99 -35.43 -30.66
CA GLY J 72 -55.22 -35.26 -31.41
C GLY J 72 -56.33 -34.64 -30.59
N THR J 73 -56.50 -35.09 -29.36
CA THR J 73 -57.62 -34.68 -28.52
C THR J 73 -57.21 -33.48 -27.69
N ILE J 74 -57.79 -32.32 -27.99
CA ILE J 74 -57.45 -31.08 -27.32
C ILE J 74 -57.97 -31.09 -25.88
N LYS J 75 -57.08 -30.86 -24.93
CA LYS J 75 -57.37 -30.92 -23.50
C LYS J 75 -57.11 -29.55 -22.87
N GLU J 76 -57.37 -29.43 -21.57
CA GLU J 76 -57.08 -28.18 -20.88
C GLU J 76 -56.80 -28.42 -19.40
N ILE J 77 -56.03 -27.51 -18.83
CA ILE J 77 -55.74 -27.44 -17.39
C ILE J 77 -55.76 -25.99 -16.95
N PRO J 78 -55.96 -25.74 -15.64
CA PRO J 78 -55.80 -24.38 -15.14
C PRO J 78 -54.36 -23.89 -15.20
N LEU J 79 -54.20 -22.57 -15.14
CA LEU J 79 -52.91 -21.94 -15.38
C LEU J 79 -52.07 -21.84 -14.11
N HIS J 80 -52.66 -22.05 -12.94
CA HIS J 80 -51.86 -22.16 -11.73
C HIS J 80 -51.25 -23.55 -11.56
N GLN J 81 -51.54 -24.48 -12.46
CA GLN J 81 -50.90 -25.79 -12.48
C GLN J 81 -49.66 -25.81 -13.34
N VAL J 82 -49.38 -24.74 -14.08
CA VAL J 82 -48.23 -24.65 -14.97
C VAL J 82 -47.17 -23.80 -14.31
N SER J 83 -45.98 -24.36 -14.13
CA SER J 83 -44.86 -23.65 -13.57
C SER J 83 -43.77 -23.50 -14.61
N LEU J 84 -42.95 -22.46 -14.47
CA LEU J 84 -41.80 -22.33 -15.35
C LEU J 84 -40.69 -21.60 -14.63
N TYR J 85 -39.46 -21.84 -15.06
CA TYR J 85 -38.29 -21.29 -14.37
C TYR J 85 -37.13 -21.16 -15.35
N THR J 86 -36.41 -20.05 -15.25
CA THR J 86 -35.15 -19.87 -15.98
C THR J 86 -33.98 -20.39 -15.16
N SER J 87 -33.69 -19.72 -14.04
CA SER J 87 -32.80 -20.21 -13.00
C SER J 87 -33.52 -20.29 -11.67
N ARG J 88 -34.12 -19.21 -11.24
CA ARG J 88 -35.08 -19.15 -10.16
C ARG J 88 -36.47 -19.46 -10.73
N PRO J 89 -37.46 -19.73 -9.89
CA PRO J 89 -38.82 -19.82 -10.40
C PRO J 89 -39.35 -18.47 -10.87
N CYS J 90 -40.10 -18.49 -11.96
CA CYS J 90 -40.72 -17.32 -12.56
C CYS J 90 -42.11 -17.11 -11.99
N HIS J 91 -42.88 -16.19 -12.58
CA HIS J 91 -44.26 -15.95 -12.19
C HIS J 91 -45.08 -15.61 -13.42
N ILE J 92 -46.05 -16.46 -13.74
CA ILE J 92 -46.92 -16.20 -14.89
C ILE J 92 -47.87 -15.07 -14.54
N VAL J 93 -48.01 -14.11 -15.45
CA VAL J 93 -48.97 -13.04 -15.27
C VAL J 93 -50.27 -13.37 -15.99
N ASP J 94 -50.20 -13.59 -17.30
CA ASP J 94 -51.40 -13.75 -18.10
C ASP J 94 -51.06 -14.49 -19.39
N GLY J 95 -52.09 -14.98 -20.06
CA GLY J 95 -51.92 -15.62 -21.35
C GLY J 95 -53.06 -15.26 -22.27
N HIS J 96 -52.77 -15.27 -23.57
CA HIS J 96 -53.74 -14.85 -24.59
C HIS J 96 -53.34 -15.48 -25.92
N GLY J 97 -54.01 -16.55 -26.29
CA GLY J 97 -53.66 -17.23 -27.52
C GLY J 97 -52.36 -17.98 -27.37
N TYR J 98 -51.49 -17.95 -28.38
CA TYR J 98 -50.23 -18.67 -28.33
C TYR J 98 -49.19 -18.06 -27.42
N PHE J 99 -49.46 -16.94 -26.78
CA PHE J 99 -48.45 -16.14 -26.13
C PHE J 99 -48.68 -16.12 -24.64
N LEU J 100 -47.60 -15.95 -23.89
CA LEU J 100 -47.65 -15.88 -22.43
C LEU J 100 -46.77 -14.74 -21.96
N LEU J 101 -47.18 -14.09 -20.88
CA LEU J 101 -46.42 -13.02 -20.26
C LEU J 101 -46.00 -13.48 -18.87
N ALA J 102 -44.72 -13.76 -18.71
CA ALA J 102 -44.17 -14.23 -17.44
C ALA J 102 -43.39 -13.10 -16.80
N ARG J 103 -42.73 -13.41 -15.69
CA ARG J 103 -41.79 -12.48 -15.05
C ARG J 103 -40.63 -13.32 -14.54
N CYS J 104 -39.58 -13.38 -15.31
CA CYS J 104 -38.48 -14.28 -15.07
C CYS J 104 -37.21 -13.53 -14.73
N PRO J 105 -36.35 -14.09 -13.89
CA PRO J 105 -35.00 -13.57 -13.76
C PRO J 105 -34.12 -14.10 -14.89
N ALA J 106 -32.90 -13.57 -14.96
CA ALA J 106 -32.00 -13.92 -16.03
C ALA J 106 -31.49 -15.35 -15.89
N GLY J 107 -31.14 -15.95 -17.01
CA GLY J 107 -30.66 -17.30 -17.03
C GLY J 107 -30.49 -17.73 -18.47
N ASP J 108 -29.72 -18.80 -18.65
CA ASP J 108 -29.32 -19.20 -19.99
C ASP J 108 -30.22 -20.26 -20.60
N SER J 109 -31.38 -20.51 -20.02
CA SER J 109 -32.37 -21.41 -20.61
C SER J 109 -33.72 -21.05 -20.02
N ILE J 110 -34.77 -21.69 -20.54
CA ILE J 110 -36.13 -21.51 -20.08
C ILE J 110 -36.84 -22.85 -20.15
N THR J 111 -37.47 -23.24 -19.04
CA THR J 111 -38.11 -24.54 -18.91
C THR J 111 -39.55 -24.33 -18.49
N MET J 112 -40.51 -24.82 -19.29
CA MET J 112 -41.92 -24.82 -18.94
C MET J 112 -42.37 -26.25 -18.68
N GLU J 113 -43.13 -26.44 -17.59
CA GLU J 113 -43.62 -27.77 -17.27
C GLU J 113 -44.94 -27.70 -16.52
N PHE J 114 -45.83 -28.63 -16.84
CA PHE J 114 -47.03 -28.87 -16.06
C PHE J 114 -47.06 -30.35 -15.69
N LYS J 115 -48.01 -30.73 -14.85
CA LYS J 115 -48.10 -32.10 -14.36
C LYS J 115 -49.52 -32.59 -14.49
N LYS J 116 -49.68 -33.74 -15.15
CA LYS J 116 -50.95 -34.46 -15.23
C LYS J 116 -51.03 -35.36 -14.00
N ASP J 117 -51.93 -36.37 -13.99
CA ASP J 117 -52.21 -37.15 -12.80
C ASP J 117 -50.98 -37.95 -12.36
N SER J 118 -50.29 -38.57 -13.30
CA SER J 118 -48.99 -39.15 -13.01
C SER J 118 -47.97 -38.94 -14.12
N VAL J 119 -48.31 -38.21 -15.17
CA VAL J 119 -47.41 -37.96 -16.28
C VAL J 119 -46.91 -36.52 -16.20
N ARG J 120 -45.60 -36.35 -16.19
CA ARG J 120 -44.99 -35.02 -16.16
C ARG J 120 -44.51 -34.65 -17.56
N HIS J 121 -44.86 -33.45 -18.00
CA HIS J 121 -44.48 -32.93 -19.31
C HIS J 121 -43.56 -31.74 -19.11
N SER J 122 -42.57 -31.57 -19.99
CA SER J 122 -41.64 -30.45 -19.86
C SER J 122 -41.09 -30.08 -21.22
N CYS J 123 -40.60 -28.86 -21.33
CA CYS J 123 -39.81 -28.46 -22.48
C CYS J 123 -38.77 -27.45 -22.05
N SER J 124 -37.51 -27.74 -22.33
CA SER J 124 -36.40 -26.83 -22.07
C SER J 124 -35.75 -26.47 -23.39
N VAL J 125 -35.61 -25.17 -23.64
CA VAL J 125 -34.90 -24.75 -24.85
C VAL J 125 -33.71 -23.87 -24.46
N PRO J 126 -32.59 -23.95 -25.18
CA PRO J 126 -31.43 -23.12 -24.81
C PRO J 126 -31.51 -21.70 -25.35
N TYR J 127 -32.42 -20.91 -24.80
CA TYR J 127 -32.59 -19.52 -25.21
C TYR J 127 -32.23 -18.63 -24.03
N GLU J 128 -31.35 -17.67 -24.27
CA GLU J 128 -30.91 -16.76 -23.22
C GLU J 128 -32.03 -15.83 -22.82
N VAL J 129 -32.44 -15.92 -21.57
CA VAL J 129 -33.38 -14.99 -20.95
C VAL J 129 -32.56 -13.99 -20.15
N LYS J 130 -32.82 -12.70 -20.36
CA LYS J 130 -31.95 -11.68 -19.80
C LYS J 130 -32.75 -10.62 -19.06
N PHE J 131 -32.08 -9.99 -18.10
CA PHE J 131 -32.66 -8.98 -17.24
C PHE J 131 -32.02 -7.64 -17.59
N ASN J 132 -32.81 -6.58 -17.58
CA ASN J 132 -32.33 -5.28 -18.04
C ASN J 132 -32.69 -4.20 -17.01
N PRO J 133 -31.71 -3.59 -16.36
CA PRO J 133 -32.02 -2.46 -15.49
C PRO J 133 -32.38 -1.23 -16.29
N VAL J 134 -32.80 -0.19 -15.57
CA VAL J 134 -33.08 1.11 -16.12
C VAL J 134 -32.14 2.11 -15.46
N GLY J 135 -31.46 2.90 -16.26
CA GLY J 135 -30.63 3.96 -15.72
C GLY J 135 -29.23 3.51 -15.38
N ARG J 136 -28.53 4.39 -14.66
CA ARG J 136 -27.11 4.21 -14.41
C ARG J 136 -26.81 3.49 -13.10
N GLU J 137 -27.69 2.62 -12.61
CA GLU J 137 -27.35 1.74 -11.51
C GLU J 137 -27.79 0.34 -11.89
N LEU J 138 -26.89 -0.63 -11.77
CA LEU J 138 -27.10 -1.93 -12.37
C LEU J 138 -27.58 -2.90 -11.30
N TYR J 139 -28.85 -2.76 -10.94
CA TYR J 139 -29.48 -3.69 -10.01
C TYR J 139 -29.76 -5.02 -10.70
N THR J 140 -29.96 -6.04 -9.86
CA THR J 140 -30.33 -7.36 -10.34
C THR J 140 -31.78 -7.68 -10.02
N HIS J 141 -32.29 -7.11 -8.94
CA HIS J 141 -33.68 -7.14 -8.53
C HIS J 141 -34.12 -5.70 -8.37
N PRO J 142 -35.32 -5.33 -8.83
CA PRO J 142 -35.73 -3.93 -8.77
C PRO J 142 -36.00 -3.50 -7.34
N PRO J 143 -35.79 -2.23 -7.02
CA PRO J 143 -35.71 -1.81 -5.63
C PRO J 143 -37.08 -1.62 -4.99
N GLU J 144 -37.05 -1.17 -3.75
CA GLU J 144 -38.25 -0.89 -2.99
C GLU J 144 -38.68 0.56 -3.10
N HIS J 145 -37.74 1.45 -3.46
CA HIS J 145 -38.01 2.87 -3.60
C HIS J 145 -36.91 3.51 -4.42
N GLY J 146 -37.16 4.74 -4.85
CA GLY J 146 -36.21 5.49 -5.64
C GLY J 146 -36.91 6.48 -6.56
N VAL J 147 -36.14 7.25 -7.32
CA VAL J 147 -36.71 8.22 -8.24
C VAL J 147 -37.40 7.54 -9.42
N GLU J 148 -38.55 8.06 -9.83
CA GLU J 148 -39.28 7.52 -10.95
C GLU J 148 -38.54 7.78 -12.26
N GLN J 149 -38.52 6.79 -13.14
CA GLN J 149 -37.84 6.93 -14.42
C GLN J 149 -38.62 6.27 -15.56
N ALA J 150 -38.42 6.77 -16.77
CA ALA J 150 -39.09 6.21 -17.94
C ALA J 150 -38.47 4.87 -18.35
N CYS J 151 -39.33 3.94 -18.77
CA CYS J 151 -38.89 2.62 -19.20
C CYS J 151 -39.77 2.14 -20.33
N GLN J 152 -39.52 0.90 -20.76
CA GLN J 152 -40.17 0.29 -21.92
C GLN J 152 -40.37 -1.19 -21.61
N VAL J 153 -41.55 -1.53 -21.12
CA VAL J 153 -41.86 -2.89 -20.68
C VAL J 153 -42.97 -3.45 -21.55
N TYR J 154 -43.14 -4.77 -21.48
CA TYR J 154 -44.24 -5.43 -22.15
C TYR J 154 -45.56 -5.03 -21.50
N ALA J 155 -46.54 -4.71 -22.33
CA ALA J 155 -47.85 -4.32 -21.83
C ALA J 155 -48.63 -5.54 -21.39
N HIS J 156 -49.29 -5.42 -20.25
CA HIS J 156 -50.07 -6.52 -19.73
C HIS J 156 -51.31 -6.89 -20.55
N ASP J 157 -51.96 -5.90 -21.16
CA ASP J 157 -53.21 -6.18 -21.86
C ASP J 157 -52.93 -6.76 -23.23
N ALA J 158 -53.95 -7.40 -23.80
CA ALA J 158 -53.83 -8.07 -25.09
C ALA J 158 -54.32 -7.20 -26.24
N GLN J 159 -54.13 -5.89 -26.16
CA GLN J 159 -54.74 -4.97 -27.12
C GLN J 159 -54.07 -5.08 -28.49
N ASN J 160 -54.91 -5.07 -29.52
CA ASN J 160 -54.44 -5.09 -30.90
C ASN J 160 -53.69 -3.81 -31.21
N ARG J 161 -52.41 -3.96 -31.57
CA ARG J 161 -51.60 -2.86 -32.05
C ARG J 161 -51.00 -3.24 -33.38
N GLY J 162 -50.04 -2.46 -33.88
CA GLY J 162 -49.54 -2.70 -35.21
C GLY J 162 -48.54 -3.83 -35.33
N ALA J 163 -48.93 -5.05 -34.98
CA ALA J 163 -48.03 -6.19 -35.05
C ALA J 163 -48.81 -7.46 -35.24
N TYR J 164 -48.51 -8.19 -36.32
CA TYR J 164 -49.27 -9.36 -36.71
C TYR J 164 -48.34 -10.54 -36.96
N VAL J 165 -48.87 -11.75 -36.78
CA VAL J 165 -48.15 -12.96 -37.15
C VAL J 165 -49.02 -13.83 -38.04
N GLU J 166 -48.37 -14.59 -38.89
CA GLU J 166 -48.98 -15.27 -40.02
C GLU J 166 -49.54 -16.62 -39.59
N MET J 167 -50.69 -16.98 -40.15
CA MET J 167 -51.37 -18.23 -39.83
C MET J 167 -51.68 -18.99 -41.11
N HIS J 168 -51.94 -20.28 -40.99
CA HIS J 168 -51.94 -21.14 -42.16
C HIS J 168 -52.89 -22.32 -42.01
N LEU J 169 -53.06 -23.04 -43.11
CA LEU J 169 -53.62 -24.38 -43.05
C LEU J 169 -52.71 -25.28 -42.23
N PRO J 170 -53.27 -26.12 -41.37
CA PRO J 170 -52.49 -27.24 -40.84
C PRO J 170 -52.20 -28.25 -41.92
N GLY J 171 -51.03 -28.87 -41.83
CA GLY J 171 -50.69 -29.96 -42.71
C GLY J 171 -51.28 -31.27 -42.25
N SER J 172 -51.18 -32.27 -43.11
CA SER J 172 -51.72 -33.59 -42.81
C SER J 172 -50.78 -34.28 -41.84
N GLU J 173 -51.23 -34.48 -40.60
CA GLU J 173 -50.42 -35.16 -39.61
C GLU J 173 -50.66 -36.66 -39.67
N VAL J 174 -49.62 -37.43 -39.93
CA VAL J 174 -49.77 -38.87 -40.03
C VAL J 174 -50.05 -39.49 -38.67
N ASP J 175 -51.05 -40.36 -38.61
CA ASP J 175 -51.39 -41.04 -37.36
C ASP J 175 -51.29 -42.55 -37.48
N SER J 176 -50.46 -43.14 -36.63
CA SER J 176 -50.26 -44.59 -36.59
C SER J 176 -51.50 -45.35 -36.14
N SER J 177 -52.21 -44.77 -35.19
CA SER J 177 -53.39 -45.38 -34.58
C SER J 177 -54.54 -45.69 -35.53
N LEU J 178 -54.79 -44.83 -36.50
CA LEU J 178 -55.90 -45.04 -37.43
C LEU J 178 -55.72 -46.34 -38.20
N VAL J 179 -54.50 -46.63 -38.62
CA VAL J 179 -54.24 -47.86 -39.35
C VAL J 179 -54.22 -49.03 -38.37
N SER J 180 -54.69 -50.19 -38.80
CA SER J 180 -54.70 -51.36 -37.93
C SER J 180 -54.87 -52.61 -38.78
N LEU J 181 -54.64 -53.75 -38.16
CA LEU J 181 -54.73 -55.02 -38.85
C LEU J 181 -56.18 -55.50 -38.92
N SER J 182 -56.52 -56.14 -40.03
CA SER J 182 -57.76 -56.91 -40.15
C SER J 182 -57.53 -58.31 -39.62
N GLY J 183 -58.44 -59.23 -39.94
CA GLY J 183 -58.14 -60.64 -39.76
C GLY J 183 -56.98 -61.08 -40.63
N SER J 184 -56.88 -60.54 -41.84
CA SER J 184 -55.81 -60.88 -42.75
C SER J 184 -55.25 -59.71 -43.54
N SER J 185 -55.74 -58.49 -43.36
CA SER J 185 -55.36 -57.38 -44.23
C SER J 185 -55.21 -56.11 -43.39
N VAL J 186 -55.19 -54.97 -44.09
CA VAL J 186 -54.93 -53.66 -43.50
C VAL J 186 -56.24 -52.90 -43.44
N THR J 187 -56.55 -52.36 -42.26
CA THR J 187 -57.82 -51.68 -42.01
C THR J 187 -57.55 -50.30 -41.41
N VAL J 188 -58.10 -49.26 -42.01
CA VAL J 188 -57.94 -47.90 -41.52
C VAL J 188 -59.30 -47.35 -41.12
N THR J 189 -59.43 -46.98 -39.86
CA THR J 189 -60.69 -46.46 -39.32
C THR J 189 -60.52 -44.99 -38.96
N PRO J 190 -60.98 -44.06 -39.79
CA PRO J 190 -60.84 -42.63 -39.47
C PRO J 190 -61.75 -42.25 -38.31
N PRO J 191 -61.46 -41.15 -37.61
CA PRO J 191 -62.40 -40.67 -36.59
C PRO J 191 -63.65 -40.09 -37.23
N ASP J 192 -64.76 -40.22 -36.51
CA ASP J 192 -66.07 -39.88 -37.08
C ASP J 192 -66.25 -38.38 -37.21
N GLY J 193 -66.87 -37.96 -38.30
CA GLY J 193 -66.98 -36.55 -38.61
C GLY J 193 -65.71 -35.92 -39.12
N THR J 194 -64.72 -36.72 -39.48
CA THR J 194 -63.43 -36.21 -39.93
C THR J 194 -62.93 -37.10 -41.06
N SER J 195 -62.47 -36.48 -42.13
CA SER J 195 -61.91 -37.19 -43.27
C SER J 195 -60.45 -37.53 -43.00
N ALA J 196 -60.03 -38.70 -43.49
CA ALA J 196 -58.63 -39.10 -43.49
C ALA J 196 -58.24 -39.42 -44.93
N LEU J 197 -57.01 -39.88 -45.12
CA LEU J 197 -56.63 -40.48 -46.38
C LEU J 197 -55.56 -41.52 -46.11
N VAL J 198 -55.46 -42.50 -47.02
CA VAL J 198 -54.57 -43.64 -46.88
C VAL J 198 -53.70 -43.69 -48.13
N GLU J 199 -52.40 -43.86 -47.93
CA GLU J 199 -51.47 -44.08 -49.04
C GLU J 199 -50.71 -45.38 -48.78
N CYS J 200 -50.81 -46.31 -49.72
CA CYS J 200 -50.19 -47.62 -49.59
C CYS J 200 -49.27 -47.87 -50.78
N GLU J 201 -48.25 -48.69 -50.55
CA GLU J 201 -47.43 -49.23 -51.63
C GLU J 201 -47.18 -50.71 -51.34
N CYS J 202 -48.26 -51.44 -51.04
CA CYS J 202 -48.15 -52.86 -50.77
C CYS J 202 -48.22 -53.69 -52.05
N GLY J 203 -49.10 -53.31 -52.98
CA GLY J 203 -49.12 -53.89 -54.29
C GLY J 203 -48.47 -52.94 -55.28
N GLY J 204 -49.29 -52.18 -56.00
CA GLY J 204 -48.78 -51.08 -56.80
C GLY J 204 -48.67 -49.81 -55.97
N THR J 205 -49.26 -48.73 -56.45
CA THR J 205 -49.26 -47.45 -55.74
C THR J 205 -50.70 -47.10 -55.44
N LYS J 206 -51.09 -47.23 -54.18
CA LYS J 206 -52.48 -47.12 -53.78
C LYS J 206 -52.69 -45.86 -52.94
N ILE J 207 -53.75 -45.13 -53.27
CA ILE J 207 -54.07 -43.88 -52.59
C ILE J 207 -55.58 -43.67 -52.65
N SER J 208 -56.16 -43.30 -51.51
CA SER J 208 -57.61 -43.12 -51.40
C SER J 208 -57.89 -42.22 -50.22
N GLU J 209 -58.92 -41.39 -50.34
CA GLU J 209 -59.36 -40.52 -49.25
C GLU J 209 -60.61 -41.15 -48.63
N THR J 210 -60.40 -42.11 -47.74
CA THR J 210 -61.53 -42.71 -47.05
C THR J 210 -62.14 -41.72 -46.07
N ILE J 211 -63.47 -41.73 -46.00
CA ILE J 211 -64.22 -40.82 -45.14
C ILE J 211 -65.17 -41.64 -44.30
N ASN J 212 -65.02 -41.55 -42.97
CA ASN J 212 -66.01 -41.91 -41.97
C ASN J 212 -66.30 -43.41 -41.91
N LYS J 213 -65.57 -44.23 -42.67
CA LYS J 213 -65.91 -45.63 -42.83
C LYS J 213 -64.71 -46.51 -42.51
N THR J 214 -64.98 -47.59 -41.80
CA THR J 214 -64.01 -48.65 -41.58
C THR J 214 -63.78 -49.35 -42.92
N LYS J 215 -62.70 -49.00 -43.61
CA LYS J 215 -62.45 -49.51 -44.95
C LYS J 215 -61.25 -50.44 -44.90
N GLN J 216 -61.41 -51.63 -45.45
CA GLN J 216 -60.28 -52.56 -45.56
C GLN J 216 -59.60 -52.39 -46.91
N PHE J 217 -58.47 -53.06 -47.07
CA PHE J 217 -57.58 -52.82 -48.19
C PHE J 217 -57.05 -54.13 -48.74
N SER J 218 -57.29 -54.35 -50.03
CA SER J 218 -56.83 -55.55 -50.69
C SER J 218 -55.34 -55.49 -50.96
N GLN J 219 -54.72 -56.67 -51.03
CA GLN J 219 -53.32 -56.95 -51.34
C GLN J 219 -52.32 -56.40 -50.31
N CYS J 220 -52.79 -55.78 -49.23
CA CYS J 220 -51.91 -55.19 -48.21
C CYS J 220 -51.93 -56.10 -46.99
N THR J 221 -50.81 -56.77 -46.73
CA THR J 221 -50.71 -57.70 -45.62
C THR J 221 -50.24 -57.00 -44.34
N LYS J 222 -49.08 -56.35 -44.41
CA LYS J 222 -48.51 -55.67 -43.26
C LYS J 222 -49.02 -54.25 -43.16
N LYS J 223 -49.22 -53.79 -41.92
CA LYS J 223 -49.64 -52.41 -41.68
C LYS J 223 -48.49 -51.42 -41.76
N GLU J 224 -47.26 -51.90 -41.98
CA GLU J 224 -46.15 -51.02 -42.29
C GLU J 224 -46.21 -50.51 -43.72
N GLN J 225 -46.96 -51.19 -44.59
CA GLN J 225 -47.05 -50.86 -46.00
C GLN J 225 -47.96 -49.68 -46.29
N CYS J 226 -48.62 -49.12 -45.27
CA CYS J 226 -49.58 -48.05 -45.49
C CYS J 226 -49.35 -46.95 -44.46
N ARG J 227 -49.79 -45.74 -44.79
CA ARG J 227 -49.69 -44.59 -43.91
C ARG J 227 -51.04 -43.90 -43.85
N ALA J 228 -51.54 -43.69 -42.64
CA ALA J 228 -52.83 -43.03 -42.42
C ALA J 228 -52.58 -41.61 -41.95
N TYR J 229 -53.17 -40.65 -42.65
CA TYR J 229 -53.04 -39.24 -42.31
C TYR J 229 -54.34 -38.74 -41.69
N ARG J 230 -54.38 -37.45 -41.39
CA ARG J 230 -55.57 -36.80 -40.85
C ARG J 230 -55.75 -35.47 -41.55
N LEU J 231 -57.01 -35.05 -41.69
CA LEU J 231 -57.34 -33.86 -42.46
C LEU J 231 -58.24 -32.95 -41.64
N GLN J 232 -57.95 -31.65 -41.68
CA GLN J 232 -58.79 -30.63 -41.06
C GLN J 232 -58.82 -29.42 -41.97
N ASN J 233 -60.01 -29.06 -42.45
CA ASN J 233 -60.15 -27.89 -43.31
C ASN J 233 -60.28 -26.61 -42.51
N ASP J 234 -60.83 -26.67 -41.30
CA ASP J 234 -60.89 -25.52 -40.41
C ASP J 234 -59.63 -25.48 -39.56
N LYS J 235 -59.65 -24.65 -38.51
CA LYS J 235 -58.66 -24.66 -37.43
C LYS J 235 -57.22 -24.40 -37.88
N TRP J 236 -56.92 -23.12 -38.11
CA TRP J 236 -55.56 -22.64 -38.36
C TRP J 236 -54.55 -23.17 -37.35
N VAL J 237 -53.28 -23.22 -37.77
CA VAL J 237 -52.16 -23.36 -36.87
C VAL J 237 -51.22 -22.18 -37.13
N TYR J 238 -50.27 -22.01 -36.23
CA TYR J 238 -49.23 -21.03 -36.46
C TYR J 238 -48.28 -21.52 -37.55
N ASN J 239 -47.63 -20.57 -38.23
CA ASN J 239 -46.61 -20.90 -39.21
C ASN J 239 -45.36 -21.41 -38.51
N SER J 240 -45.40 -22.64 -38.00
CA SER J 240 -44.25 -23.18 -37.31
C SER J 240 -43.23 -23.69 -38.32
N ASP J 241 -42.07 -24.07 -37.80
CA ASP J 241 -41.13 -24.88 -38.55
C ASP J 241 -41.07 -26.31 -38.07
N LYS J 242 -41.81 -26.64 -37.01
CA LYS J 242 -41.93 -28.02 -36.55
C LYS J 242 -43.15 -28.72 -37.12
N LEU J 243 -43.82 -28.13 -38.11
CA LEU J 243 -45.01 -28.70 -38.69
C LEU J 243 -44.85 -28.75 -40.20
N PRO J 244 -45.31 -29.82 -40.85
CA PRO J 244 -45.28 -29.83 -42.32
C PRO J 244 -46.38 -28.94 -42.88
N LYS J 245 -46.11 -28.37 -44.05
CA LYS J 245 -47.04 -27.43 -44.64
C LYS J 245 -48.00 -28.14 -45.58
N ALA J 246 -49.07 -27.44 -45.92
CA ALA J 246 -50.14 -28.00 -46.74
C ALA J 246 -49.77 -27.87 -48.22
N ALA J 247 -50.74 -28.12 -49.10
CA ALA J 247 -50.52 -28.11 -50.54
C ALA J 247 -51.35 -27.01 -51.18
N GLY J 248 -50.69 -25.97 -51.68
CA GLY J 248 -51.31 -24.93 -52.49
C GLY J 248 -51.59 -23.63 -51.77
N ALA J 249 -50.64 -22.69 -51.89
CA ALA J 249 -50.71 -21.26 -51.55
C ALA J 249 -50.83 -20.95 -50.07
N THR J 250 -51.24 -21.93 -49.25
CA THR J 250 -50.89 -22.12 -47.84
C THR J 250 -51.39 -21.03 -46.88
N LEU J 251 -51.81 -19.88 -47.38
CA LEU J 251 -52.02 -18.72 -46.52
C LEU J 251 -53.50 -18.50 -46.28
N LYS J 252 -53.86 -18.25 -45.03
CA LYS J 252 -55.25 -18.03 -44.68
C LYS J 252 -55.52 -16.77 -43.87
N GLY J 253 -54.52 -16.17 -43.24
CA GLY J 253 -54.75 -14.92 -42.55
C GLY J 253 -53.59 -14.57 -41.66
N LYS J 254 -53.78 -13.51 -40.88
CA LYS J 254 -52.79 -13.11 -39.89
C LYS J 254 -53.49 -12.59 -38.65
N LEU J 255 -52.96 -12.96 -37.49
CA LEU J 255 -53.53 -12.59 -36.20
C LEU J 255 -52.56 -11.67 -35.48
N HIS J 256 -53.09 -10.89 -34.55
CA HIS J 256 -52.25 -9.94 -33.84
C HIS J 256 -51.57 -10.62 -32.67
N VAL J 257 -50.44 -10.06 -32.25
CA VAL J 257 -49.78 -10.56 -31.05
C VAL J 257 -50.26 -9.73 -29.86
N PRO J 258 -50.44 -10.34 -28.72
CA PRO J 258 -50.69 -9.58 -27.50
C PRO J 258 -49.36 -9.20 -26.87
N PHE J 259 -49.45 -8.33 -25.86
CA PHE J 259 -48.35 -7.98 -24.95
C PHE J 259 -47.17 -7.37 -25.69
N LEU J 260 -47.40 -6.25 -26.37
CA LEU J 260 -46.29 -5.61 -27.04
C LEU J 260 -45.53 -4.69 -26.10
N LEU J 261 -44.44 -4.16 -26.62
CA LEU J 261 -43.51 -3.36 -25.83
C LEU J 261 -43.98 -1.92 -25.85
N ALA J 262 -44.60 -1.46 -24.78
CA ALA J 262 -45.09 -0.10 -24.65
C ALA J 262 -44.15 0.70 -23.78
N ASP J 263 -44.56 1.93 -23.46
CA ASP J 263 -43.76 2.85 -22.67
C ASP J 263 -44.40 3.05 -21.31
N GLY J 264 -43.69 2.67 -20.25
CA GLY J 264 -44.23 2.84 -18.92
C GLY J 264 -43.39 3.70 -18.00
N LYS J 265 -43.57 3.52 -16.70
CA LYS J 265 -42.75 4.12 -15.68
C LYS J 265 -42.16 3.01 -14.81
N CYS J 266 -40.89 3.12 -14.49
CA CYS J 266 -40.21 2.13 -13.66
C CYS J 266 -39.49 2.82 -12.51
N THR J 267 -39.47 2.18 -11.36
CA THR J 267 -38.78 2.74 -10.19
C THR J 267 -37.32 2.30 -10.24
N VAL J 268 -36.41 3.26 -10.15
CA VAL J 268 -34.99 2.96 -10.24
C VAL J 268 -34.37 3.27 -8.89
N PRO J 269 -33.26 2.64 -8.49
CA PRO J 269 -32.70 2.92 -7.17
C PRO J 269 -32.03 4.27 -7.09
N LEU J 270 -31.44 4.58 -5.94
CA LEU J 270 -30.82 5.88 -5.76
C LEU J 270 -29.59 5.71 -4.87
N ALA J 271 -28.43 6.04 -5.42
CA ALA J 271 -27.16 5.80 -4.77
C ALA J 271 -26.98 6.73 -3.56
N PRO J 272 -26.09 6.40 -2.62
CA PRO J 272 -25.84 7.30 -1.50
C PRO J 272 -25.20 8.61 -1.93
N GLU J 273 -25.38 9.62 -1.10
CA GLU J 273 -24.84 10.92 -1.41
C GLU J 273 -23.33 10.89 -1.33
N PRO J 274 -22.63 11.34 -2.37
CA PRO J 274 -21.17 11.44 -2.29
C PRO J 274 -20.75 12.50 -1.28
N MET J 275 -19.57 12.29 -0.72
CA MET J 275 -19.03 13.19 0.28
C MET J 275 -17.95 14.06 -0.36
N ILE J 276 -18.34 15.28 -0.68
CA ILE J 276 -17.55 16.17 -1.50
C ILE J 276 -16.65 17.00 -0.60
N THR J 277 -15.35 16.92 -0.83
CA THR J 277 -14.37 17.73 -0.11
C THR J 277 -13.74 18.70 -1.09
N PHE J 278 -13.73 19.99 -0.73
CA PHE J 278 -13.26 21.01 -1.65
C PHE J 278 -11.81 21.39 -1.35
N GLY J 279 -11.10 21.76 -2.40
CA GLY J 279 -9.74 22.26 -2.30
C GLY J 279 -9.55 23.30 -3.38
N PHE J 280 -8.35 23.89 -3.40
CA PHE J 280 -8.02 24.90 -4.40
C PHE J 280 -7.96 24.24 -5.77
N ARG J 281 -8.97 24.52 -6.59
CA ARG J 281 -9.13 24.01 -7.95
C ARG J 281 -9.17 22.48 -7.97
N SER J 282 -9.92 21.91 -7.03
CA SER J 282 -9.99 20.46 -6.89
C SER J 282 -11.26 20.09 -6.15
N VAL J 283 -11.85 18.96 -6.54
CA VAL J 283 -12.99 18.35 -5.87
C VAL J 283 -12.68 16.88 -5.65
N SER J 284 -12.72 16.46 -4.39
CA SER J 284 -12.59 15.06 -4.04
C SER J 284 -13.98 14.47 -3.81
N LEU J 285 -14.11 13.15 -4.00
CA LEU J 285 -15.41 12.49 -3.93
C LEU J 285 -15.25 11.13 -3.28
N LYS J 286 -15.80 10.96 -2.08
CA LYS J 286 -15.91 9.64 -1.47
C LYS J 286 -17.23 9.04 -1.90
N LEU J 287 -17.17 7.82 -2.42
CA LEU J 287 -18.27 7.18 -3.14
C LEU J 287 -18.48 5.80 -2.58
N HIS J 288 -19.55 5.61 -1.81
CA HIS J 288 -19.87 4.29 -1.28
C HIS J 288 -21.10 3.76 -1.99
N PRO J 289 -20.97 2.89 -2.99
CA PRO J 289 -22.15 2.43 -3.71
C PRO J 289 -22.78 1.19 -3.10
N LYS J 290 -24.10 1.12 -3.24
CA LYS J 290 -24.82 -0.07 -2.80
C LYS J 290 -24.73 -1.19 -3.83
N ASN J 291 -24.94 -0.84 -5.10
CA ASN J 291 -24.80 -1.71 -6.23
C ASN J 291 -24.15 -0.90 -7.34
N PRO J 292 -23.47 -1.54 -8.32
CA PRO J 292 -22.61 -0.81 -9.26
C PRO J 292 -23.28 0.33 -10.03
N THR J 293 -22.52 1.41 -10.21
CA THR J 293 -23.05 2.74 -10.46
C THR J 293 -22.08 3.50 -11.36
N TYR J 294 -22.58 4.12 -12.42
CA TYR J 294 -21.70 4.88 -13.29
C TYR J 294 -21.48 6.29 -12.77
N LEU J 295 -20.21 6.69 -12.72
CA LEU J 295 -19.81 8.06 -12.46
C LEU J 295 -19.37 8.67 -13.77
N ILE J 296 -20.07 9.70 -14.22
CA ILE J 296 -19.84 10.29 -15.53
C ILE J 296 -19.50 11.75 -15.30
N THR J 297 -18.25 12.12 -15.54
CA THR J 297 -17.80 13.49 -15.36
C THR J 297 -17.39 14.07 -16.70
N ARG J 298 -17.41 15.40 -16.80
CA ARG J 298 -16.94 16.12 -17.99
C ARG J 298 -16.74 17.58 -17.63
N GLN J 299 -15.74 18.19 -18.24
CA GLN J 299 -15.47 19.61 -18.04
C GLN J 299 -16.29 20.46 -18.99
N LEU J 300 -16.60 21.67 -18.55
CA LEU J 300 -17.51 22.55 -19.30
C LEU J 300 -16.77 23.47 -20.25
N ALA J 301 -15.67 23.00 -20.82
CA ALA J 301 -14.81 23.79 -21.68
C ALA J 301 -14.83 23.19 -23.08
N ASP J 302 -13.94 23.69 -23.93
CA ASP J 302 -13.87 23.20 -25.31
C ASP J 302 -13.34 21.77 -25.37
N GLU J 303 -12.49 21.37 -24.42
CA GLU J 303 -12.11 19.98 -24.27
C GLU J 303 -12.82 19.43 -23.06
N PRO J 304 -13.84 18.58 -23.22
CA PRO J 304 -14.59 18.12 -22.05
C PRO J 304 -13.84 17.12 -21.20
N HIS J 305 -13.03 16.24 -21.82
CA HIS J 305 -12.25 15.19 -21.16
C HIS J 305 -13.14 14.31 -20.29
N TYR J 306 -14.09 13.64 -20.92
CA TYR J 306 -15.10 12.99 -20.12
C TYR J 306 -14.56 11.67 -19.55
N THR J 307 -15.26 11.16 -18.54
CA THR J 307 -14.79 10.00 -17.79
C THR J 307 -16.00 9.14 -17.43
N HIS J 308 -16.20 8.06 -18.19
CA HIS J 308 -17.27 7.12 -17.96
C HIS J 308 -16.69 5.91 -17.22
N GLU J 309 -17.00 5.79 -15.94
CA GLU J 309 -16.42 4.75 -15.10
C GLU J 309 -17.52 4.03 -14.33
N LEU J 310 -17.37 2.71 -14.17
CA LEU J 310 -18.27 1.90 -13.36
C LEU J 310 -17.61 1.59 -12.02
N ILE J 311 -18.13 2.19 -10.96
CA ILE J 311 -17.59 2.03 -9.62
C ILE J 311 -18.49 1.07 -8.85
N SER J 312 -17.91 0.00 -8.30
CA SER J 312 -18.67 -1.03 -7.60
C SER J 312 -18.30 -1.13 -6.13
N GLU J 313 -17.19 -0.55 -5.72
CA GLU J 313 -16.63 -0.65 -4.38
C GLU J 313 -16.50 0.74 -3.82
N PRO J 314 -16.24 0.90 -2.52
CA PRO J 314 -15.90 2.22 -2.01
C PRO J 314 -14.59 2.74 -2.61
N ALA J 315 -14.65 3.97 -3.13
CA ALA J 315 -13.54 4.51 -3.90
C ALA J 315 -13.50 6.03 -3.78
N VAL J 316 -12.30 6.58 -3.69
CA VAL J 316 -12.08 8.01 -3.62
C VAL J 316 -11.63 8.49 -4.99
N ARG J 317 -12.28 9.52 -5.51
CA ARG J 317 -11.96 10.06 -6.83
C ARG J 317 -11.64 11.53 -6.68
N ASN J 318 -10.40 11.90 -6.97
CA ASN J 318 -9.96 13.29 -6.88
C ASN J 318 -9.98 13.89 -8.28
N PHE J 319 -10.59 15.07 -8.40
CA PHE J 319 -10.75 15.72 -9.69
C PHE J 319 -10.15 17.12 -9.65
N THR J 320 -10.22 17.81 -10.78
CA THR J 320 -9.64 19.14 -10.93
C THR J 320 -10.67 20.04 -11.59
N VAL J 321 -11.07 21.09 -10.88
CA VAL J 321 -12.16 21.96 -11.30
C VAL J 321 -11.57 23.35 -11.51
N THR J 322 -11.52 23.78 -12.76
CA THR J 322 -10.99 25.10 -13.09
C THR J 322 -12.11 26.13 -12.99
N GLU J 323 -11.87 27.32 -13.52
CA GLU J 323 -12.90 28.34 -13.58
C GLU J 323 -13.80 28.18 -14.80
N LYS J 324 -13.51 27.22 -15.68
CA LYS J 324 -14.34 26.98 -16.84
C LYS J 324 -15.50 26.03 -16.56
N GLY J 325 -15.52 25.39 -15.41
CA GLY J 325 -16.64 24.56 -15.01
C GLY J 325 -16.26 23.09 -14.89
N TRP J 326 -17.16 22.34 -14.26
CA TRP J 326 -17.05 20.91 -14.13
C TRP J 326 -18.45 20.38 -13.85
N GLU J 327 -18.65 19.09 -14.12
CA GLU J 327 -19.97 18.48 -14.00
C GLU J 327 -19.81 16.99 -13.78
N PHE J 328 -20.52 16.43 -12.81
CA PHE J 328 -20.56 14.98 -12.65
C PHE J 328 -22.00 14.51 -12.47
N VAL J 329 -22.23 13.25 -12.82
CA VAL J 329 -23.50 12.57 -12.60
C VAL J 329 -23.19 11.30 -11.84
N TRP J 330 -23.81 11.13 -10.69
CA TRP J 330 -23.60 9.94 -9.87
C TRP J 330 -24.87 9.10 -9.89
N GLY J 331 -24.93 8.18 -10.85
CA GLY J 331 -26.07 7.29 -10.93
C GLY J 331 -27.29 8.02 -11.44
N ASN J 332 -28.40 7.87 -10.74
CA ASN J 332 -29.67 8.42 -11.17
C ASN J 332 -29.93 9.79 -10.58
N HIS J 333 -28.93 10.41 -9.98
CA HIS J 333 -28.98 11.77 -9.50
C HIS J 333 -28.93 12.76 -10.66
N PRO J 334 -29.41 13.98 -10.47
CA PRO J 334 -29.26 15.01 -11.50
C PRO J 334 -27.82 15.45 -11.64
N PRO J 335 -27.44 16.02 -12.78
CA PRO J 335 -26.05 16.50 -12.96
C PRO J 335 -25.74 17.69 -12.06
N LYS J 336 -24.77 17.51 -11.17
CA LYS J 336 -24.26 18.60 -10.36
C LYS J 336 -23.17 19.33 -11.11
N ARG J 337 -23.14 20.65 -10.98
CA ARG J 337 -22.10 21.46 -11.59
C ARG J 337 -21.34 22.24 -10.53
N PHE J 338 -20.11 22.64 -10.89
CA PHE J 338 -19.20 23.28 -9.96
C PHE J 338 -18.25 24.21 -10.70
N TRP J 339 -18.00 25.37 -10.11
CA TRP J 339 -17.01 26.33 -10.60
C TRP J 339 -16.07 26.71 -9.47
N ALA J 340 -14.86 27.08 -9.83
CA ALA J 340 -13.84 27.44 -8.85
C ALA J 340 -13.63 28.95 -8.81
N GLN J 341 -13.33 29.46 -7.62
CA GLN J 341 -13.03 30.88 -7.45
C GLN J 341 -11.69 31.03 -6.74
N GLU J 342 -11.09 32.21 -6.90
CA GLU J 342 -9.66 32.43 -6.67
C GLU J 342 -9.38 32.50 -5.17
N THR J 343 -9.00 31.37 -4.57
CA THR J 343 -8.51 31.33 -3.18
C THR J 343 -7.21 30.52 -3.14
N ALA J 344 -6.08 31.17 -3.46
CA ALA J 344 -4.79 30.51 -3.61
C ALA J 344 -4.03 30.52 -2.29
N PRO J 345 -3.15 29.54 -2.04
CA PRO J 345 -2.41 29.53 -0.77
C PRO J 345 -1.28 30.55 -0.77
N GLY J 346 -1.07 31.15 0.39
CA GLY J 346 -0.01 32.13 0.53
C GLY J 346 -0.55 33.49 0.94
N ASN J 347 0.22 34.53 0.67
CA ASN J 347 -0.24 35.88 0.99
C ASN J 347 0.28 36.84 -0.07
N PRO J 348 -0.59 37.58 -0.75
CA PRO J 348 -0.13 38.59 -1.71
C PRO J 348 0.28 39.92 -1.09
N HIS J 349 0.29 40.04 0.24
CA HIS J 349 0.48 41.34 0.87
C HIS J 349 1.65 41.36 1.84
N GLY J 350 2.80 40.85 1.41
CA GLY J 350 4.01 40.97 2.19
C GLY J 350 4.86 39.72 2.16
N LEU J 351 6.10 39.82 2.69
CA LEU J 351 7.02 38.71 2.94
C LEU J 351 7.33 37.95 1.65
N PRO J 352 8.25 38.47 0.80
CA PRO J 352 8.34 38.06 -0.63
C PRO J 352 8.50 36.57 -0.95
N HIS J 353 8.71 35.73 0.06
CA HIS J 353 8.56 34.29 -0.12
C HIS J 353 7.11 33.85 -0.05
N GLU J 354 6.17 34.76 0.20
CA GLU J 354 4.75 34.43 0.21
C GLU J 354 4.03 34.90 -1.04
N VAL J 355 4.44 36.04 -1.61
CA VAL J 355 3.82 36.49 -2.85
C VAL J 355 4.20 35.56 -4.01
N ILE J 356 5.40 34.98 -3.97
CA ILE J 356 5.81 34.06 -5.04
C ILE J 356 5.03 32.76 -4.95
N THR J 357 4.75 32.30 -3.72
CA THR J 357 3.92 31.10 -3.57
C THR J 357 2.48 31.36 -3.97
N HIS J 358 1.95 32.54 -3.64
CA HIS J 358 0.59 32.87 -4.01
C HIS J 358 0.43 32.97 -5.52
N TYR J 359 1.34 33.67 -6.18
CA TYR J 359 1.25 33.77 -7.64
C TYR J 359 1.81 32.55 -8.36
N TYR J 360 2.42 31.60 -7.65
CA TYR J 360 2.79 30.35 -8.27
C TYR J 360 1.65 29.35 -8.25
N HIS J 361 0.89 29.32 -7.15
CA HIS J 361 -0.35 28.55 -7.18
C HIS J 361 -1.42 29.24 -8.01
N ARG J 362 -1.31 30.55 -8.19
CA ARG J 362 -2.31 31.32 -8.92
C ARG J 362 -2.11 31.21 -10.42
N TYR J 363 -0.96 31.69 -10.92
CA TYR J 363 -0.62 31.64 -12.35
C TYR J 363 0.77 31.03 -12.48
N PRO J 364 0.87 29.71 -12.68
CA PRO J 364 2.19 29.06 -12.64
C PRO J 364 3.04 29.35 -13.85
N MET J 365 2.42 29.52 -15.02
CA MET J 365 3.18 29.73 -16.24
C MET J 365 3.75 31.13 -16.32
N SER J 366 3.07 32.11 -15.74
CA SER J 366 3.55 33.49 -15.82
C SER J 366 4.59 33.80 -14.76
N THR J 367 4.53 33.12 -13.60
CA THR J 367 5.41 33.46 -12.48
C THR J 367 6.86 33.10 -12.78
N ILE J 368 7.09 31.91 -13.35
CA ILE J 368 8.46 31.46 -13.63
C ILE J 368 9.09 32.30 -14.71
N LEU J 369 8.32 32.64 -15.76
CA LEU J 369 8.85 33.50 -16.83
C LEU J 369 9.12 34.91 -16.33
N GLY J 370 8.24 35.46 -15.48
CA GLY J 370 8.47 36.78 -14.94
C GLY J 370 9.68 36.86 -14.04
N LEU J 371 9.83 35.88 -13.14
CA LEU J 371 10.99 35.85 -12.27
C LEU J 371 12.28 35.60 -13.04
N SER J 372 12.22 34.80 -14.11
CA SER J 372 13.42 34.52 -14.88
C SER J 372 13.87 35.75 -15.68
N ILE J 373 12.91 36.48 -16.27
CA ILE J 373 13.35 37.66 -17.03
C ILE J 373 13.74 38.79 -16.09
N CYS J 374 13.14 38.87 -14.89
CA CYS J 374 13.59 39.87 -13.93
C CYS J 374 14.99 39.56 -13.42
N ALA J 375 15.29 38.27 -13.18
CA ALA J 375 16.64 37.90 -12.76
C ALA J 375 17.66 38.12 -13.87
N ALA J 376 17.27 37.87 -15.12
CA ALA J 376 18.19 38.08 -16.24
C ALA J 376 18.48 39.57 -16.46
N ILE J 377 17.44 40.40 -16.40
CA ILE J 377 17.65 41.84 -16.56
C ILE J 377 18.44 42.41 -15.40
N ALA J 378 18.23 41.90 -14.18
CA ALA J 378 18.98 42.36 -13.02
C ALA J 378 20.45 41.97 -13.13
N THR J 379 20.74 40.73 -13.56
CA THR J 379 22.12 40.28 -13.70
C THR J 379 22.84 41.05 -14.81
N VAL J 380 22.18 41.23 -15.96
CA VAL J 380 22.78 41.97 -17.07
C VAL J 380 23.02 43.43 -16.69
N SER J 381 22.11 44.03 -15.92
CA SER J 381 22.28 45.43 -15.54
C SER J 381 23.40 45.61 -14.53
N VAL J 382 23.49 44.72 -13.54
CA VAL J 382 24.57 44.83 -12.55
C VAL J 382 25.93 44.56 -13.21
N ALA J 383 26.00 43.59 -14.11
CA ALA J 383 27.27 43.27 -14.76
C ALA J 383 27.71 44.39 -15.72
N ALA J 384 26.77 44.96 -16.48
CA ALA J 384 27.12 46.03 -17.39
C ALA J 384 27.48 47.32 -16.66
N SER J 385 26.81 47.59 -15.53
CA SER J 385 27.17 48.77 -14.74
C SER J 385 28.52 48.60 -14.07
N THR J 386 28.85 47.39 -13.61
CA THR J 386 30.17 47.16 -13.01
C THR J 386 31.27 47.23 -14.07
N TRP J 387 30.97 46.77 -15.29
CA TRP J 387 31.92 46.89 -16.39
C TRP J 387 32.18 48.34 -16.76
N LEU J 388 31.12 49.16 -16.84
CA LEU J 388 31.32 50.58 -17.14
C LEU J 388 32.00 51.32 -15.99
N PHE J 389 31.75 50.91 -14.74
CA PHE J 389 32.45 51.51 -13.61
C PHE J 389 33.94 51.19 -13.64
N CYS J 390 34.29 49.93 -13.98
CA CYS J 390 35.70 49.58 -14.07
C CYS J 390 36.38 50.29 -15.24
N ARG J 391 35.68 50.45 -16.35
CA ARG J 391 36.21 51.22 -17.48
C ARG J 391 36.46 52.67 -17.10
N SER J 392 35.53 53.28 -16.35
CA SER J 392 35.73 54.67 -15.97
C SER J 392 36.82 54.82 -14.91
N ARG J 393 36.97 53.85 -14.02
CA ARG J 393 38.04 53.91 -13.02
C ARG J 393 39.41 53.78 -13.66
N VAL J 394 39.54 52.87 -14.64
CA VAL J 394 40.79 52.75 -15.38
C VAL J 394 41.06 54.01 -16.19
N ALA J 395 40.02 54.58 -16.82
CA ALA J 395 40.20 55.78 -17.64
C ALA J 395 40.50 57.02 -16.80
N CYS J 396 40.16 57.02 -15.51
CA CYS J 396 40.62 58.12 -14.67
C CYS J 396 42.02 57.88 -14.11
N LEU J 397 42.31 56.68 -13.62
CA LEU J 397 43.58 56.47 -12.94
C LEU J 397 44.74 56.20 -13.89
N THR J 398 44.48 55.97 -15.18
CA THR J 398 45.56 55.65 -16.11
C THR J 398 46.51 56.81 -16.41
N PRO J 399 46.09 58.06 -16.66
CA PRO J 399 47.11 59.10 -16.91
C PRO J 399 47.94 59.50 -15.71
N TYR J 400 47.65 59.01 -14.51
CA TYR J 400 48.46 59.30 -13.35
C TYR J 400 49.37 58.14 -12.96
N ARG J 401 49.05 56.92 -13.39
CA ARG J 401 49.92 55.78 -13.12
C ARG J 401 51.04 55.64 -14.14
N LEU J 402 50.90 56.27 -15.30
CA LEU J 402 51.91 56.21 -16.34
C LEU J 402 53.06 57.18 -16.14
N THR J 403 52.93 58.16 -15.26
CA THR J 403 54.02 59.09 -15.04
C THR J 403 55.14 58.42 -14.24
N PRO J 404 56.39 58.86 -14.44
CA PRO J 404 57.51 58.20 -13.73
C PRO J 404 57.53 58.42 -12.24
N ASN J 405 56.82 59.42 -11.71
CA ASN J 405 56.74 59.61 -10.27
C ASN J 405 55.50 58.95 -9.65
N ALA J 406 54.41 58.88 -10.42
CA ALA J 406 53.11 58.36 -10.00
C ALA J 406 52.59 59.06 -8.75
N ARG J 407 52.49 60.37 -8.85
CA ARG J 407 52.00 61.21 -7.76
C ARG J 407 50.50 61.41 -8.00
N ILE J 408 49.72 60.54 -7.41
CA ILE J 408 48.25 60.61 -7.53
C ILE J 408 47.75 61.77 -6.69
N PRO J 409 46.89 62.65 -7.24
CA PRO J 409 46.29 63.70 -6.42
C PRO J 409 45.34 63.10 -5.40
N PHE J 410 45.16 63.82 -4.28
CA PHE J 410 44.56 63.21 -3.10
C PHE J 410 43.06 62.96 -3.27
N CYS J 411 42.36 63.88 -3.94
CA CYS J 411 40.92 63.75 -4.09
C CYS J 411 40.54 62.56 -4.97
N LEU J 412 41.28 62.36 -6.07
CA LEU J 412 41.04 61.19 -6.90
C LEU J 412 41.48 59.90 -6.22
N ALA J 413 42.43 59.98 -5.29
CA ALA J 413 42.80 58.79 -4.53
C ALA J 413 41.75 58.45 -3.48
N VAL J 414 41.03 59.45 -2.97
CA VAL J 414 39.92 59.19 -2.08
C VAL J 414 38.72 58.64 -2.86
N LEU J 415 38.43 59.21 -4.03
CA LEU J 415 37.26 58.77 -4.79
C LEU J 415 37.46 57.38 -5.40
N CYS J 416 38.45 57.23 -6.27
CA CYS J 416 38.59 56.00 -7.04
C CYS J 416 39.45 54.95 -6.37
N CYS J 417 39.70 55.08 -5.06
CA CYS J 417 40.33 54.06 -4.21
C CYS J 417 41.76 53.73 -4.69
N ALA J 418 42.57 54.77 -4.80
CA ALA J 418 43.94 54.61 -5.29
C ALA J 418 44.89 54.42 -4.10
N ARG J 419 46.19 54.48 -4.38
CA ARG J 419 47.20 54.22 -3.36
C ARG J 419 47.36 55.40 -2.41
N GLY K 113 77.88 64.14 -36.22
CA GLY K 113 78.33 65.39 -35.63
C GLY K 113 78.82 65.25 -34.20
N LYS K 114 78.12 65.92 -33.29
CA LYS K 114 78.46 65.91 -31.86
C LYS K 114 77.30 65.49 -30.97
N ARG K 115 76.07 65.87 -31.35
CA ARG K 115 74.90 65.70 -30.51
C ARG K 115 74.58 64.23 -30.25
N GLN K 116 74.76 63.39 -31.27
CA GLN K 116 74.39 61.99 -31.21
C GLN K 116 75.30 61.17 -30.30
N ARG K 117 76.51 61.65 -30.03
CA ARG K 117 77.49 60.84 -29.31
C ARG K 117 77.20 60.77 -27.81
N MET K 118 76.81 61.89 -27.19
CA MET K 118 76.39 61.86 -25.79
C MET K 118 75.07 61.11 -25.63
N VAL K 119 74.24 61.10 -26.66
CA VAL K 119 73.02 60.31 -26.64
C VAL K 119 73.34 58.83 -26.70
N MET K 120 74.37 58.45 -27.47
CA MET K 120 74.83 57.07 -27.47
C MET K 120 75.42 56.69 -26.12
N LYS K 121 76.13 57.62 -25.48
CA LYS K 121 76.67 57.39 -24.15
C LYS K 121 75.57 57.19 -23.11
N LEU K 122 74.44 57.90 -23.27
CA LEU K 122 73.31 57.68 -22.37
C LEU K 122 72.57 56.38 -22.68
N GLU K 123 72.33 56.09 -23.96
CA GLU K 123 71.58 54.90 -24.36
C GLU K 123 72.34 53.61 -24.13
N SER K 124 73.68 53.67 -24.02
CA SER K 124 74.45 52.47 -23.72
C SER K 124 74.23 51.97 -22.31
N ASP K 125 73.70 52.80 -21.42
CA ASP K 125 73.57 52.45 -20.01
C ASP K 125 72.13 52.11 -19.63
N LYS K 126 71.14 52.80 -20.18
CA LYS K 126 69.77 52.76 -19.69
C LYS K 126 68.72 52.42 -20.72
N THR K 127 68.97 52.62 -22.01
CA THR K 127 68.06 52.19 -23.06
C THR K 127 68.40 50.77 -23.46
N PHE K 128 67.44 49.86 -23.36
CA PHE K 128 67.71 48.45 -23.59
C PHE K 128 66.92 47.93 -24.77
N PRO K 129 67.57 47.37 -25.78
CA PRO K 129 66.82 46.84 -26.92
C PRO K 129 66.15 45.52 -26.58
N ILE K 130 65.11 45.21 -27.33
CA ILE K 130 64.38 43.97 -27.12
C ILE K 130 65.01 42.92 -28.03
N MET K 131 64.78 41.65 -27.72
CA MET K 131 65.42 40.56 -28.44
C MET K 131 64.36 39.71 -29.13
N LEU K 132 64.00 40.10 -30.34
CA LEU K 132 63.36 39.16 -31.25
C LEU K 132 64.42 38.20 -31.75
N GLU K 133 63.96 37.05 -32.28
CA GLU K 133 64.73 35.85 -32.58
C GLU K 133 66.07 36.07 -33.29
N GLY K 134 66.13 37.06 -34.18
CA GLY K 134 67.40 37.42 -34.77
C GLY K 134 67.71 38.91 -34.76
N LYS K 135 66.71 39.74 -34.53
CA LYS K 135 66.86 41.18 -34.72
C LYS K 135 66.32 41.94 -33.52
N ILE K 136 66.33 43.27 -33.63
CA ILE K 136 65.85 44.17 -32.60
C ILE K 136 64.53 44.77 -33.06
N ASN K 137 63.49 44.63 -32.24
CA ASN K 137 62.17 45.12 -32.59
C ASN K 137 61.83 46.42 -31.88
N GLY K 138 62.40 46.67 -30.71
CA GLY K 138 62.07 47.87 -29.96
C GLY K 138 62.99 48.03 -28.78
N TYR K 139 62.79 49.12 -28.05
CA TYR K 139 63.72 49.61 -27.04
C TYR K 139 62.97 49.94 -25.77
N ALA K 140 63.31 49.27 -24.68
CA ALA K 140 62.73 49.57 -23.38
C ALA K 140 63.48 50.72 -22.72
N CYS K 141 62.73 51.70 -22.24
CA CYS K 141 63.29 52.85 -21.55
C CYS K 141 63.06 52.71 -20.05
N VAL K 142 64.03 53.16 -19.26
CA VAL K 142 63.95 53.14 -17.81
C VAL K 142 64.05 54.60 -17.36
N VAL K 143 62.91 55.21 -17.04
CA VAL K 143 62.85 56.62 -16.73
C VAL K 143 62.09 56.83 -15.43
N GLY K 144 62.73 57.50 -14.47
CA GLY K 144 62.10 57.88 -13.21
C GLY K 144 61.80 56.72 -12.29
N GLY K 145 62.37 55.55 -12.54
CA GLY K 145 61.99 54.39 -11.78
C GLY K 145 60.72 53.72 -12.26
N LYS K 146 60.49 53.69 -13.57
CA LYS K 146 59.36 52.97 -14.12
C LYS K 146 59.68 52.53 -15.55
N LEU K 147 59.87 51.23 -15.73
CA LEU K 147 60.25 50.63 -17.00
C LEU K 147 59.10 50.75 -17.98
N PHE K 148 59.39 51.17 -19.20
CA PHE K 148 58.39 51.37 -20.24
C PHE K 148 58.71 50.46 -21.42
N ARG K 149 57.66 49.89 -22.03
CA ARG K 149 57.78 48.99 -23.16
C ARG K 149 56.56 49.15 -24.05
N PRO K 150 56.75 49.32 -25.36
CA PRO K 150 55.60 49.40 -26.27
C PRO K 150 54.95 48.05 -26.50
N MET K 151 53.68 48.09 -26.92
CA MET K 151 52.88 46.87 -26.98
C MET K 151 53.13 46.07 -28.24
N HIS K 152 53.09 46.73 -29.40
CA HIS K 152 53.24 46.02 -30.67
C HIS K 152 54.62 45.41 -30.84
N VAL K 153 55.61 45.93 -30.14
CA VAL K 153 56.91 45.29 -30.03
C VAL K 153 56.79 44.08 -29.12
N GLU K 154 57.24 42.92 -29.61
CA GLU K 154 57.17 41.67 -28.86
C GLU K 154 58.54 41.01 -28.87
N GLY K 155 58.99 40.58 -27.70
CA GLY K 155 60.30 39.96 -27.54
C GLY K 155 60.66 39.88 -26.07
N LYS K 156 61.96 39.92 -25.79
CA LYS K 156 62.47 39.82 -24.43
C LYS K 156 63.50 40.91 -24.17
N ILE K 157 63.36 41.57 -23.02
CA ILE K 157 64.31 42.59 -22.61
C ILE K 157 65.64 41.91 -22.27
N ASP K 158 66.75 42.57 -22.62
CA ASP K 158 68.08 41.95 -22.58
C ASP K 158 68.51 41.62 -21.17
N ASN K 159 68.13 42.44 -20.19
CA ASN K 159 68.51 42.17 -18.81
C ASN K 159 67.63 41.07 -18.21
N ASP K 160 68.27 40.15 -17.49
CA ASP K 160 67.51 39.15 -16.76
C ASP K 160 66.82 39.72 -15.53
N VAL K 161 67.24 40.90 -15.08
CA VAL K 161 66.53 41.60 -14.01
C VAL K 161 65.26 42.24 -14.55
N LEU K 162 65.35 42.87 -15.73
CA LEU K 162 64.20 43.53 -16.32
C LEU K 162 63.30 42.57 -17.09
N ALA K 163 63.71 41.32 -17.27
CA ALA K 163 62.86 40.37 -17.97
C ALA K 163 61.79 39.77 -17.05
N ALA K 164 62.15 39.49 -15.79
CA ALA K 164 61.25 38.77 -14.89
C ALA K 164 60.10 39.62 -14.38
N LEU K 165 60.18 40.94 -14.55
CA LEU K 165 59.18 41.82 -13.96
C LEU K 165 57.91 41.83 -14.82
N LYS K 166 56.78 41.51 -14.20
CA LYS K 166 55.50 41.51 -14.90
C LYS K 166 55.00 42.94 -15.08
N THR K 167 54.54 43.24 -16.29
CA THR K 167 54.18 44.60 -16.66
C THR K 167 52.67 44.79 -16.63
N LYS K 168 52.25 45.97 -16.17
CA LYS K 168 50.87 46.39 -16.33
C LYS K 168 50.71 47.12 -17.66
N LYS K 169 49.50 47.04 -18.22
CA LYS K 169 49.25 47.48 -19.58
C LYS K 169 48.29 48.67 -19.59
N ALA K 170 48.52 49.58 -20.54
CA ALA K 170 47.66 50.76 -20.74
C ALA K 170 47.41 50.89 -22.23
N SER K 171 46.31 50.29 -22.70
CA SER K 171 46.03 50.16 -24.12
C SER K 171 45.69 51.48 -24.80
N LYS K 172 45.28 52.49 -24.04
CA LYS K 172 45.01 53.80 -24.63
C LYS K 172 46.30 54.50 -25.02
N TYR K 173 47.39 54.20 -24.32
CA TYR K 173 48.66 54.87 -24.53
C TYR K 173 49.73 53.94 -25.05
N ASP K 174 49.36 52.68 -25.36
CA ASP K 174 50.15 51.75 -26.17
C ASP K 174 51.47 51.38 -25.49
N LEU K 175 51.45 51.25 -24.15
CA LEU K 175 52.66 51.03 -23.39
C LEU K 175 52.42 50.08 -22.23
N GLU K 176 53.13 48.96 -22.21
CA GLU K 176 53.33 48.22 -20.98
C GLU K 176 54.21 49.04 -20.05
N TYR K 177 54.01 48.90 -18.74
CA TYR K 177 54.83 49.66 -17.80
C TYR K 177 54.84 49.06 -16.41
N ALA K 178 56.01 48.64 -15.96
CA ALA K 178 56.17 48.06 -14.64
C ALA K 178 57.04 48.97 -13.78
N ASP K 179 57.24 48.58 -12.52
CA ASP K 179 58.07 49.37 -11.61
C ASP K 179 59.47 48.78 -11.51
N VAL K 180 60.46 49.66 -11.54
CA VAL K 180 61.86 49.24 -11.47
C VAL K 180 62.33 48.98 -10.04
N PRO K 181 63.19 47.97 -9.88
CA PRO K 181 63.74 47.61 -8.56
C PRO K 181 64.50 48.76 -7.92
N GLN K 182 64.75 48.62 -6.62
CA GLN K 182 65.19 49.75 -5.83
C GLN K 182 66.63 50.14 -6.13
N ASN K 183 67.48 49.17 -6.47
CA ASN K 183 68.87 49.47 -6.81
C ASN K 183 68.96 50.27 -8.11
N MET K 184 68.06 50.02 -9.05
CA MET K 184 68.12 50.65 -10.36
C MET K 184 67.53 52.06 -10.37
N ARG K 185 66.93 52.49 -9.25
CA ARG K 185 66.14 53.73 -9.24
C ARG K 185 66.99 54.99 -9.43
N ALA K 186 68.23 54.98 -8.95
CA ALA K 186 69.08 56.15 -9.16
C ALA K 186 69.61 56.22 -10.58
N ASP K 187 69.78 55.06 -11.24
CA ASP K 187 70.31 55.01 -12.59
C ASP K 187 69.18 54.95 -13.62
N THR K 188 68.33 55.97 -13.58
CA THR K 188 67.23 56.12 -14.52
C THR K 188 67.37 57.44 -15.27
N PHE K 189 66.57 57.59 -16.32
CA PHE K 189 66.49 58.87 -17.00
C PHE K 189 65.72 59.89 -16.16
N LYS K 190 65.66 61.10 -16.67
CA LYS K 190 64.85 62.15 -16.07
C LYS K 190 63.87 62.66 -17.12
N TYR K 191 62.76 63.20 -16.63
CA TYR K 191 61.65 63.58 -17.47
C TYR K 191 61.30 65.05 -17.23
N THR K 192 60.82 65.71 -18.26
CA THR K 192 60.56 67.14 -18.19
C THR K 192 59.20 67.45 -18.80
N HIS K 193 58.41 68.24 -18.09
CA HIS K 193 57.12 68.66 -18.60
C HIS K 193 57.23 69.83 -19.56
N GLU K 194 58.19 70.73 -19.34
CA GLU K 194 58.30 71.96 -20.10
C GLU K 194 59.17 71.73 -21.33
N LYS K 195 58.61 71.98 -22.51
CA LYS K 195 59.36 71.90 -23.74
C LYS K 195 59.06 73.13 -24.60
N PRO K 196 60.04 73.99 -24.83
CA PRO K 196 59.87 75.08 -25.79
C PRO K 196 60.16 74.61 -27.21
N GLN K 197 59.75 75.42 -28.17
CA GLN K 197 59.95 75.12 -29.58
C GLN K 197 61.42 75.14 -29.94
N GLY K 198 61.75 74.43 -31.02
CA GLY K 198 63.12 74.41 -31.49
C GLY K 198 63.61 73.02 -31.84
N TYR K 199 64.81 72.70 -31.37
CA TYR K 199 65.48 71.45 -31.74
C TYR K 199 65.75 70.61 -30.52
N TYR K 200 65.43 69.32 -30.63
CA TYR K 200 65.72 68.33 -29.61
C TYR K 200 66.53 67.21 -30.25
N SER K 201 67.03 66.33 -29.41
CA SER K 201 67.94 65.29 -29.87
C SER K 201 67.24 63.94 -29.93
N TRP K 202 67.87 63.02 -30.66
CA TRP K 202 67.34 61.69 -30.92
C TRP K 202 68.49 60.85 -31.42
N HIS K 203 68.33 59.52 -31.36
CA HIS K 203 69.40 58.61 -31.74
C HIS K 203 69.77 58.75 -33.21
N HIS K 204 68.78 59.00 -34.07
CA HIS K 204 69.03 59.23 -35.49
C HIS K 204 69.12 60.70 -35.83
N GLY K 205 69.98 61.44 -35.16
CA GLY K 205 70.20 62.84 -35.51
C GLY K 205 69.36 63.78 -34.65
N ALA K 206 68.67 64.71 -35.30
CA ALA K 206 67.92 65.73 -34.60
C ALA K 206 66.43 65.62 -34.93
N VAL K 207 65.63 66.23 -34.07
CA VAL K 207 64.17 66.23 -34.21
C VAL K 207 63.65 67.64 -33.95
N GLN K 208 62.76 68.11 -34.82
CA GLN K 208 62.18 69.43 -34.68
C GLN K 208 60.91 69.35 -33.85
N TYR K 209 60.72 70.34 -32.98
CA TYR K 209 59.49 70.48 -32.19
C TYR K 209 58.83 71.79 -32.58
N GLU K 210 57.67 71.70 -33.21
CA GLU K 210 56.97 72.86 -33.74
C GLU K 210 55.46 72.65 -33.63
N ASN K 211 54.79 73.59 -32.95
CA ASN K 211 53.34 73.57 -32.71
C ASN K 211 52.87 72.30 -32.02
N GLY K 212 53.71 71.73 -31.15
CA GLY K 212 53.40 70.47 -30.52
C GLY K 212 53.39 69.31 -31.50
N ARG K 213 54.49 69.13 -32.23
CA ARG K 213 54.61 68.04 -33.18
C ARG K 213 56.08 67.73 -33.38
N PHE K 214 56.51 66.56 -32.93
CA PHE K 214 57.89 66.11 -33.11
C PHE K 214 58.04 65.58 -34.53
N THR K 215 58.74 66.33 -35.37
CA THR K 215 58.93 65.94 -36.76
C THR K 215 60.41 65.75 -37.07
N VAL K 216 60.67 64.87 -38.04
CA VAL K 216 62.01 64.38 -38.38
C VAL K 216 62.18 64.45 -39.89
N PRO K 217 63.31 64.94 -40.40
CA PRO K 217 63.54 64.88 -41.85
C PRO K 217 63.61 63.44 -42.35
N LYS K 218 63.09 63.21 -43.54
CA LYS K 218 62.71 61.86 -43.94
C LYS K 218 63.93 61.04 -44.35
N GLY K 219 63.67 59.78 -44.70
CA GLY K 219 64.71 58.82 -44.96
C GLY K 219 65.08 57.97 -43.77
N VAL K 220 64.69 58.36 -42.56
CA VAL K 220 65.01 57.60 -41.37
C VAL K 220 63.73 57.37 -40.58
N GLY K 221 63.70 56.26 -39.85
CA GLY K 221 62.50 55.84 -39.13
C GLY K 221 61.80 54.71 -39.85
N ALA K 222 61.96 53.49 -39.34
CA ALA K 222 61.43 52.31 -39.99
C ALA K 222 61.09 51.29 -38.90
N LYS K 223 60.96 50.03 -39.28
CA LYS K 223 60.68 48.97 -38.33
C LYS K 223 61.87 48.75 -37.42
N GLY K 224 61.61 48.47 -36.15
CA GLY K 224 62.66 48.39 -35.16
C GLY K 224 63.04 49.71 -34.55
N ASP K 225 62.20 50.73 -34.70
CA ASP K 225 62.45 52.06 -34.18
C ASP K 225 61.25 52.40 -33.29
N SER K 226 61.30 51.94 -32.03
CA SER K 226 60.20 52.09 -31.11
C SER K 226 60.73 52.13 -29.69
N GLY K 227 60.25 53.09 -28.91
CA GLY K 227 60.69 53.26 -27.55
C GLY K 227 61.97 54.05 -27.40
N ARG K 228 62.48 54.65 -28.47
CA ARG K 228 63.67 55.47 -28.36
C ARG K 228 63.32 56.80 -27.68
N PRO K 229 63.94 57.12 -26.56
CA PRO K 229 63.57 58.35 -25.85
C PRO K 229 64.15 59.59 -26.52
N ILE K 230 63.28 60.53 -26.87
CA ILE K 230 63.72 61.83 -27.36
C ILE K 230 64.27 62.62 -26.17
N LEU K 231 65.53 62.99 -26.26
CA LEU K 231 66.20 63.73 -25.20
C LEU K 231 66.08 65.23 -25.47
N ASP K 232 66.73 66.04 -24.64
CA ASP K 232 66.69 67.48 -24.76
C ASP K 232 68.09 68.07 -24.77
N ASN K 233 68.20 69.40 -24.62
CA ASN K 233 69.49 70.06 -24.54
C ASN K 233 70.16 69.94 -23.17
N GLN K 234 69.68 69.06 -22.31
CA GLN K 234 70.29 68.81 -21.02
C GLN K 234 70.53 67.33 -20.74
N GLY K 235 69.68 66.45 -21.28
CA GLY K 235 69.86 65.02 -21.11
C GLY K 235 68.65 64.35 -20.50
N ARG K 236 67.52 65.04 -20.55
CA ARG K 236 66.28 64.57 -19.96
C ARG K 236 65.31 64.17 -21.05
N VAL K 237 64.49 63.17 -20.77
CA VAL K 237 63.57 62.63 -21.75
C VAL K 237 62.31 63.48 -21.80
N VAL K 238 61.93 63.92 -22.99
CA VAL K 238 60.70 64.67 -23.17
C VAL K 238 59.62 63.88 -23.90
N ALA K 239 59.97 62.81 -24.60
CA ALA K 239 59.01 62.04 -25.37
C ALA K 239 59.55 60.64 -25.61
N ILE K 240 58.66 59.75 -26.04
CA ILE K 240 59.02 58.38 -26.39
C ILE K 240 58.38 58.05 -27.73
N VAL K 241 59.19 57.69 -28.71
CA VAL K 241 58.72 57.47 -30.07
C VAL K 241 58.02 56.13 -30.17
N LEU K 242 56.83 56.13 -30.74
CA LEU K 242 56.08 54.91 -31.02
C LEU K 242 55.81 54.69 -32.50
N GLY K 243 56.10 55.66 -33.36
CA GLY K 243 55.87 55.49 -34.78
C GLY K 243 55.59 56.84 -35.41
N GLY K 244 55.32 56.80 -36.71
CA GLY K 244 55.05 58.04 -37.42
C GLY K 244 54.62 57.80 -38.84
N VAL K 245 54.35 58.90 -39.53
CA VAL K 245 53.85 58.89 -40.90
C VAL K 245 54.71 59.86 -41.70
N ASN K 246 54.80 59.62 -43.01
CA ASN K 246 55.62 60.44 -43.90
C ASN K 246 54.76 61.60 -44.40
N GLU K 247 54.92 62.77 -43.77
CA GLU K 247 54.17 63.96 -44.16
C GLU K 247 54.91 64.71 -45.26
N GLY K 248 54.88 64.11 -46.45
CA GLY K 248 55.53 64.71 -47.60
C GLY K 248 57.03 64.55 -47.59
N SER K 249 57.76 65.65 -47.51
CA SER K 249 59.22 65.61 -47.51
C SER K 249 59.80 65.61 -46.11
N ARG K 250 59.00 65.34 -45.09
CA ARG K 250 59.44 65.39 -43.70
C ARG K 250 58.45 64.60 -42.86
N THR K 251 58.94 63.64 -42.09
CA THR K 251 58.06 62.75 -41.36
C THR K 251 57.79 63.27 -39.95
N ALA K 252 56.56 63.12 -39.49
CA ALA K 252 56.16 63.46 -38.14
C ALA K 252 56.08 62.18 -37.32
N LEU K 253 56.03 62.32 -36.01
CA LEU K 253 56.09 61.19 -35.10
C LEU K 253 54.83 61.10 -34.25
N SER K 254 54.65 59.95 -33.62
CA SER K 254 53.50 59.65 -32.77
C SER K 254 54.02 59.28 -31.39
N VAL K 255 54.20 60.27 -30.53
CA VAL K 255 54.89 60.07 -29.27
C VAL K 255 53.91 60.20 -28.11
N VAL K 256 54.32 59.64 -26.98
CA VAL K 256 53.71 59.95 -25.70
C VAL K 256 54.64 60.94 -25.01
N MET K 257 54.07 61.74 -24.10
CA MET K 257 54.82 62.78 -23.44
C MET K 257 54.10 63.14 -22.16
N TRP K 258 54.53 64.21 -21.52
CA TRP K 258 54.01 64.60 -20.21
C TRP K 258 53.73 66.10 -20.21
N ASN K 259 52.85 66.52 -19.30
CA ASN K 259 52.54 67.93 -19.19
C ASN K 259 52.74 68.45 -17.77
N GLU K 260 52.31 69.68 -17.53
CA GLU K 260 52.58 70.35 -16.26
C GLU K 260 51.85 69.71 -15.10
N LYS K 261 50.67 69.15 -15.35
CA LYS K 261 49.86 68.56 -14.29
C LYS K 261 50.36 67.19 -13.85
N GLY K 262 51.13 66.51 -14.69
CA GLY K 262 51.44 65.11 -14.46
C GLY K 262 50.51 64.15 -15.16
N VAL K 263 50.17 64.42 -16.42
CA VAL K 263 49.23 63.63 -17.18
C VAL K 263 49.93 63.19 -18.46
N THR K 264 50.03 61.88 -18.65
CA THR K 264 50.66 61.32 -19.84
C THR K 264 49.81 61.60 -21.06
N VAL K 265 50.35 62.33 -22.02
CA VAL K 265 49.62 62.77 -23.20
C VAL K 265 50.20 62.08 -24.41
N LYS K 266 49.35 61.43 -25.19
CA LYS K 266 49.76 60.82 -26.45
C LYS K 266 49.23 61.65 -27.60
N TYR K 267 50.11 61.99 -28.53
CA TYR K 267 49.75 62.62 -29.78
C TYR K 267 49.98 61.65 -30.92
N THR K 268 49.04 61.60 -31.85
CA THR K 268 49.21 60.73 -33.01
C THR K 268 48.63 61.37 -34.26
N PRO K 269 49.44 61.62 -35.28
CA PRO K 269 48.91 62.10 -36.57
C PRO K 269 48.06 61.10 -37.32
N GLU K 270 47.60 61.51 -38.50
CA GLU K 270 46.70 60.69 -39.30
C GLU K 270 47.45 59.52 -39.93
N ASN K 271 46.93 58.31 -39.69
CA ASN K 271 47.34 57.08 -40.36
C ASN K 271 48.81 56.75 -40.12
N CYS K 272 49.21 56.79 -38.85
CA CYS K 272 50.59 56.50 -38.50
C CYS K 272 50.86 55.01 -38.59
N GLU K 273 52.14 54.67 -38.68
CA GLU K 273 52.59 53.29 -38.77
C GLU K 273 53.24 52.90 -37.45
N GLN K 274 52.79 51.78 -36.89
CA GLN K 274 53.41 51.22 -35.69
C GLN K 274 54.77 50.65 -36.09
N TRP K 275 55.82 51.41 -35.82
CA TRP K 275 57.18 51.00 -36.15
C TRP K 275 57.68 49.86 -35.27
N GLY L 113 87.28 69.64 -1.30
CA GLY L 113 87.76 69.48 0.07
C GLY L 113 87.61 70.74 0.90
N LYS L 114 87.34 71.85 0.23
CA LYS L 114 87.20 73.13 0.94
C LYS L 114 85.90 73.21 1.72
N ARG L 115 84.82 72.63 1.18
CA ARG L 115 83.55 72.63 1.91
C ARG L 115 83.58 71.70 3.12
N GLN L 116 84.37 70.63 3.05
CA GLN L 116 84.47 69.69 4.15
C GLN L 116 85.25 70.28 5.32
N ARG L 117 86.19 71.19 5.02
CA ARG L 117 86.86 71.96 6.07
C ARG L 117 85.88 72.87 6.81
N MET L 118 84.97 73.50 6.07
CA MET L 118 83.93 74.32 6.68
C MET L 118 83.01 73.49 7.56
N VAL L 119 82.62 72.30 7.09
CA VAL L 119 81.75 71.43 7.88
C VAL L 119 82.45 70.96 9.14
N MET L 120 83.72 70.58 9.04
CA MET L 120 84.45 70.12 10.23
C MET L 120 84.68 71.26 11.21
N LYS L 121 84.96 72.46 10.71
CA LYS L 121 85.17 73.59 11.62
C LYS L 121 83.86 74.10 12.22
N LEU L 122 82.72 73.80 11.62
CA LEU L 122 81.46 74.12 12.29
C LEU L 122 81.00 72.99 13.21
N GLU L 123 81.40 71.76 12.94
CA GLU L 123 81.06 70.63 13.82
C GLU L 123 82.01 70.49 15.00
N SER L 124 83.16 71.17 14.97
CA SER L 124 84.12 71.06 16.08
C SER L 124 83.59 71.67 17.37
N ASP L 125 82.64 72.59 17.29
CA ASP L 125 82.11 73.27 18.46
C ASP L 125 80.69 72.85 18.81
N LYS L 126 79.90 72.46 17.83
CA LYS L 126 78.46 72.33 17.99
C LYS L 126 77.93 70.92 17.76
N THR L 127 78.79 69.92 17.61
CA THR L 127 78.39 68.54 17.39
C THR L 127 79.04 67.66 18.44
N PHE L 128 78.26 66.77 19.04
CA PHE L 128 78.72 65.96 20.16
C PHE L 128 78.43 64.49 19.87
N PRO L 129 79.44 63.62 19.94
CA PRO L 129 79.21 62.20 19.65
C PRO L 129 78.54 61.49 20.83
N ILE L 130 77.70 60.52 20.47
CA ILE L 130 76.96 59.72 21.44
C ILE L 130 77.71 58.40 21.58
N MET L 131 78.50 58.26 22.63
CA MET L 131 79.43 57.14 22.77
C MET L 131 78.83 56.06 23.67
N LEU L 132 78.82 54.83 23.17
CA LEU L 132 78.48 53.66 23.97
C LEU L 132 79.67 52.70 23.93
N GLU L 133 80.27 52.48 25.10
CA GLU L 133 81.52 51.73 25.28
C GLU L 133 82.64 52.30 24.41
N GLY L 134 82.68 53.62 24.30
CA GLY L 134 83.63 54.31 23.46
C GLY L 134 83.29 54.37 21.98
N LYS L 135 82.43 53.47 21.49
CA LYS L 135 82.11 53.43 20.07
C LYS L 135 81.07 54.48 19.73
N ILE L 136 81.29 55.15 18.59
CA ILE L 136 80.41 56.21 18.13
C ILE L 136 79.15 55.58 17.55
N ASN L 137 77.99 56.01 18.04
CA ASN L 137 76.71 55.57 17.50
C ASN L 137 75.88 56.69 16.90
N GLY L 138 76.12 57.94 17.28
CA GLY L 138 75.36 59.03 16.73
C GLY L 138 75.89 60.35 17.21
N TYR L 139 75.19 61.41 16.80
CA TYR L 139 75.66 62.77 17.07
C TYR L 139 74.49 63.62 17.51
N ALA L 140 74.60 64.22 18.69
CA ALA L 140 73.66 65.25 19.10
C ALA L 140 74.01 66.56 18.40
N CYS L 141 72.97 67.27 17.99
CA CYS L 141 73.12 68.50 17.22
C CYS L 141 72.42 69.63 17.96
N VAL L 142 73.12 70.74 18.14
CA VAL L 142 72.57 71.90 18.84
C VAL L 142 72.28 72.96 17.79
N VAL L 143 71.05 72.96 17.29
CA VAL L 143 70.66 73.88 16.22
C VAL L 143 69.49 74.74 16.69
N GLY L 144 69.64 76.05 16.52
CA GLY L 144 68.57 77.01 16.77
C GLY L 144 68.18 77.20 18.21
N GLY L 145 68.97 76.72 19.16
CA GLY L 145 68.66 76.87 20.56
C GLY L 145 67.97 75.70 21.21
N LYS L 146 68.00 74.54 20.57
CA LYS L 146 67.35 73.34 21.11
C LYS L 146 68.15 72.09 20.77
N LEU L 147 68.45 71.27 21.79
CA LEU L 147 69.21 70.05 21.58
C LEU L 147 68.38 69.04 20.81
N PHE L 148 69.03 68.33 19.89
CA PHE L 148 68.40 67.28 19.11
C PHE L 148 69.22 66.00 19.23
N ARG L 149 68.54 64.86 19.29
CA ARG L 149 69.15 63.58 19.48
C ARG L 149 68.18 62.54 18.95
N PRO L 150 68.63 61.58 18.15
CA PRO L 150 67.71 60.55 17.64
C PRO L 150 67.38 59.50 18.69
N MET L 151 66.30 58.75 18.42
CA MET L 151 65.82 57.73 19.35
C MET L 151 66.77 56.54 19.41
N HIS L 152 66.97 55.88 18.27
CA HIS L 152 67.58 54.55 18.24
C HIS L 152 69.05 54.55 18.59
N VAL L 153 69.71 55.70 18.60
CA VAL L 153 71.11 55.78 18.99
C VAL L 153 71.21 55.62 20.50
N GLU L 154 72.04 54.68 20.94
CA GLU L 154 72.21 54.37 22.35
C GLU L 154 73.57 54.86 22.82
N GLY L 155 73.60 55.43 24.01
CA GLY L 155 74.81 55.96 24.60
C GLY L 155 74.51 57.23 25.36
N LYS L 156 75.56 57.98 25.68
CA LYS L 156 75.41 59.25 26.37
C LYS L 156 76.13 60.35 25.61
N ILE L 157 75.72 61.59 25.88
CA ILE L 157 76.29 62.76 25.21
C ILE L 157 77.68 63.01 25.76
N ASP L 158 78.61 63.37 24.87
CA ASP L 158 79.99 63.63 25.25
C ASP L 158 80.11 64.84 26.16
N ASN L 159 79.27 65.86 25.93
CA ASN L 159 79.30 67.05 26.77
C ASN L 159 78.59 66.78 28.09
N ASP L 160 79.21 67.23 29.18
CA ASP L 160 78.70 66.92 30.51
C ASP L 160 77.45 67.71 30.87
N VAL L 161 77.33 68.93 30.35
CA VAL L 161 76.15 69.75 30.64
C VAL L 161 74.94 69.20 29.88
N LEU L 162 75.15 68.78 28.63
CA LEU L 162 74.04 68.27 27.83
C LEU L 162 73.62 66.88 28.26
N ALA L 163 74.51 66.11 28.88
CA ALA L 163 74.13 64.76 29.30
C ALA L 163 73.24 64.76 30.53
N ALA L 164 73.26 65.83 31.33
CA ALA L 164 72.43 65.91 32.53
C ALA L 164 71.16 66.71 32.27
N LEU L 165 70.38 66.25 31.30
CA LEU L 165 69.15 66.92 30.92
C LEU L 165 68.00 65.93 30.91
N LYS L 166 66.79 66.47 30.70
CA LYS L 166 65.58 65.67 30.62
C LYS L 166 65.02 65.87 29.21
N THR L 167 65.47 65.02 28.28
CA THR L 167 65.08 65.15 26.89
C THR L 167 63.67 64.62 26.70
N LYS L 168 62.75 65.50 26.31
CA LYS L 168 61.38 65.09 26.03
C LYS L 168 61.34 64.28 24.74
N LYS L 169 60.67 63.13 24.79
CA LYS L 169 60.64 62.21 23.68
C LYS L 169 59.63 62.66 22.62
N ALA L 170 59.90 62.29 21.38
CA ALA L 170 58.95 62.46 20.28
C ALA L 170 59.17 61.28 19.34
N SER L 171 58.40 60.22 19.54
CA SER L 171 58.71 58.93 18.94
C SER L 171 58.39 58.83 17.47
N LYS L 172 57.55 59.73 16.95
CA LYS L 172 57.18 59.66 15.54
C LYS L 172 58.33 60.12 14.66
N TYR L 173 58.92 61.26 14.97
CA TYR L 173 59.92 61.88 14.11
C TYR L 173 61.34 61.40 14.39
N ASP L 174 61.50 60.37 15.23
CA ASP L 174 62.80 59.76 15.55
C ASP L 174 63.74 60.79 16.17
N LEU L 175 63.21 61.62 17.06
CA LEU L 175 63.99 62.69 17.68
C LEU L 175 63.68 62.77 19.17
N GLU L 176 64.64 63.31 19.92
CA GLU L 176 64.49 63.54 21.35
C GLU L 176 64.90 64.97 21.64
N TYR L 177 63.96 65.90 21.50
CA TYR L 177 64.26 67.32 21.60
C TYR L 177 64.46 67.71 23.06
N ALA L 178 65.28 68.74 23.27
CA ALA L 178 65.50 69.30 24.59
C ALA L 178 65.56 70.81 24.47
N ASP L 179 65.97 71.47 25.54
CA ASP L 179 66.16 72.91 25.52
C ASP L 179 67.57 73.26 26.00
N VAL L 180 68.07 74.38 25.49
CA VAL L 180 69.45 74.82 25.68
C VAL L 180 69.46 75.91 26.75
N PRO L 181 70.40 75.92 27.69
CA PRO L 181 70.51 77.02 28.64
C PRO L 181 70.88 78.33 27.96
N GLN L 182 70.61 79.43 28.67
CA GLN L 182 70.66 80.76 28.06
C GLN L 182 72.09 81.20 27.77
N ASN L 183 73.06 80.69 28.52
CA ASN L 183 74.46 81.00 28.23
C ASN L 183 74.99 80.29 26.99
N MET L 184 74.24 79.33 26.44
CA MET L 184 74.67 78.53 25.31
C MET L 184 73.82 78.79 24.07
N ARG L 185 72.82 79.68 24.16
CA ARG L 185 71.91 79.90 23.05
C ARG L 185 72.54 80.65 21.89
N ALA L 186 73.69 81.28 22.10
CA ALA L 186 74.40 81.91 20.99
C ALA L 186 75.38 80.97 20.31
N ASP L 187 75.80 79.91 20.99
CA ASP L 187 76.71 78.92 20.39
C ASP L 187 75.95 77.77 19.76
N THR L 188 74.98 78.08 18.91
CA THR L 188 74.17 77.07 18.26
C THR L 188 74.32 77.21 16.75
N PHE L 189 73.93 76.16 16.03
CA PHE L 189 73.77 76.29 14.60
C PHE L 189 72.66 77.27 14.29
N LYS L 190 72.87 78.05 13.24
CA LYS L 190 71.74 78.72 12.61
C LYS L 190 71.15 77.78 11.57
N TYR L 191 69.92 78.03 11.18
CA TYR L 191 69.21 77.15 10.28
C TYR L 191 68.32 77.97 9.37
N THR L 192 67.76 77.30 8.37
CA THR L 192 66.80 77.91 7.48
C THR L 192 65.88 76.84 6.92
N HIS L 193 64.86 77.30 6.20
CA HIS L 193 63.97 76.44 5.44
C HIS L 193 64.24 76.49 3.95
N GLU L 194 64.92 77.55 3.49
CA GLU L 194 65.07 77.81 2.06
C GLU L 194 66.01 76.81 1.44
N LYS L 195 65.54 76.09 0.43
CA LYS L 195 66.31 75.00 -0.18
C LYS L 195 66.01 74.87 -1.67
N PRO L 196 66.74 75.62 -2.51
CA PRO L 196 66.68 75.39 -3.95
C PRO L 196 67.45 74.12 -4.31
N GLN L 197 67.26 73.67 -5.54
CA GLN L 197 67.92 72.45 -5.98
C GLN L 197 69.41 72.72 -6.20
N GLY L 198 70.18 71.63 -6.18
CA GLY L 198 71.61 71.73 -6.34
C GLY L 198 72.37 70.90 -5.33
N TYR L 199 73.46 71.46 -4.79
CA TYR L 199 74.36 70.73 -3.92
C TYR L 199 74.35 71.33 -2.53
N TYR L 200 74.56 70.47 -1.53
CA TYR L 200 74.74 70.90 -0.15
C TYR L 200 75.93 70.18 0.42
N SER L 201 76.37 70.62 1.59
CA SER L 201 77.68 70.25 2.11
C SER L 201 77.51 69.40 3.36
N TRP L 202 77.72 68.10 3.20
CA TRP L 202 77.57 67.10 4.25
C TRP L 202 78.92 66.95 4.96
N HIS L 203 78.97 66.07 5.96
CA HIS L 203 80.25 65.82 6.63
C HIS L 203 81.24 65.14 5.72
N HIS L 204 80.81 64.13 4.97
CA HIS L 204 81.68 63.50 3.97
C HIS L 204 81.44 64.11 2.59
N GLY L 205 81.80 65.38 2.43
CA GLY L 205 81.76 65.99 1.12
C GLY L 205 80.45 66.64 0.76
N ALA L 206 79.90 66.28 -0.40
CA ALA L 206 78.72 66.93 -0.93
C ALA L 206 77.53 65.99 -0.94
N VAL L 207 76.35 66.57 -1.07
CA VAL L 207 75.09 65.82 -1.10
C VAL L 207 74.12 66.52 -2.05
N GLN L 208 73.59 65.75 -2.99
CA GLN L 208 72.67 66.29 -3.99
C GLN L 208 71.28 66.39 -3.41
N TYR L 209 70.59 67.50 -3.69
CA TYR L 209 69.20 67.70 -3.32
C TYR L 209 68.38 67.89 -4.58
N GLU L 210 67.70 66.82 -5.02
CA GLU L 210 66.88 66.89 -6.22
C GLU L 210 65.52 66.28 -5.91
N ASN L 211 64.45 66.97 -6.35
CA ASN L 211 63.06 66.54 -6.21
C ASN L 211 62.67 66.34 -4.75
N GLY L 212 63.24 67.13 -3.86
CA GLY L 212 62.93 67.01 -2.44
C GLY L 212 63.51 65.77 -1.79
N ARG L 213 64.75 65.42 -2.12
CA ARG L 213 65.38 64.24 -1.55
C ARG L 213 66.89 64.43 -1.55
N PHE L 214 67.50 64.18 -0.40
CA PHE L 214 68.95 64.29 -0.26
C PHE L 214 69.60 62.97 -0.62
N THR L 215 70.51 63.00 -1.59
CA THR L 215 71.20 61.81 -2.07
C THR L 215 72.70 61.99 -1.98
N VAL L 216 73.38 60.97 -1.47
CA VAL L 216 74.83 60.95 -1.34
C VAL L 216 75.33 59.86 -2.30
N PRO L 217 76.46 60.07 -2.99
CA PRO L 217 77.09 58.96 -3.71
C PRO L 217 77.51 57.85 -2.75
N LYS L 218 77.53 56.63 -3.28
CA LYS L 218 77.41 55.43 -2.46
C LYS L 218 78.70 55.13 -1.69
N GLY L 219 78.68 54.02 -0.97
CA GLY L 219 79.81 53.61 -0.16
C GLY L 219 79.79 54.11 1.26
N VAL L 220 79.56 55.39 1.44
CA VAL L 220 79.56 56.01 2.76
C VAL L 220 78.16 55.93 3.33
N GLY L 221 78.07 55.82 4.66
CA GLY L 221 76.82 55.63 5.33
C GLY L 221 76.74 54.25 5.98
N ALA L 222 76.99 54.19 7.28
CA ALA L 222 77.02 52.94 8.01
C ALA L 222 76.38 53.15 9.37
N LYS L 223 76.59 52.23 10.29
CA LYS L 223 76.08 52.40 11.65
C LYS L 223 76.96 53.40 12.39
N GLY L 224 76.38 54.56 12.73
CA GLY L 224 77.10 55.52 13.54
C GLY L 224 77.00 56.96 13.09
N ASP L 225 76.95 57.19 11.78
CA ASP L 225 76.95 58.56 11.27
C ASP L 225 75.53 59.11 11.11
N SER L 226 74.74 59.03 12.17
CA SER L 226 73.39 59.54 12.20
C SER L 226 73.29 60.70 13.18
N GLY L 227 72.44 61.66 12.86
CA GLY L 227 72.37 62.90 13.62
C GLY L 227 73.27 63.99 13.09
N ARG L 228 74.04 63.71 12.03
CA ARG L 228 74.90 64.71 11.45
C ARG L 228 74.08 65.73 10.67
N PRO L 229 74.34 67.02 10.83
CA PRO L 229 73.59 68.02 10.07
C PRO L 229 74.11 68.16 8.64
N ILE L 230 73.21 68.61 7.77
CA ILE L 230 73.55 68.99 6.40
C ILE L 230 73.54 70.51 6.32
N LEU L 231 74.64 71.08 5.87
CA LEU L 231 74.82 72.53 5.78
C LEU L 231 74.58 73.01 4.35
N ASP L 232 74.47 74.32 4.22
CA ASP L 232 74.36 74.98 2.92
C ASP L 232 75.64 75.78 2.64
N ASN L 233 75.62 76.55 1.55
CA ASN L 233 76.78 77.36 1.19
C ASN L 233 76.94 78.60 2.07
N GLN L 234 75.98 78.90 2.94
CA GLN L 234 76.10 80.00 3.88
C GLN L 234 76.54 79.55 5.27
N GLY L 235 76.16 78.34 5.69
CA GLY L 235 76.53 77.86 7.00
C GLY L 235 75.34 77.62 7.90
N ARG L 236 74.22 77.21 7.31
CA ARG L 236 72.99 76.99 8.04
C ARG L 236 72.53 75.55 7.83
N VAL L 237 71.94 74.96 8.86
CA VAL L 237 71.49 73.58 8.80
C VAL L 237 70.15 73.52 8.08
N VAL L 238 70.05 72.65 7.09
CA VAL L 238 68.80 72.45 6.38
C VAL L 238 68.19 71.07 6.63
N ALA L 239 68.93 70.14 7.20
CA ALA L 239 68.42 68.79 7.45
C ALA L 239 69.26 68.14 8.53
N ILE L 240 68.70 67.10 9.14
CA ILE L 240 69.42 66.28 10.10
C ILE L 240 69.29 64.83 9.68
N VAL L 241 70.43 64.20 9.38
CA VAL L 241 70.43 62.85 8.83
C VAL L 241 70.08 61.84 9.90
N LEU L 242 69.06 61.02 9.63
CA LEU L 242 68.69 59.92 10.50
C LEU L 242 69.11 58.57 9.93
N GLY L 243 68.70 58.27 8.70
CA GLY L 243 69.09 57.03 8.07
C GLY L 243 68.98 57.11 6.56
N GLY L 244 69.16 55.99 5.88
CA GLY L 244 69.05 55.99 4.44
C GLY L 244 69.15 54.59 3.88
N VAL L 245 68.82 54.48 2.59
CA VAL L 245 68.84 53.22 1.87
C VAL L 245 69.69 53.39 0.63
N ASN L 246 70.37 52.32 0.21
CA ASN L 246 71.28 52.36 -0.93
C ASN L 246 70.48 51.98 -2.18
N GLU L 247 70.22 52.97 -3.02
CA GLU L 247 69.55 52.74 -4.29
C GLU L 247 70.58 52.53 -5.41
N GLY L 248 71.41 51.51 -5.22
CA GLY L 248 72.38 51.14 -6.23
C GLY L 248 73.61 52.02 -6.20
N SER L 249 73.72 52.92 -7.18
CA SER L 249 74.88 53.79 -7.33
C SER L 249 74.77 55.08 -6.53
N ARG L 250 73.73 55.23 -5.70
CA ARG L 250 73.48 56.46 -4.98
C ARG L 250 72.51 56.17 -3.84
N THR L 251 72.76 56.77 -2.69
CA THR L 251 72.02 56.47 -1.46
C THR L 251 71.10 57.62 -1.11
N ALA L 252 69.80 57.38 -1.14
CA ALA L 252 68.83 58.33 -0.65
C ALA L 252 68.88 58.38 0.88
N LEU L 253 68.45 59.50 1.44
CA LEU L 253 68.58 59.75 2.87
C LEU L 253 67.21 60.02 3.50
N SER L 254 67.07 59.61 4.75
CA SER L 254 65.87 59.87 5.54
C SER L 254 66.23 60.91 6.58
N VAL L 255 65.74 62.14 6.40
CA VAL L 255 66.10 63.27 7.24
C VAL L 255 64.82 63.90 7.79
N VAL L 256 65.00 64.74 8.80
CA VAL L 256 63.98 65.69 9.20
C VAL L 256 64.44 67.05 8.71
N MET L 257 63.48 67.96 8.49
CA MET L 257 63.77 69.31 8.06
C MET L 257 62.58 70.20 8.38
N TRP L 258 62.65 71.44 7.90
CA TRP L 258 61.59 72.39 8.12
C TRP L 258 61.06 72.91 6.80
N ASN L 259 60.09 73.82 6.88
CA ASN L 259 59.50 74.41 5.70
C ASN L 259 59.23 75.89 5.92
N GLU L 260 58.55 76.51 4.96
CA GLU L 260 58.24 77.94 5.04
C GLU L 260 57.17 78.23 6.07
N LYS L 261 56.24 77.29 6.28
CA LYS L 261 55.20 77.47 7.28
C LYS L 261 55.72 77.44 8.71
N GLY L 262 56.86 76.79 8.94
CA GLY L 262 57.38 76.63 10.28
C GLY L 262 56.96 75.31 10.90
N VAL L 263 56.96 74.26 10.08
CA VAL L 263 56.50 72.94 10.47
C VAL L 263 57.64 71.96 10.26
N THR L 264 57.95 71.14 11.26
CA THR L 264 59.00 70.14 11.10
C THR L 264 58.44 68.99 10.26
N VAL L 265 59.14 68.69 9.17
CA VAL L 265 58.74 67.65 8.22
C VAL L 265 59.82 66.59 8.21
N LYS L 266 59.43 65.33 8.28
CA LYS L 266 60.34 64.22 8.11
C LYS L 266 60.07 63.55 6.76
N TYR L 267 61.12 63.35 5.97
CA TYR L 267 61.03 62.59 4.73
C TYR L 267 61.64 61.21 4.96
N THR L 268 60.99 60.19 4.43
CA THR L 268 61.48 58.84 4.62
C THR L 268 61.30 58.03 3.34
N PRO L 269 62.38 57.67 2.67
CA PRO L 269 62.27 56.73 1.55
C PRO L 269 61.90 55.32 1.97
N GLU L 270 61.73 54.44 0.99
CA GLU L 270 61.33 53.07 1.26
C GLU L 270 62.51 52.27 1.80
N ASN L 271 62.23 51.46 2.84
CA ASN L 271 63.13 50.44 3.37
C ASN L 271 64.41 51.03 3.94
N CYS L 272 64.29 52.19 4.59
CA CYS L 272 65.47 52.85 5.14
C CYS L 272 65.96 52.14 6.39
N GLU L 273 67.28 52.01 6.49
CA GLU L 273 67.93 51.42 7.64
C GLU L 273 68.34 52.52 8.60
N GLN L 274 68.05 52.33 9.88
CA GLN L 274 68.45 53.30 10.90
C GLN L 274 69.95 53.23 11.10
N TRP L 275 70.63 54.36 10.92
CA TRP L 275 72.08 54.42 11.08
C TRP L 275 72.48 54.70 12.52
N TYR M 1 -11.91 26.58 8.61
CA TYR M 1 -10.79 27.51 8.76
C TYR M 1 -9.91 27.07 9.90
N GLU M 2 -8.72 26.59 9.58
CA GLU M 2 -7.81 26.08 10.59
C GLU M 2 -7.22 27.23 11.39
N HIS M 3 -7.55 27.28 12.68
CA HIS M 3 -7.03 28.30 13.58
C HIS M 3 -6.35 27.61 14.75
N ALA M 4 -5.07 27.91 14.95
CA ALA M 4 -4.31 27.35 16.06
C ALA M 4 -3.92 28.46 17.03
N THR M 5 -4.03 28.15 18.32
CA THR M 5 -3.65 29.08 19.37
C THR M 5 -3.03 28.29 20.51
N THR M 6 -2.81 28.97 21.63
CA THR M 6 -2.16 28.35 22.78
C THR M 6 -2.77 28.92 24.05
N MET M 7 -3.09 28.06 25.00
CA MET M 7 -3.70 28.45 26.27
C MET M 7 -2.81 28.05 27.44
N PRO M 8 -2.61 28.94 28.41
CA PRO M 8 -1.87 28.54 29.61
C PRO M 8 -2.67 27.59 30.49
N SER M 9 -1.95 26.69 31.15
CA SER M 9 -2.55 25.58 31.90
C SER M 9 -2.90 26.02 33.32
N GLN M 10 -3.94 26.84 33.44
CA GLN M 10 -4.27 27.41 34.72
C GLN M 10 -5.77 27.56 34.84
N ALA M 11 -6.35 26.96 35.87
CA ALA M 11 -7.79 26.88 36.03
C ALA M 11 -8.35 28.21 36.51
N GLY M 12 -9.67 28.35 36.40
CA GLY M 12 -10.37 29.53 36.84
C GLY M 12 -10.35 30.71 35.91
N ILE M 13 -9.22 31.00 35.27
CA ILE M 13 -9.04 32.23 34.51
C ILE M 13 -9.58 32.04 33.10
N SER M 14 -10.46 32.95 32.68
CA SER M 14 -10.98 32.92 31.32
C SER M 14 -9.90 33.30 30.32
N TYR M 15 -9.89 32.60 29.19
CA TYR M 15 -8.96 32.87 28.11
C TYR M 15 -9.74 33.27 26.87
N ASN M 16 -9.47 34.46 26.35
CA ASN M 16 -10.23 35.04 25.26
C ASN M 16 -9.34 35.26 24.04
N THR M 17 -9.96 35.20 22.87
CA THR M 17 -9.30 35.48 21.60
C THR M 17 -10.38 35.74 20.55
N ILE M 18 -9.95 36.11 19.35
CA ILE M 18 -10.83 36.26 18.20
C ILE M 18 -10.16 35.64 16.98
N VAL M 19 -10.94 35.44 15.93
CA VAL M 19 -10.46 34.97 14.64
C VAL M 19 -10.81 36.02 13.59
N ASN M 20 -9.79 36.57 12.96
CA ASN M 20 -9.94 37.62 11.96
C ASN M 20 -9.78 37.00 10.58
N ARG M 21 -10.89 36.61 9.95
CA ARG M 21 -10.83 36.32 8.53
C ARG M 21 -10.75 37.64 7.78
N ALA M 22 -9.93 37.67 6.72
CA ALA M 22 -9.41 38.90 6.14
C ALA M 22 -10.48 39.80 5.52
N GLY M 23 -11.68 39.30 5.25
CA GLY M 23 -12.67 40.17 4.66
C GLY M 23 -14.05 40.05 5.26
N TYR M 24 -14.11 39.50 6.47
CA TYR M 24 -15.37 39.14 7.12
C TYR M 24 -15.42 39.71 8.54
N ALA M 25 -16.41 39.32 9.31
CA ALA M 25 -16.52 39.85 10.66
C ALA M 25 -15.70 39.02 11.64
N PRO M 26 -15.12 39.64 12.67
CA PRO M 26 -14.29 38.88 13.61
C PRO M 26 -15.11 37.98 14.51
N LEU M 27 -14.63 36.75 14.66
CA LEU M 27 -15.38 35.72 15.38
C LEU M 27 -14.73 35.49 16.74
N PRO M 28 -15.37 35.87 17.85
CA PRO M 28 -14.73 35.75 19.14
C PRO M 28 -14.84 34.35 19.73
N ILE M 29 -13.74 33.90 20.35
CA ILE M 29 -13.65 32.57 20.95
C ILE M 29 -13.21 32.72 22.40
N SER M 30 -13.95 32.09 23.31
CA SER M 30 -13.66 32.14 24.74
C SER M 30 -13.59 30.74 25.32
N ILE M 31 -12.52 30.47 26.06
CA ILE M 31 -12.31 29.18 26.73
C ILE M 31 -11.92 29.44 28.17
N THR M 32 -12.72 28.95 29.12
CA THR M 32 -12.45 29.13 30.54
C THR M 32 -12.23 27.75 31.16
N PRO M 33 -11.00 27.35 31.47
CA PRO M 33 -10.79 26.02 32.05
C PRO M 33 -11.20 25.94 33.51
N THR M 34 -11.91 24.89 33.88
CA THR M 34 -12.45 24.76 35.23
C THR M 34 -11.66 23.79 36.09
N LYS M 35 -11.44 22.57 35.62
CA LYS M 35 -10.83 21.53 36.45
C LYS M 35 -9.97 20.67 35.55
N ILE M 36 -8.67 20.63 35.81
CA ILE M 36 -7.69 20.00 34.93
C ILE M 36 -7.05 18.86 35.72
N LYS M 37 -7.42 17.62 35.41
CA LYS M 37 -6.94 16.47 36.17
C LYS M 37 -5.66 15.91 35.56
N LEU M 38 -5.10 14.91 36.23
CA LEU M 38 -3.89 14.22 35.76
C LEU M 38 -3.92 12.83 36.39
N ILE M 39 -4.31 11.83 35.61
CA ILE M 39 -4.65 10.53 36.17
C ILE M 39 -3.61 9.52 35.67
N PRO M 40 -2.72 9.04 36.53
CA PRO M 40 -1.70 8.09 36.09
C PRO M 40 -2.27 6.70 35.88
N THR M 41 -1.49 5.86 35.21
CA THR M 41 -1.85 4.46 35.04
C THR M 41 -1.37 3.71 36.27
N VAL M 42 -2.30 3.29 37.09
CA VAL M 42 -2.03 2.86 38.45
C VAL M 42 -2.19 1.35 38.52
N ASN M 43 -1.21 0.67 39.14
CA ASN M 43 -1.10 -0.78 39.09
C ASN M 43 -0.88 -1.30 40.51
N LEU M 44 -1.91 -1.91 41.09
CA LEU M 44 -1.84 -2.44 42.45
C LEU M 44 -0.90 -3.62 42.55
N GLU M 45 0.00 -3.59 43.53
CA GLU M 45 0.80 -4.76 43.83
C GLU M 45 0.34 -5.47 45.10
N TYR M 46 0.31 -4.80 46.24
CA TYR M 46 -0.10 -5.50 47.46
C TYR M 46 -0.67 -4.50 48.44
N VAL M 47 -1.37 -5.02 49.44
CA VAL M 47 -1.79 -4.23 50.58
C VAL M 47 -1.12 -4.77 51.82
N THR M 48 -1.13 -3.97 52.88
CA THR M 48 -0.58 -4.39 54.16
C THR M 48 -1.36 -3.71 55.27
N CYS M 49 -1.14 -4.20 56.49
CA CYS M 49 -1.93 -3.84 57.66
C CYS M 49 -1.14 -4.24 58.90
N HIS M 50 -1.81 -4.27 60.03
CA HIS M 50 -1.22 -4.83 61.24
C HIS M 50 -1.31 -6.34 61.21
N TYR M 51 -0.30 -7.01 61.73
CA TYR M 51 -0.38 -8.45 61.80
C TYR M 51 -1.05 -8.86 63.11
N LYS M 52 -1.14 -10.17 63.33
CA LYS M 52 -1.82 -10.71 64.49
C LYS M 52 -1.22 -12.09 64.72
N THR M 53 -0.31 -12.22 65.66
CA THR M 53 0.38 -13.49 65.89
C THR M 53 -0.61 -14.47 66.50
N GLY M 54 -1.05 -15.44 65.70
CA GLY M 54 -1.92 -16.47 66.21
C GLY M 54 -1.09 -17.59 66.83
N MET M 55 -1.66 -18.19 67.88
CA MET M 55 -0.96 -19.19 68.66
C MET M 55 -1.89 -20.35 68.90
N ASP M 56 -1.43 -21.56 68.60
CA ASP M 56 -2.19 -22.75 68.94
C ASP M 56 -1.95 -23.09 70.40
N SER M 57 -2.92 -23.81 70.98
CA SER M 57 -2.81 -24.25 72.36
C SER M 57 -1.68 -25.26 72.50
N PRO M 58 -0.98 -25.25 73.64
CA PRO M 58 0.18 -26.14 73.83
C PRO M 58 -0.24 -27.60 73.94
N ALA M 59 0.33 -28.42 73.05
CA ALA M 59 0.12 -29.86 73.12
C ALA M 59 0.97 -30.43 74.24
N ILE M 60 0.34 -31.03 75.24
CA ILE M 60 1.04 -31.57 76.40
C ILE M 60 0.80 -33.07 76.46
N LYS M 61 1.87 -33.84 76.53
CA LYS M 61 1.79 -35.28 76.77
C LYS M 61 2.59 -35.61 78.02
N CYS M 62 2.01 -36.43 78.89
CA CYS M 62 2.64 -36.81 80.15
C CYS M 62 3.42 -38.11 79.98
N CYS M 63 4.71 -38.07 80.33
CA CYS M 63 5.67 -39.17 80.10
C CYS M 63 5.64 -39.65 78.65
N GLY M 64 5.79 -38.74 77.73
CA GLY M 64 5.79 -39.05 76.31
C GLY M 64 6.76 -38.19 75.56
N SER M 65 6.53 -38.06 74.26
CA SER M 65 7.34 -37.21 73.39
C SER M 65 6.50 -36.87 72.17
N GLN M 66 6.32 -35.57 71.94
CA GLN M 66 5.57 -35.06 70.81
C GLN M 66 6.51 -34.94 69.61
N GLU M 67 5.94 -34.46 68.51
CA GLU M 67 6.69 -34.18 67.29
C GLU M 67 6.15 -32.90 66.67
N CYS M 68 6.89 -32.37 65.71
CA CYS M 68 6.54 -31.12 65.03
C CYS M 68 5.88 -31.46 63.70
N THR M 69 4.58 -31.21 63.59
CA THR M 69 3.86 -31.41 62.34
C THR M 69 3.53 -30.06 61.74
N PRO M 70 4.19 -29.64 60.67
CA PRO M 70 3.97 -28.29 60.14
C PRO M 70 2.67 -28.16 59.35
N THR M 71 2.29 -26.91 59.13
CA THR M 71 1.03 -26.54 58.50
C THR M 71 1.24 -25.57 57.33
N TYR M 72 2.45 -25.03 57.19
CA TYR M 72 2.83 -24.06 56.15
C TYR M 72 1.98 -22.81 56.22
N ARG M 73 1.65 -22.40 57.44
CA ARG M 73 1.11 -21.09 57.73
C ARG M 73 2.20 -20.04 57.57
N PRO M 74 1.85 -18.76 57.42
CA PRO M 74 2.89 -17.75 57.21
C PRO M 74 3.76 -17.54 58.44
N ASP M 75 5.07 -17.70 58.27
CA ASP M 75 6.09 -17.54 59.31
C ASP M 75 5.84 -18.51 60.47
N GLU M 76 5.42 -19.72 60.14
CA GLU M 76 4.91 -20.67 61.12
C GLU M 76 6.08 -21.32 61.86
N GLN M 77 6.38 -20.81 63.04
CA GLN M 77 7.41 -21.38 63.90
C GLN M 77 6.82 -22.50 64.74
N CYS M 78 7.64 -23.52 65.02
CA CYS M 78 7.22 -24.61 65.88
C CYS M 78 8.44 -25.12 66.62
N LYS M 79 8.27 -25.50 67.88
CA LYS M 79 9.36 -25.99 68.70
C LYS M 79 8.79 -26.88 69.78
N VAL M 80 9.55 -27.91 70.15
CA VAL M 80 9.14 -28.90 71.13
C VAL M 80 10.01 -28.76 72.37
N PHE M 81 9.37 -28.57 73.53
CA PHE M 81 10.06 -28.28 74.78
C PHE M 81 9.94 -29.46 75.72
N THR M 82 11.06 -29.89 76.29
CA THR M 82 11.07 -31.03 77.19
C THR M 82 11.54 -30.59 78.58
N GLY M 83 11.00 -31.27 79.59
CA GLY M 83 11.28 -30.92 80.98
C GLY M 83 10.29 -29.92 81.53
N VAL M 84 9.01 -30.23 81.40
CA VAL M 84 7.92 -29.29 81.66
C VAL M 84 6.99 -29.90 82.69
N TYR M 85 6.66 -29.13 83.74
CA TYR M 85 5.73 -29.58 84.77
C TYR M 85 4.61 -28.55 84.86
N PRO M 86 3.62 -28.62 84.00
CA PRO M 86 2.60 -27.57 83.94
C PRO M 86 1.56 -27.68 85.03
N PHE M 87 0.91 -26.55 85.29
CA PHE M 87 -0.17 -26.43 86.26
C PHE M 87 -1.45 -25.96 85.57
N MET M 88 -2.57 -26.49 86.01
CA MET M 88 -3.88 -25.95 85.70
C MET M 88 -4.41 -25.25 86.94
N TRP M 89 -5.66 -24.78 86.87
CA TRP M 89 -6.26 -24.21 88.06
C TRP M 89 -6.59 -25.28 89.09
N GLY M 90 -6.87 -26.49 88.63
CA GLY M 90 -7.24 -27.56 89.54
C GLY M 90 -6.09 -28.49 89.85
N GLY M 91 -4.91 -27.94 90.06
CA GLY M 91 -3.76 -28.73 90.46
C GLY M 91 -2.80 -28.93 89.30
N ALA M 92 -1.81 -29.79 89.54
CA ALA M 92 -0.82 -30.12 88.53
C ALA M 92 -1.45 -30.94 87.42
N TYR M 93 -0.77 -30.96 86.27
CA TYR M 93 -1.34 -31.57 85.07
C TYR M 93 -0.82 -32.97 84.84
N CYS M 94 0.49 -33.19 85.02
CA CYS M 94 1.05 -34.52 84.94
C CYS M 94 1.39 -35.04 86.33
N PHE M 95 1.73 -36.32 86.40
CA PHE M 95 2.35 -36.87 87.60
C PHE M 95 3.84 -37.11 87.42
N CYS M 96 4.31 -37.19 86.18
CA CYS M 96 5.72 -37.40 85.90
C CYS M 96 6.50 -36.13 86.20
N ASP M 97 7.68 -36.31 86.82
CA ASP M 97 8.53 -35.16 87.08
C ASP M 97 9.19 -34.68 85.80
N THR M 98 9.93 -35.55 85.13
CA THR M 98 10.59 -35.25 83.88
C THR M 98 9.93 -36.04 82.75
N GLU M 99 10.53 -35.96 81.58
CA GLU M 99 10.10 -36.62 80.34
C GLU M 99 8.69 -36.20 79.91
N ASN M 100 8.25 -35.02 80.30
CA ASN M 100 7.02 -34.47 79.76
C ASN M 100 7.38 -33.50 78.63
N THR M 101 6.37 -33.13 77.86
CA THR M 101 6.63 -32.49 76.57
C THR M 101 5.53 -31.51 76.22
N GLN M 102 5.91 -30.26 75.93
CA GLN M 102 5.00 -29.21 75.52
C GLN M 102 5.45 -28.64 74.20
N VAL M 103 4.51 -28.48 73.25
CA VAL M 103 4.80 -28.01 71.91
C VAL M 103 4.19 -26.63 71.73
N SER M 104 5.04 -25.65 71.41
CA SER M 104 4.60 -24.31 71.07
C SER M 104 4.52 -24.18 69.56
N LYS M 105 3.47 -23.52 69.09
CA LYS M 105 3.26 -23.35 67.65
C LYS M 105 2.63 -21.99 67.42
N ALA M 106 3.32 -21.13 66.68
CA ALA M 106 2.84 -19.79 66.41
C ALA M 106 2.95 -19.50 64.93
N TYR M 107 2.09 -18.59 64.47
CA TYR M 107 2.03 -18.23 63.07
C TYR M 107 1.50 -16.81 62.98
N VAL M 108 1.71 -16.19 61.84
CA VAL M 108 1.31 -14.81 61.62
C VAL M 108 0.13 -14.79 60.67
N MET M 109 -0.97 -14.19 61.11
CA MET M 109 -2.11 -13.90 60.26
C MET M 109 -2.43 -12.42 60.37
N LYS M 110 -3.14 -11.90 59.39
CA LYS M 110 -3.39 -10.46 59.38
C LYS M 110 -4.61 -10.12 60.25
N SER M 111 -4.66 -8.85 60.65
CA SER M 111 -5.54 -8.43 61.72
C SER M 111 -7.00 -8.41 61.26
N ASP M 112 -7.89 -8.32 62.24
CA ASP M 112 -9.32 -8.37 61.96
C ASP M 112 -9.81 -7.09 61.34
N ASP M 113 -9.09 -5.99 61.52
CA ASP M 113 -9.47 -4.69 61.00
C ASP M 113 -8.73 -4.37 59.71
N CYS M 114 -8.31 -5.42 58.99
CA CYS M 114 -7.55 -5.27 57.76
C CYS M 114 -8.38 -4.64 56.64
N LEU M 115 -9.70 -4.81 56.69
CA LEU M 115 -10.54 -4.34 55.59
C LEU M 115 -10.62 -2.82 55.56
N ALA M 116 -10.92 -2.19 56.69
CA ALA M 116 -11.09 -0.74 56.71
C ALA M 116 -9.81 0.00 57.01
N ASP M 117 -8.74 -0.69 57.41
CA ASP M 117 -7.48 -0.03 57.79
C ASP M 117 -6.33 -0.75 57.09
N HIS M 118 -6.06 -0.38 55.85
CA HIS M 118 -4.97 -0.99 55.12
C HIS M 118 -4.38 0.04 54.17
N ALA M 119 -3.18 -0.24 53.69
CA ALA M 119 -2.48 0.69 52.80
C ALA M 119 -2.13 0.00 51.50
N GLU M 120 -2.47 0.66 50.40
CA GLU M 120 -2.36 0.10 49.07
C GLU M 120 -1.05 0.56 48.46
N ALA M 121 -0.21 -0.39 48.06
CA ALA M 121 1.06 -0.10 47.40
C ALA M 121 0.84 -0.22 45.90
N TYR M 122 1.13 0.83 45.16
CA TYR M 122 0.85 0.91 43.74
C TYR M 122 2.12 1.16 42.95
N LYS M 123 1.98 1.12 41.63
CA LYS M 123 2.98 1.63 40.71
C LYS M 123 2.29 2.49 39.66
N ALA M 124 2.86 3.66 39.38
CA ALA M 124 2.27 4.62 38.47
C ALA M 124 3.27 5.01 37.40
N HIS M 125 2.76 5.24 36.20
CA HIS M 125 3.56 5.62 35.04
C HIS M 125 2.60 6.11 33.98
N THR M 126 3.07 7.04 33.14
CA THR M 126 2.43 7.44 31.88
C THR M 126 1.02 8.00 32.13
N ALA M 127 0.99 9.18 32.74
CA ALA M 127 -0.27 9.78 33.16
C ALA M 127 -1.08 10.26 31.96
N SER M 128 -2.28 10.75 32.27
CA SER M 128 -3.28 11.08 31.28
C SER M 128 -4.02 12.34 31.72
N VAL M 129 -3.93 13.39 30.93
CA VAL M 129 -4.44 14.69 31.33
C VAL M 129 -5.82 14.87 30.71
N GLN M 130 -6.70 15.54 31.45
CA GLN M 130 -8.13 15.54 31.14
C GLN M 130 -8.75 16.75 31.80
N ALA M 131 -9.30 17.66 31.01
CA ALA M 131 -9.77 18.93 31.53
C ALA M 131 -11.26 19.08 31.35
N PHE M 132 -11.86 19.97 32.15
CA PHE M 132 -13.27 20.31 32.05
C PHE M 132 -13.34 21.72 31.49
N LEU M 133 -13.29 21.83 30.17
CA LEU M 133 -13.34 23.13 29.53
C LEU M 133 -14.76 23.67 29.45
N ASN M 134 -14.85 24.97 29.17
CA ASN M 134 -16.11 25.68 29.01
C ASN M 134 -15.90 26.63 27.84
N ILE M 135 -16.20 26.15 26.63
CA ILE M 135 -15.82 26.81 25.39
C ILE M 135 -17.01 27.60 24.87
N THR M 136 -16.74 28.80 24.34
CA THR M 136 -17.75 29.62 23.68
C THR M 136 -17.18 30.12 22.36
N VAL M 137 -17.74 29.66 21.25
CA VAL M 137 -17.31 30.07 19.91
C VAL M 137 -18.51 30.67 19.20
N GLY M 138 -18.53 32.00 19.09
CA GLY M 138 -19.61 32.70 18.43
C GLY M 138 -20.95 32.60 19.14
N GLU M 139 -20.98 33.04 20.40
CA GLU M 139 -22.06 32.92 21.39
C GLU M 139 -22.79 31.57 21.37
N HIS M 140 -22.03 30.49 21.25
CA HIS M 140 -22.57 29.13 21.33
C HIS M 140 -21.68 28.34 22.29
N SER M 141 -22.15 28.17 23.51
CA SER M 141 -21.32 27.68 24.61
C SER M 141 -21.62 26.22 24.88
N ILE M 142 -20.55 25.46 25.15
CA ILE M 142 -20.68 24.09 25.66
C ILE M 142 -19.84 23.96 26.91
N VAL M 143 -20.15 22.93 27.69
CA VAL M 143 -19.36 22.52 28.83
C VAL M 143 -19.09 21.04 28.64
N THR M 144 -17.87 20.69 28.28
CA THR M 144 -17.55 19.32 27.91
C THR M 144 -16.21 18.94 28.51
N THR M 145 -16.13 17.72 29.03
CA THR M 145 -14.85 17.12 29.40
C THR M 145 -14.05 16.85 28.13
N VAL M 146 -13.03 17.64 27.89
CA VAL M 146 -12.14 17.40 26.76
C VAL M 146 -10.98 16.55 27.29
N TYR M 147 -10.42 15.72 26.42
CA TYR M 147 -9.19 15.01 26.72
C TYR M 147 -8.08 15.72 25.96
N VAL M 148 -6.93 15.87 26.59
CA VAL M 148 -5.91 16.74 26.01
C VAL M 148 -4.71 15.93 25.57
N ASN M 149 -4.95 14.74 25.01
CA ASN M 149 -4.05 14.16 24.03
C ASN M 149 -4.14 14.94 22.71
N GLY M 150 -3.30 14.60 21.74
CA GLY M 150 -3.32 15.35 20.48
C GLY M 150 -4.48 15.07 19.54
N GLU M 151 -5.51 14.39 20.01
CA GLU M 151 -6.64 13.93 19.22
C GLU M 151 -7.84 13.94 20.16
N THR M 152 -8.86 13.12 19.85
CA THR M 152 -10.11 12.96 20.60
C THR M 152 -10.84 14.29 20.63
N PRO M 153 -11.49 14.66 19.53
CA PRO M 153 -12.04 16.01 19.41
C PRO M 153 -13.34 16.17 20.16
N VAL M 154 -13.62 17.43 20.52
CA VAL M 154 -14.94 17.83 20.97
C VAL M 154 -15.65 18.49 19.81
N ASN M 155 -16.87 18.05 19.53
CA ASN M 155 -17.65 18.50 18.40
C ASN M 155 -18.86 19.27 18.92
N PHE M 156 -19.04 20.49 18.43
CA PHE M 156 -20.29 21.19 18.72
C PHE M 156 -20.58 22.15 17.57
N ASN M 157 -21.82 22.07 17.04
CA ASN M 157 -22.33 22.95 15.98
C ASN M 157 -21.43 22.96 14.74
N GLY M 158 -20.86 21.79 14.43
CA GLY M 158 -19.98 21.67 13.29
C GLY M 158 -18.55 22.09 13.53
N VAL M 159 -18.23 22.62 14.70
CA VAL M 159 -16.89 23.11 15.01
C VAL M 159 -16.12 21.98 15.70
N LYS M 160 -14.92 21.71 15.21
CA LYS M 160 -14.09 20.63 15.72
C LYS M 160 -12.90 21.22 16.46
N ILE M 161 -12.77 20.90 17.74
CA ILE M 161 -11.71 21.41 18.59
C ILE M 161 -10.89 20.25 19.13
N THR M 162 -9.59 20.29 18.87
CA THR M 162 -8.65 19.27 19.34
C THR M 162 -7.60 19.96 20.20
N ALA M 163 -7.70 19.80 21.51
CA ALA M 163 -6.76 20.42 22.44
C ALA M 163 -5.57 19.51 22.61
N GLY M 164 -4.41 19.92 22.07
CA GLY M 164 -3.28 19.04 21.93
C GLY M 164 -2.57 18.78 23.25
N PRO M 165 -1.47 18.05 23.18
CA PRO M 165 -0.83 17.54 24.39
C PRO M 165 -0.10 18.63 25.16
N LEU M 166 0.12 18.36 26.44
CA LEU M 166 0.81 19.31 27.30
C LEU M 166 2.26 19.46 26.89
N SER M 167 2.79 20.65 27.11
CA SER M 167 4.17 20.95 26.75
C SER M 167 5.17 20.33 27.71
N THR M 168 4.72 19.67 28.77
CA THR M 168 5.58 19.13 29.80
C THR M 168 5.08 17.75 30.19
N ALA M 169 6.00 16.81 30.38
CA ALA M 169 5.65 15.47 30.84
C ALA M 169 5.79 15.31 32.35
N TRP M 170 5.76 16.41 33.09
CA TRP M 170 5.89 16.36 34.53
C TRP M 170 4.66 15.75 35.17
N THR M 171 4.87 14.92 36.18
CA THR M 171 3.83 14.40 37.06
C THR M 171 4.31 14.51 38.50
N PRO M 172 3.41 14.75 39.45
CA PRO M 172 3.81 14.74 40.86
C PRO M 172 4.08 13.36 41.41
N PHE M 173 3.53 12.32 40.80
CA PHE M 173 3.59 10.98 41.35
C PHE M 173 4.89 10.32 40.93
N ASP M 174 5.46 9.52 41.82
CA ASP M 174 6.70 8.82 41.50
C ASP M 174 6.38 7.47 40.86
N ARG M 175 7.42 6.65 40.71
CA ARG M 175 7.25 5.32 40.16
C ARG M 175 6.53 4.40 41.15
N LYS M 176 6.61 4.69 42.44
CA LYS M 176 5.95 3.91 43.46
C LYS M 176 5.15 4.82 44.37
N ILE M 177 3.98 4.33 44.79
CA ILE M 177 2.97 5.10 45.51
C ILE M 177 2.38 4.21 46.59
N VAL M 178 2.23 4.76 47.79
CA VAL M 178 1.44 4.12 48.83
C VAL M 178 0.22 5.00 49.07
N GLN M 179 -0.96 4.39 49.10
CA GLN M 179 -2.18 5.08 49.48
C GLN M 179 -2.64 4.59 50.83
N TYR M 180 -2.80 5.51 51.76
CA TYR M 180 -3.35 5.19 53.06
C TYR M 180 -4.30 6.29 53.49
N ALA M 181 -5.55 5.92 53.75
CA ALA M 181 -6.58 6.78 54.37
C ALA M 181 -6.84 8.04 53.56
N GLY M 182 -7.06 7.87 52.26
CA GLY M 182 -7.38 9.00 51.41
C GLY M 182 -6.22 9.89 51.05
N GLU M 183 -5.01 9.58 51.51
CA GLU M 183 -3.82 10.38 51.23
C GLU M 183 -2.79 9.49 50.57
N ILE M 184 -1.90 10.11 49.81
CA ILE M 184 -1.04 9.42 48.85
C ILE M 184 0.39 9.85 49.10
N TYR M 185 1.31 8.89 49.19
CA TYR M 185 2.68 9.12 49.61
C TYR M 185 3.63 8.58 48.55
N ASN M 186 4.74 9.27 48.34
CA ASN M 186 5.81 8.75 47.50
C ASN M 186 6.76 7.93 48.36
N TYR M 187 6.43 6.67 48.57
CA TYR M 187 7.26 5.80 49.39
C TYR M 187 7.81 4.65 48.55
N ASP M 188 9.08 4.33 48.79
CA ASP M 188 9.78 3.27 48.07
C ASP M 188 9.56 1.96 48.84
N PHE M 189 8.40 1.37 48.61
CA PHE M 189 8.11 0.13 49.33
C PHE M 189 8.86 -1.04 48.72
N PRO M 190 9.19 -2.06 49.50
CA PRO M 190 9.84 -3.24 48.93
C PRO M 190 8.86 -4.07 48.12
N GLU M 191 9.43 -4.86 47.21
CA GLU M 191 8.66 -5.69 46.30
C GLU M 191 7.97 -6.83 47.06
N TYR M 192 7.11 -7.55 46.34
CA TYR M 192 6.42 -8.67 46.95
C TYR M 192 7.41 -9.79 47.19
N GLY M 193 7.44 -10.30 48.41
CA GLY M 193 8.46 -11.25 48.82
C GLY M 193 9.74 -10.63 49.28
N ALA M 194 9.88 -9.31 49.26
CA ALA M 194 11.07 -8.65 49.77
C ALA M 194 10.79 -7.86 51.04
N GLY M 195 9.71 -8.18 51.74
CA GLY M 195 9.30 -7.39 52.89
C GLY M 195 10.17 -7.68 54.10
N GLN M 196 10.61 -6.64 54.76
CA GLN M 196 11.56 -6.76 55.85
C GLN M 196 10.89 -6.63 57.20
N PRO M 197 11.40 -7.29 58.23
CA PRO M 197 10.80 -7.19 59.56
C PRO M 197 11.01 -5.81 60.17
N GLY M 198 9.94 -5.28 60.76
CA GLY M 198 9.99 -4.02 61.46
C GLY M 198 9.72 -2.81 60.61
N ALA M 199 9.46 -2.96 59.32
CA ALA M 199 9.24 -1.83 58.44
C ALA M 199 8.05 -2.11 57.56
N PHE M 200 7.81 -1.20 56.61
CA PHE M 200 6.57 -1.21 55.84
C PHE M 200 6.56 -2.37 54.86
N GLY M 201 5.56 -3.22 54.98
CA GLY M 201 5.45 -4.39 54.15
C GLY M 201 6.00 -5.66 54.74
N ASP M 202 6.08 -5.77 56.07
CA ASP M 202 6.45 -7.05 56.64
C ASP M 202 5.34 -8.08 56.47
N ILE M 203 4.10 -7.62 56.42
CA ILE M 203 2.99 -8.38 55.86
C ILE M 203 2.83 -7.91 54.42
N GLN M 204 2.68 -8.86 53.50
CA GLN M 204 2.37 -8.54 52.11
C GLN M 204 1.28 -9.48 51.64
N SER M 205 0.05 -9.02 51.71
CA SER M 205 -1.08 -9.70 51.11
C SER M 205 -1.28 -9.14 49.72
N ARG M 206 -1.47 -10.02 48.74
CA ARG M 206 -1.54 -9.63 47.34
C ARG M 206 -2.77 -8.77 47.06
N THR M 207 -3.93 -9.18 47.54
CA THR M 207 -5.09 -8.31 47.59
C THR M 207 -5.69 -8.34 48.98
N VAL M 208 -6.85 -7.71 49.15
CA VAL M 208 -7.46 -7.63 50.47
C VAL M 208 -8.03 -8.98 50.87
N SER M 209 -8.51 -9.73 49.89
CA SER M 209 -9.07 -11.07 50.10
C SER M 209 -8.26 -12.13 49.35
N SER M 210 -6.94 -12.03 49.42
CA SER M 210 -6.07 -12.94 48.68
C SER M 210 -5.99 -14.31 49.30
N SER M 211 -6.06 -14.39 50.64
CA SER M 211 -5.90 -15.61 51.43
C SER M 211 -4.57 -16.32 51.16
N ASP M 212 -3.54 -15.55 50.81
CA ASP M 212 -2.16 -16.06 50.75
C ASP M 212 -1.25 -14.85 50.94
N LEU M 213 -0.74 -14.69 52.16
CA LEU M 213 0.05 -13.51 52.51
C LEU M 213 1.49 -13.91 52.79
N TYR M 214 2.42 -13.10 52.31
CA TYR M 214 3.82 -13.21 52.70
C TYR M 214 4.05 -12.48 54.00
N ALA M 215 4.79 -13.11 54.91
CA ALA M 215 5.03 -12.53 56.22
C ALA M 215 6.45 -12.83 56.64
N ASN M 216 7.21 -11.78 56.99
CA ASN M 216 8.56 -11.91 57.52
C ASN M 216 8.61 -10.97 58.72
N THR M 217 8.26 -11.49 59.91
CA THR M 217 8.07 -10.63 61.08
C THR M 217 9.02 -10.97 62.22
N ASN M 218 10.10 -11.72 61.94
CA ASN M 218 11.18 -12.03 62.89
C ASN M 218 10.65 -12.76 64.11
N LEU M 219 9.71 -13.68 63.91
CA LEU M 219 9.10 -14.41 65.01
C LEU M 219 10.03 -15.50 65.50
N VAL M 220 10.22 -15.57 66.82
CA VAL M 220 11.07 -16.57 67.47
C VAL M 220 10.34 -17.08 68.70
N LEU M 221 10.13 -18.39 68.78
CA LEU M 221 9.47 -18.97 69.95
C LEU M 221 10.45 -19.08 71.12
N GLN M 222 9.92 -18.93 72.33
CA GLN M 222 10.71 -18.92 73.54
C GLN M 222 10.24 -20.01 74.49
N ARG M 223 11.09 -20.33 75.45
CA ARG M 223 10.79 -21.43 76.37
C ARG M 223 9.77 -20.96 77.40
N PRO M 224 8.76 -21.77 77.70
CA PRO M 224 7.75 -21.33 78.67
C PRO M 224 8.29 -21.34 80.09
N LYS M 225 7.64 -20.53 80.93
CA LYS M 225 8.03 -20.43 82.33
C LYS M 225 7.65 -21.70 83.07
N ALA M 226 8.50 -22.11 84.01
CA ALA M 226 8.37 -23.40 84.69
C ALA M 226 7.10 -23.42 85.53
N GLY M 227 6.10 -24.16 85.07
CA GLY M 227 4.85 -24.28 85.76
C GLY M 227 3.70 -23.49 85.17
N ALA M 228 3.71 -23.27 83.86
CA ALA M 228 2.68 -22.41 83.27
C ALA M 228 2.41 -22.87 81.84
N ILE M 229 1.15 -22.74 81.44
CA ILE M 229 0.72 -23.16 80.11
C ILE M 229 0.53 -21.88 79.31
N HIS M 230 1.55 -21.52 78.53
CA HIS M 230 1.45 -20.39 77.61
C HIS M 230 2.45 -20.62 76.48
N VAL M 231 2.33 -19.79 75.45
CA VAL M 231 3.21 -19.84 74.29
C VAL M 231 3.94 -18.51 74.21
N PRO M 232 5.17 -18.45 74.68
CA PRO M 232 5.92 -17.19 74.66
C PRO M 232 6.74 -16.98 73.40
N TYR M 233 6.56 -15.83 72.76
CA TYR M 233 7.23 -15.50 71.51
C TYR M 233 7.89 -14.14 71.63
N THR M 234 8.70 -13.79 70.64
CA THR M 234 9.41 -12.51 70.60
C THR M 234 9.59 -12.13 69.15
N GLN M 235 8.94 -11.06 68.72
CA GLN M 235 9.02 -10.65 67.33
C GLN M 235 9.15 -9.14 67.23
N ALA M 236 9.61 -8.70 66.07
CA ALA M 236 9.74 -7.28 65.80
C ALA M 236 8.35 -6.65 65.70
N PRO M 237 8.20 -5.40 66.14
CA PRO M 237 6.87 -4.79 66.15
C PRO M 237 6.29 -4.52 64.78
N SER M 238 5.05 -4.03 64.74
CA SER M 238 4.34 -3.84 63.48
C SER M 238 5.02 -2.77 62.66
N GLY M 239 5.56 -3.16 61.52
CA GLY M 239 6.15 -2.21 60.60
C GLY M 239 5.16 -1.25 60.00
N PHE M 240 3.88 -1.62 59.96
CA PHE M 240 2.86 -0.70 59.50
C PHE M 240 2.60 0.38 60.53
N GLU M 241 2.63 0.04 61.80
CA GLU M 241 2.53 1.04 62.85
C GLU M 241 3.76 1.94 62.89
N GLN M 242 4.93 1.35 62.68
CA GLN M 242 6.15 2.16 62.66
C GLN M 242 6.21 3.06 61.44
N TRP M 243 5.65 2.60 60.32
CA TRP M 243 5.49 3.48 59.16
C TRP M 243 4.51 4.61 59.48
N LYS M 244 3.48 4.33 60.28
CA LYS M 244 2.51 5.37 60.60
C LYS M 244 3.06 6.38 61.59
N LYS M 245 3.99 5.96 62.45
CA LYS M 245 4.61 6.89 63.38
C LYS M 245 5.54 7.85 62.67
N ASP M 246 6.23 7.40 61.64
CA ASP M 246 7.17 8.29 60.99
C ASP M 246 6.46 9.20 59.99
N LYS M 247 6.05 8.64 58.83
CA LYS M 247 5.14 9.27 57.84
C LYS M 247 5.45 10.73 57.53
N ALA M 248 6.53 10.94 56.78
CA ALA M 248 6.80 12.22 56.13
C ALA M 248 5.55 12.65 55.38
N PRO M 249 5.15 13.92 55.45
CA PRO M 249 3.77 14.32 55.14
C PRO M 249 3.34 14.03 53.71
N SER M 250 2.02 14.07 53.50
CA SER M 250 1.37 13.56 52.30
C SER M 250 1.79 14.35 51.08
N LEU M 251 1.40 13.85 49.92
CA LEU M 251 1.67 14.59 48.70
C LEU M 251 0.67 15.72 48.52
N LYS M 252 -0.38 15.74 49.35
CA LYS M 252 -1.35 16.83 49.37
C LYS M 252 -0.73 18.13 49.86
N PHE M 253 0.31 18.05 50.70
CA PHE M 253 0.93 19.21 51.28
C PHE M 253 2.31 19.52 50.72
N THR M 254 2.91 18.60 49.98
CA THR M 254 4.30 18.74 49.55
C THR M 254 4.47 18.82 48.05
N ALA M 255 3.38 18.84 47.28
CA ALA M 255 3.54 18.68 45.83
C ALA M 255 3.97 20.00 45.20
N PRO M 256 4.89 19.95 44.25
CA PRO M 256 5.25 21.18 43.51
C PRO M 256 4.12 21.65 42.61
N PHE M 257 4.22 22.94 42.25
CA PHE M 257 3.28 23.70 41.44
C PHE M 257 1.89 23.84 42.05
N GLY M 258 1.71 23.47 43.31
CA GLY M 258 0.41 23.62 43.94
C GLY M 258 -0.62 22.64 43.44
N CYS M 259 -0.32 21.35 43.46
CA CYS M 259 -1.28 20.36 43.02
C CYS M 259 -2.21 20.00 44.16
N GLU M 260 -3.30 19.32 43.82
CA GLU M 260 -4.34 18.97 44.78
C GLU M 260 -4.63 17.48 44.62
N ILE M 261 -3.90 16.67 45.36
CA ILE M 261 -3.97 15.22 45.24
C ILE M 261 -5.29 14.71 45.81
N TYR M 262 -5.97 13.86 45.07
CA TYR M 262 -7.20 13.23 45.54
C TYR M 262 -7.12 11.71 45.42
N THR M 263 -8.18 11.05 45.86
CA THR M 263 -8.09 9.65 46.23
C THR M 263 -8.74 8.61 45.33
N ASN M 264 -10.05 8.72 45.01
CA ASN M 264 -10.78 7.52 44.59
C ASN M 264 -10.46 7.13 43.14
N PRO M 265 -10.36 8.05 42.19
CA PRO M 265 -9.26 7.93 41.23
C PRO M 265 -8.04 8.68 41.74
N ILE M 266 -6.88 8.02 41.79
CA ILE M 266 -5.65 8.71 42.13
C ILE M 266 -5.34 9.71 41.03
N ARG M 267 -5.38 10.99 41.38
CA ARG M 267 -5.29 12.07 40.42
C ARG M 267 -4.76 13.31 41.12
N ALA M 268 -4.17 14.20 40.33
CA ALA M 268 -3.77 15.51 40.79
C ALA M 268 -4.65 16.55 40.10
N GLU M 269 -4.79 17.70 40.73
CA GLU M 269 -5.64 18.74 40.23
C GLU M 269 -4.87 20.04 40.12
N ASN M 270 -5.09 20.74 39.01
CA ASN M 270 -4.87 22.18 38.91
C ASN M 270 -3.40 22.54 39.05
N CYS M 271 -2.55 21.61 38.64
CA CYS M 271 -1.12 21.84 38.64
C CYS M 271 -0.77 22.89 37.60
N ALA M 272 -0.38 24.07 38.05
CA ALA M 272 -0.16 25.20 37.15
C ALA M 272 1.21 25.04 36.50
N VAL M 273 1.26 24.22 35.46
CA VAL M 273 2.51 23.95 34.75
C VAL M 273 2.15 23.55 33.32
N GLY M 274 2.98 23.98 32.38
CA GLY M 274 2.77 23.67 30.99
C GLY M 274 1.77 24.59 30.35
N SER M 275 1.41 24.25 29.11
CA SER M 275 0.42 25.01 28.38
C SER M 275 -0.27 24.09 27.39
N ILE M 276 -1.56 24.32 27.17
CA ILE M 276 -2.37 23.49 26.27
C ILE M 276 -2.43 24.20 24.92
N PRO M 277 -1.97 23.56 23.85
CA PRO M 277 -2.26 24.07 22.51
C PRO M 277 -3.63 23.62 22.04
N LEU M 278 -4.14 24.33 21.04
CA LEU M 278 -5.51 24.17 20.59
C LEU M 278 -5.54 24.17 19.07
N ALA M 279 -6.45 23.37 18.50
CA ALA M 279 -6.71 23.38 17.08
C ALA M 279 -8.19 23.61 16.87
N PHE M 280 -8.52 24.60 16.05
CA PHE M 280 -9.91 24.92 15.73
C PHE M 280 -10.13 24.66 14.24
N ASP M 281 -10.94 23.66 13.93
CA ASP M 281 -11.39 23.43 12.57
C ASP M 281 -12.79 24.04 12.49
N ILE M 282 -12.86 25.26 11.99
CA ILE M 282 -14.09 26.05 11.99
C ILE M 282 -14.70 25.94 10.60
N PRO M 283 -15.99 25.61 10.49
CA PRO M 283 -16.63 25.62 9.18
C PRO M 283 -16.82 27.04 8.68
N ASP M 284 -17.02 27.17 7.37
CA ASP M 284 -17.11 28.48 6.73
C ASP M 284 -18.46 29.16 6.97
N ALA M 285 -19.42 28.47 7.57
CA ALA M 285 -20.75 29.06 7.74
C ALA M 285 -20.78 30.09 8.86
N LEU M 286 -19.88 29.95 9.84
CA LEU M 286 -19.90 30.86 10.99
C LEU M 286 -19.33 32.24 10.66
N PHE M 287 -18.59 32.39 9.56
CA PHE M 287 -17.98 33.67 9.25
C PHE M 287 -19.02 34.59 8.64
N THR M 288 -19.63 35.40 9.50
CA THR M 288 -20.55 36.44 9.10
C THR M 288 -19.81 37.52 8.30
N ARG M 289 -20.51 38.14 7.35
CA ARG M 289 -19.91 39.19 6.53
C ARG M 289 -19.73 40.47 7.36
N VAL M 290 -19.06 41.45 6.75
CA VAL M 290 -18.71 42.67 7.47
C VAL M 290 -19.94 43.52 7.72
N SER M 291 -20.74 43.77 6.68
CA SER M 291 -21.84 44.73 6.79
C SER M 291 -23.03 44.21 7.57
N GLU M 292 -23.00 42.98 8.06
CA GLU M 292 -24.01 42.48 8.98
C GLU M 292 -23.62 42.68 10.44
N THR M 293 -22.54 43.41 10.70
CA THR M 293 -22.06 43.78 12.03
C THR M 293 -21.80 45.27 12.04
N PRO M 294 -21.86 45.91 13.20
CA PRO M 294 -21.51 47.34 13.28
C PRO M 294 -20.04 47.58 13.01
N THR M 295 -19.74 48.81 12.61
CA THR M 295 -18.39 49.21 12.21
C THR M 295 -18.20 50.67 12.54
N LEU M 296 -17.20 50.98 13.36
CA LEU M 296 -17.08 52.33 13.90
C LEU M 296 -16.47 53.27 12.88
N SER M 297 -16.70 54.56 13.11
CA SER M 297 -16.00 55.64 12.43
C SER M 297 -15.78 56.75 13.44
N ALA M 298 -14.56 57.29 13.46
CA ALA M 298 -14.11 58.35 14.37
C ALA M 298 -14.27 57.93 15.84
N ALA M 299 -13.48 56.94 16.22
CA ALA M 299 -13.40 56.47 17.59
C ALA M 299 -12.15 57.01 18.28
N GLU M 300 -12.18 57.05 19.62
CA GLU M 300 -11.07 57.57 20.40
C GLU M 300 -11.08 56.96 21.79
N CYS M 301 -9.91 56.61 22.30
CA CYS M 301 -9.77 55.88 23.56
C CYS M 301 -9.04 56.73 24.60
N THR M 302 -9.62 56.79 25.82
CA THR M 302 -9.00 57.45 26.96
C THR M 302 -8.99 56.50 28.15
N LEU M 303 -8.03 56.71 29.06
CA LEU M 303 -7.88 55.88 30.25
C LEU M 303 -8.38 56.62 31.47
N ASN M 304 -9.40 56.06 32.12
CA ASN M 304 -9.90 56.64 33.36
C ASN M 304 -9.03 56.21 34.54
N GLU M 305 -9.04 54.93 34.85
CA GLU M 305 -8.27 54.37 35.94
C GLU M 305 -7.16 53.50 35.37
N CYS M 306 -6.04 53.45 36.07
CA CYS M 306 -4.90 52.69 35.59
C CYS M 306 -4.09 52.34 36.84
N VAL M 307 -4.25 51.12 37.32
CA VAL M 307 -3.48 50.57 38.43
C VAL M 307 -2.95 49.23 37.95
N TYR M 308 -1.63 49.03 38.05
CA TYR M 308 -1.07 47.76 37.61
C TYR M 308 -1.12 46.72 38.74
N SER M 309 -2.34 46.47 39.19
CA SER M 309 -2.62 45.48 40.21
C SER M 309 -2.67 44.10 39.58
N SER M 310 -3.15 43.11 40.32
CA SER M 310 -3.16 41.76 39.80
C SER M 310 -4.40 41.48 38.97
N ASP M 311 -5.54 41.97 39.39
CA ASP M 311 -6.79 41.81 38.65
C ASP M 311 -7.06 43.02 37.76
N PHE M 312 -8.30 43.17 37.30
CA PHE M 312 -8.68 44.16 36.30
C PHE M 312 -8.74 45.54 36.94
N GLY M 313 -7.58 46.16 37.05
CA GLY M 313 -7.46 47.44 37.73
C GLY M 313 -7.23 48.60 36.79
N GLY M 314 -7.65 48.44 35.55
CA GLY M 314 -7.59 49.52 34.56
C GLY M 314 -8.92 49.66 33.87
N ILE M 315 -9.31 50.90 33.58
CA ILE M 315 -10.52 51.19 32.84
C ILE M 315 -10.18 52.10 31.69
N ALA M 316 -10.40 51.62 30.46
CA ALA M 316 -10.31 52.44 29.28
C ALA M 316 -11.70 52.80 28.80
N THR M 317 -11.82 53.98 28.21
CA THR M 317 -13.10 54.51 27.77
C THR M 317 -13.02 54.90 26.31
N VAL M 318 -13.94 54.38 25.51
CA VAL M 318 -13.92 54.57 24.07
C VAL M 318 -15.18 55.32 23.67
N LYS M 319 -15.01 56.53 23.16
CA LYS M 319 -16.10 57.27 22.54
C LYS M 319 -16.09 56.96 21.05
N TYR M 320 -17.24 56.56 20.51
CA TYR M 320 -17.30 55.99 19.18
C TYR M 320 -18.48 56.56 18.42
N SER M 321 -18.55 56.20 17.14
CA SER M 321 -19.69 56.53 16.29
C SER M 321 -19.81 55.47 15.22
N ALA M 322 -20.98 54.83 15.12
CA ALA M 322 -21.21 53.78 14.16
C ALA M 322 -22.69 53.71 13.83
N SER M 323 -23.00 53.39 12.58
CA SER M 323 -24.39 53.41 12.12
C SER M 323 -25.07 52.04 12.22
N LYS M 324 -24.93 51.40 13.38
CA LYS M 324 -25.75 50.29 13.84
C LYS M 324 -25.64 50.20 15.35
N SER M 325 -26.51 49.38 15.94
CA SER M 325 -26.57 49.20 17.39
C SER M 325 -26.53 47.70 17.65
N GLY M 326 -25.32 47.16 17.77
CA GLY M 326 -25.14 45.74 18.02
C GLY M 326 -23.87 45.49 18.80
N LYS M 327 -23.64 44.23 19.11
CA LYS M 327 -22.44 43.85 19.84
C LYS M 327 -21.30 43.54 18.86
N CYS M 328 -20.08 43.81 19.31
CA CYS M 328 -18.90 43.44 18.54
C CYS M 328 -17.77 43.12 19.50
N ALA M 329 -16.80 42.38 18.99
CA ALA M 329 -15.71 41.88 19.82
C ALA M 329 -14.70 42.97 20.12
N VAL M 330 -14.05 42.84 21.26
CA VAL M 330 -12.88 43.64 21.61
C VAL M 330 -11.74 42.70 21.98
N HIS M 331 -10.52 43.11 21.67
CA HIS M 331 -9.35 42.26 21.84
C HIS M 331 -8.11 43.13 21.82
N VAL M 332 -7.10 42.72 22.58
CA VAL M 332 -5.80 43.36 22.56
C VAL M 332 -4.82 42.36 21.94
N PRO M 333 -4.23 42.67 20.77
CA PRO M 333 -3.43 41.66 20.07
C PRO M 333 -2.14 41.30 20.78
N SER M 334 -1.50 42.27 21.42
CA SER M 334 -0.33 41.97 22.23
C SER M 334 -0.78 41.41 23.58
N GLY M 335 0.19 41.03 24.40
CA GLY M 335 -0.12 40.61 25.75
C GLY M 335 0.04 41.74 26.73
N THR M 336 -0.03 42.96 26.20
CA THR M 336 0.16 44.17 27.00
C THR M 336 -0.98 44.35 28.00
N ALA M 337 -2.22 44.29 27.53
CA ALA M 337 -3.37 44.34 28.40
C ALA M 337 -4.23 43.11 28.20
N THR M 338 -4.73 42.57 29.30
CA THR M 338 -5.67 41.46 29.29
C THR M 338 -7.05 42.03 29.57
N LEU M 339 -7.92 41.99 28.57
CA LEU M 339 -9.26 42.53 28.74
C LEU M 339 -10.12 41.59 29.57
N LYS M 340 -11.22 42.14 30.08
CA LYS M 340 -12.10 41.38 30.96
C LYS M 340 -13.19 40.68 30.17
N GLU M 341 -13.98 41.46 29.44
CA GLU M 341 -15.06 40.93 28.62
C GLU M 341 -14.58 40.76 27.19
N ALA M 342 -15.31 39.94 26.43
CA ALA M 342 -14.96 39.67 25.05
C ALA M 342 -15.78 40.46 24.04
N ALA M 343 -16.89 41.05 24.46
CA ALA M 343 -17.75 41.79 23.54
C ALA M 343 -18.28 43.04 24.23
N VAL M 344 -18.60 44.04 23.42
CA VAL M 344 -19.19 45.29 23.89
C VAL M 344 -20.46 45.53 23.07
N GLU M 345 -21.59 45.70 23.76
CA GLU M 345 -22.84 46.02 23.08
C GLU M 345 -22.95 47.52 22.89
N LEU M 346 -23.28 47.94 21.67
CA LEU M 346 -23.12 49.33 21.26
C LEU M 346 -24.45 49.99 20.97
N THR M 347 -24.50 51.30 21.24
CA THR M 347 -25.49 52.19 20.66
C THR M 347 -24.88 52.80 19.39
N GLU M 348 -25.47 53.86 18.86
CA GLU M 348 -24.90 54.50 17.68
C GLU M 348 -23.98 55.67 17.98
N GLN M 349 -24.13 56.31 19.15
CA GLN M 349 -23.30 57.47 19.48
C GLN M 349 -22.75 57.43 20.91
N GLY M 350 -22.95 56.34 21.63
CA GLY M 350 -22.59 56.29 23.04
C GLY M 350 -21.10 56.13 23.29
N SER M 351 -20.79 55.62 24.48
CA SER M 351 -19.42 55.35 24.88
C SER M 351 -19.30 53.94 25.44
N ALA M 352 -18.10 53.38 25.36
CA ALA M 352 -17.81 52.05 25.83
C ALA M 352 -16.83 52.11 26.99
N THR M 353 -17.03 51.26 27.98
CA THR M 353 -16.24 51.28 29.22
C THR M 353 -15.73 49.87 29.46
N ILE M 354 -14.46 49.62 29.13
CA ILE M 354 -13.88 48.31 29.22
C ILE M 354 -12.93 48.26 30.42
N HIS M 355 -12.63 47.05 30.85
CA HIS M 355 -11.81 46.80 32.03
C HIS M 355 -10.65 45.92 31.61
N PHE M 356 -9.43 46.41 31.81
CA PHE M 356 -8.26 45.65 31.42
C PHE M 356 -7.33 45.47 32.61
N SER M 357 -6.32 44.64 32.41
CA SER M 357 -5.33 44.33 33.43
C SER M 357 -3.96 44.35 32.80
N THR M 358 -2.99 44.91 33.51
CA THR M 358 -1.69 45.14 32.89
C THR M 358 -0.60 45.21 33.96
N ALA M 359 0.63 44.92 33.53
CA ALA M 359 1.81 45.03 34.37
C ALA M 359 2.63 46.27 34.06
N ASN M 360 2.23 47.06 33.09
CA ASN M 360 3.07 48.16 32.62
C ASN M 360 2.91 49.39 33.49
N ILE M 361 3.96 50.20 33.52
CA ILE M 361 3.88 51.50 34.18
C ILE M 361 3.44 52.58 33.20
N HIS M 362 3.77 52.45 31.93
CA HIS M 362 3.31 53.38 30.88
C HIS M 362 2.66 52.53 29.79
N PRO M 363 1.39 52.18 29.97
CA PRO M 363 0.75 51.27 29.00
C PRO M 363 0.43 51.96 27.68
N GLU M 364 0.92 51.38 26.59
CA GLU M 364 0.60 51.83 25.25
C GLU M 364 0.30 50.59 24.42
N PHE M 365 -0.97 50.24 24.32
CA PHE M 365 -1.42 49.13 23.49
C PHE M 365 -2.39 49.64 22.45
N ARG M 366 -2.61 48.83 21.44
CA ARG M 366 -3.51 49.14 20.34
C ARG M 366 -4.74 48.27 20.49
N LEU M 367 -5.82 48.85 21.00
CA LEU M 367 -7.06 48.11 21.18
C LEU M 367 -7.70 47.82 19.84
N GLN M 368 -8.06 46.57 19.62
CA GLN M 368 -8.92 46.20 18.50
C GLN M 368 -10.36 46.17 18.96
N ILE M 369 -11.17 47.04 18.39
CA ILE M 369 -12.61 47.06 18.56
C ILE M 369 -13.11 46.76 17.15
N CYS M 370 -14.44 46.76 16.94
CA CYS M 370 -15.21 45.86 16.08
C CYS M 370 -14.48 45.36 14.84
N THR M 371 -13.97 46.29 14.02
CA THR M 371 -13.01 45.94 12.98
C THR M 371 -11.85 46.92 12.89
N SER M 372 -11.71 47.83 13.85
CA SER M 372 -10.74 48.92 13.75
C SER M 372 -9.72 48.83 14.87
N TYR M 373 -8.86 49.85 14.94
CA TYR M 373 -7.78 49.90 15.93
C TYR M 373 -7.69 51.32 16.47
N VAL M 374 -7.95 51.47 17.77
CA VAL M 374 -7.65 52.69 18.47
C VAL M 374 -6.41 52.44 19.33
N THR M 375 -5.80 53.52 19.80
CA THR M 375 -4.61 53.42 20.63
C THR M 375 -4.95 53.95 22.02
N CYS M 376 -4.90 53.07 23.02
CA CYS M 376 -5.18 53.43 24.39
C CYS M 376 -3.87 53.64 25.12
N LYS M 377 -3.65 54.87 25.60
CA LYS M 377 -2.37 55.26 26.19
C LYS M 377 -2.60 55.98 27.50
N GLY M 378 -1.78 55.67 28.49
CA GLY M 378 -1.89 56.33 29.77
C GLY M 378 -0.72 56.02 30.66
N ASP M 379 -0.94 56.15 31.97
CA ASP M 379 0.08 55.93 33.00
C ASP M 379 -0.55 55.18 34.15
N CYS M 380 -0.04 53.99 34.46
CA CYS M 380 -0.55 53.24 35.60
C CYS M 380 0.30 53.48 36.84
N HIS M 381 -0.31 53.21 37.99
CA HIS M 381 0.19 53.54 39.31
C HIS M 381 0.21 52.29 40.17
N PRO M 382 1.07 52.21 41.19
CA PRO M 382 1.19 50.97 41.95
C PRO M 382 -0.03 50.69 42.78
N PRO M 383 -0.33 49.43 43.08
CA PRO M 383 -1.54 49.09 43.83
C PRO M 383 -1.30 49.14 45.33
N LYS M 384 -2.39 49.07 46.08
CA LYS M 384 -2.32 49.37 47.51
C LYS M 384 -2.05 48.14 48.37
N ASP M 385 -2.29 46.94 47.88
CA ASP M 385 -2.05 45.73 48.65
C ASP M 385 -0.72 45.12 48.28
N HIS M 386 -0.01 44.61 49.28
CA HIS M 386 1.22 43.88 49.01
C HIS M 386 0.94 42.44 48.59
N ILE M 387 -0.11 41.84 49.13
CA ILE M 387 -0.37 40.41 49.04
C ILE M 387 -1.86 40.22 48.80
N VAL M 388 -2.22 39.50 47.75
CA VAL M 388 -3.60 39.24 47.41
C VAL M 388 -3.87 37.75 47.47
N THR M 389 -5.15 37.38 47.48
CA THR M 389 -5.58 36.00 47.60
C THR M 389 -6.13 35.45 46.29
N HIS M 390 -5.59 35.91 45.17
CA HIS M 390 -5.98 35.42 43.85
C HIS M 390 -4.76 35.52 42.95
N PRO M 391 -4.62 34.64 41.96
CA PRO M 391 -3.45 34.71 41.08
C PRO M 391 -3.50 35.86 40.10
N GLN M 392 -2.52 35.90 39.22
CA GLN M 392 -2.29 37.00 38.32
C GLN M 392 -3.11 36.86 37.05
N TYR M 393 -3.65 37.99 36.56
CA TYR M 393 -4.51 37.97 35.39
C TYR M 393 -3.84 38.59 34.17
N HIS M 394 -2.51 38.67 34.16
CA HIS M 394 -1.78 39.25 33.03
C HIS M 394 -0.40 38.61 32.96
N ALA M 395 0.35 38.97 31.93
CA ALA M 395 1.65 38.39 31.66
C ALA M 395 2.74 39.43 31.80
N GLN M 396 3.74 39.13 32.62
CA GLN M 396 4.86 40.04 32.82
C GLN M 396 5.76 39.99 31.60
N THR M 397 5.59 40.97 30.72
CA THR M 397 6.52 41.15 29.61
C THR M 397 7.88 41.58 30.16
N PHE M 398 8.95 41.11 29.52
CA PHE M 398 10.26 41.69 29.79
C PHE M 398 10.27 43.13 29.32
N THR M 399 10.92 43.99 30.10
CA THR M 399 10.83 45.45 30.01
C THR M 399 9.38 45.94 30.01
N ALA M 400 8.70 45.66 31.13
CA ALA M 400 7.34 46.15 31.32
C ALA M 400 7.25 47.34 32.26
N ALA M 401 8.14 47.44 33.23
CA ALA M 401 8.02 48.47 34.26
C ALA M 401 9.23 49.39 34.27
N VAL M 402 9.62 49.92 33.10
CA VAL M 402 10.93 50.55 32.98
C VAL M 402 10.88 52.06 33.21
N SER M 403 9.69 52.66 33.30
CA SER M 403 9.53 53.97 33.94
C SER M 403 10.30 55.14 33.33
N LYS M 404 9.80 55.75 32.24
CA LYS M 404 10.45 56.66 31.30
C LYS M 404 11.61 57.52 31.79
N THR M 405 11.54 57.96 33.06
CA THR M 405 12.71 58.49 33.75
C THR M 405 13.91 57.58 33.61
N ALA M 406 13.75 56.29 33.90
CA ALA M 406 14.88 55.37 33.78
C ALA M 406 15.23 55.07 32.32
N TRP M 407 14.27 55.19 31.39
CA TRP M 407 14.64 55.20 29.97
C TRP M 407 15.52 56.38 29.64
N THR M 408 15.27 57.53 30.25
CA THR M 408 16.11 58.70 30.01
C THR M 408 17.50 58.51 30.61
N TRP M 409 17.58 57.89 31.78
CA TRP M 409 18.90 57.66 32.37
C TRP M 409 19.68 56.59 31.61
N LEU M 410 19.01 55.63 30.99
CA LEU M 410 19.71 54.68 30.15
C LEU M 410 20.01 55.22 28.76
N THR M 411 19.26 56.22 28.29
CA THR M 411 19.56 56.80 26.99
C THR M 411 20.72 57.79 27.09
N SER M 412 20.79 58.54 28.20
CA SER M 412 21.83 59.55 28.31
C SER M 412 23.18 58.94 28.69
N LEU M 413 23.22 58.11 29.72
CA LEU M 413 24.48 57.58 30.23
C LEU M 413 25.03 56.43 29.40
N LEU M 414 24.33 56.00 28.36
CA LEU M 414 24.82 54.96 27.48
C LEU M 414 24.87 55.39 26.02
N GLY M 415 23.93 56.22 25.57
CA GLY M 415 23.96 56.74 24.22
C GLY M 415 24.83 57.97 24.11
N GLY M 416 24.93 58.73 25.20
CA GLY M 416 25.78 59.91 25.20
C GLY M 416 27.26 59.58 25.17
N SER M 417 27.64 58.44 25.78
CA SER M 417 29.02 57.99 25.70
C SER M 417 29.41 57.60 24.28
N ALA M 418 28.45 57.07 23.51
CA ALA M 418 28.69 56.82 22.09
C ALA M 418 28.87 58.13 21.33
N VAL M 419 28.17 59.19 21.73
CA VAL M 419 28.36 60.49 21.11
C VAL M 419 29.75 61.04 21.42
N ILE M 420 30.22 60.81 22.65
CA ILE M 420 31.58 61.21 23.03
C ILE M 420 32.62 60.46 22.22
N ILE M 421 32.42 59.15 22.02
CA ILE M 421 33.45 58.40 21.30
C ILE M 421 33.40 58.69 19.80
N ILE M 422 32.24 59.04 19.24
CA ILE M 422 32.25 59.36 17.83
C ILE M 422 32.79 60.77 17.57
N ILE M 423 32.59 61.72 18.49
CA ILE M 423 33.22 63.02 18.24
C ILE M 423 34.71 62.95 18.51
N GLY M 424 35.16 62.06 19.41
CA GLY M 424 36.58 61.83 19.55
C GLY M 424 37.20 61.20 18.32
N LEU M 425 36.49 60.26 17.68
CA LEU M 425 37.00 59.63 16.47
C LEU M 425 37.02 60.60 15.30
N VAL M 426 36.00 61.47 15.19
CA VAL M 426 35.98 62.49 14.15
C VAL M 426 37.10 63.50 14.35
N LEU M 427 37.34 63.92 15.60
CA LEU M 427 38.43 64.84 15.90
C LEU M 427 39.78 64.22 15.56
N ALA M 428 39.96 62.92 15.85
CA ALA M 428 41.21 62.24 15.52
C ALA M 428 41.42 62.16 14.01
N THR M 429 40.33 61.91 13.26
CA THR M 429 40.45 61.84 11.80
C THR M 429 40.80 63.19 11.19
N ILE M 430 40.18 64.27 11.69
CA ILE M 430 40.48 65.62 11.21
C ILE M 430 41.91 66.01 11.54
N VAL M 431 42.40 65.61 12.73
CA VAL M 431 43.78 65.89 13.11
C VAL M 431 44.77 65.13 12.20
N ALA M 432 44.48 63.87 11.88
CA ALA M 432 45.35 63.11 11.00
C ALA M 432 45.40 63.70 9.59
N MET M 433 44.24 64.12 9.07
CA MET M 433 44.21 64.76 7.75
C MET M 433 44.92 66.10 7.74
N TYR M 434 44.82 66.87 8.85
CA TYR M 434 45.50 68.16 8.89
C TYR M 434 47.01 68.01 9.04
N VAL M 435 47.47 66.97 9.73
CA VAL M 435 48.90 66.69 9.81
C VAL M 435 49.44 66.26 8.44
N LEU M 436 48.67 65.45 7.71
CA LEU M 436 49.11 65.07 6.36
C LEU M 436 49.08 66.27 5.40
N THR M 437 48.13 67.19 5.58
CA THR M 437 48.10 68.40 4.77
C THR M 437 49.28 69.31 5.07
N ASN M 438 49.67 69.37 6.35
CA ASN M 438 50.81 70.16 6.76
C ASN M 438 52.09 69.57 6.17
N GLN M 439 52.19 68.24 6.15
CA GLN M 439 53.37 67.61 5.57
C GLN M 439 53.26 67.37 4.08
N LYS M 440 52.23 67.90 3.43
CA LYS M 440 52.24 67.99 1.97
C LYS M 440 53.17 69.11 1.48
N HIS M 441 53.57 70.02 2.38
CA HIS M 441 54.32 71.21 1.97
C HIS M 441 55.73 70.90 1.49
N ASN M 442 56.40 69.91 2.10
CA ASN M 442 57.82 69.58 1.89
C ASN M 442 58.72 70.80 2.13
N ASN N 27 -32.16 11.03 62.70
CA ASN N 27 -31.14 11.09 61.67
C ASN N 27 -30.15 9.94 61.88
N GLU N 28 -28.87 10.19 61.62
CA GLU N 28 -27.83 9.18 61.78
C GLU N 28 -26.76 9.68 62.74
N CYS N 29 -26.26 8.78 63.57
CA CYS N 29 -25.19 9.12 64.49
C CYS N 29 -23.87 9.22 63.74
N ASN N 30 -22.89 9.84 64.39
CA ASN N 30 -21.56 9.91 63.79
C ASN N 30 -20.84 8.58 63.90
N ILE N 31 -21.17 7.77 64.90
CA ILE N 31 -20.53 6.49 65.10
C ILE N 31 -21.48 5.44 64.53
N PRO N 32 -21.00 4.44 63.80
CA PRO N 32 -21.94 3.57 63.06
C PRO N 32 -22.75 2.62 63.91
N GLY N 33 -22.25 2.18 65.05
CA GLY N 33 -23.01 1.20 65.78
C GLY N 33 -24.11 1.72 66.67
N ASN N 34 -24.50 2.99 66.54
CA ASN N 34 -25.34 3.64 67.53
C ASN N 34 -26.75 3.89 67.00
N PHE N 35 -27.72 3.69 67.89
CA PHE N 35 -29.12 4.03 67.64
C PHE N 35 -29.43 5.41 68.19
N MET N 36 -30.15 6.22 67.42
CA MET N 36 -30.43 7.59 67.78
C MET N 36 -31.78 7.68 68.48
N CYS N 37 -31.79 8.22 69.70
CA CYS N 37 -33.01 8.33 70.50
C CYS N 37 -33.83 9.53 70.03
N SER N 38 -34.86 9.86 70.83
CA SER N 38 -35.73 10.99 70.57
C SER N 38 -35.03 12.35 70.68
N ASN N 39 -34.15 12.45 71.68
CA ASN N 39 -33.42 13.68 71.98
C ASN N 39 -32.10 13.82 71.23
N GLY N 40 -31.80 12.85 70.37
CA GLY N 40 -30.56 12.84 69.60
C GLY N 40 -29.45 12.08 70.28
N ARG N 41 -29.69 11.63 71.50
CA ARG N 41 -28.71 10.82 72.21
C ARG N 41 -28.48 9.50 71.48
N CYS N 42 -27.23 9.18 71.22
CA CYS N 42 -26.85 7.96 70.52
C CYS N 42 -26.46 6.92 71.57
N ILE N 43 -27.29 5.88 71.71
CA ILE N 43 -26.99 4.76 72.58
C ILE N 43 -26.57 3.61 71.67
N PRO N 44 -25.81 2.61 72.15
CA PRO N 44 -25.41 1.49 71.28
C PRO N 44 -26.59 0.71 70.71
N GLY N 45 -26.38 0.17 69.51
CA GLY N 45 -27.45 -0.45 68.75
C GLY N 45 -27.98 -1.74 69.35
N ALA N 46 -27.22 -2.37 70.24
CA ALA N 46 -27.70 -3.56 70.94
C ALA N 46 -28.54 -3.21 72.14
N TRP N 47 -28.80 -1.93 72.40
CA TRP N 47 -29.66 -1.51 73.48
C TRP N 47 -31.07 -1.23 73.03
N GLN N 48 -31.38 -1.38 71.75
CA GLN N 48 -32.71 -1.14 71.24
C GLN N 48 -33.53 -2.41 71.34
N CYS N 49 -34.73 -2.28 71.93
CA CYS N 49 -35.64 -3.39 72.23
C CYS N 49 -34.96 -4.46 73.07
N ASP N 50 -34.59 -4.07 74.29
CA ASP N 50 -33.93 -4.97 75.22
C ASP N 50 -34.68 -5.13 76.53
N GLY N 51 -35.79 -4.42 76.72
CA GLY N 51 -36.53 -4.49 77.95
C GLY N 51 -36.04 -3.58 79.05
N LEU N 52 -35.11 -2.67 78.74
CA LEU N 52 -34.57 -1.75 79.72
C LEU N 52 -34.60 -0.33 79.12
N PRO N 53 -35.18 0.64 79.82
CA PRO N 53 -35.32 1.99 79.25
C PRO N 53 -34.02 2.79 79.36
N ASP N 54 -33.55 3.29 78.23
CA ASP N 54 -32.32 4.06 78.18
C ASP N 54 -32.48 5.46 77.59
N CYS N 55 -33.41 5.63 76.68
CA CYS N 55 -33.65 6.94 76.07
C CYS N 55 -34.83 7.62 76.75
N PHE N 56 -34.89 8.95 76.66
CA PHE N 56 -36.00 9.67 77.27
C PHE N 56 -37.27 9.23 76.56
N ASP N 57 -38.30 8.95 77.36
CA ASP N 57 -39.62 8.49 76.91
C ASP N 57 -39.62 7.12 76.22
N LYS N 58 -38.63 6.29 76.55
CA LYS N 58 -38.51 4.93 76.05
C LYS N 58 -38.55 4.75 74.53
N SER N 59 -37.87 5.60 73.76
CA SER N 59 -37.91 5.41 72.32
C SER N 59 -37.07 4.24 71.86
N ASP N 60 -36.26 3.66 72.73
CA ASP N 60 -35.67 2.36 72.50
C ASP N 60 -36.64 1.21 72.73
N GLU N 61 -37.82 1.52 73.27
CA GLU N 61 -38.84 0.51 73.59
C GLU N 61 -40.20 0.95 73.06
N LYS N 62 -40.24 1.38 71.79
CA LYS N 62 -41.50 1.73 71.15
C LYS N 62 -42.04 0.63 70.25
N GLU N 63 -41.26 0.20 69.26
CA GLU N 63 -41.72 -0.76 68.26
C GLU N 63 -40.77 -1.95 68.26
N CYS N 64 -41.19 -3.03 68.89
CA CYS N 64 -40.35 -4.20 69.07
C CYS N 64 -41.00 -5.46 68.51
N THR O 4 -24.84 -22.12 43.92
CA THR O 4 -25.35 -22.81 45.11
C THR O 4 -24.24 -23.55 45.84
N THR O 5 -24.48 -23.89 47.11
CA THR O 5 -23.48 -24.49 47.97
C THR O 5 -24.12 -25.60 48.80
N MET O 6 -23.51 -26.78 48.81
CA MET O 6 -24.03 -27.93 49.53
C MET O 6 -23.09 -28.30 50.66
N CYS O 7 -23.64 -28.45 51.86
CA CYS O 7 -22.87 -28.75 53.05
C CYS O 7 -22.89 -30.25 53.35
N LEU O 8 -22.11 -30.66 54.35
CA LEU O 8 -21.83 -32.07 54.59
C LEU O 8 -21.94 -32.42 56.07
N LEU O 9 -22.61 -33.54 56.35
CA LEU O 9 -22.48 -34.25 57.61
C LEU O 9 -22.02 -35.69 57.41
N ALA O 10 -22.34 -36.26 56.26
CA ALA O 10 -22.03 -37.61 55.83
C ALA O 10 -21.88 -37.52 54.32
N ASN O 11 -22.11 -38.62 53.61
CA ASN O 11 -22.30 -38.48 52.17
C ASN O 11 -23.74 -38.06 51.83
N VAL O 12 -24.24 -37.01 52.49
CA VAL O 12 -25.57 -36.45 52.27
C VAL O 12 -25.36 -34.96 52.03
N THR O 13 -25.34 -34.57 50.76
CA THR O 13 -25.11 -33.17 50.39
C THR O 13 -26.43 -32.42 50.53
N PHE O 14 -26.72 -31.97 51.73
CA PHE O 14 -27.92 -31.20 52.04
C PHE O 14 -27.70 -29.72 51.72
N PRO O 15 -28.76 -28.98 51.44
CA PRO O 15 -28.60 -27.52 51.23
C PRO O 15 -28.21 -26.83 52.53
N CYS O 16 -27.28 -25.87 52.41
CA CYS O 16 -26.69 -25.25 53.58
C CYS O 16 -27.65 -24.34 54.32
N ALA O 17 -28.71 -23.87 53.66
CA ALA O 17 -29.76 -23.14 54.37
C ALA O 17 -30.72 -24.05 55.12
N GLN O 18 -30.65 -25.36 54.90
CA GLN O 18 -31.58 -26.33 55.50
C GLN O 18 -30.77 -27.43 56.17
N PRO O 19 -30.39 -27.24 57.44
CA PRO O 19 -29.63 -28.27 58.16
C PRO O 19 -30.56 -29.30 58.76
N PRO O 20 -30.05 -30.48 59.13
CA PRO O 20 -30.92 -31.48 59.76
C PRO O 20 -31.03 -31.34 61.27
N ILE O 21 -30.12 -30.58 61.89
CA ILE O 21 -30.02 -30.50 63.35
C ILE O 21 -29.86 -29.05 63.79
N CYS O 22 -30.22 -28.80 65.06
CA CYS O 22 -30.11 -27.48 65.67
C CYS O 22 -29.54 -27.64 67.08
N TYR O 23 -28.94 -26.56 67.58
CA TYR O 23 -28.20 -26.65 68.85
C TYR O 23 -29.13 -26.79 70.04
N ASP O 24 -30.35 -26.24 69.96
CA ASP O 24 -31.29 -26.40 71.07
C ASP O 24 -31.88 -27.81 71.15
N ARG O 25 -31.57 -28.69 70.19
CA ARG O 25 -31.88 -30.11 70.27
C ARG O 25 -30.66 -30.94 70.67
N LYS O 26 -29.51 -30.68 70.06
CA LYS O 26 -28.31 -31.50 70.24
C LYS O 26 -27.16 -30.65 70.73
N PRO O 27 -26.45 -31.07 71.78
CA PRO O 27 -25.33 -30.26 72.30
C PRO O 27 -24.06 -30.33 71.44
N ALA O 28 -23.66 -31.51 71.00
CA ALA O 28 -22.36 -31.70 70.37
C ALA O 28 -22.41 -32.18 68.93
N GLU O 29 -23.56 -32.63 68.45
CA GLU O 29 -23.65 -33.07 67.05
C GLU O 29 -23.64 -31.88 66.10
N THR O 30 -24.21 -30.75 66.52
CA THR O 30 -24.15 -29.55 65.70
C THR O 30 -22.74 -29.00 65.64
N LEU O 31 -22.01 -29.10 66.74
CA LEU O 31 -20.63 -28.63 66.76
C LEU O 31 -19.75 -29.52 65.91
N ALA O 32 -20.06 -30.83 65.86
CA ALA O 32 -19.33 -31.74 64.99
C ALA O 32 -19.69 -31.53 63.52
N MET O 33 -20.93 -31.12 63.24
CA MET O 33 -21.29 -30.78 61.87
C MET O 33 -20.60 -29.50 61.41
N LEU O 34 -20.45 -28.54 62.32
CA LEU O 34 -19.69 -27.33 62.01
C LEU O 34 -18.18 -27.60 61.95
N SER O 35 -17.72 -28.69 62.58
CA SER O 35 -16.30 -29.01 62.63
C SER O 35 -15.74 -29.35 61.26
N VAL O 36 -16.45 -30.19 60.49
CA VAL O 36 -15.93 -30.69 59.24
C VAL O 36 -16.16 -29.70 58.10
N ASN O 37 -17.03 -28.70 58.29
CA ASN O 37 -17.45 -27.80 57.22
C ASN O 37 -16.87 -26.40 57.39
N VAL O 38 -15.67 -26.29 57.98
CA VAL O 38 -15.06 -24.98 58.20
C VAL O 38 -14.63 -24.35 56.88
N ASP O 39 -13.98 -25.14 56.03
CA ASP O 39 -13.56 -24.70 54.71
C ASP O 39 -14.79 -24.69 53.79
N ASN O 40 -15.57 -23.63 53.90
CA ASN O 40 -16.82 -23.55 53.16
C ASN O 40 -17.17 -22.08 52.96
N PRO O 41 -17.41 -21.65 51.71
CA PRO O 41 -17.86 -20.26 51.50
C PRO O 41 -19.27 -19.99 51.98
N GLY O 42 -20.10 -21.03 52.12
CA GLY O 42 -21.44 -20.86 52.66
C GLY O 42 -21.53 -21.27 54.11
N TYR O 43 -20.42 -21.13 54.84
CA TYR O 43 -20.38 -21.52 56.25
C TYR O 43 -21.23 -20.60 57.12
N ASP O 44 -21.35 -19.32 56.74
CA ASP O 44 -22.20 -18.43 57.51
C ASP O 44 -23.67 -18.77 57.32
N GLU O 45 -24.05 -19.22 56.12
CA GLU O 45 -25.41 -19.67 55.88
C GLU O 45 -25.73 -20.93 56.69
N LEU O 46 -24.82 -21.91 56.65
CA LEU O 46 -24.93 -23.10 57.48
C LEU O 46 -24.95 -22.77 58.96
N LEU O 47 -24.21 -21.73 59.35
CA LEU O 47 -24.12 -21.29 60.74
C LEU O 47 -25.45 -20.74 61.24
N GLU O 48 -25.94 -19.68 60.59
CA GLU O 48 -27.20 -19.06 61.00
C GLU O 48 -28.42 -19.90 60.69
N ALA O 49 -28.29 -20.95 59.87
CA ALA O 49 -29.37 -21.90 59.73
C ALA O 49 -29.27 -23.03 60.76
N ALA O 50 -28.06 -23.40 61.14
CA ALA O 50 -27.83 -24.49 62.08
C ALA O 50 -28.12 -24.10 63.50
N VAL O 51 -28.22 -22.81 63.81
CA VAL O 51 -28.78 -22.45 65.12
C VAL O 51 -30.28 -22.72 65.14
N LYS O 52 -31.03 -22.05 64.27
CA LYS O 52 -32.47 -21.91 64.46
C LYS O 52 -33.24 -23.01 63.75
N CYS O 53 -34.36 -23.39 64.36
CA CYS O 53 -35.28 -24.37 63.78
C CYS O 53 -36.51 -23.67 63.20
N SER P 1 -33.04 -7.77 65.61
CA SER P 1 -32.44 -9.06 65.30
C SER P 1 -31.14 -9.28 66.06
N THR P 2 -31.16 -9.02 67.36
CA THR P 2 -29.98 -9.26 68.19
C THR P 2 -29.83 -10.73 68.56
N GLU P 3 -30.92 -11.48 68.62
CA GLU P 3 -30.87 -12.88 69.01
C GLU P 3 -30.17 -13.74 67.95
N GLU P 4 -30.29 -13.35 66.68
CA GLU P 4 -29.53 -13.96 65.60
C GLU P 4 -28.03 -13.70 65.73
N LEU P 5 -27.65 -12.58 66.33
CA LEU P 5 -26.25 -12.25 66.56
C LEU P 5 -25.68 -13.03 67.74
N PHE P 6 -26.42 -13.07 68.85
CA PHE P 6 -25.95 -13.71 70.07
C PHE P 6 -25.92 -15.24 70.01
N ASN P 7 -26.43 -15.85 68.95
CA ASN P 7 -26.71 -17.28 69.02
C ASN P 7 -25.48 -18.14 68.82
N GLU P 8 -24.37 -17.55 68.42
CA GLU P 8 -23.16 -18.31 68.17
C GLU P 8 -22.22 -18.35 69.35
N TYR P 9 -22.30 -17.38 70.25
CA TYR P 9 -21.59 -17.49 71.51
C TYR P 9 -22.38 -18.32 72.51
N LYS P 10 -23.58 -18.78 72.14
CA LYS P 10 -24.28 -19.80 72.94
C LYS P 10 -23.57 -21.14 72.87
N LEU P 11 -22.77 -21.36 71.82
CA LEU P 11 -22.05 -22.61 71.66
C LEU P 11 -20.82 -22.66 72.55
N THR P 12 -20.46 -21.56 73.18
CA THR P 12 -19.20 -21.41 73.88
C THR P 12 -19.43 -21.20 75.38
N ARG P 13 -18.35 -21.41 76.13
CA ARG P 13 -18.35 -21.21 77.57
C ARG P 13 -17.19 -20.29 77.93
N PRO P 14 -17.29 -19.58 79.06
CA PRO P 14 -16.12 -18.87 79.57
C PRO P 14 -15.15 -19.85 80.22
N TYR P 15 -13.91 -19.42 80.37
CA TYR P 15 -12.87 -20.29 80.90
C TYR P 15 -11.99 -19.49 81.85
N MET P 16 -11.04 -20.16 82.46
CA MET P 16 -10.04 -19.51 83.30
C MET P 16 -8.70 -19.60 82.61
N ALA P 17 -7.90 -18.54 82.77
CA ALA P 17 -6.58 -18.49 82.17
C ALA P 17 -5.62 -17.89 83.18
N ARG P 18 -4.34 -17.93 82.82
CA ARG P 18 -3.29 -17.43 83.71
C ARG P 18 -3.12 -15.93 83.51
N CYS P 19 -3.34 -15.17 84.57
CA CYS P 19 -3.03 -13.76 84.60
C CYS P 19 -1.78 -13.55 85.44
N ILE P 20 -0.88 -12.67 84.97
CA ILE P 20 0.42 -12.52 85.60
C ILE P 20 0.36 -11.63 86.84
N ARG P 21 -0.55 -10.66 86.86
CA ARG P 21 -0.75 -9.80 88.01
C ARG P 21 -2.19 -9.96 88.46
N CYS P 22 -2.38 -10.52 89.64
CA CYS P 22 -3.70 -10.70 90.22
C CYS P 22 -3.75 -9.78 91.44
N ALA P 23 -4.73 -9.96 92.32
CA ALA P 23 -4.83 -9.11 93.49
C ALA P 23 -3.62 -9.25 94.42
N VAL P 24 -3.00 -10.42 94.49
CA VAL P 24 -1.83 -10.59 95.33
C VAL P 24 -0.61 -10.95 94.48
N GLY P 25 -0.69 -12.05 93.74
CA GLY P 25 0.46 -12.48 92.96
C GLY P 25 0.08 -12.95 91.58
N SER P 26 0.67 -14.06 91.16
CA SER P 26 0.32 -14.70 89.90
C SER P 26 -0.71 -15.79 90.18
N CYS P 27 -1.87 -15.70 89.52
CA CYS P 27 -2.96 -16.64 89.79
C CYS P 27 -3.53 -17.16 88.48
N HIS P 28 -4.64 -17.87 88.58
CA HIS P 28 -5.45 -18.29 87.45
C HIS P 28 -6.74 -17.50 87.51
N SER P 29 -7.01 -16.73 86.50
CA SER P 29 -8.06 -15.74 86.69
C SER P 29 -9.26 -16.03 85.79
N PRO P 30 -10.48 -15.77 86.26
CA PRO P 30 -11.65 -15.87 85.38
C PRO P 30 -11.82 -14.68 84.45
N ILE P 31 -11.07 -13.60 84.64
CA ILE P 31 -11.22 -12.39 83.83
C ILE P 31 -9.92 -12.07 83.12
N ALA P 32 -9.17 -13.10 82.74
CA ALA P 32 -7.89 -12.91 82.08
C ALA P 32 -8.06 -12.26 80.71
N ILE P 33 -6.99 -11.63 80.25
CA ILE P 33 -7.06 -10.72 79.11
C ILE P 33 -6.15 -11.27 78.03
N GLU P 34 -6.71 -11.46 76.83
CA GLU P 34 -5.98 -12.08 75.73
C GLU P 34 -5.30 -11.04 74.86
N ALA P 35 -6.00 -9.97 74.52
CA ALA P 35 -5.44 -8.91 73.69
C ALA P 35 -6.21 -7.63 73.94
N VAL P 36 -5.51 -6.51 73.77
CA VAL P 36 -6.13 -5.19 73.76
C VAL P 36 -5.80 -4.56 72.42
N LYS P 37 -6.81 -4.09 71.71
CA LYS P 37 -6.61 -3.39 70.46
C LYS P 37 -7.02 -1.94 70.64
N SER P 38 -6.13 -1.02 70.31
CA SER P 38 -6.41 0.41 70.39
C SER P 38 -5.91 1.06 69.11
N ASP P 39 -6.74 1.05 68.07
CA ASP P 39 -6.42 1.67 66.81
C ASP P 39 -7.54 2.53 66.28
N GLY P 40 -8.70 2.51 66.93
CA GLY P 40 -9.68 3.54 66.70
C GLY P 40 -9.21 4.86 67.25
N HIS P 41 -9.84 5.94 66.80
CA HIS P 41 -9.27 7.25 67.10
C HIS P 41 -9.59 7.74 68.51
N ASP P 42 -10.85 8.03 68.81
CA ASP P 42 -11.14 8.93 69.92
C ASP P 42 -11.24 8.21 71.26
N GLY P 43 -10.50 7.13 71.46
CA GLY P 43 -10.34 6.55 72.77
C GLY P 43 -11.04 5.25 73.00
N TYR P 44 -11.53 4.60 71.96
CA TYR P 44 -12.28 3.36 72.11
C TYR P 44 -11.34 2.18 71.88
N VAL P 45 -11.27 1.29 72.85
CA VAL P 45 -10.47 0.09 72.73
C VAL P 45 -11.41 -1.10 72.71
N ARG P 46 -10.85 -2.26 72.37
CA ARG P 46 -11.63 -3.49 72.28
C ARG P 46 -10.85 -4.62 72.92
N LEU P 47 -11.27 -5.03 74.10
CA LEU P 47 -10.60 -6.08 74.84
C LEU P 47 -11.17 -7.43 74.46
N GLN P 48 -10.31 -8.40 74.20
CA GLN P 48 -10.70 -9.79 74.15
C GLN P 48 -10.33 -10.45 75.47
N THR P 49 -11.32 -10.79 76.27
CA THR P 49 -11.10 -11.31 77.60
C THR P 49 -11.41 -12.80 77.63
N SER P 50 -11.22 -13.40 78.81
CA SER P 50 -11.54 -14.79 79.06
C SER P 50 -12.88 -14.95 79.73
N SER P 51 -13.75 -13.96 79.60
CA SER P 51 -15.11 -14.02 80.11
C SER P 51 -16.05 -13.80 78.94
N GLN P 52 -17.35 -13.88 79.19
CA GLN P 52 -18.32 -13.66 78.14
C GLN P 52 -19.38 -12.67 78.58
N TYR P 53 -19.95 -11.97 77.60
CA TYR P 53 -20.77 -10.80 77.83
C TYR P 53 -22.07 -10.92 77.06
N GLY P 54 -23.13 -10.38 77.63
CA GLY P 54 -24.42 -10.39 76.96
C GLY P 54 -25.20 -11.67 77.08
N LEU P 55 -24.72 -12.65 77.83
CA LEU P 55 -25.40 -13.92 78.04
C LEU P 55 -25.51 -14.16 79.53
N ASP P 56 -26.49 -14.97 79.92
CA ASP P 56 -26.67 -15.28 81.34
C ASP P 56 -25.91 -16.55 81.68
N SER P 57 -26.08 -17.05 82.91
CA SER P 57 -25.36 -18.22 83.37
C SER P 57 -25.82 -19.51 82.71
N SER P 58 -27.01 -19.51 82.10
CA SER P 58 -27.51 -20.69 81.40
C SER P 58 -27.00 -20.75 79.97
N GLY P 59 -27.21 -19.66 79.22
CA GLY P 59 -26.97 -19.68 77.80
C GLY P 59 -27.96 -18.79 77.07
N ASN P 60 -28.95 -18.30 77.80
CA ASN P 60 -29.94 -17.37 77.25
C ASN P 60 -29.37 -15.96 77.32
N LEU P 61 -30.22 -14.96 77.13
CA LEU P 61 -29.74 -13.60 76.95
C LEU P 61 -30.19 -12.70 78.08
N LYS P 62 -29.24 -12.23 78.89
CA LYS P 62 -29.50 -11.14 79.80
C LYS P 62 -28.67 -9.95 79.34
N GLY P 63 -29.20 -8.75 79.57
CA GLY P 63 -28.74 -7.54 78.92
C GLY P 63 -27.31 -7.09 79.18
N ARG P 64 -27.01 -6.70 80.41
CA ARG P 64 -25.69 -6.13 80.74
C ARG P 64 -25.05 -7.05 81.76
N THR P 65 -24.43 -8.13 81.31
CA THR P 65 -23.84 -9.09 82.23
C THR P 65 -22.47 -9.52 81.76
N MET P 66 -21.62 -9.86 82.73
CA MET P 66 -20.40 -10.60 82.49
C MET P 66 -20.63 -12.02 82.96
N ARG P 67 -20.29 -12.98 82.13
CA ARG P 67 -20.36 -14.40 82.46
C ARG P 67 -18.94 -14.93 82.58
N TYR P 68 -18.61 -15.53 83.72
CA TYR P 68 -17.26 -16.01 83.90
C TYR P 68 -17.28 -17.46 84.38
N ASP P 69 -16.09 -18.02 84.57
CA ASP P 69 -15.92 -19.42 84.95
C ASP P 69 -15.24 -19.45 86.30
N MET P 70 -15.92 -19.94 87.33
CA MET P 70 -15.34 -19.99 88.66
C MET P 70 -15.14 -21.46 89.06
N HIS P 71 -13.97 -21.99 88.70
CA HIS P 71 -13.52 -23.35 89.04
C HIS P 71 -14.47 -24.41 88.50
N GLY P 72 -15.01 -24.17 87.31
CA GLY P 72 -15.91 -25.09 86.65
C GLY P 72 -17.35 -24.67 86.64
N THR P 73 -17.83 -24.06 87.73
CA THR P 73 -19.21 -23.62 87.82
C THR P 73 -19.32 -22.20 87.27
N ILE P 74 -20.15 -22.04 86.25
CA ILE P 74 -20.29 -20.76 85.56
C ILE P 74 -21.16 -19.83 86.38
N LYS P 75 -20.63 -18.65 86.70
CA LYS P 75 -21.32 -17.65 87.50
C LYS P 75 -21.55 -16.39 86.68
N GLU P 76 -22.21 -15.41 87.29
CA GLU P 76 -22.51 -14.17 86.58
C GLU P 76 -22.69 -13.03 87.57
N ILE P 77 -22.43 -11.82 87.07
CA ILE P 77 -22.65 -10.56 87.79
C ILE P 77 -23.16 -9.52 86.80
N PRO P 78 -23.76 -8.44 87.29
CA PRO P 78 -24.08 -7.33 86.39
C PRO P 78 -22.83 -6.63 85.88
N LEU P 79 -23.00 -5.88 84.80
CA LEU P 79 -21.86 -5.26 84.14
C LEU P 79 -21.35 -4.07 84.93
N HIS P 80 -22.21 -3.40 85.69
CA HIS P 80 -21.80 -2.22 86.42
C HIS P 80 -21.02 -2.55 87.70
N GLN P 81 -20.76 -3.83 87.97
CA GLN P 81 -19.80 -4.18 89.00
C GLN P 81 -18.38 -4.27 88.47
N VAL P 82 -18.22 -4.46 87.17
CA VAL P 82 -16.90 -4.59 86.55
C VAL P 82 -16.40 -3.21 86.15
N SER P 83 -15.18 -2.88 86.55
CA SER P 83 -14.56 -1.62 86.20
C SER P 83 -13.15 -1.87 85.71
N LEU P 84 -12.69 -1.08 84.74
CA LEU P 84 -11.32 -1.18 84.29
C LEU P 84 -10.73 0.21 84.09
N TYR P 85 -9.40 0.26 84.06
CA TYR P 85 -8.69 1.53 84.10
C TYR P 85 -7.29 1.36 83.53
N THR P 86 -6.83 2.36 82.78
CA THR P 86 -5.47 2.34 82.25
C THR P 86 -4.53 3.19 83.08
N SER P 87 -4.81 4.49 83.07
CA SER P 87 -4.24 5.46 84.01
C SER P 87 -5.34 6.09 84.83
N ARG P 88 -6.35 6.60 84.18
CA ARG P 88 -7.63 7.05 84.66
C ARG P 88 -8.62 5.90 84.52
N PRO P 89 -9.78 5.97 85.17
CA PRO P 89 -10.82 4.97 84.92
C PRO P 89 -11.35 5.02 83.49
N CYS P 90 -11.54 3.85 82.91
CA CYS P 90 -12.21 3.68 81.63
C CYS P 90 -13.71 3.49 81.84
N HIS P 91 -14.46 3.59 80.75
CA HIS P 91 -15.91 3.49 80.80
C HIS P 91 -16.37 2.38 79.86
N ILE P 92 -16.92 1.32 80.43
CA ILE P 92 -17.38 0.19 79.63
C ILE P 92 -18.66 0.57 78.90
N VAL P 93 -18.70 0.31 77.59
CA VAL P 93 -19.84 0.69 76.79
C VAL P 93 -20.77 -0.50 76.57
N ASP P 94 -20.28 -1.57 75.94
CA ASP P 94 -21.11 -2.74 75.69
C ASP P 94 -20.21 -3.97 75.67
N GLY P 95 -20.84 -5.14 75.56
CA GLY P 95 -20.11 -6.39 75.44
C GLY P 95 -20.88 -7.37 74.58
N HIS P 96 -20.14 -8.27 73.94
CA HIS P 96 -20.74 -9.27 73.06
C HIS P 96 -19.77 -10.42 72.91
N GLY P 97 -20.08 -11.57 73.48
CA GLY P 97 -19.20 -12.71 73.34
C GLY P 97 -17.98 -12.54 74.21
N TYR P 98 -16.81 -12.92 73.73
CA TYR P 98 -15.57 -12.74 74.49
C TYR P 98 -15.03 -11.32 74.45
N PHE P 99 -15.77 -10.37 73.89
CA PHE P 99 -15.21 -9.07 73.54
C PHE P 99 -15.90 -7.96 74.30
N LEU P 100 -15.13 -6.95 74.70
CA LEU P 100 -15.64 -5.81 75.44
C LEU P 100 -15.15 -4.54 74.76
N LEU P 101 -15.97 -3.50 74.83
CA LEU P 101 -15.67 -2.22 74.21
C LEU P 101 -15.68 -1.15 75.29
N ALA P 102 -14.57 -0.44 75.45
CA ALA P 102 -14.46 0.57 76.49
C ALA P 102 -13.92 1.86 75.90
N ARG P 103 -14.20 2.96 76.58
CA ARG P 103 -13.67 4.28 76.23
C ARG P 103 -12.54 4.60 77.18
N CYS P 104 -11.31 4.42 76.74
CA CYS P 104 -10.17 4.45 77.63
C CYS P 104 -9.23 5.61 77.35
N PRO P 105 -8.54 6.11 78.37
CA PRO P 105 -7.43 7.04 78.14
C PRO P 105 -6.15 6.28 77.84
N ALA P 106 -5.12 7.04 77.49
CA ALA P 106 -3.85 6.43 77.11
C ALA P 106 -3.13 5.91 78.34
N GLY P 107 -2.50 4.76 78.21
CA GLY P 107 -1.75 4.21 79.31
C GLY P 107 -1.02 2.95 78.91
N ASP P 108 -0.04 2.60 79.72
CA ASP P 108 0.83 1.47 79.44
C ASP P 108 0.37 0.16 80.08
N SER P 109 -0.86 0.10 80.58
CA SER P 109 -1.39 -1.12 81.16
C SER P 109 -2.91 -1.08 81.13
N ILE P 110 -3.50 -2.27 81.28
CA ILE P 110 -4.93 -2.48 81.45
C ILE P 110 -5.13 -3.30 82.71
N THR P 111 -6.08 -2.90 83.55
CA THR P 111 -6.42 -3.64 84.75
C THR P 111 -7.93 -3.71 84.87
N MET P 112 -8.48 -4.92 84.79
CA MET P 112 -9.90 -5.18 84.96
C MET P 112 -10.13 -5.84 86.31
N GLU P 113 -11.16 -5.42 87.02
CA GLU P 113 -11.45 -5.95 88.33
C GLU P 113 -12.94 -5.93 88.58
N PHE P 114 -13.41 -6.95 89.31
CA PHE P 114 -14.77 -6.97 89.84
C PHE P 114 -14.69 -7.44 91.28
N LYS P 115 -15.73 -7.13 92.04
CA LYS P 115 -15.76 -7.42 93.46
C LYS P 115 -16.93 -8.33 93.77
N LYS P 116 -16.62 -9.51 94.29
CA LYS P 116 -17.57 -10.46 94.86
C LYS P 116 -17.68 -10.11 96.36
N ASP P 117 -18.18 -11.02 97.20
CA ASP P 117 -18.48 -10.73 98.60
C ASP P 117 -17.26 -10.27 99.38
N SER P 118 -16.29 -11.15 99.58
CA SER P 118 -15.05 -10.76 100.24
C SER P 118 -13.82 -11.14 99.42
N VAL P 119 -14.02 -11.56 98.17
CA VAL P 119 -12.94 -11.89 97.26
C VAL P 119 -12.89 -10.81 96.20
N ARG P 120 -11.73 -10.19 96.02
CA ARG P 120 -11.51 -9.23 94.95
C ARG P 120 -10.71 -9.89 93.85
N HIS P 121 -11.22 -9.83 92.63
CA HIS P 121 -10.57 -10.40 91.46
C HIS P 121 -9.98 -9.26 90.64
N SER P 122 -8.79 -9.47 90.10
CA SER P 122 -8.14 -8.49 89.25
C SER P 122 -7.25 -9.19 88.24
N CYS P 123 -6.92 -8.46 87.17
CA CYS P 123 -6.00 -8.96 86.17
C CYS P 123 -5.38 -7.77 85.47
N SER P 124 -4.10 -7.51 85.75
CA SER P 124 -3.34 -6.46 85.10
C SER P 124 -2.46 -7.08 84.03
N VAL P 125 -2.47 -6.49 82.84
CA VAL P 125 -1.63 -6.96 81.75
C VAL P 125 -0.74 -5.83 81.25
N PRO P 126 0.50 -6.10 80.88
CA PRO P 126 1.37 -5.07 80.31
C PRO P 126 1.11 -4.82 78.83
N TYR P 127 -0.09 -4.31 78.53
CA TYR P 127 -0.51 -4.07 77.16
C TYR P 127 -0.69 -2.58 76.97
N GLU P 128 0.02 -2.02 76.02
CA GLU P 128 0.00 -0.58 75.81
C GLU P 128 -1.32 -0.15 75.17
N VAL P 129 -1.90 0.91 75.70
CA VAL P 129 -3.14 1.49 75.18
C VAL P 129 -2.83 2.93 74.80
N LYS P 130 -3.05 3.27 73.53
CA LYS P 130 -2.72 4.60 73.06
C LYS P 130 -3.99 5.37 72.71
N PHE P 131 -3.84 6.69 72.62
CA PHE P 131 -4.92 7.58 72.23
C PHE P 131 -4.52 8.23 70.91
N ASN P 132 -5.40 8.12 69.91
CA ASN P 132 -5.08 8.58 68.57
C ASN P 132 -5.91 9.80 68.19
N PRO P 133 -5.33 10.99 68.09
CA PRO P 133 -6.10 12.15 67.65
C PRO P 133 -6.42 12.09 66.16
N VAL P 134 -7.38 12.90 65.77
CA VAL P 134 -7.74 13.09 64.38
C VAL P 134 -7.30 14.50 63.98
N GLY P 135 -6.72 14.63 62.81
CA GLY P 135 -6.42 15.95 62.29
C GLY P 135 -5.04 16.42 62.67
N ARG P 136 -4.79 17.69 62.38
CA ARG P 136 -3.48 18.29 62.56
C ARG P 136 -3.36 19.04 63.88
N GLU P 137 -4.25 18.80 64.84
CA GLU P 137 -4.19 19.43 66.15
C GLU P 137 -4.25 18.32 67.19
N LEU P 138 -3.21 18.20 68.00
CA LEU P 138 -2.99 17.02 68.82
C LEU P 138 -3.55 17.25 70.21
N TYR P 139 -4.81 16.91 70.39
CA TYR P 139 -5.48 16.97 71.68
C TYR P 139 -5.23 15.68 72.46
N THR P 140 -5.84 15.58 73.64
CA THR P 140 -5.66 14.43 74.52
C THR P 140 -7.03 14.00 75.04
N HIS P 141 -7.98 14.94 75.01
CA HIS P 141 -9.36 14.68 75.34
C HIS P 141 -10.15 15.28 74.19
N PRO P 142 -11.16 14.57 73.67
CA PRO P 142 -11.87 15.05 72.49
C PRO P 142 -12.66 16.30 72.82
N PRO P 143 -12.71 17.26 71.89
CA PRO P 143 -13.19 18.60 72.22
C PRO P 143 -14.69 18.71 72.38
N GLU P 144 -15.17 19.94 72.54
CA GLU P 144 -16.59 20.22 72.66
C GLU P 144 -17.19 20.73 71.37
N HIS P 145 -16.42 21.45 70.57
CA HIS P 145 -16.91 22.03 69.34
C HIS P 145 -15.76 22.18 68.36
N GLY P 146 -16.09 22.20 67.07
CA GLY P 146 -15.10 22.35 66.02
C GLY P 146 -15.68 22.05 64.66
N VAL P 147 -14.99 21.23 63.88
CA VAL P 147 -15.48 20.74 62.60
C VAL P 147 -15.42 19.23 62.62
N GLU P 148 -15.88 18.61 61.54
CA GLU P 148 -15.96 17.17 61.49
C GLU P 148 -15.19 16.41 60.41
N GLN P 149 -14.02 15.89 60.78
CA GLN P 149 -13.25 15.04 59.90
C GLN P 149 -13.84 13.65 59.90
N ALA P 150 -13.58 12.92 58.82
CA ALA P 150 -13.87 11.49 58.82
C ALA P 150 -12.83 10.76 59.66
N CYS P 151 -13.27 9.66 60.27
CA CYS P 151 -12.38 8.90 61.14
C CYS P 151 -12.71 7.43 61.03
N GLN P 152 -12.09 6.64 61.90
CA GLN P 152 -12.24 5.19 61.95
C GLN P 152 -12.25 4.77 63.41
N VAL P 153 -13.44 4.52 63.95
CA VAL P 153 -13.58 4.10 65.34
C VAL P 153 -14.23 2.73 65.37
N TYR P 154 -14.06 2.03 66.50
CA TYR P 154 -14.68 0.72 66.65
C TYR P 154 -16.18 0.89 66.79
N ALA P 155 -16.93 0.21 65.93
CA ALA P 155 -18.39 0.36 65.89
C ALA P 155 -19.03 -0.22 67.14
N HIS P 156 -20.14 0.35 67.55
CA HIS P 156 -20.73 0.01 68.83
C HIS P 156 -21.71 -1.14 68.78
N ASP P 157 -22.14 -1.57 67.60
CA ASP P 157 -23.04 -2.70 67.52
C ASP P 157 -22.27 -3.97 67.20
N ALA P 158 -22.93 -5.12 67.36
CA ALA P 158 -22.29 -6.41 67.23
C ALA P 158 -22.57 -7.06 65.88
N GLN P 159 -22.70 -6.25 64.82
CA GLN P 159 -23.10 -6.73 63.50
C GLN P 159 -22.08 -7.70 62.91
N ASN P 160 -22.59 -8.78 62.33
CA ASN P 160 -21.76 -9.80 61.71
C ASN P 160 -21.09 -9.22 60.47
N ARG P 161 -19.76 -9.14 60.51
CA ARG P 161 -18.96 -8.69 59.37
C ARG P 161 -17.94 -9.74 59.03
N GLY P 162 -17.10 -9.47 58.03
CA GLY P 162 -16.19 -10.49 57.57
C GLY P 162 -14.88 -10.57 58.31
N ALA P 163 -14.93 -10.90 59.60
CA ALA P 163 -13.73 -11.12 60.39
C ALA P 163 -14.06 -12.14 61.46
N TYR P 164 -13.19 -13.13 61.63
CA TYR P 164 -13.52 -14.29 62.43
C TYR P 164 -12.38 -14.64 63.39
N VAL P 165 -12.74 -15.35 64.47
CA VAL P 165 -11.79 -16.06 65.31
C VAL P 165 -12.20 -17.52 65.36
N GLU P 166 -11.30 -18.36 65.84
CA GLU P 166 -11.33 -19.79 65.60
C GLU P 166 -11.57 -20.53 66.92
N MET P 167 -12.60 -21.36 66.94
CA MET P 167 -13.02 -22.08 68.13
C MET P 167 -12.67 -23.56 68.04
N HIS P 168 -12.59 -24.21 69.20
CA HIS P 168 -11.96 -25.52 69.29
C HIS P 168 -12.57 -26.34 70.43
N LEU P 169 -12.20 -27.62 70.46
CA LEU P 169 -12.50 -28.47 71.60
C LEU P 169 -11.76 -27.99 72.84
N PRO P 170 -12.44 -27.81 73.97
CA PRO P 170 -11.73 -27.69 75.23
C PRO P 170 -11.04 -29.00 75.60
N GLY P 171 -9.81 -28.89 76.06
CA GLY P 171 -9.04 -30.05 76.45
C GLY P 171 -9.38 -30.52 77.85
N SER P 172 -8.53 -31.41 78.36
CA SER P 172 -8.77 -32.07 79.63
C SER P 172 -8.36 -31.16 80.77
N GLU P 173 -9.33 -30.42 81.30
CA GLU P 173 -9.09 -29.56 82.45
C GLU P 173 -8.97 -30.43 83.69
N VAL P 174 -7.75 -30.58 84.21
CA VAL P 174 -7.52 -31.48 85.33
C VAL P 174 -8.11 -30.87 86.60
N ASP P 175 -8.50 -31.74 87.52
CA ASP P 175 -9.09 -31.33 88.78
C ASP P 175 -8.46 -32.17 89.88
N SER P 176 -8.58 -31.68 91.10
CA SER P 176 -8.16 -32.42 92.28
C SER P 176 -9.16 -32.32 93.42
N SER P 177 -10.25 -31.56 93.25
CA SER P 177 -11.36 -31.65 94.16
C SER P 177 -12.19 -32.91 93.92
N LEU P 178 -11.98 -33.57 92.78
CA LEU P 178 -12.63 -34.85 92.54
C LEU P 178 -11.98 -35.94 93.37
N VAL P 179 -10.67 -36.12 93.25
CA VAL P 179 -9.98 -37.23 93.89
C VAL P 179 -9.90 -36.99 95.39
N SER P 180 -10.18 -38.05 96.16
CA SER P 180 -10.13 -38.00 97.61
C SER P 180 -9.69 -39.36 98.10
N LEU P 181 -9.38 -39.43 99.39
CA LEU P 181 -8.98 -40.69 100.01
C LEU P 181 -10.17 -41.40 100.63
N SER P 182 -10.16 -42.72 100.55
CA SER P 182 -10.94 -43.56 101.43
C SER P 182 -10.16 -43.75 102.72
N GLY P 183 -10.62 -44.65 103.58
CA GLY P 183 -9.83 -45.00 104.76
C GLY P 183 -8.56 -45.75 104.43
N SER P 184 -8.52 -46.42 103.29
CA SER P 184 -7.32 -47.16 102.88
C SER P 184 -6.99 -47.05 101.40
N SER P 185 -7.79 -46.36 100.59
CA SER P 185 -7.58 -46.37 99.15
C SER P 185 -7.82 -44.97 98.60
N VAL P 186 -7.94 -44.89 97.28
CA VAL P 186 -8.11 -43.63 96.56
C VAL P 186 -9.48 -43.63 95.89
N THR P 187 -10.21 -42.54 96.06
CA THR P 187 -11.61 -42.44 95.68
C THR P 187 -11.80 -41.28 94.72
N VAL P 188 -12.37 -41.56 93.55
CA VAL P 188 -12.66 -40.54 92.54
C VAL P 188 -14.16 -40.39 92.41
N THR P 189 -14.65 -39.16 92.58
CA THR P 189 -16.08 -38.85 92.50
C THR P 189 -16.32 -37.86 91.37
N PRO P 190 -16.60 -38.33 90.15
CA PRO P 190 -16.93 -37.42 89.07
C PRO P 190 -18.29 -36.76 89.31
N PRO P 191 -18.48 -35.55 88.79
CA PRO P 191 -19.77 -34.87 89.00
C PRO P 191 -20.85 -35.43 88.10
N ASP P 192 -22.09 -35.11 88.46
CA ASP P 192 -23.25 -35.68 87.79
C ASP P 192 -23.43 -35.09 86.39
N GLY P 193 -23.71 -35.97 85.44
CA GLY P 193 -23.80 -35.55 84.05
C GLY P 193 -22.48 -35.15 83.44
N THR P 194 -21.38 -35.66 83.97
CA THR P 194 -20.05 -35.31 83.49
C THR P 194 -19.12 -36.48 83.73
N SER P 195 -18.43 -36.90 82.67
CA SER P 195 -17.52 -38.03 82.76
C SER P 195 -16.08 -37.57 83.01
N ALA P 196 -15.44 -38.19 83.98
CA ALA P 196 -14.03 -37.95 84.25
C ALA P 196 -13.21 -39.10 83.69
N LEU P 197 -11.90 -38.93 83.71
CA LEU P 197 -10.99 -40.04 83.44
C LEU P 197 -9.80 -39.94 84.36
N VAL P 198 -9.26 -41.08 84.74
CA VAL P 198 -8.27 -41.17 85.81
C VAL P 198 -7.03 -41.87 85.27
N GLU P 199 -5.87 -41.27 85.52
CA GLU P 199 -4.58 -41.88 85.23
C GLU P 199 -3.79 -41.98 86.52
N CYS P 200 -3.33 -43.19 86.84
CA CYS P 200 -2.56 -43.43 88.04
C CYS P 200 -1.26 -44.14 87.69
N GLU P 201 -0.37 -44.24 88.67
CA GLU P 201 0.92 -44.90 88.50
C GLU P 201 1.25 -45.70 89.76
N CYS P 202 0.27 -46.44 90.27
CA CYS P 202 0.50 -47.16 91.51
C CYS P 202 0.64 -48.67 91.32
N GLY P 203 0.18 -49.21 90.20
CA GLY P 203 0.46 -50.60 89.86
C GLY P 203 1.56 -50.66 88.83
N GLY P 204 1.17 -50.81 87.57
CA GLY P 204 2.07 -50.59 86.47
C GLY P 204 1.74 -49.27 85.79
N THR P 205 1.06 -49.35 84.66
CA THR P 205 0.47 -48.19 84.01
C THR P 205 -1.04 -48.39 84.00
N LYS P 206 -1.75 -47.52 84.71
CA LYS P 206 -3.18 -47.66 84.93
C LYS P 206 -3.89 -46.45 84.34
N ILE P 207 -5.08 -46.68 83.76
CA ILE P 207 -5.87 -45.65 83.09
C ILE P 207 -7.32 -46.14 83.00
N SER P 208 -8.27 -45.22 83.18
CA SER P 208 -9.68 -45.58 83.12
C SER P 208 -10.49 -44.34 82.76
N GLU P 209 -11.61 -44.54 82.07
CA GLU P 209 -12.64 -43.51 81.92
C GLU P 209 -13.87 -43.95 82.70
N THR P 210 -14.28 -43.15 83.68
CA THR P 210 -15.41 -43.49 84.52
C THR P 210 -16.53 -42.49 84.33
N ILE P 211 -17.75 -42.93 84.62
CA ILE P 211 -18.97 -42.16 84.40
C ILE P 211 -19.86 -42.31 85.62
N ASN P 212 -20.14 -41.20 86.30
CA ASN P 212 -21.25 -41.03 87.23
C ASN P 212 -21.14 -41.96 88.45
N LYS P 213 -19.94 -42.42 88.78
CA LYS P 213 -19.77 -43.43 89.80
C LYS P 213 -18.62 -43.05 90.72
N THR P 214 -18.87 -43.10 92.02
CA THR P 214 -17.82 -43.00 93.02
C THR P 214 -17.02 -44.29 92.92
N LYS P 215 -15.90 -44.22 92.20
CA LYS P 215 -15.17 -45.41 91.79
C LYS P 215 -13.81 -45.46 92.47
N GLN P 216 -13.67 -46.36 93.44
CA GLN P 216 -12.40 -46.52 94.15
C GLN P 216 -11.46 -47.37 93.32
N PHE P 217 -10.20 -47.36 93.73
CA PHE P 217 -9.18 -48.17 93.07
C PHE P 217 -8.26 -48.75 94.14
N SER P 218 -8.02 -50.05 94.07
CA SER P 218 -7.05 -50.67 94.96
C SER P 218 -5.65 -50.40 94.46
N GLN P 219 -4.67 -50.73 95.31
CA GLN P 219 -3.21 -50.64 95.13
C GLN P 219 -2.69 -49.21 95.04
N CYS P 220 -3.55 -48.20 95.07
CA CYS P 220 -3.13 -46.81 95.16
C CYS P 220 -3.32 -46.35 96.60
N THR P 221 -2.22 -45.95 97.24
CA THR P 221 -2.29 -45.51 98.63
C THR P 221 -2.46 -44.00 98.72
N LYS P 222 -1.50 -43.25 98.17
CA LYS P 222 -1.53 -41.80 98.23
C LYS P 222 -2.19 -41.24 96.99
N LYS P 223 -2.98 -40.17 97.18
CA LYS P 223 -3.67 -39.52 96.08
C LYS P 223 -2.81 -38.52 95.34
N GLU P 224 -1.51 -38.47 95.63
CA GLU P 224 -0.58 -37.72 94.82
C GLU P 224 -0.27 -38.42 93.51
N GLN P 225 -0.58 -39.70 93.40
CA GLN P 225 -0.23 -40.51 92.24
C GLN P 225 -1.36 -40.61 91.23
N CYS P 226 -2.45 -39.88 91.40
CA CYS P 226 -3.61 -40.02 90.53
C CYS P 226 -4.14 -38.65 90.15
N ARG P 227 -4.32 -38.43 88.84
CA ARG P 227 -4.80 -37.17 88.31
C ARG P 227 -6.16 -37.39 87.67
N ALA P 228 -7.16 -36.68 88.17
CA ALA P 228 -8.54 -36.85 87.71
C ALA P 228 -8.89 -35.69 86.79
N TYR P 229 -8.96 -35.97 85.50
CA TYR P 229 -9.25 -34.96 84.49
C TYR P 229 -10.76 -34.75 84.42
N ARG P 230 -11.20 -33.82 83.57
CA ARG P 230 -12.61 -33.51 83.39
C ARG P 230 -12.89 -33.32 81.90
N LEU P 231 -14.09 -33.70 81.48
CA LEU P 231 -14.41 -33.77 80.06
C LEU P 231 -15.73 -33.07 79.77
N GLN P 232 -15.74 -32.25 78.71
CA GLN P 232 -16.96 -31.61 78.21
C GLN P 232 -16.87 -31.63 76.69
N ASN P 233 -17.65 -32.51 76.07
CA ASN P 233 -17.63 -32.65 74.62
C ASN P 233 -18.28 -31.45 73.92
N ASP P 234 -19.34 -30.89 74.50
CA ASP P 234 -19.96 -29.69 73.98
C ASP P 234 -19.18 -28.46 74.44
N LYS P 235 -19.78 -27.27 74.25
CA LYS P 235 -19.31 -26.02 74.84
C LYS P 235 -17.89 -25.63 74.44
N TRP P 236 -17.73 -25.14 73.21
CA TRP P 236 -16.49 -24.60 72.67
C TRP P 236 -15.74 -23.63 73.58
N VAL P 237 -14.42 -23.54 73.39
CA VAL P 237 -13.61 -22.46 73.96
C VAL P 237 -12.90 -21.78 72.80
N TYR P 238 -12.20 -20.70 73.12
CA TYR P 238 -11.33 -20.04 72.16
C TYR P 238 -10.02 -20.81 72.02
N ASN P 239 -9.38 -20.67 70.87
CA ASN P 239 -8.04 -21.19 70.65
C ASN P 239 -7.01 -20.39 71.44
N SER P 240 -7.00 -20.54 72.76
CA SER P 240 -6.10 -19.77 73.59
C SER P 240 -4.78 -20.51 73.78
N ASP P 241 -3.72 -19.75 74.01
CA ASP P 241 -2.48 -20.38 74.41
C ASP P 241 -2.41 -20.65 75.90
N LYS P 242 -3.37 -20.15 76.68
CA LYS P 242 -3.36 -20.39 78.11
C LYS P 242 -4.13 -21.64 78.50
N LEU P 243 -4.69 -22.35 77.53
CA LEU P 243 -5.43 -23.59 77.70
C LEU P 243 -4.66 -24.71 77.01
N PRO P 244 -4.73 -25.94 77.50
CA PRO P 244 -4.23 -27.07 76.73
C PRO P 244 -5.28 -27.54 75.75
N LYS P 245 -4.83 -28.32 74.77
CA LYS P 245 -5.72 -28.73 73.68
C LYS P 245 -6.03 -30.21 73.75
N ALA P 246 -7.00 -30.61 72.91
CA ALA P 246 -7.48 -31.98 72.84
C ALA P 246 -6.60 -32.79 71.90
N ALA P 247 -7.06 -33.99 71.54
CA ALA P 247 -6.27 -34.92 70.74
C ALA P 247 -7.01 -35.23 69.44
N GLY P 248 -6.53 -34.65 68.34
CA GLY P 248 -6.98 -35.00 67.01
C GLY P 248 -7.81 -33.93 66.32
N ALA P 249 -7.13 -33.13 65.50
CA ALA P 249 -7.63 -32.16 64.51
C ALA P 249 -8.35 -30.96 65.09
N THR P 250 -8.78 -31.04 66.35
CA THR P 250 -8.98 -29.94 67.31
C THR P 250 -10.06 -28.93 66.93
N LEU P 251 -10.52 -28.91 65.68
CA LEU P 251 -11.23 -27.77 65.14
C LEU P 251 -12.72 -28.03 65.14
N LYS P 252 -13.51 -27.04 65.55
CA LYS P 252 -14.95 -27.20 65.59
C LYS P 252 -15.74 -26.08 64.94
N GLY P 253 -15.13 -24.95 64.60
CA GLY P 253 -15.84 -23.91 63.89
C GLY P 253 -15.12 -22.58 64.02
N LYS P 254 -15.83 -21.53 63.63
CA LYS P 254 -15.34 -20.17 63.76
C LYS P 254 -16.50 -19.23 64.02
N LEU P 255 -16.24 -18.18 64.79
CA LEU P 255 -17.25 -17.21 65.17
C LEU P 255 -16.83 -15.83 64.70
N HIS P 256 -17.82 -14.96 64.51
CA HIS P 256 -17.49 -13.61 64.10
C HIS P 256 -17.12 -12.79 65.32
N VAL P 257 -16.40 -11.70 65.09
CA VAL P 257 -15.96 -10.80 66.14
C VAL P 257 -16.84 -9.55 66.10
N PRO P 258 -17.35 -9.07 67.24
CA PRO P 258 -18.13 -7.85 67.24
C PRO P 258 -17.21 -6.64 67.32
N PHE P 259 -17.82 -5.48 67.09
CA PHE P 259 -17.22 -4.16 67.24
C PHE P 259 -15.98 -4.02 66.36
N LEU P 260 -16.18 -4.06 65.06
CA LEU P 260 -15.06 -3.88 64.16
C LEU P 260 -14.84 -2.41 63.84
N LEU P 261 -13.68 -2.12 63.28
CA LEU P 261 -13.29 -0.75 62.98
C LEU P 261 -14.00 -0.31 61.71
N ALA P 262 -14.94 0.62 61.85
CA ALA P 262 -15.71 1.11 60.72
C ALA P 262 -15.39 2.58 60.49
N ASP P 263 -15.74 3.06 59.30
CA ASP P 263 -15.58 4.48 58.99
C ASP P 263 -16.65 5.28 59.71
N GLY P 264 -16.28 6.45 60.20
CA GLY P 264 -17.24 7.31 60.88
C GLY P 264 -17.01 8.78 60.69
N LYS P 265 -17.54 9.58 61.60
CA LYS P 265 -17.31 11.01 61.66
C LYS P 265 -16.87 11.39 63.07
N CYS P 266 -15.84 12.21 63.16
CA CYS P 266 -15.29 12.63 64.43
C CYS P 266 -15.16 14.15 64.45
N THR P 267 -15.41 14.74 65.61
CA THR P 267 -15.30 16.17 65.79
C THR P 267 -13.87 16.50 66.22
N VAL P 268 -13.26 17.48 65.54
CA VAL P 268 -11.88 17.85 65.82
C VAL P 268 -11.87 19.33 66.20
N PRO P 269 -10.89 19.81 66.97
CA PRO P 269 -10.90 21.23 67.34
C PRO P 269 -10.51 22.10 66.17
N LEU P 270 -10.56 23.40 66.43
CA LEU P 270 -10.27 24.40 65.41
C LEU P 270 -9.40 25.46 66.07
N ALA P 271 -8.17 25.62 65.59
CA ALA P 271 -7.19 26.45 66.26
C ALA P 271 -7.57 27.92 66.15
N PRO P 272 -7.16 28.76 67.11
CA PRO P 272 -7.39 30.20 67.00
C PRO P 272 -6.78 30.77 65.73
N GLU P 273 -7.47 31.74 65.17
CA GLU P 273 -7.17 32.23 63.84
C GLU P 273 -5.83 32.96 63.84
N PRO P 274 -4.95 32.68 62.90
CA PRO P 274 -3.64 33.34 62.92
C PRO P 274 -3.77 34.80 62.52
N MET P 275 -2.90 35.62 63.09
CA MET P 275 -2.88 37.04 62.81
C MET P 275 -1.77 37.31 61.79
N ILE P 276 -2.18 37.75 60.60
CA ILE P 276 -1.30 37.76 59.44
C ILE P 276 -0.90 39.20 59.15
N THR P 277 0.39 39.46 59.13
CA THR P 277 0.95 40.77 58.81
C THR P 277 1.62 40.70 57.45
N PHE P 278 1.22 41.59 56.55
CA PHE P 278 1.67 41.54 55.17
C PHE P 278 2.74 42.59 54.90
N GLY P 279 3.66 42.24 54.01
CA GLY P 279 4.70 43.16 53.61
C GLY P 279 5.07 42.89 52.18
N PHE P 280 6.04 43.66 51.68
CA PHE P 280 6.52 43.49 50.32
C PHE P 280 7.18 42.14 50.13
N ARG P 281 6.47 41.25 49.42
CA ARG P 281 6.91 39.88 49.13
C ARG P 281 7.25 39.10 50.39
N SER P 282 6.42 39.24 51.41
CA SER P 282 6.66 38.59 52.69
C SER P 282 5.37 38.58 53.49
N VAL P 283 5.22 37.56 54.32
CA VAL P 283 4.04 37.38 55.16
C VAL P 283 4.51 36.94 56.54
N SER P 284 4.08 37.65 57.57
CA SER P 284 4.37 37.28 58.95
C SER P 284 3.16 36.62 59.57
N LEU P 285 3.40 35.66 60.44
CA LEU P 285 2.32 34.87 61.05
C LEU P 285 2.47 34.86 62.55
N LYS P 286 1.55 35.50 63.27
CA LYS P 286 1.47 35.37 64.72
C LYS P 286 0.54 34.22 65.07
N LEU P 287 1.01 33.33 65.93
CA LEU P 287 0.36 32.06 66.20
C LEU P 287 0.24 31.86 67.70
N HIS P 288 -0.97 31.61 68.19
CA HIS P 288 -1.21 31.31 69.59
C HIS P 288 -1.96 29.98 69.66
N PRO P 289 -1.24 28.86 69.66
CA PRO P 289 -1.92 27.55 69.73
C PRO P 289 -2.49 27.30 71.11
N LYS P 290 -3.71 26.78 71.15
CA LYS P 290 -4.29 26.37 72.42
C LYS P 290 -3.73 25.02 72.87
N ASN P 291 -3.57 24.09 71.94
CA ASN P 291 -2.94 22.79 72.11
C ASN P 291 -2.20 22.51 70.81
N PRO P 292 -1.15 21.65 70.82
CA PRO P 292 -0.15 21.68 69.73
C PRO P 292 -0.70 21.42 68.34
N THR P 293 -0.26 22.25 67.40
CA THR P 293 -0.91 22.44 66.12
C THR P 293 0.13 22.43 65.02
N TYR P 294 -0.05 21.57 64.02
CA TYR P 294 0.88 21.51 62.90
C TYR P 294 0.66 22.69 61.96
N LEU P 295 1.73 23.44 61.71
CA LEU P 295 1.78 24.41 60.63
C LEU P 295 2.52 23.80 59.45
N ILE P 296 1.89 23.81 58.28
CA ILE P 296 2.44 23.21 57.08
C ILE P 296 2.37 24.23 55.96
N THR P 297 3.52 24.67 55.48
CA THR P 297 3.58 25.64 54.39
C THR P 297 4.29 25.02 53.19
N ARG P 298 3.98 25.53 52.01
CA ARG P 298 4.63 25.13 50.76
C ARG P 298 4.44 26.23 49.73
N GLN P 299 5.35 26.31 48.78
CA GLN P 299 5.29 27.30 47.71
C GLN P 299 4.84 26.68 46.41
N LEU P 300 4.26 27.51 45.56
CA LEU P 300 3.52 27.02 44.40
C LEU P 300 4.37 27.01 43.13
N ALA P 301 5.65 26.73 43.27
CA ALA P 301 6.61 26.74 42.18
C ALA P 301 7.19 25.34 41.99
N ASP P 302 8.22 25.25 41.13
CA ASP P 302 8.86 23.98 40.82
C ASP P 302 9.66 23.44 41.98
N GLU P 303 10.13 24.30 42.88
CA GLU P 303 10.67 23.84 44.14
C GLU P 303 9.71 24.28 45.23
N PRO P 304 9.02 23.34 45.89
CA PRO P 304 8.01 23.75 46.86
C PRO P 304 8.60 24.31 48.15
N HIS P 305 9.74 23.79 48.59
CA HIS P 305 10.40 24.14 49.86
C HIS P 305 9.43 24.03 51.02
N TYR P 306 8.85 22.85 51.18
CA TYR P 306 7.79 22.69 52.16
C TYR P 306 8.37 22.68 53.56
N THR P 307 7.63 23.28 54.49
CA THR P 307 8.03 23.38 55.87
C THR P 307 6.96 22.71 56.72
N HIS P 308 7.37 21.86 57.64
CA HIS P 308 6.45 21.08 58.46
C HIS P 308 6.89 21.20 59.91
N GLU P 309 5.99 21.66 60.77
CA GLU P 309 6.41 22.03 62.12
C GLU P 309 5.26 21.90 63.11
N LEU P 310 5.50 21.16 64.19
CA LEU P 310 4.57 21.11 65.31
C LEU P 310 4.83 22.28 66.24
N ILE P 311 3.84 23.14 66.40
CA ILE P 311 3.98 24.37 67.17
C ILE P 311 3.08 24.28 68.39
N SER P 312 3.67 24.46 69.57
CA SER P 312 2.93 24.31 70.82
C SER P 312 3.11 25.48 71.77
N GLU P 313 3.72 26.57 71.32
CA GLU P 313 3.97 27.77 72.10
C GLU P 313 3.61 28.97 71.24
N PRO P 314 3.37 30.13 71.85
CA PRO P 314 3.12 31.34 71.04
C PRO P 314 4.34 31.72 70.24
N ALA P 315 4.18 31.78 68.92
CA ALA P 315 5.31 31.83 68.03
C ALA P 315 5.01 32.71 66.83
N VAL P 316 6.06 33.32 66.29
CA VAL P 316 5.96 34.20 65.13
C VAL P 316 6.82 33.61 64.03
N ARG P 317 6.21 33.35 62.88
CA ARG P 317 6.88 32.71 61.75
C ARG P 317 6.80 33.62 60.54
N ASN P 318 7.94 33.93 59.94
CA ASN P 318 8.01 34.83 58.80
C ASN P 318 8.34 34.02 57.55
N PHE P 319 7.74 34.40 56.43
CA PHE P 319 7.90 33.67 55.18
C PHE P 319 8.04 34.65 54.02
N THR P 320 8.63 34.17 52.94
CA THR P 320 8.81 34.95 51.72
C THR P 320 7.83 34.46 50.67
N VAL P 321 6.97 35.35 50.21
CA VAL P 321 5.92 35.03 49.24
C VAL P 321 6.29 35.72 47.94
N THR P 322 6.37 34.97 46.86
CA THR P 322 6.72 35.57 45.59
C THR P 322 5.49 35.69 44.71
N GLU P 323 5.69 36.10 43.46
CA GLU P 323 4.58 36.19 42.51
C GLU P 323 4.07 34.83 42.06
N LYS P 324 4.82 33.75 42.33
CA LYS P 324 4.41 32.41 41.94
C LYS P 324 3.48 31.75 42.93
N GLY P 325 3.32 32.30 44.14
CA GLY P 325 2.33 31.83 45.07
C GLY P 325 2.94 31.39 46.39
N TRP P 326 2.04 31.12 47.35
CA TRP P 326 2.40 30.61 48.66
C TRP P 326 1.14 30.10 49.33
N GLU P 327 1.28 29.06 50.16
CA GLU P 327 0.14 28.39 50.79
C GLU P 327 0.50 27.85 52.16
N PHE P 328 -0.35 28.06 53.17
CA PHE P 328 -0.16 27.43 54.46
C PHE P 328 -1.46 26.78 54.96
N VAL P 329 -1.31 25.79 55.84
CA VAL P 329 -2.44 25.14 56.51
C VAL P 329 -2.17 25.16 58.01
N TRP P 330 -3.11 25.69 58.80
CA TRP P 330 -2.95 25.87 60.24
C TRP P 330 -3.92 24.95 60.97
N GLY P 331 -3.46 23.74 61.27
CA GLY P 331 -4.28 22.79 61.96
C GLY P 331 -5.39 22.22 61.11
N ASN P 332 -6.63 22.39 61.53
CA ASN P 332 -7.78 21.88 60.83
C ASN P 332 -8.45 22.93 59.97
N HIS P 333 -7.80 24.08 59.80
CA HIS P 333 -8.29 25.12 58.93
C HIS P 333 -8.06 24.74 57.48
N PRO P 334 -8.81 25.31 56.55
CA PRO P 334 -8.58 25.07 55.13
C PRO P 334 -7.30 25.73 54.66
N PRO P 335 -6.76 25.32 53.51
CA PRO P 335 -5.58 25.98 52.97
C PRO P 335 -5.83 27.40 52.52
N LYS P 336 -4.89 28.28 52.87
CA LYS P 336 -4.92 29.67 52.44
C LYS P 336 -3.80 29.90 51.46
N ARG P 337 -4.15 30.21 50.21
CA ARG P 337 -3.15 30.58 49.23
C ARG P 337 -3.00 32.09 49.19
N PHE P 338 -1.75 32.54 49.08
CA PHE P 338 -1.42 33.96 48.97
C PHE P 338 -0.52 34.18 47.77
N TRP P 339 -0.55 35.41 47.27
CA TRP P 339 0.10 35.78 46.02
C TRP P 339 0.68 37.17 46.18
N ALA P 340 1.96 37.33 45.90
CA ALA P 340 2.58 38.63 46.02
C ALA P 340 2.40 39.44 44.75
N GLN P 341 2.24 40.75 44.90
CA GLN P 341 2.15 41.63 43.74
C GLN P 341 3.13 42.79 43.89
N GLU P 342 3.42 43.44 42.77
CA GLU P 342 4.63 44.24 42.62
C GLU P 342 4.41 45.64 43.18
N THR P 343 4.59 45.78 44.49
CA THR P 343 4.53 47.07 45.18
C THR P 343 5.87 47.27 45.88
N ALA P 344 6.84 47.74 45.16
CA ALA P 344 8.16 47.82 45.79
C ALA P 344 8.34 49.17 46.45
N PRO P 345 9.15 49.24 47.52
CA PRO P 345 9.43 50.53 48.15
C PRO P 345 10.31 51.39 47.26
N GLY P 346 9.94 52.67 47.14
CA GLY P 346 10.67 53.61 46.34
C GLY P 346 9.75 54.29 45.35
N ASN P 347 10.34 55.22 44.61
CA ASN P 347 9.62 55.96 43.58
C ASN P 347 10.35 55.77 42.26
N PRO P 348 9.73 55.15 41.25
CA PRO P 348 10.37 55.02 39.94
C PRO P 348 10.29 56.27 39.07
N HIS P 349 9.88 57.41 39.62
CA HIS P 349 9.70 58.62 38.84
C HIS P 349 10.49 59.80 39.37
N GLY P 350 11.79 59.61 39.61
CA GLY P 350 12.63 60.75 39.89
C GLY P 350 13.59 60.52 41.03
N LEU P 351 14.55 61.46 41.20
CA LEU P 351 15.56 61.47 42.26
C LEU P 351 16.38 60.19 42.20
N PRO P 352 17.34 60.09 41.26
CA PRO P 352 17.82 58.78 40.79
C PRO P 352 18.45 57.84 41.81
N HIS P 353 18.61 58.24 43.07
CA HIS P 353 18.89 57.24 44.09
C HIS P 353 17.62 56.56 44.58
N GLU P 354 16.44 57.10 44.24
CA GLU P 354 15.19 56.44 44.58
C GLU P 354 14.78 55.40 43.56
N VAL P 355 15.10 55.60 42.28
CA VAL P 355 14.76 54.60 41.28
C VAL P 355 15.66 53.37 41.42
N ILE P 356 16.87 53.55 41.95
CA ILE P 356 17.79 52.42 42.08
C ILE P 356 17.38 51.53 43.24
N THR P 357 16.90 52.12 44.34
CA THR P 357 16.35 51.30 45.42
C THR P 357 15.07 50.61 45.00
N HIS P 358 14.27 51.26 44.15
CA HIS P 358 13.03 50.66 43.66
C HIS P 358 13.32 49.46 42.78
N TYR P 359 14.22 49.60 41.81
CA TYR P 359 14.59 48.47 40.97
C TYR P 359 15.56 47.51 41.64
N TYR P 360 16.07 47.83 42.82
CA TYR P 360 16.84 46.85 43.57
C TYR P 360 15.95 45.97 44.41
N HIS P 361 14.94 46.55 45.06
CA HIS P 361 13.95 45.71 45.73
C HIS P 361 13.03 45.02 44.74
N ARG P 362 12.90 45.56 43.53
CA ARG P 362 12.05 44.98 42.51
C ARG P 362 12.75 43.84 41.78
N TYR P 363 13.83 44.15 41.05
CA TYR P 363 14.60 43.19 40.28
C TYR P 363 16.04 43.19 40.79
N PRO P 364 16.36 42.35 41.79
CA PRO P 364 17.68 42.48 42.45
C PRO P 364 18.85 42.03 41.59
N MET P 365 18.70 40.91 40.87
CA MET P 365 19.82 40.36 40.12
C MET P 365 20.13 41.21 38.89
N SER P 366 19.09 41.69 38.20
CA SER P 366 19.29 42.43 36.96
C SER P 366 19.87 43.81 37.18
N THR P 367 19.60 44.42 38.34
CA THR P 367 20.03 45.79 38.60
C THR P 367 21.55 45.89 38.73
N ILE P 368 22.16 44.93 39.43
CA ILE P 368 23.61 44.99 39.64
C ILE P 368 24.35 44.72 38.34
N LEU P 369 23.82 43.81 37.50
CA LEU P 369 24.40 43.57 36.18
C LEU P 369 24.25 44.77 35.27
N GLY P 370 23.09 45.44 35.32
CA GLY P 370 22.89 46.62 34.50
C GLY P 370 23.78 47.78 34.90
N LEU P 371 23.90 48.02 36.21
CA LEU P 371 24.79 49.08 36.67
C LEU P 371 26.25 48.75 36.42
N SER P 372 26.63 47.48 36.50
CA SER P 372 27.99 47.06 36.20
C SER P 372 28.34 47.29 34.74
N ILE P 373 27.44 46.91 33.83
CA ILE P 373 27.77 47.08 32.41
C ILE P 373 27.67 48.55 31.99
N CYS P 374 26.78 49.32 32.61
CA CYS P 374 26.70 50.73 32.25
C CYS P 374 27.89 51.52 32.80
N ALA P 375 28.35 51.17 34.01
CA ALA P 375 29.57 51.78 34.54
C ALA P 375 30.80 51.38 33.74
N ALA P 376 30.85 50.13 33.28
CA ALA P 376 31.99 49.67 32.48
C ALA P 376 32.03 50.37 31.12
N ILE P 377 30.88 50.51 30.45
CA ILE P 377 30.85 51.17 29.15
C ILE P 377 31.13 52.66 29.30
N ALA P 378 30.64 53.29 30.37
CA ALA P 378 30.92 54.71 30.59
C ALA P 378 32.40 54.95 30.89
N THR P 379 33.02 54.05 31.68
CA THR P 379 34.44 54.19 32.00
C THR P 379 35.31 53.98 30.77
N VAL P 380 35.01 52.94 29.97
CA VAL P 380 35.75 52.68 28.75
C VAL P 380 35.60 53.83 27.75
N SER P 381 34.40 54.42 27.67
CA SER P 381 34.16 55.50 26.72
C SER P 381 34.88 56.78 27.12
N VAL P 382 34.81 57.16 28.40
CA VAL P 382 35.51 58.35 28.86
C VAL P 382 37.02 58.17 28.74
N ALA P 383 37.53 56.97 29.08
CA ALA P 383 38.96 56.71 29.00
C ALA P 383 39.46 56.74 27.56
N ALA P 384 38.72 56.11 26.63
CA ALA P 384 39.15 56.08 25.24
C ALA P 384 39.02 57.44 24.58
N SER P 385 38.03 58.25 24.98
CA SER P 385 37.91 59.59 24.42
C SER P 385 39.03 60.50 24.91
N THR P 386 39.39 60.40 26.20
CA THR P 386 40.54 61.15 26.71
C THR P 386 41.82 60.70 26.05
N TRP P 387 41.95 59.40 25.78
CA TRP P 387 43.11 58.85 25.08
C TRP P 387 43.22 59.40 23.67
N LEU P 388 42.12 59.39 22.92
CA LEU P 388 42.15 59.90 21.54
C LEU P 388 42.37 61.40 21.49
N PHE P 389 41.80 62.15 22.45
CA PHE P 389 42.01 63.59 22.45
C PHE P 389 43.44 63.96 22.81
N CYS P 390 44.06 63.23 23.75
CA CYS P 390 45.45 63.52 24.09
C CYS P 390 46.39 63.11 22.96
N ARG P 391 46.09 62.02 22.26
CA ARG P 391 46.90 61.65 21.11
C ARG P 391 46.76 62.66 19.97
N SER P 392 45.56 63.21 19.77
CA SER P 392 45.39 64.21 18.72
C SER P 392 46.02 65.54 19.09
N ARG P 393 46.02 65.91 20.37
CA ARG P 393 46.73 67.10 20.81
C ARG P 393 48.23 66.95 20.64
N VAL P 394 48.77 65.77 20.94
CA VAL P 394 50.19 65.50 20.71
C VAL P 394 50.53 65.55 19.22
N ALA P 395 49.67 64.95 18.39
CA ALA P 395 49.92 64.96 16.95
C ALA P 395 49.79 66.34 16.34
N CYS P 396 48.99 67.23 16.94
CA CYS P 396 48.96 68.61 16.48
C CYS P 396 50.20 69.38 16.92
N LEU P 397 50.55 69.30 18.21
CA LEU P 397 51.56 70.21 18.73
C LEU P 397 52.99 69.75 18.48
N THR P 398 53.21 68.47 18.17
CA THR P 398 54.56 67.99 17.92
C THR P 398 55.25 68.59 16.69
N PRO P 399 54.60 68.77 15.52
CA PRO P 399 55.31 69.46 14.42
C PRO P 399 55.59 70.94 14.68
N TYR P 400 55.04 71.54 15.72
CA TYR P 400 55.39 72.91 16.08
C TYR P 400 56.26 72.99 17.33
N ARG P 401 56.61 71.85 17.93
CA ARG P 401 57.54 71.83 19.05
C ARG P 401 58.89 71.24 18.68
N LEU P 402 59.08 70.79 17.44
CA LEU P 402 60.40 70.40 16.99
C LEU P 402 61.10 71.48 16.20
N THR P 403 60.43 72.59 15.94
CA THR P 403 61.06 73.71 15.26
C THR P 403 61.86 74.47 16.33
N PRO P 404 63.14 74.76 16.05
CA PRO P 404 64.06 75.44 16.97
C PRO P 404 63.47 76.76 17.44
N ASN P 405 62.88 77.51 16.52
CA ASN P 405 62.26 78.78 16.85
C ASN P 405 60.76 78.54 16.98
N ALA P 406 60.38 77.82 18.02
CA ALA P 406 58.98 77.50 18.27
C ALA P 406 58.09 78.73 18.24
N ARG P 407 57.03 78.64 17.44
CA ARG P 407 56.09 79.75 17.31
C ARG P 407 54.70 79.23 17.01
N ILE P 408 54.14 78.45 17.93
CA ILE P 408 52.81 77.90 17.76
C ILE P 408 51.82 79.04 17.54
N PRO P 409 51.16 79.04 16.38
CA PRO P 409 50.20 80.10 16.06
C PRO P 409 49.27 81.22 16.53
N PHE P 410 48.63 80.96 17.67
CA PHE P 410 47.48 81.76 18.10
C PHE P 410 46.22 80.90 18.22
N CYS P 411 45.64 80.51 17.07
CA CYS P 411 44.42 79.72 17.09
C CYS P 411 44.65 78.33 17.68
N LEU P 412 45.75 77.68 17.31
CA LEU P 412 46.09 76.41 17.94
C LEU P 412 46.56 76.59 19.37
N ALA P 413 46.98 77.79 19.76
CA ALA P 413 47.33 78.04 21.15
C ALA P 413 46.08 78.11 22.01
N VAL P 414 45.00 78.70 21.48
CA VAL P 414 43.75 78.76 22.23
C VAL P 414 43.06 77.40 22.22
N LEU P 415 43.05 76.72 21.07
CA LEU P 415 42.37 75.42 20.97
C LEU P 415 43.10 74.33 21.75
N CYS P 416 44.35 74.05 21.38
CA CYS P 416 45.06 72.92 21.96
C CYS P 416 45.69 73.23 23.33
N CYS P 417 45.42 74.41 23.89
CA CYS P 417 45.89 74.85 25.20
C CYS P 417 47.42 74.83 25.30
N ALA P 418 48.05 75.65 24.47
CA ALA P 418 49.50 75.72 24.39
C ALA P 418 50.03 76.78 25.34
N ARG P 419 51.32 77.10 25.19
CA ARG P 419 52.03 78.04 26.07
C ARG P 419 51.50 79.47 25.96
N THR Q 4 -14.40 -74.06 -19.54
CA THR Q 4 -15.31 -74.39 -18.45
C THR Q 4 -14.72 -73.95 -17.12
N THR Q 5 -15.56 -73.79 -16.11
CA THR Q 5 -15.10 -73.36 -14.80
C THR Q 5 -15.84 -74.16 -13.74
N MET Q 6 -15.11 -74.63 -12.72
CA MET Q 6 -15.66 -75.44 -11.64
C MET Q 6 -15.73 -74.59 -10.37
N CYS Q 7 -16.95 -74.33 -9.91
CA CYS Q 7 -17.18 -73.62 -8.66
C CYS Q 7 -17.32 -74.59 -7.50
N LEU Q 8 -17.34 -74.04 -6.29
CA LEU Q 8 -17.35 -74.86 -5.08
C LEU Q 8 -18.44 -74.38 -4.12
N LEU Q 9 -18.84 -75.32 -3.25
CA LEU Q 9 -19.55 -75.04 -2.01
C LEU Q 9 -18.95 -75.78 -0.83
N ALA Q 10 -18.22 -76.86 -1.09
CA ALA Q 10 -17.48 -77.67 -0.13
C ALA Q 10 -16.28 -78.20 -0.91
N ASN Q 11 -15.68 -79.30 -0.46
CA ASN Q 11 -14.64 -79.92 -1.29
C ASN Q 11 -15.23 -80.81 -2.39
N VAL Q 12 -16.17 -80.28 -3.17
CA VAL Q 12 -16.82 -80.97 -4.27
C VAL Q 12 -16.98 -79.98 -5.42
N THR Q 13 -16.39 -80.30 -6.57
CA THR Q 13 -16.43 -79.40 -7.71
C THR Q 13 -17.68 -79.65 -8.55
N PHE Q 14 -18.31 -78.58 -8.99
CA PHE Q 14 -19.47 -78.63 -9.86
C PHE Q 14 -19.33 -77.53 -10.91
N PRO Q 15 -19.92 -77.71 -12.08
CA PRO Q 15 -19.88 -76.65 -13.10
C PRO Q 15 -20.66 -75.43 -12.66
N CYS Q 16 -20.12 -74.24 -12.95
CA CYS Q 16 -20.66 -73.00 -12.43
C CYS Q 16 -21.98 -72.60 -13.09
N ALA Q 17 -22.42 -73.30 -14.13
CA ALA Q 17 -23.74 -73.06 -14.70
C ALA Q 17 -24.83 -73.90 -14.06
N GLN Q 18 -24.49 -74.90 -13.26
CA GLN Q 18 -25.45 -75.80 -12.61
C GLN Q 18 -25.20 -75.81 -11.12
N PRO Q 19 -25.81 -74.88 -10.38
CA PRO Q 19 -25.57 -74.81 -8.94
C PRO Q 19 -26.42 -75.82 -8.19
N PRO Q 20 -25.96 -76.28 -7.02
CA PRO Q 20 -26.81 -77.17 -6.23
C PRO Q 20 -27.94 -76.44 -5.53
N ILE Q 21 -27.79 -75.15 -5.26
CA ILE Q 21 -28.78 -74.37 -4.52
C ILE Q 21 -29.13 -73.12 -5.32
N CYS Q 22 -30.24 -72.50 -4.96
CA CYS Q 22 -30.68 -71.25 -5.55
C CYS Q 22 -31.07 -70.28 -4.44
N TYR Q 23 -31.08 -68.98 -4.77
CA TYR Q 23 -31.39 -67.97 -3.76
C TYR Q 23 -32.84 -68.02 -3.33
N ASP Q 24 -33.75 -68.24 -4.28
CA ASP Q 24 -35.16 -68.33 -3.94
C ASP Q 24 -35.55 -69.64 -3.26
N ARG Q 25 -34.62 -70.61 -3.18
CA ARG Q 25 -34.85 -71.81 -2.40
C ARG Q 25 -34.24 -71.69 -1.01
N LYS Q 26 -32.94 -71.47 -0.93
CA LYS Q 26 -32.23 -71.28 0.33
C LYS Q 26 -31.43 -69.99 0.25
N PRO Q 27 -31.92 -68.89 0.86
CA PRO Q 27 -31.27 -67.59 0.67
C PRO Q 27 -30.00 -67.40 1.48
N ALA Q 28 -29.92 -67.99 2.67
CA ALA Q 28 -28.80 -67.74 3.56
C ALA Q 28 -27.52 -68.45 3.12
N GLU Q 29 -27.63 -69.50 2.31
CA GLU Q 29 -26.47 -70.29 1.94
C GLU Q 29 -25.89 -69.93 0.58
N THR Q 30 -26.63 -69.21 -0.26
CA THR Q 30 -26.06 -68.75 -1.52
C THR Q 30 -25.01 -67.68 -1.31
N LEU Q 31 -25.11 -66.91 -0.22
CA LEU Q 31 -24.07 -65.93 0.07
C LEU Q 31 -22.78 -66.63 0.50
N ALA Q 32 -22.91 -67.71 1.28
CA ALA Q 32 -21.75 -68.54 1.60
C ALA Q 32 -21.21 -69.25 0.38
N MET Q 33 -22.08 -69.57 -0.59
CA MET Q 33 -21.62 -70.15 -1.84
C MET Q 33 -20.83 -69.14 -2.66
N LEU Q 34 -21.28 -67.89 -2.65
CA LEU Q 34 -20.57 -66.82 -3.33
C LEU Q 34 -19.43 -66.23 -2.50
N SER Q 35 -19.15 -66.77 -1.31
CA SER Q 35 -18.04 -66.29 -0.49
C SER Q 35 -16.70 -66.58 -1.14
N VAL Q 36 -16.36 -67.86 -1.27
CA VAL Q 36 -15.02 -68.24 -1.69
C VAL Q 36 -14.86 -68.16 -3.20
N ASN Q 37 -15.95 -68.04 -3.93
CA ASN Q 37 -15.94 -68.07 -5.39
C ASN Q 37 -15.73 -66.70 -6.01
N VAL Q 38 -15.21 -65.73 -5.25
CA VAL Q 38 -14.94 -64.41 -5.81
C VAL Q 38 -13.61 -64.42 -6.56
N ASP Q 39 -12.59 -65.04 -6.00
CA ASP Q 39 -11.33 -65.26 -6.72
C ASP Q 39 -11.47 -66.53 -7.56
N ASN Q 40 -12.22 -66.38 -8.65
CA ASN Q 40 -12.65 -67.47 -9.51
C ASN Q 40 -13.09 -66.84 -10.82
N PRO Q 41 -12.58 -67.31 -11.97
CA PRO Q 41 -13.02 -66.72 -13.25
C PRO Q 41 -14.47 -66.98 -13.60
N GLY Q 42 -15.13 -67.93 -12.96
CA GLY Q 42 -16.52 -68.19 -13.25
C GLY Q 42 -17.48 -67.72 -12.18
N TYR Q 43 -17.13 -66.61 -11.50
CA TYR Q 43 -18.09 -66.00 -10.58
C TYR Q 43 -19.29 -65.43 -11.32
N ASP Q 44 -19.08 -64.92 -12.53
CA ASP Q 44 -20.16 -64.32 -13.29
C ASP Q 44 -21.17 -65.38 -13.74
N GLU Q 45 -20.68 -66.52 -14.21
CA GLU Q 45 -21.57 -67.61 -14.59
C GLU Q 45 -22.26 -68.21 -13.37
N LEU Q 46 -21.57 -68.26 -12.23
CA LEU Q 46 -22.19 -68.76 -11.00
C LEU Q 46 -23.29 -67.85 -10.52
N LEU Q 47 -23.07 -66.53 -10.59
CA LEU Q 47 -24.11 -65.59 -10.20
C LEU Q 47 -25.29 -65.64 -11.16
N GLU Q 48 -25.02 -65.74 -12.47
CA GLU Q 48 -26.09 -65.86 -13.45
C GLU Q 48 -26.90 -67.13 -13.26
N ALA Q 49 -26.25 -68.23 -12.87
CA ALA Q 49 -27.00 -69.46 -12.61
C ALA Q 49 -27.73 -69.42 -11.28
N ALA Q 50 -27.22 -68.64 -10.31
CA ALA Q 50 -27.91 -68.45 -9.05
C ALA Q 50 -28.99 -67.37 -9.13
N VAL Q 51 -29.11 -66.67 -10.25
CA VAL Q 51 -30.18 -65.70 -10.43
C VAL Q 51 -31.54 -66.39 -10.49
N LYS Q 52 -31.71 -67.36 -11.39
CA LYS Q 52 -33.00 -68.00 -11.58
C LYS Q 52 -32.83 -69.51 -11.62
N CYS Q 53 -33.93 -70.21 -11.37
CA CYS Q 53 -33.95 -71.66 -11.42
C CYS Q 53 -34.43 -72.16 -12.78
N ASN R 27 -32.43 -49.00 -37.45
CA ASN R 27 -32.18 -47.68 -36.89
C ASN R 27 -31.91 -47.80 -35.39
N GLU R 28 -30.80 -47.22 -34.94
CA GLU R 28 -30.46 -47.18 -33.53
C GLU R 28 -30.58 -45.75 -33.01
N CYS R 29 -30.57 -45.62 -31.68
CA CYS R 29 -30.58 -44.32 -31.05
C CYS R 29 -29.15 -43.80 -30.95
N ASN R 30 -29.01 -42.59 -30.40
CA ASN R 30 -27.71 -41.97 -30.24
C ASN R 30 -27.06 -42.40 -28.91
N ILE R 31 -27.82 -42.27 -27.83
CA ILE R 31 -27.34 -42.62 -26.50
C ILE R 31 -27.31 -44.14 -26.36
N PRO R 32 -26.20 -44.77 -25.92
CA PRO R 32 -25.99 -46.20 -26.19
C PRO R 32 -26.85 -47.20 -25.44
N GLY R 33 -27.86 -46.78 -24.71
CA GLY R 33 -28.65 -47.76 -23.97
C GLY R 33 -30.14 -47.66 -24.18
N ASN R 34 -30.56 -47.03 -25.26
CA ASN R 34 -31.97 -46.70 -25.45
C ASN R 34 -32.64 -47.64 -26.46
N PHE R 35 -33.92 -47.89 -26.20
CA PHE R 35 -34.82 -48.54 -27.15
C PHE R 35 -35.60 -47.48 -27.89
N MET R 36 -35.88 -47.75 -29.16
CA MET R 36 -36.48 -46.77 -30.06
C MET R 36 -37.92 -47.16 -30.36
N CYS R 37 -38.84 -46.20 -30.20
CA CYS R 37 -40.26 -46.45 -30.42
C CYS R 37 -40.56 -46.46 -31.92
N SER R 38 -41.84 -46.50 -32.26
CA SER R 38 -42.24 -46.45 -33.66
C SER R 38 -42.14 -45.05 -34.23
N ASN R 39 -42.38 -44.03 -33.40
CA ASN R 39 -42.35 -42.65 -33.85
C ASN R 39 -40.98 -42.01 -33.67
N GLY R 40 -39.93 -42.80 -33.51
CA GLY R 40 -38.58 -42.30 -33.43
C GLY R 40 -38.09 -41.96 -32.03
N ARG R 41 -39.02 -41.77 -31.10
CA ARG R 41 -38.67 -41.39 -29.74
C ARG R 41 -37.94 -42.53 -29.03
N CYS R 42 -36.88 -42.19 -28.31
CA CYS R 42 -36.03 -43.17 -27.63
C CYS R 42 -36.34 -43.19 -26.14
N ILE R 43 -36.70 -44.36 -25.63
CA ILE R 43 -36.97 -44.57 -24.21
C ILE R 43 -35.75 -45.26 -23.60
N PRO R 44 -35.58 -45.26 -22.27
CA PRO R 44 -34.54 -46.11 -21.66
C PRO R 44 -34.77 -47.59 -21.91
N GLY R 45 -33.68 -48.35 -21.91
CA GLY R 45 -33.68 -49.72 -22.38
C GLY R 45 -34.48 -50.69 -21.56
N ALA R 46 -34.67 -50.40 -20.28
CA ALA R 46 -35.46 -51.27 -19.42
C ALA R 46 -36.94 -50.93 -19.45
N TRP R 47 -37.35 -49.91 -20.18
CA TRP R 47 -38.76 -49.58 -20.33
C TRP R 47 -39.45 -50.37 -21.42
N GLN R 48 -38.75 -51.28 -22.08
CA GLN R 48 -39.28 -51.93 -23.28
C GLN R 48 -40.47 -52.83 -22.95
N CYS R 49 -40.26 -53.84 -22.12
CA CYS R 49 -41.35 -54.66 -21.63
C CYS R 49 -41.47 -54.46 -20.13
N ASP R 50 -42.22 -53.44 -19.73
CA ASP R 50 -42.41 -53.13 -18.32
C ASP R 50 -43.87 -53.05 -17.90
N GLY R 51 -44.81 -53.28 -18.82
CA GLY R 51 -46.21 -53.29 -18.46
C GLY R 51 -46.86 -51.93 -18.34
N LEU R 52 -46.10 -50.84 -18.46
CA LEU R 52 -46.66 -49.50 -18.38
C LEU R 52 -46.45 -48.81 -19.73
N PRO R 53 -47.48 -48.14 -20.26
CA PRO R 53 -47.41 -47.62 -21.63
C PRO R 53 -46.52 -46.40 -21.72
N ASP R 54 -45.43 -46.53 -22.48
CA ASP R 54 -44.42 -45.49 -22.59
C ASP R 54 -44.44 -44.77 -23.93
N CYS R 55 -44.49 -45.52 -25.02
CA CYS R 55 -44.49 -44.92 -26.36
C CYS R 55 -45.88 -44.86 -26.97
N PHE R 56 -46.07 -43.94 -27.91
CA PHE R 56 -47.36 -43.80 -28.57
C PHE R 56 -47.64 -45.09 -29.32
N ASP R 57 -48.88 -45.56 -29.21
CA ASP R 57 -49.39 -46.79 -29.82
C ASP R 57 -48.82 -48.09 -29.24
N LYS R 58 -48.23 -48.00 -28.05
CA LYS R 58 -47.69 -49.16 -27.34
C LYS R 58 -46.71 -50.00 -28.14
N SER R 59 -45.82 -49.38 -28.90
CA SER R 59 -44.89 -50.17 -29.66
C SER R 59 -43.98 -51.00 -28.78
N ASP R 60 -43.55 -50.46 -27.65
CA ASP R 60 -42.62 -51.26 -26.88
C ASP R 60 -43.27 -52.47 -26.24
N GLU R 61 -44.57 -52.42 -26.01
CA GLU R 61 -45.30 -53.48 -25.32
C GLU R 61 -45.92 -54.50 -26.27
N LYS R 62 -45.42 -54.61 -27.50
CA LYS R 62 -46.07 -55.46 -28.48
C LYS R 62 -45.53 -56.88 -28.46
N GLU R 63 -44.24 -57.05 -28.19
CA GLU R 63 -43.63 -58.37 -28.15
C GLU R 63 -42.94 -58.54 -26.81
N CYS R 64 -43.62 -59.17 -25.86
CA CYS R 64 -43.06 -59.37 -24.53
C CYS R 64 -43.19 -60.81 -24.06
N SER S 1 -34.97 -62.51 -19.14
CA SER S 1 -33.67 -61.89 -19.40
C SER S 1 -33.51 -60.62 -18.57
N THR S 2 -34.55 -59.81 -18.54
CA THR S 2 -34.53 -58.56 -17.79
C THR S 2 -34.36 -58.83 -16.30
N GLU S 3 -35.04 -59.87 -15.81
CA GLU S 3 -34.93 -60.24 -14.41
C GLU S 3 -33.54 -60.81 -14.18
N GLU S 4 -33.01 -61.46 -15.21
CA GLU S 4 -31.67 -62.04 -15.16
C GLU S 4 -30.62 -61.06 -14.66
N LEU S 5 -30.83 -59.77 -14.84
CA LEU S 5 -29.89 -58.79 -14.33
C LEU S 5 -30.48 -57.93 -13.22
N PHE S 6 -31.71 -58.22 -12.79
CA PHE S 6 -32.31 -57.49 -11.66
C PHE S 6 -32.28 -58.34 -10.39
N ASN S 7 -32.21 -59.66 -10.52
CA ASN S 7 -32.26 -60.51 -9.34
C ASN S 7 -31.00 -60.42 -8.50
N GLU S 8 -29.88 -59.99 -9.11
CA GLU S 8 -28.65 -59.82 -8.34
C GLU S 8 -28.80 -58.73 -7.28
N TYR S 9 -29.45 -57.61 -7.61
CA TYR S 9 -29.79 -56.61 -6.63
C TYR S 9 -31.07 -56.94 -5.89
N LYS S 10 -31.82 -57.95 -6.34
CA LYS S 10 -32.87 -58.49 -5.48
C LYS S 10 -32.29 -59.18 -4.27
N LEU S 11 -31.08 -59.74 -4.37
CA LEU S 11 -30.50 -60.24 -3.12
C LEU S 11 -29.58 -59.24 -2.41
N THR S 12 -29.92 -57.95 -2.25
CA THR S 12 -29.07 -57.24 -1.29
C THR S 12 -29.73 -56.71 -0.02
N ARG S 13 -30.25 -55.43 -0.02
CA ARG S 13 -31.13 -54.73 0.93
C ARG S 13 -31.02 -53.24 0.61
N PRO S 14 -31.86 -52.35 1.15
CA PRO S 14 -31.39 -50.98 1.39
C PRO S 14 -30.82 -50.80 2.80
N TYR S 15 -30.35 -49.61 3.15
CA TYR S 15 -29.93 -49.33 4.52
C TYR S 15 -30.10 -47.85 4.82
N MET S 16 -29.79 -47.49 6.05
CA MET S 16 -29.73 -46.10 6.48
C MET S 16 -28.29 -45.70 6.77
N ALA S 17 -27.96 -44.43 6.52
CA ALA S 17 -26.62 -43.95 6.78
C ALA S 17 -26.67 -42.47 7.10
N ARG S 18 -25.50 -41.93 7.45
CA ARG S 18 -25.40 -40.57 7.95
C ARG S 18 -25.30 -39.57 6.81
N CYS S 19 -26.09 -38.50 6.91
CA CYS S 19 -26.04 -37.38 5.99
C CYS S 19 -25.64 -36.15 6.78
N ILE S 20 -25.24 -35.09 6.08
CA ILE S 20 -24.82 -33.88 6.77
C ILE S 20 -25.97 -32.90 6.91
N ARG S 21 -26.58 -32.54 5.79
CA ARG S 21 -27.70 -31.62 5.76
C ARG S 21 -28.92 -32.47 5.43
N CYS S 22 -29.77 -32.73 6.42
CA CYS S 22 -30.98 -33.50 6.20
C CYS S 22 -32.21 -32.74 6.70
N ALA S 23 -32.29 -31.49 6.24
CA ALA S 23 -33.41 -30.55 6.30
C ALA S 23 -33.66 -29.92 7.65
N VAL S 24 -33.16 -30.52 8.74
CA VAL S 24 -32.91 -29.87 10.03
C VAL S 24 -31.66 -30.55 10.57
N GLY S 25 -30.54 -29.83 10.57
CA GLY S 25 -29.32 -30.34 11.18
C GLY S 25 -28.74 -31.53 10.44
N SER S 26 -28.19 -32.47 11.21
CA SER S 26 -27.72 -33.74 10.69
C SER S 26 -28.50 -34.88 11.33
N CYS S 27 -28.65 -35.97 10.59
CA CYS S 27 -29.43 -37.11 11.04
C CYS S 27 -29.01 -38.33 10.23
N HIS S 28 -29.72 -39.43 10.46
CA HIS S 28 -29.52 -40.66 9.72
C HIS S 28 -30.55 -40.70 8.61
N SER S 29 -30.12 -40.59 7.46
CA SER S 29 -31.10 -40.42 6.41
C SER S 29 -31.22 -41.70 5.59
N PRO S 30 -32.43 -42.04 5.16
CA PRO S 30 -32.60 -43.22 4.30
C PRO S 30 -32.16 -43.03 2.85
N ILE S 31 -31.79 -41.81 2.47
CA ILE S 31 -31.38 -41.48 1.11
C ILE S 31 -29.97 -40.91 1.10
N ALA S 32 -29.10 -41.43 1.96
CA ALA S 32 -27.72 -40.99 2.04
C ALA S 32 -26.97 -41.26 0.74
N ILE S 33 -26.41 -40.22 0.16
CA ILE S 33 -25.74 -40.32 -1.13
C ILE S 33 -24.30 -40.76 -0.93
N GLU S 34 -23.91 -41.84 -1.60
CA GLU S 34 -22.56 -42.37 -1.45
C GLU S 34 -21.58 -41.67 -2.39
N ALA S 35 -21.94 -41.53 -3.66
CA ALA S 35 -21.03 -41.00 -4.65
C ALA S 35 -21.83 -40.43 -5.81
N VAL S 36 -21.27 -39.42 -6.46
CA VAL S 36 -21.85 -38.81 -7.66
C VAL S 36 -20.76 -38.74 -8.71
N LYS S 37 -20.79 -39.64 -9.68
CA LYS S 37 -19.82 -39.65 -10.77
C LYS S 37 -20.46 -38.97 -11.97
N SER S 38 -19.85 -37.88 -12.43
CA SER S 38 -20.39 -37.05 -13.49
C SER S 38 -19.31 -36.85 -14.55
N ASP S 39 -19.20 -37.80 -15.47
CA ASP S 39 -18.23 -37.70 -16.55
C ASP S 39 -18.85 -37.87 -17.93
N GLY S 40 -20.15 -38.15 -18.00
CA GLY S 40 -20.86 -38.06 -19.24
C GLY S 40 -20.96 -36.62 -19.71
N HIS S 41 -21.20 -36.47 -21.01
CA HIS S 41 -21.06 -35.16 -21.62
C HIS S 41 -22.29 -34.29 -21.44
N ASP S 42 -23.43 -34.71 -21.97
CA ASP S 42 -24.55 -33.77 -22.03
C ASP S 42 -25.32 -33.62 -20.73
N GLY S 43 -24.74 -33.94 -19.59
CA GLY S 43 -25.31 -33.66 -18.31
C GLY S 43 -25.86 -34.83 -17.56
N TYR S 44 -25.38 -36.03 -17.83
CA TYR S 44 -25.90 -37.25 -17.23
C TYR S 44 -25.01 -37.65 -16.07
N VAL S 45 -25.59 -37.74 -14.88
CA VAL S 45 -24.86 -38.09 -13.67
C VAL S 45 -25.41 -39.42 -13.19
N ARG S 46 -24.60 -40.12 -12.39
CA ARG S 46 -24.95 -41.45 -11.91
C ARG S 46 -24.68 -41.48 -10.41
N LEU S 47 -25.73 -41.28 -9.62
CA LEU S 47 -25.61 -41.29 -8.18
C LEU S 47 -25.49 -42.71 -7.68
N GLN S 48 -24.99 -42.85 -6.46
CA GLN S 48 -25.11 -44.08 -5.70
C GLN S 48 -25.63 -43.70 -4.32
N THR S 49 -26.75 -44.27 -3.93
CA THR S 49 -27.40 -43.91 -2.69
C THR S 49 -27.43 -45.13 -1.77
N SER S 50 -28.13 -44.98 -0.65
CA SER S 50 -28.42 -46.10 0.22
C SER S 50 -29.68 -46.85 -0.17
N SER S 51 -30.74 -46.13 -0.52
CA SER S 51 -31.97 -46.75 -0.97
C SER S 51 -31.78 -47.34 -2.35
N GLN S 52 -32.57 -48.36 -2.66
CA GLN S 52 -32.48 -49.02 -3.95
C GLN S 52 -33.63 -48.60 -4.86
N TYR S 53 -33.52 -49.01 -6.11
CA TYR S 53 -34.41 -48.54 -7.16
C TYR S 53 -34.90 -49.71 -8.00
N GLY S 54 -36.12 -49.58 -8.52
CA GLY S 54 -36.66 -50.56 -9.43
C GLY S 54 -37.10 -51.85 -8.80
N LEU S 55 -37.32 -51.89 -7.50
CA LEU S 55 -37.73 -53.10 -6.81
C LEU S 55 -38.88 -52.81 -5.86
N ASP S 56 -39.63 -53.86 -5.56
CA ASP S 56 -40.78 -53.79 -4.68
C ASP S 56 -40.32 -54.00 -3.24
N SER S 57 -41.10 -53.46 -2.29
CA SER S 57 -40.73 -53.50 -0.89
C SER S 57 -40.71 -54.92 -0.35
N SER S 58 -41.54 -55.81 -0.90
CA SER S 58 -41.51 -57.21 -0.51
C SER S 58 -40.37 -57.96 -1.19
N GLY S 59 -39.88 -57.45 -2.32
CA GLY S 59 -38.75 -58.06 -2.99
C GLY S 59 -38.99 -58.34 -4.45
N ASN S 60 -40.11 -57.90 -4.99
CA ASN S 60 -40.44 -58.13 -6.38
C ASN S 60 -39.84 -57.02 -7.23
N LEU S 61 -40.11 -57.03 -8.53
CA LEU S 61 -39.52 -56.06 -9.45
C LEU S 61 -40.60 -55.13 -9.96
N LYS S 62 -40.89 -54.08 -9.20
CA LYS S 62 -41.86 -53.09 -9.63
C LYS S 62 -41.14 -52.08 -10.51
N GLY S 63 -41.90 -51.45 -11.42
CA GLY S 63 -41.34 -50.68 -12.50
C GLY S 63 -40.52 -49.46 -12.12
N ARG S 64 -41.18 -48.41 -11.65
CA ARG S 64 -40.48 -47.17 -11.31
C ARG S 64 -40.78 -46.75 -9.89
N THR S 65 -40.05 -47.36 -8.97
CA THR S 65 -40.19 -47.09 -7.54
C THR S 65 -38.83 -47.10 -6.89
N MET S 66 -38.76 -46.59 -5.68
CA MET S 66 -37.53 -46.59 -4.90
C MET S 66 -37.82 -47.22 -3.55
N ARG S 67 -36.85 -47.96 -3.03
CA ARG S 67 -37.07 -48.87 -1.91
C ARG S 67 -36.09 -48.53 -0.80
N TYR S 68 -36.59 -47.91 0.28
CA TYR S 68 -35.72 -47.38 1.30
C TYR S 68 -35.99 -48.03 2.65
N ASP S 69 -34.92 -48.17 3.44
CA ASP S 69 -35.04 -48.60 4.81
C ASP S 69 -35.59 -47.47 5.66
N MET S 70 -36.29 -47.83 6.74
CA MET S 70 -36.82 -46.84 7.66
C MET S 70 -36.82 -47.47 9.04
N HIS S 71 -35.75 -47.24 9.80
CA HIS S 71 -35.55 -47.73 11.16
C HIS S 71 -35.67 -49.24 11.25
N GLY S 72 -35.10 -49.96 10.28
CA GLY S 72 -35.11 -51.40 10.25
C GLY S 72 -36.13 -52.00 9.31
N THR S 73 -37.27 -51.35 9.13
CA THR S 73 -38.33 -51.84 8.26
C THR S 73 -38.25 -51.13 6.92
N ILE S 74 -38.67 -51.82 5.87
CA ILE S 74 -38.42 -51.41 4.50
C ILE S 74 -39.71 -50.88 3.88
N LYS S 75 -39.67 -49.67 3.34
CA LYS S 75 -40.81 -49.05 2.70
C LYS S 75 -40.53 -48.82 1.22
N GLU S 76 -41.46 -48.14 0.55
CA GLU S 76 -41.32 -47.80 -0.86
C GLU S 76 -42.27 -46.66 -1.22
N ILE S 77 -41.87 -45.87 -2.21
CA ILE S 77 -42.73 -44.88 -2.86
C ILE S 77 -42.51 -44.97 -4.36
N PRO S 78 -43.46 -44.46 -5.15
CA PRO S 78 -43.20 -44.30 -6.59
C PRO S 78 -42.11 -43.28 -6.84
N LEU S 79 -41.37 -43.49 -7.93
CA LEU S 79 -40.17 -42.71 -8.19
C LEU S 79 -40.48 -41.27 -8.60
N HIS S 80 -41.70 -40.99 -9.05
CA HIS S 80 -42.02 -39.63 -9.48
C HIS S 80 -42.33 -38.70 -8.33
N GLN S 81 -42.17 -39.14 -7.09
CA GLN S 81 -42.23 -38.26 -5.93
C GLN S 81 -40.86 -38.00 -5.34
N VAL S 82 -39.82 -38.57 -5.92
CA VAL S 82 -38.45 -38.27 -5.56
C VAL S 82 -37.95 -37.16 -6.48
N SER S 83 -37.37 -36.12 -5.90
CA SER S 83 -36.85 -35.01 -6.68
C SER S 83 -35.44 -34.71 -6.22
N LEU S 84 -34.59 -34.30 -7.16
CA LEU S 84 -33.26 -33.82 -6.80
C LEU S 84 -32.89 -32.64 -7.66
N TYR S 85 -31.86 -31.92 -7.24
CA TYR S 85 -31.43 -30.68 -7.88
C TYR S 85 -30.02 -30.35 -7.46
N THR S 86 -29.24 -29.81 -8.40
CA THR S 86 -27.88 -29.35 -8.11
C THR S 86 -27.81 -27.86 -7.86
N SER S 87 -28.17 -27.06 -8.83
CA SER S 87 -28.41 -25.63 -8.73
C SER S 87 -29.80 -25.27 -9.22
N ARG S 88 -30.25 -25.92 -10.28
CA ARG S 88 -31.57 -25.85 -10.86
C ARG S 88 -32.09 -27.28 -10.75
N PRO S 89 -33.39 -27.55 -10.96
CA PRO S 89 -33.86 -28.93 -10.82
C PRO S 89 -33.34 -29.88 -11.86
N CYS S 90 -33.25 -31.14 -11.47
CA CYS S 90 -32.78 -32.23 -12.28
C CYS S 90 -33.97 -33.08 -12.71
N HIS S 91 -33.71 -34.07 -13.56
CA HIS S 91 -34.75 -34.99 -14.00
C HIS S 91 -34.22 -36.40 -13.93
N ILE S 92 -34.83 -37.22 -13.08
CA ILE S 92 -34.43 -38.62 -12.95
C ILE S 92 -34.81 -39.36 -14.22
N VAL S 93 -33.88 -40.14 -14.75
CA VAL S 93 -34.17 -40.95 -15.91
C VAL S 93 -34.66 -42.31 -15.44
N ASP S 94 -33.81 -43.03 -14.73
CA ASP S 94 -34.10 -44.41 -14.35
C ASP S 94 -33.22 -44.74 -13.15
N GLY S 95 -33.36 -45.96 -12.64
CA GLY S 95 -32.54 -46.42 -11.54
C GLY S 95 -32.54 -47.92 -11.49
N HIS S 96 -31.47 -48.49 -10.96
CA HIS S 96 -31.31 -49.94 -10.90
C HIS S 96 -30.42 -50.29 -9.73
N GLY S 97 -31.00 -50.86 -8.69
CA GLY S 97 -30.24 -51.19 -7.51
C GLY S 97 -29.92 -49.92 -6.74
N TYR S 98 -28.69 -49.81 -6.21
CA TYR S 98 -28.32 -48.62 -5.45
C TYR S 98 -28.14 -47.38 -6.32
N PHE S 99 -28.11 -47.53 -7.64
CA PHE S 99 -27.66 -46.48 -8.54
C PHE S 99 -28.84 -45.81 -9.22
N LEU S 100 -28.91 -44.50 -9.08
CA LEU S 100 -29.85 -43.69 -9.83
C LEU S 100 -29.11 -43.06 -11.01
N LEU S 101 -29.83 -42.86 -12.10
CA LEU S 101 -29.36 -42.09 -13.24
C LEU S 101 -30.18 -40.82 -13.33
N ALA S 102 -29.52 -39.68 -13.43
CA ALA S 102 -30.22 -38.42 -13.54
C ALA S 102 -29.67 -37.60 -14.71
N ARG S 103 -30.26 -36.44 -14.90
CA ARG S 103 -29.79 -35.45 -15.86
C ARG S 103 -29.80 -34.11 -15.16
N CYS S 104 -28.63 -33.47 -15.07
CA CYS S 104 -28.48 -32.35 -14.16
C CYS S 104 -27.62 -31.24 -14.77
N PRO S 105 -27.94 -29.99 -14.45
CA PRO S 105 -27.00 -28.89 -14.67
C PRO S 105 -25.89 -28.92 -13.62
N ALA S 106 -24.95 -28.00 -13.76
CA ALA S 106 -23.80 -27.97 -12.87
C ALA S 106 -24.16 -27.32 -11.54
N GLY S 107 -23.45 -27.72 -10.50
CA GLY S 107 -23.64 -27.11 -9.19
C GLY S 107 -22.57 -27.59 -8.24
N ASP S 108 -22.67 -27.10 -7.00
CA ASP S 108 -21.72 -27.46 -5.96
C ASP S 108 -22.13 -28.70 -5.18
N SER S 109 -23.43 -28.99 -5.11
CA SER S 109 -23.95 -30.05 -4.27
C SER S 109 -25.08 -30.75 -5.00
N ILE S 110 -25.68 -31.74 -4.34
CA ILE S 110 -26.90 -32.40 -4.77
C ILE S 110 -27.78 -32.59 -3.57
N THR S 111 -29.05 -32.20 -3.68
CA THR S 111 -30.06 -32.47 -2.65
C THR S 111 -31.13 -33.37 -3.23
N MET S 112 -31.10 -34.65 -2.88
CA MET S 112 -32.19 -35.58 -3.18
C MET S 112 -33.21 -35.50 -2.06
N GLU S 113 -34.49 -35.37 -2.40
CA GLU S 113 -35.52 -35.21 -1.39
C GLU S 113 -36.82 -35.86 -1.83
N PHE S 114 -37.59 -36.32 -0.86
CA PHE S 114 -38.98 -36.69 -1.06
C PHE S 114 -39.76 -36.35 0.21
N LYS S 115 -41.03 -36.72 0.22
CA LYS S 115 -41.93 -36.35 1.31
C LYS S 115 -42.99 -37.45 1.44
N LYS S 116 -42.82 -38.35 2.40
CA LYS S 116 -43.73 -39.48 2.52
C LYS S 116 -45.03 -39.11 3.22
N ASP S 117 -44.94 -38.76 4.49
CA ASP S 117 -46.02 -38.17 5.25
C ASP S 117 -45.88 -36.65 5.14
N SER S 118 -46.43 -35.90 6.09
CA SER S 118 -46.00 -34.51 6.22
C SER S 118 -44.68 -34.41 6.99
N VAL S 119 -43.67 -35.17 6.55
CA VAL S 119 -42.32 -35.20 7.09
C VAL S 119 -41.39 -35.28 5.88
N ARG S 120 -40.56 -34.26 5.71
CA ARG S 120 -39.74 -34.12 4.52
C ARG S 120 -38.37 -34.74 4.76
N HIS S 121 -37.99 -35.69 3.92
CA HIS S 121 -36.65 -36.29 3.96
C HIS S 121 -35.76 -35.60 2.95
N SER S 122 -34.51 -35.36 3.32
CA SER S 122 -33.54 -34.77 2.41
C SER S 122 -32.16 -35.33 2.73
N CYS S 123 -31.23 -35.09 1.81
CA CYS S 123 -29.81 -35.28 2.05
C CYS S 123 -29.04 -34.44 1.06
N SER S 124 -28.19 -33.54 1.57
CA SER S 124 -27.30 -32.74 0.74
C SER S 124 -25.88 -33.18 1.00
N VAL S 125 -25.13 -33.45 -0.06
CA VAL S 125 -23.72 -33.76 0.07
C VAL S 125 -22.93 -32.77 -0.80
N PRO S 126 -21.77 -32.32 -0.37
CA PRO S 126 -21.04 -31.32 -1.16
C PRO S 126 -20.15 -31.96 -2.23
N TYR S 127 -20.79 -32.48 -3.27
CA TYR S 127 -20.10 -33.11 -4.38
C TYR S 127 -20.35 -32.28 -5.63
N GLU S 128 -19.28 -31.90 -6.32
CA GLU S 128 -19.42 -31.06 -7.49
C GLU S 128 -20.02 -31.86 -8.63
N VAL S 129 -21.02 -31.29 -9.29
CA VAL S 129 -21.55 -31.79 -10.53
C VAL S 129 -21.09 -30.84 -11.62
N LYS S 130 -20.49 -31.36 -12.68
CA LYS S 130 -20.01 -30.53 -13.76
C LYS S 130 -20.65 -30.94 -15.08
N PHE S 131 -20.88 -29.95 -15.93
CA PHE S 131 -21.45 -30.14 -17.26
C PHE S 131 -20.32 -30.06 -18.28
N ASN S 132 -20.15 -31.12 -19.07
CA ASN S 132 -19.00 -31.20 -19.97
C ASN S 132 -19.43 -31.09 -21.42
N PRO S 133 -19.12 -30.01 -22.13
CA PRO S 133 -19.51 -29.93 -23.54
C PRO S 133 -18.65 -30.80 -24.43
N VAL S 134 -19.17 -31.07 -25.63
CA VAL S 134 -18.44 -31.79 -26.66
C VAL S 134 -18.02 -30.78 -27.72
N GLY S 135 -16.80 -30.90 -28.22
CA GLY S 135 -16.35 -30.07 -29.31
C GLY S 135 -15.61 -28.85 -28.82
N ARG S 136 -15.22 -28.02 -29.78
CA ARG S 136 -14.46 -26.82 -29.51
C ARG S 136 -15.34 -25.60 -29.22
N GLU S 137 -16.60 -25.80 -28.84
CA GLU S 137 -17.52 -24.69 -28.65
C GLU S 137 -18.33 -24.93 -27.39
N LEU S 138 -18.21 -24.02 -26.42
CA LEU S 138 -18.53 -24.29 -25.02
C LEU S 138 -19.92 -23.78 -24.68
N TYR S 139 -20.85 -24.72 -24.48
CA TYR S 139 -22.24 -24.43 -24.22
C TYR S 139 -22.65 -24.99 -22.86
N THR S 140 -23.81 -24.55 -22.38
CA THR S 140 -24.34 -24.96 -21.09
C THR S 140 -25.57 -25.85 -21.22
N HIS S 141 -26.33 -25.67 -22.29
CA HIS S 141 -27.48 -26.47 -22.66
C HIS S 141 -27.33 -26.83 -24.13
N PRO S 142 -27.50 -28.11 -24.49
CA PRO S 142 -27.14 -28.55 -25.84
C PRO S 142 -28.08 -27.97 -26.88
N PRO S 143 -27.62 -27.74 -28.10
CA PRO S 143 -28.36 -26.92 -29.05
C PRO S 143 -29.50 -27.70 -29.66
N GLU S 144 -30.39 -26.96 -30.33
CA GLU S 144 -31.50 -27.59 -31.03
C GLU S 144 -31.05 -28.35 -32.26
N HIS S 145 -29.89 -27.99 -32.81
CA HIS S 145 -29.40 -28.57 -34.05
C HIS S 145 -27.91 -28.34 -34.18
N GLY S 146 -27.29 -29.15 -35.03
CA GLY S 146 -25.89 -28.98 -35.33
C GLY S 146 -25.34 -30.16 -36.09
N VAL S 147 -24.15 -30.62 -35.73
CA VAL S 147 -23.58 -31.83 -36.30
C VAL S 147 -23.32 -32.81 -35.17
N GLU S 148 -23.21 -34.08 -35.53
CA GLU S 148 -23.01 -35.13 -34.54
C GLU S 148 -21.56 -35.61 -34.43
N GLN S 149 -21.02 -35.47 -33.22
CA GLN S 149 -19.66 -35.92 -32.94
C GLN S 149 -19.71 -37.11 -31.99
N ALA S 150 -18.57 -37.77 -31.87
CA ALA S 150 -18.42 -38.85 -30.92
C ALA S 150 -18.34 -38.31 -29.51
N CYS S 151 -19.27 -38.74 -28.66
CA CYS S 151 -19.29 -38.36 -27.26
C CYS S 151 -19.39 -39.62 -26.41
N GLN S 152 -19.27 -39.42 -25.11
CA GLN S 152 -19.29 -40.52 -24.15
C GLN S 152 -20.20 -40.16 -22.99
N VAL S 153 -21.37 -40.80 -22.94
CA VAL S 153 -22.34 -40.57 -21.88
C VAL S 153 -22.61 -41.89 -21.19
N TYR S 154 -23.20 -41.81 -20.01
CA TYR S 154 -23.54 -43.01 -19.25
C TYR S 154 -24.69 -43.75 -19.93
N ALA S 155 -24.51 -45.05 -20.15
CA ALA S 155 -25.47 -45.82 -20.94
C ALA S 155 -26.75 -46.04 -20.17
N HIS S 156 -27.87 -45.73 -20.80
CA HIS S 156 -29.16 -45.81 -20.15
C HIS S 156 -29.58 -47.21 -19.72
N ASP S 157 -29.03 -48.23 -20.36
CA ASP S 157 -29.44 -49.58 -20.02
C ASP S 157 -28.76 -50.00 -18.72
N ALA S 158 -28.86 -51.28 -18.39
CA ALA S 158 -28.14 -51.87 -17.27
C ALA S 158 -27.68 -53.24 -17.74
N GLN S 159 -26.49 -53.29 -18.32
CA GLN S 159 -25.94 -54.54 -18.82
C GLN S 159 -24.71 -54.92 -18.02
N ASN S 160 -24.40 -56.21 -18.07
CA ASN S 160 -23.20 -56.71 -17.40
C ASN S 160 -21.98 -56.22 -18.15
N ARG S 161 -21.09 -55.54 -17.44
CA ARG S 161 -19.87 -55.02 -18.03
C ARG S 161 -18.75 -55.28 -17.02
N GLY S 162 -17.61 -54.60 -17.21
CA GLY S 162 -16.42 -54.98 -16.47
C GLY S 162 -16.43 -54.60 -15.01
N ALA S 163 -17.24 -53.62 -14.64
CA ALA S 163 -17.17 -53.03 -13.32
C ALA S 163 -18.01 -53.81 -12.31
N TYR S 164 -17.46 -53.99 -11.10
CA TYR S 164 -18.16 -54.63 -10.00
C TYR S 164 -17.99 -53.82 -8.72
N VAL S 165 -19.04 -53.77 -7.91
CA VAL S 165 -18.95 -53.27 -6.55
C VAL S 165 -19.28 -54.41 -5.61
N GLU S 166 -18.72 -54.35 -4.41
CA GLU S 166 -18.74 -55.47 -3.48
C GLU S 166 -19.73 -55.22 -2.36
N MET S 167 -20.61 -56.18 -2.14
CA MET S 167 -21.58 -56.15 -1.06
C MET S 167 -21.22 -57.21 -0.02
N HIS S 168 -21.26 -56.82 1.24
CA HIS S 168 -20.82 -57.65 2.36
C HIS S 168 -21.99 -57.96 3.27
N LEU S 169 -21.72 -58.73 4.33
CA LEU S 169 -22.69 -58.89 5.39
C LEU S 169 -22.89 -57.58 6.14
N PRO S 170 -24.12 -57.29 6.57
CA PRO S 170 -24.30 -56.15 7.45
C PRO S 170 -23.76 -56.43 8.83
N GLY S 171 -23.46 -55.36 9.55
CA GLY S 171 -23.05 -55.48 10.93
C GLY S 171 -24.24 -55.62 11.85
N SER S 172 -23.95 -55.67 13.14
CA SER S 172 -25.00 -55.73 14.15
C SER S 172 -25.56 -54.32 14.34
N GLU S 173 -26.74 -54.07 13.80
CA GLU S 173 -27.39 -52.78 14.02
C GLU S 173 -27.96 -52.74 15.42
N VAL S 174 -27.61 -51.71 16.17
CA VAL S 174 -28.15 -51.56 17.51
C VAL S 174 -29.55 -50.96 17.41
N ASP S 175 -30.33 -51.30 18.49
CA ASP S 175 -31.75 -50.93 18.79
C ASP S 175 -32.29 -50.62 20.27
N SER S 176 -32.29 -49.32 20.56
CA SER S 176 -32.76 -48.75 21.82
C SER S 176 -34.23 -49.06 22.03
N SER S 177 -35.00 -48.99 20.95
CA SER S 177 -36.42 -49.31 20.96
C SER S 177 -36.63 -50.77 21.38
N LEU S 178 -35.76 -51.67 20.91
CA LEU S 178 -35.88 -53.07 21.29
C LEU S 178 -35.76 -53.23 22.80
N VAL S 179 -34.83 -52.53 23.49
CA VAL S 179 -34.88 -52.76 24.99
C VAL S 179 -36.12 -52.17 25.79
N SER S 180 -36.62 -52.75 26.91
CA SER S 180 -37.79 -52.11 27.52
C SER S 180 -37.81 -52.39 29.02
N LEU S 181 -38.92 -52.05 29.65
CA LEU S 181 -39.08 -52.18 31.10
C LEU S 181 -40.30 -53.03 31.43
N SER S 182 -40.15 -53.88 32.44
CA SER S 182 -41.29 -54.43 33.17
C SER S 182 -41.57 -53.51 34.36
N GLY S 183 -42.34 -53.99 35.35
CA GLY S 183 -42.59 -53.26 36.58
C GLY S 183 -41.33 -52.85 37.31
N SER S 184 -40.45 -53.82 37.57
CA SER S 184 -39.06 -53.50 37.94
C SER S 184 -38.20 -54.64 37.37
N SER S 185 -37.78 -54.45 36.12
CA SER S 185 -37.01 -55.41 35.34
C SER S 185 -36.62 -54.70 34.05
N VAL S 186 -35.91 -55.42 33.19
CA VAL S 186 -35.58 -54.95 31.85
C VAL S 186 -35.86 -56.07 30.85
N THR S 187 -36.72 -55.79 29.88
CA THR S 187 -37.22 -56.78 28.95
C THR S 187 -36.71 -56.47 27.55
N VAL S 188 -36.14 -57.47 26.88
CA VAL S 188 -35.69 -57.35 25.50
C VAL S 188 -36.68 -58.09 24.62
N THR S 189 -37.41 -57.36 23.78
CA THR S 189 -38.43 -57.93 22.92
C THR S 189 -37.96 -57.85 21.48
N PRO S 190 -37.49 -58.92 20.87
CA PRO S 190 -37.09 -58.87 19.46
C PRO S 190 -38.31 -58.74 18.57
N PRO S 191 -38.14 -58.26 17.34
CA PRO S 191 -39.27 -58.23 16.40
C PRO S 191 -39.61 -59.63 15.90
N ASP S 192 -40.58 -59.66 14.99
CA ASP S 192 -41.24 -60.91 14.62
C ASP S 192 -40.32 -61.81 13.80
N GLY S 193 -40.13 -63.04 14.30
CA GLY S 193 -39.27 -64.00 13.64
C GLY S 193 -37.82 -63.60 13.58
N THR S 194 -37.30 -62.99 14.64
CA THR S 194 -36.03 -62.30 14.57
C THR S 194 -35.16 -62.67 15.76
N SER S 195 -33.93 -63.04 15.49
CA SER S 195 -32.93 -63.24 16.53
C SER S 195 -32.24 -61.93 16.87
N ALA S 196 -31.66 -61.87 18.07
CA ALA S 196 -30.91 -60.72 18.51
C ALA S 196 -29.85 -61.18 19.50
N LEU S 197 -28.82 -60.37 19.70
CA LEU S 197 -27.87 -60.62 20.77
C LEU S 197 -27.87 -59.41 21.71
N VAL S 198 -27.79 -59.69 23.01
CA VAL S 198 -27.91 -58.69 24.05
C VAL S 198 -26.61 -58.66 24.83
N GLU S 199 -26.12 -57.46 25.12
CA GLU S 199 -24.92 -57.28 25.94
C GLU S 199 -25.20 -56.25 27.02
N CYS S 200 -25.02 -56.65 28.28
CA CYS S 200 -25.26 -55.79 29.43
C CYS S 200 -24.05 -55.83 30.34
N GLU S 201 -23.86 -54.77 31.13
CA GLU S 201 -22.71 -54.67 32.01
C GLU S 201 -23.10 -54.09 33.37
N CYS S 202 -24.14 -54.65 34.00
CA CYS S 202 -24.54 -54.10 35.29
C CYS S 202 -23.96 -54.87 36.48
N GLY S 203 -23.92 -56.20 36.39
CA GLY S 203 -23.34 -57.02 37.44
C GLY S 203 -21.97 -57.49 37.04
N GLY S 204 -21.89 -58.72 36.53
CA GLY S 204 -20.67 -59.19 35.90
C GLY S 204 -20.62 -58.76 34.46
N THR S 205 -20.43 -59.69 33.53
CA THR S 205 -20.38 -59.38 32.11
C THR S 205 -21.22 -60.40 31.37
N LYS S 206 -22.18 -59.92 30.57
CA LYS S 206 -23.16 -60.79 29.93
C LYS S 206 -23.16 -60.58 28.42
N ILE S 207 -22.94 -61.66 27.68
CA ILE S 207 -23.15 -61.73 26.25
C ILE S 207 -24.08 -62.89 25.98
N SER S 208 -25.32 -62.59 25.60
CA SER S 208 -26.33 -63.61 25.38
C SER S 208 -26.98 -63.37 24.03
N GLU S 209 -27.62 -64.42 23.52
CA GLU S 209 -28.33 -64.37 22.25
C GLU S 209 -29.73 -64.93 22.45
N THR S 210 -30.72 -64.31 21.85
CA THR S 210 -32.07 -64.84 21.79
C THR S 210 -32.43 -65.20 20.35
N ILE S 211 -33.41 -66.08 20.21
CA ILE S 211 -34.05 -66.38 18.92
C ILE S 211 -35.54 -66.33 19.18
N ASN S 212 -36.15 -65.16 18.91
CA ASN S 212 -37.59 -64.92 18.97
C ASN S 212 -38.15 -65.21 20.36
N LYS S 213 -37.39 -64.86 21.39
CA LYS S 213 -37.78 -65.11 22.77
C LYS S 213 -37.74 -63.81 23.54
N THR S 214 -38.90 -63.33 23.96
CA THR S 214 -39.00 -62.17 24.83
C THR S 214 -38.49 -62.57 26.21
N LYS S 215 -37.25 -62.19 26.52
CA LYS S 215 -36.60 -62.62 27.74
C LYS S 215 -36.61 -61.50 28.77
N GLN S 216 -36.97 -61.85 29.99
CA GLN S 216 -36.88 -60.94 31.12
C GLN S 216 -35.57 -61.16 31.86
N PHE S 217 -34.83 -60.08 32.09
CA PHE S 217 -33.62 -60.11 32.90
C PHE S 217 -33.97 -59.64 34.30
N SER S 218 -33.48 -60.37 35.31
CA SER S 218 -33.82 -60.05 36.69
C SER S 218 -32.94 -58.94 37.24
N GLN S 219 -31.67 -58.95 36.89
CA GLN S 219 -30.74 -57.89 37.27
C GLN S 219 -30.79 -56.78 36.21
N CYS S 220 -29.86 -55.82 36.32
CA CYS S 220 -29.70 -54.69 35.39
C CYS S 220 -30.97 -53.84 35.31
N THR S 221 -31.28 -53.16 36.42
CA THR S 221 -32.57 -52.47 36.52
C THR S 221 -32.48 -51.02 36.03
N LYS S 222 -31.91 -50.84 34.83
CA LYS S 222 -31.92 -49.58 34.09
C LYS S 222 -31.95 -49.91 32.60
N LYS S 223 -32.50 -48.99 31.80
CA LYS S 223 -32.49 -49.19 30.36
C LYS S 223 -31.09 -49.05 29.79
N GLU S 224 -30.29 -48.12 30.32
CA GLU S 224 -28.98 -47.84 29.76
C GLU S 224 -27.94 -48.90 30.07
N GLN S 225 -28.27 -49.85 30.95
CA GLN S 225 -27.32 -50.92 31.26
C GLN S 225 -27.16 -51.92 30.12
N CYS S 226 -28.09 -51.95 29.17
CA CYS S 226 -28.14 -52.99 28.16
C CYS S 226 -28.20 -52.40 26.76
N ARG S 227 -27.45 -53.01 25.85
CA ARG S 227 -27.47 -52.66 24.44
C ARG S 227 -28.03 -53.84 23.67
N ALA S 228 -29.05 -53.61 22.86
CA ALA S 228 -29.73 -54.66 22.13
C ALA S 228 -29.42 -54.49 20.65
N TYR S 229 -28.71 -55.46 20.08
CA TYR S 229 -28.37 -55.43 18.66
C TYR S 229 -29.40 -56.23 17.87
N ARG S 230 -29.20 -56.31 16.55
CA ARG S 230 -30.11 -57.04 15.68
C ARG S 230 -29.31 -57.85 14.67
N LEU S 231 -29.85 -59.00 14.30
CA LEU S 231 -29.12 -59.99 13.51
C LEU S 231 -29.75 -60.14 12.14
N GLN S 232 -28.91 -60.05 11.10
CA GLN S 232 -29.34 -60.17 9.72
C GLN S 232 -28.45 -61.20 9.05
N ASN S 233 -29.05 -62.14 8.34
CA ASN S 233 -28.24 -63.26 7.87
C ASN S 233 -28.42 -63.55 6.39
N ASP S 234 -29.57 -63.22 5.82
CA ASP S 234 -29.85 -63.54 4.41
C ASP S 234 -29.74 -62.33 3.49
N LYS S 235 -29.19 -61.22 3.96
CA LYS S 235 -29.15 -60.00 3.18
C LYS S 235 -27.74 -59.45 3.10
N TRP S 236 -27.52 -58.58 2.11
CA TRP S 236 -26.29 -57.86 1.90
C TRP S 236 -26.50 -56.37 2.12
N VAL S 237 -25.39 -55.68 2.40
CA VAL S 237 -25.33 -54.23 2.29
C VAL S 237 -24.03 -53.91 1.54
N TYR S 238 -23.96 -52.70 1.01
CA TYR S 238 -22.76 -52.23 0.34
C TYR S 238 -21.63 -52.06 1.34
N ASN S 239 -20.40 -52.26 0.86
CA ASN S 239 -19.19 -52.09 1.67
C ASN S 239 -18.98 -50.61 1.95
N SER S 240 -19.76 -50.05 2.86
CA SER S 240 -19.79 -48.62 3.10
C SER S 240 -18.99 -48.27 4.34
N ASP S 241 -18.49 -47.04 4.38
CA ASP S 241 -17.82 -46.55 5.57
C ASP S 241 -18.78 -46.06 6.63
N LYS S 242 -20.09 -46.07 6.36
CA LYS S 242 -21.06 -45.54 7.29
C LYS S 242 -21.79 -46.63 8.05
N LEU S 243 -21.31 -47.87 7.97
CA LEU S 243 -21.90 -49.02 8.61
C LEU S 243 -20.81 -49.81 9.31
N PRO S 244 -21.06 -50.32 10.51
CA PRO S 244 -20.08 -51.21 11.15
C PRO S 244 -20.03 -52.55 10.44
N LYS S 245 -18.88 -53.20 10.51
CA LYS S 245 -18.70 -54.45 9.79
C LYS S 245 -18.85 -55.64 10.74
N ALA S 246 -19.21 -56.77 10.17
CA ALA S 246 -19.51 -57.98 10.93
C ALA S 246 -18.23 -58.77 11.20
N ALA S 247 -18.29 -59.60 12.23
CA ALA S 247 -17.14 -60.43 12.59
C ALA S 247 -16.93 -61.53 11.57
N GLY S 248 -15.67 -61.79 11.25
CA GLY S 248 -15.32 -62.68 10.16
C GLY S 248 -14.98 -61.83 8.94
N ALA S 249 -13.99 -62.29 8.18
CA ALA S 249 -13.46 -61.51 7.08
C ALA S 249 -14.09 -61.87 5.73
N THR S 250 -15.29 -62.45 5.74
CA THR S 250 -15.92 -62.86 4.50
C THR S 250 -16.57 -61.66 3.81
N LEU S 251 -16.22 -61.45 2.54
CA LEU S 251 -16.84 -60.41 1.76
C LEU S 251 -18.10 -60.90 1.06
N LYS S 252 -18.17 -62.21 0.83
CA LYS S 252 -19.32 -62.98 0.35
C LYS S 252 -19.77 -62.68 -1.08
N GLY S 253 -19.20 -61.67 -1.74
CA GLY S 253 -19.58 -61.47 -3.13
C GLY S 253 -19.64 -60.03 -3.59
N LYS S 254 -20.01 -59.86 -4.87
CA LYS S 254 -19.95 -58.57 -5.54
C LYS S 254 -20.92 -58.58 -6.70
N LEU S 255 -21.40 -57.38 -7.07
CA LEU S 255 -22.37 -57.24 -8.14
C LEU S 255 -21.89 -56.22 -9.15
N HIS S 256 -22.33 -56.36 -10.40
CA HIS S 256 -21.93 -55.41 -11.42
C HIS S 256 -22.86 -54.20 -11.41
N VAL S 257 -22.31 -53.06 -11.83
CA VAL S 257 -23.02 -51.79 -11.72
C VAL S 257 -23.80 -51.50 -12.99
N PRO S 258 -24.92 -50.82 -12.88
CA PRO S 258 -25.60 -50.31 -14.07
C PRO S 258 -24.99 -49.00 -14.51
N PHE S 259 -25.39 -48.59 -15.71
CA PHE S 259 -25.18 -47.24 -16.25
C PHE S 259 -23.69 -46.93 -16.41
N LEU S 260 -22.93 -47.84 -16.99
CA LEU S 260 -21.55 -47.47 -17.26
C LEU S 260 -21.45 -46.52 -18.44
N LEU S 261 -20.25 -46.02 -18.63
CA LEU S 261 -19.97 -45.05 -19.68
C LEU S 261 -19.71 -45.77 -20.98
N ALA S 262 -20.34 -45.32 -22.06
CA ALA S 262 -20.21 -45.96 -23.35
C ALA S 262 -20.01 -44.90 -24.42
N ASP S 263 -19.87 -45.35 -25.66
CA ASP S 263 -19.58 -44.47 -26.80
C ASP S 263 -20.87 -44.14 -27.54
N GLY S 264 -21.24 -42.86 -27.55
CA GLY S 264 -22.46 -42.45 -28.21
C GLY S 264 -22.23 -41.36 -29.25
N LYS S 265 -23.30 -40.66 -29.64
CA LYS S 265 -23.22 -39.56 -30.59
C LYS S 265 -24.00 -38.38 -30.06
N CYS S 266 -23.39 -37.21 -30.05
CA CYS S 266 -23.99 -36.01 -29.48
C CYS S 266 -24.00 -34.89 -30.51
N THR S 267 -25.09 -34.13 -30.52
CA THR S 267 -25.23 -32.98 -31.41
C THR S 267 -24.49 -31.80 -30.80
N VAL S 268 -23.53 -31.24 -31.54
CA VAL S 268 -22.76 -30.11 -31.07
C VAL S 268 -23.17 -28.88 -31.87
N PRO S 269 -23.13 -27.68 -31.31
CA PRO S 269 -23.51 -26.49 -32.07
C PRO S 269 -22.50 -26.17 -33.15
N LEU S 270 -22.90 -25.27 -34.03
CA LEU S 270 -22.09 -24.88 -35.17
C LEU S 270 -22.07 -23.36 -35.20
N ALA S 271 -20.87 -22.79 -35.22
CA ALA S 271 -20.71 -21.36 -35.08
C ALA S 271 -21.15 -20.63 -36.34
N PRO S 272 -21.48 -19.35 -36.24
CA PRO S 272 -21.65 -18.55 -37.47
C PRO S 272 -20.36 -18.44 -38.24
N GLU S 273 -20.47 -18.47 -39.56
CA GLU S 273 -19.28 -18.47 -40.41
C GLU S 273 -18.61 -17.10 -40.37
N PRO S 274 -17.28 -17.06 -40.36
CA PRO S 274 -16.59 -15.77 -40.32
C PRO S 274 -16.70 -15.00 -41.62
N MET S 275 -16.35 -13.73 -41.55
CA MET S 275 -16.29 -12.86 -42.72
C MET S 275 -14.82 -12.59 -43.02
N ILE S 276 -14.34 -13.15 -44.13
CA ILE S 276 -12.91 -13.26 -44.40
C ILE S 276 -12.54 -12.23 -45.44
N THR S 277 -11.62 -11.34 -45.08
CA THR S 277 -11.12 -10.28 -45.94
C THR S 277 -9.63 -10.50 -46.14
N PHE S 278 -9.16 -10.33 -47.38
CA PHE S 278 -7.76 -10.62 -47.67
C PHE S 278 -6.96 -9.34 -47.86
N GLY S 279 -5.67 -9.44 -47.56
CA GLY S 279 -4.73 -8.38 -47.82
C GLY S 279 -3.48 -9.02 -48.36
N PHE S 280 -2.47 -8.19 -48.60
CA PHE S 280 -1.20 -8.70 -49.12
C PHE S 280 -0.47 -9.43 -48.01
N ARG S 281 -0.38 -10.76 -48.17
CA ARG S 281 0.18 -11.67 -47.17
C ARG S 281 -0.53 -11.53 -45.83
N SER S 282 -1.86 -11.52 -45.88
CA SER S 282 -2.66 -11.31 -44.68
C SER S 282 -4.08 -11.78 -44.92
N VAL S 283 -4.72 -12.24 -43.85
CA VAL S 283 -6.12 -12.63 -43.84
C VAL S 283 -6.75 -12.08 -42.57
N SER S 284 -7.82 -11.30 -42.72
CA SER S 284 -8.52 -10.74 -41.57
C SER S 284 -9.81 -11.54 -41.34
N LEU S 285 -10.21 -11.64 -40.07
CA LEU S 285 -11.34 -12.47 -39.68
C LEU S 285 -12.27 -11.69 -38.77
N LYS S 286 -13.52 -11.51 -39.18
CA LYS S 286 -14.54 -10.93 -38.32
C LYS S 286 -15.42 -12.04 -37.76
N LEU S 287 -15.45 -12.14 -36.45
CA LEU S 287 -15.94 -13.32 -35.74
C LEU S 287 -17.05 -12.91 -34.80
N HIS S 288 -18.25 -13.46 -34.99
CA HIS S 288 -19.42 -13.11 -34.19
C HIS S 288 -19.95 -14.39 -33.55
N PRO S 289 -19.44 -14.79 -32.39
CA PRO S 289 -19.90 -16.02 -31.76
C PRO S 289 -21.26 -15.84 -31.11
N LYS S 290 -22.02 -16.93 -31.07
CA LYS S 290 -23.24 -16.96 -30.27
C LYS S 290 -22.89 -17.22 -28.82
N ASN S 291 -22.34 -18.40 -28.55
CA ASN S 291 -21.75 -18.80 -27.29
C ASN S 291 -20.23 -18.87 -27.46
N PRO S 292 -19.44 -18.94 -26.37
CA PRO S 292 -17.98 -18.92 -26.51
C PRO S 292 -17.40 -20.07 -27.34
N THR S 293 -16.36 -19.75 -28.09
CA THR S 293 -15.91 -20.57 -29.20
C THR S 293 -14.41 -20.48 -29.35
N TYR S 294 -13.73 -21.64 -29.38
CA TYR S 294 -12.30 -21.67 -29.60
C TYR S 294 -11.93 -21.41 -31.05
N LEU S 295 -10.83 -20.69 -31.24
CA LEU S 295 -10.24 -20.42 -32.54
C LEU S 295 -8.82 -20.96 -32.55
N ILE S 296 -8.55 -21.93 -33.41
CA ILE S 296 -7.25 -22.59 -33.44
C ILE S 296 -6.65 -22.36 -34.81
N THR S 297 -5.52 -21.66 -34.86
CA THR S 297 -4.84 -21.36 -36.11
C THR S 297 -3.40 -21.84 -36.03
N ARG S 298 -2.84 -22.24 -37.18
CA ARG S 298 -1.43 -22.60 -37.26
C ARG S 298 -0.96 -22.46 -38.71
N GLN S 299 0.34 -22.33 -38.88
CA GLN S 299 0.96 -22.21 -40.19
C GLN S 299 1.39 -23.58 -40.69
N LEU S 300 1.54 -23.70 -42.01
CA LEU S 300 1.84 -24.97 -42.66
C LEU S 300 3.31 -25.09 -43.03
N ALA S 301 4.19 -24.59 -42.19
CA ALA S 301 5.62 -24.55 -42.46
C ALA S 301 6.37 -25.26 -41.34
N ASP S 302 7.70 -25.09 -41.31
CA ASP S 302 8.52 -25.78 -40.34
C ASP S 302 8.29 -25.27 -38.92
N GLU S 303 8.06 -23.97 -38.76
CA GLU S 303 7.66 -23.44 -37.47
C GLU S 303 6.17 -23.13 -37.53
N PRO S 304 5.34 -23.85 -36.79
CA PRO S 304 3.90 -23.67 -36.94
C PRO S 304 3.36 -22.39 -36.32
N HIS S 305 3.95 -21.92 -35.23
CA HIS S 305 3.55 -20.69 -34.53
C HIS S 305 2.06 -20.68 -34.20
N TYR S 306 1.58 -21.79 -33.63
CA TYR S 306 0.15 -21.99 -33.50
C TYR S 306 -0.45 -21.04 -32.47
N THR S 307 -1.76 -20.82 -32.59
CA THR S 307 -2.46 -19.90 -31.73
C THR S 307 -3.77 -20.57 -31.33
N HIS S 308 -4.19 -20.34 -30.08
CA HIS S 308 -5.34 -21.00 -29.49
C HIS S 308 -6.01 -20.02 -28.56
N GLU S 309 -7.29 -19.76 -28.78
CA GLU S 309 -7.94 -18.65 -28.09
C GLU S 309 -9.44 -18.89 -27.98
N LEU S 310 -9.96 -18.83 -26.76
CA LEU S 310 -11.39 -18.96 -26.51
C LEU S 310 -12.04 -17.60 -26.69
N ILE S 311 -12.77 -17.44 -27.79
CA ILE S 311 -13.39 -16.18 -28.16
C ILE S 311 -14.86 -16.24 -27.78
N SER S 312 -15.37 -15.17 -27.15
CA SER S 312 -16.74 -15.13 -26.67
C SER S 312 -17.52 -13.89 -27.08
N GLU S 313 -16.87 -12.77 -27.34
CA GLU S 313 -17.44 -11.53 -27.82
C GLU S 313 -17.04 -11.35 -29.28
N PRO S 314 -17.63 -10.38 -29.99
CA PRO S 314 -17.17 -10.11 -31.35
C PRO S 314 -15.74 -9.62 -31.41
N ALA S 315 -14.98 -10.18 -32.35
CA ALA S 315 -13.54 -9.97 -32.42
C ALA S 315 -13.11 -9.81 -33.87
N VAL S 316 -11.95 -9.20 -34.06
CA VAL S 316 -11.31 -9.05 -35.36
C VAL S 316 -9.86 -9.47 -35.21
N ARG S 317 -9.46 -10.50 -35.95
CA ARG S 317 -8.16 -11.14 -35.75
C ARG S 317 -7.38 -11.13 -37.04
N ASN S 318 -6.51 -10.14 -37.19
CA ASN S 318 -5.66 -10.01 -38.37
C ASN S 318 -4.49 -10.97 -38.23
N PHE S 319 -4.32 -11.85 -39.20
CA PHE S 319 -3.22 -12.81 -39.21
C PHE S 319 -2.32 -12.55 -40.40
N THR S 320 -1.23 -13.30 -40.45
CA THR S 320 -0.25 -13.19 -41.52
C THR S 320 -0.16 -14.53 -42.24
N VAL S 321 -0.28 -14.49 -43.56
CA VAL S 321 -0.25 -15.68 -44.39
C VAL S 321 0.93 -15.56 -45.33
N THR S 322 1.84 -16.52 -45.27
CA THR S 322 2.98 -16.50 -46.17
C THR S 322 2.69 -17.43 -47.34
N GLU S 323 3.69 -17.64 -48.19
CA GLU S 323 3.54 -18.51 -49.35
C GLU S 323 3.67 -19.98 -49.01
N LYS S 324 3.80 -20.31 -47.72
CA LYS S 324 3.94 -21.67 -47.24
C LYS S 324 2.67 -22.21 -46.60
N GLY S 325 1.63 -21.41 -46.47
CA GLY S 325 0.34 -21.88 -46.02
C GLY S 325 -0.07 -21.28 -44.68
N TRP S 326 -1.36 -21.45 -44.39
CA TRP S 326 -1.99 -21.05 -43.15
C TRP S 326 -3.33 -21.77 -43.04
N GLU S 327 -3.77 -22.02 -41.81
CA GLU S 327 -4.90 -22.90 -41.54
C GLU S 327 -5.62 -22.46 -40.28
N PHE S 328 -6.92 -22.22 -40.35
CA PHE S 328 -7.68 -21.92 -39.14
C PHE S 328 -8.79 -22.96 -38.95
N VAL S 329 -9.09 -23.21 -37.68
CA VAL S 329 -10.24 -24.00 -37.27
C VAL S 329 -11.11 -23.08 -36.42
N TRP S 330 -12.36 -22.90 -36.81
CA TRP S 330 -13.28 -22.01 -36.12
C TRP S 330 -14.48 -22.82 -35.63
N GLY S 331 -14.51 -23.12 -34.34
CA GLY S 331 -15.65 -23.82 -33.78
C GLY S 331 -15.57 -25.29 -34.09
N ASN S 332 -16.70 -25.85 -34.53
CA ASN S 332 -16.77 -27.23 -34.96
C ASN S 332 -16.66 -27.35 -36.48
N HIS S 333 -16.36 -26.25 -37.17
CA HIS S 333 -16.15 -26.25 -38.61
C HIS S 333 -14.86 -26.99 -38.95
N PRO S 334 -14.74 -27.49 -40.17
CA PRO S 334 -13.48 -28.11 -40.61
C PRO S 334 -12.38 -27.07 -40.77
N PRO S 335 -11.12 -27.50 -40.90
CA PRO S 335 -10.04 -26.55 -41.17
C PRO S 335 -10.11 -25.99 -42.58
N LYS S 336 -10.07 -24.67 -42.68
CA LYS S 336 -9.96 -23.98 -43.96
C LYS S 336 -8.51 -23.56 -44.15
N ARG S 337 -7.91 -23.95 -45.28
CA ARG S 337 -6.53 -23.62 -45.55
C ARG S 337 -6.42 -22.50 -46.57
N PHE S 338 -5.46 -21.61 -46.33
CA PHE S 338 -5.21 -20.47 -47.20
C PHE S 338 -3.75 -20.41 -47.58
N TRP S 339 -3.51 -19.89 -48.77
CA TRP S 339 -2.18 -19.84 -49.38
C TRP S 339 -2.03 -18.49 -50.06
N ALA S 340 -0.87 -17.87 -49.90
CA ALA S 340 -0.62 -16.55 -50.44
C ALA S 340 0.09 -16.64 -51.78
N GLN S 341 -0.10 -15.63 -52.63
CA GLN S 341 0.64 -15.54 -53.86
C GLN S 341 1.16 -14.12 -54.06
N GLU S 342 1.97 -13.94 -55.08
CA GLU S 342 2.87 -12.79 -55.19
C GLU S 342 2.12 -11.60 -55.80
N THR S 343 1.64 -10.70 -54.94
CA THR S 343 0.98 -9.45 -55.36
C THR S 343 1.60 -8.29 -54.58
N ALA S 344 2.73 -7.82 -55.02
CA ALA S 344 3.28 -6.76 -54.18
C ALA S 344 2.78 -5.39 -54.66
N PRO S 345 2.72 -4.40 -53.76
CA PRO S 345 2.41 -3.04 -54.21
C PRO S 345 3.50 -2.41 -55.04
N GLY S 346 3.23 -2.17 -56.32
CA GLY S 346 4.20 -1.53 -57.17
C GLY S 346 4.22 -2.07 -58.59
N ASN S 347 4.94 -1.40 -59.48
CA ASN S 347 5.10 -1.86 -60.85
C ASN S 347 6.51 -2.37 -61.01
N PRO S 348 6.73 -3.64 -61.37
CA PRO S 348 8.09 -4.14 -61.57
C PRO S 348 8.71 -3.72 -62.89
N HIS S 349 8.01 -2.98 -63.76
CA HIS S 349 8.51 -2.70 -65.09
C HIS S 349 8.79 -1.22 -65.32
N GLY S 350 9.44 -0.54 -64.38
CA GLY S 350 9.96 0.79 -64.62
C GLY S 350 9.64 1.73 -63.47
N LEU S 351 10.01 3.02 -63.69
CA LEU S 351 9.88 4.13 -62.74
C LEU S 351 10.58 3.81 -61.43
N PRO S 352 11.93 3.96 -61.36
CA PRO S 352 12.75 3.29 -60.32
C PRO S 352 12.42 3.51 -58.86
N HIS S 353 11.50 4.42 -58.55
CA HIS S 353 10.93 4.49 -57.21
C HIS S 353 9.77 3.52 -57.01
N GLU S 354 9.35 2.81 -58.06
CA GLU S 354 8.30 1.80 -57.96
C GLU S 354 8.85 0.38 -57.89
N VAL S 355 9.91 0.09 -58.63
CA VAL S 355 10.51 -1.24 -58.57
C VAL S 355 11.15 -1.48 -57.22
N ILE S 356 11.66 -0.44 -56.56
CA ILE S 356 12.24 -0.60 -55.24
C ILE S 356 11.16 -0.98 -54.23
N THR S 357 9.99 -0.33 -54.30
CA THR S 357 8.93 -0.66 -53.37
C THR S 357 8.30 -2.01 -53.68
N HIS S 358 8.25 -2.40 -54.96
CA HIS S 358 7.80 -3.74 -55.31
C HIS S 358 8.71 -4.81 -54.72
N TYR S 359 10.00 -4.72 -55.02
CA TYR S 359 10.93 -5.71 -54.49
C TYR S 359 11.24 -5.52 -53.00
N TYR S 360 10.72 -4.47 -52.37
CA TYR S 360 10.79 -4.33 -50.93
C TYR S 360 9.60 -4.97 -50.24
N HIS S 361 8.39 -4.80 -50.77
CA HIS S 361 7.27 -5.54 -50.21
C HIS S 361 7.34 -7.02 -50.56
N ARG S 362 8.06 -7.38 -51.62
CA ARG S 362 8.30 -8.78 -51.92
C ARG S 362 9.36 -9.36 -50.99
N TYR S 363 10.58 -8.81 -51.01
CA TYR S 363 11.68 -9.25 -50.15
C TYR S 363 12.19 -8.07 -49.34
N PRO S 364 11.83 -7.95 -48.05
CA PRO S 364 12.20 -6.74 -47.31
C PRO S 364 13.67 -6.64 -46.95
N MET S 365 14.29 -7.73 -46.51
CA MET S 365 15.67 -7.68 -46.05
C MET S 365 16.65 -7.55 -47.20
N SER S 366 16.43 -8.34 -48.27
CA SER S 366 17.37 -8.40 -49.38
C SER S 366 17.44 -7.09 -50.15
N THR S 367 16.33 -6.35 -50.21
CA THR S 367 16.32 -5.07 -50.91
C THR S 367 17.16 -4.03 -50.18
N ILE S 368 17.01 -3.96 -48.85
CA ILE S 368 17.79 -3.04 -48.03
C ILE S 368 19.28 -3.39 -48.12
N LEU S 369 19.60 -4.68 -48.02
CA LEU S 369 20.99 -5.13 -48.08
C LEU S 369 21.62 -4.86 -49.45
N GLY S 370 20.88 -5.16 -50.52
CA GLY S 370 21.42 -4.96 -51.86
C GLY S 370 21.59 -3.50 -52.23
N LEU S 371 20.62 -2.66 -51.88
CA LEU S 371 20.76 -1.24 -52.14
C LEU S 371 21.86 -0.62 -51.31
N SER S 372 22.06 -1.11 -50.07
CA SER S 372 23.14 -0.60 -49.23
C SER S 372 24.51 -0.96 -49.82
N ILE S 373 24.68 -2.21 -50.25
CA ILE S 373 26.00 -2.58 -50.76
C ILE S 373 26.25 -1.98 -52.14
N CYS S 374 25.20 -1.78 -52.96
CA CYS S 374 25.40 -1.13 -54.25
C CYS S 374 25.71 0.35 -54.09
N ALA S 375 25.08 1.01 -53.11
CA ALA S 375 25.40 2.41 -52.86
C ALA S 375 26.81 2.55 -52.28
N ALA S 376 27.25 1.59 -51.46
CA ALA S 376 28.61 1.66 -50.93
C ALA S 376 29.65 1.42 -52.02
N ILE S 377 29.39 0.48 -52.93
CA ILE S 377 30.31 0.23 -54.04
C ILE S 377 30.38 1.43 -54.97
N ALA S 378 29.21 2.02 -55.30
CA ALA S 378 29.19 3.21 -56.16
C ALA S 378 29.88 4.40 -55.50
N THR S 379 29.72 4.55 -54.18
CA THR S 379 30.35 5.65 -53.46
C THR S 379 31.86 5.51 -53.44
N VAL S 380 32.36 4.30 -53.16
CA VAL S 380 33.80 4.04 -53.14
C VAL S 380 34.39 4.25 -54.53
N SER S 381 33.67 3.82 -55.58
CA SER S 381 34.20 3.96 -56.94
C SER S 381 34.25 5.42 -57.38
N VAL S 382 33.21 6.20 -57.09
CA VAL S 382 33.20 7.61 -57.47
C VAL S 382 34.25 8.39 -56.68
N ALA S 383 34.38 8.10 -55.38
CA ALA S 383 35.38 8.78 -54.56
C ALA S 383 36.80 8.44 -55.00
N ALA S 384 37.04 7.18 -55.36
CA ALA S 384 38.38 6.76 -55.78
C ALA S 384 38.73 7.34 -57.16
N SER S 385 37.75 7.42 -58.05
CA SER S 385 38.00 8.00 -59.37
C SER S 385 38.25 9.50 -59.26
N THR S 386 37.54 10.19 -58.37
CA THR S 386 37.79 11.61 -58.16
C THR S 386 39.14 11.84 -57.51
N TRP S 387 39.54 10.94 -56.61
CA TRP S 387 40.86 11.01 -56.00
C TRP S 387 41.97 10.84 -57.03
N LEU S 388 41.82 9.85 -57.93
CA LEU S 388 42.81 9.66 -58.98
C LEU S 388 42.81 10.81 -59.98
N PHE S 389 41.67 11.44 -60.22
CA PHE S 389 41.62 12.61 -61.09
C PHE S 389 42.38 13.78 -60.48
N CYS S 390 42.17 14.04 -59.18
CA CYS S 390 42.92 15.11 -58.52
C CYS S 390 44.41 14.81 -58.45
N ARG S 391 44.75 13.53 -58.26
CA ARG S 391 46.15 13.11 -58.27
C ARG S 391 46.80 13.35 -59.62
N SER S 392 46.11 13.03 -60.71
CA SER S 392 46.67 13.25 -62.04
C SER S 392 46.70 14.73 -62.40
N ARG S 393 45.77 15.54 -61.90
CA ARG S 393 45.83 16.97 -62.15
C ARG S 393 47.01 17.62 -61.43
N VAL S 394 47.26 17.19 -60.19
CA VAL S 394 48.46 17.64 -59.47
C VAL S 394 49.72 17.20 -60.19
N ALA S 395 49.75 15.95 -60.66
CA ALA S 395 50.93 15.43 -61.35
C ALA S 395 51.16 16.11 -62.70
N CYS S 396 50.10 16.59 -63.35
CA CYS S 396 50.27 17.41 -64.54
C CYS S 396 50.84 18.77 -64.18
N LEU S 397 50.25 19.45 -63.21
CA LEU S 397 50.56 20.86 -63.03
C LEU S 397 51.71 21.13 -62.08
N THR S 398 52.27 20.10 -61.44
CA THR S 398 53.40 20.34 -60.53
C THR S 398 54.70 20.74 -61.26
N PRO S 399 55.12 20.12 -62.38
CA PRO S 399 56.34 20.63 -63.03
C PRO S 399 56.19 22.02 -63.65
N TYR S 400 55.00 22.40 -64.06
CA TYR S 400 54.80 23.66 -64.77
C TYR S 400 54.64 24.85 -63.83
N ARG S 401 54.33 24.63 -62.57
CA ARG S 401 54.18 25.73 -61.62
C ARG S 401 55.47 26.08 -60.90
N LEU S 402 56.40 25.14 -60.76
CA LEU S 402 57.69 25.42 -60.16
C LEU S 402 58.62 26.21 -61.06
N THR S 403 58.30 26.34 -62.34
CA THR S 403 59.13 27.13 -63.23
C THR S 403 58.92 28.62 -62.96
N PRO S 404 59.99 29.42 -62.99
CA PRO S 404 59.83 30.86 -62.72
C PRO S 404 59.17 31.64 -63.85
N ASN S 405 58.99 31.03 -65.02
CA ASN S 405 58.33 31.72 -66.12
C ASN S 405 56.82 31.80 -65.87
N ALA S 406 56.31 30.75 -65.23
CA ALA S 406 54.88 30.60 -64.89
C ALA S 406 53.98 30.70 -66.11
N ARG S 407 54.13 29.73 -67.01
CA ARG S 407 53.27 29.57 -68.16
C ARG S 407 52.72 28.15 -68.21
N ILE S 408 51.58 28.00 -68.86
CA ILE S 408 50.91 26.71 -69.03
C ILE S 408 50.69 26.52 -70.52
N PRO S 409 51.06 25.38 -71.10
CA PRO S 409 50.82 25.15 -72.53
C PRO S 409 49.34 25.01 -72.87
N PHE S 410 49.07 24.89 -74.17
CA PHE S 410 47.70 25.04 -74.67
C PHE S 410 46.82 23.84 -74.31
N CYS S 411 47.36 22.63 -74.43
CA CYS S 411 46.54 21.43 -74.19
C CYS S 411 46.31 21.21 -72.69
N LEU S 412 47.35 21.34 -71.88
CA LEU S 412 47.24 21.05 -70.46
C LEU S 412 46.58 22.16 -69.66
N ALA S 413 46.22 23.28 -70.28
CA ALA S 413 45.52 24.33 -69.55
C ALA S 413 44.04 24.03 -69.40
N VAL S 414 43.34 23.84 -70.52
CA VAL S 414 41.90 23.67 -70.49
C VAL S 414 41.52 22.27 -70.02
N LEU S 415 42.32 21.27 -70.39
CA LEU S 415 41.99 19.89 -70.04
C LEU S 415 42.18 19.61 -68.55
N CYS S 416 42.96 20.43 -67.86
CA CYS S 416 43.16 20.29 -66.43
C CYS S 416 42.67 21.50 -65.64
N CYS S 417 41.93 22.41 -66.30
CA CYS S 417 41.37 23.64 -65.71
C CYS S 417 42.46 24.52 -65.11
N ALA S 418 43.61 24.56 -65.76
CA ALA S 418 44.73 25.39 -65.31
C ALA S 418 44.55 26.81 -65.84
N ARG S 419 44.58 27.78 -64.93
CA ARG S 419 44.41 29.17 -65.30
C ARG S 419 45.06 30.08 -64.27
N TYR T 1 13.53 -50.87 -69.17
CA TYR T 1 14.33 -49.65 -69.17
C TYR T 1 14.38 -49.07 -67.76
N GLU T 2 15.57 -48.70 -67.31
CA GLU T 2 15.73 -48.11 -65.99
C GLU T 2 15.48 -46.61 -66.08
N HIS T 3 14.58 -46.11 -65.22
CA HIS T 3 14.27 -44.69 -65.19
C HIS T 3 14.05 -44.27 -63.74
N ALA T 4 14.80 -43.26 -63.31
CA ALA T 4 14.73 -42.77 -61.95
C ALA T 4 14.37 -41.28 -61.96
N THR T 5 13.44 -40.90 -61.09
CA THR T 5 13.00 -39.51 -61.00
C THR T 5 12.85 -39.15 -59.53
N THR T 6 12.44 -37.90 -59.28
CA THR T 6 12.36 -37.36 -57.93
C THR T 6 11.13 -36.47 -57.84
N MET T 7 10.09 -36.97 -57.18
CA MET T 7 8.79 -36.40 -56.86
C MET T 7 8.80 -35.74 -55.49
N PRO T 8 8.35 -34.50 -55.38
CA PRO T 8 8.22 -33.88 -54.05
C PRO T 8 7.06 -34.49 -53.27
N SER T 9 7.29 -34.71 -51.98
CA SER T 9 6.32 -35.30 -51.08
C SER T 9 5.24 -34.29 -50.75
N GLN T 10 4.16 -34.31 -51.53
CA GLN T 10 3.00 -33.45 -51.30
C GLN T 10 1.83 -34.04 -52.05
N ALA T 11 0.79 -34.45 -51.32
CA ALA T 11 -0.32 -35.14 -51.94
C ALA T 11 -1.30 -34.18 -52.60
N GLY T 12 -1.93 -34.65 -53.67
CA GLY T 12 -2.91 -33.88 -54.39
C GLY T 12 -2.40 -33.29 -55.69
N ILE T 13 -1.21 -32.72 -55.67
CA ILE T 13 -0.62 -32.10 -56.85
C ILE T 13 -0.04 -33.19 -57.75
N SER T 14 -0.37 -33.12 -59.03
CA SER T 14 0.10 -34.11 -59.99
C SER T 14 1.59 -33.94 -60.25
N TYR T 15 2.21 -35.00 -60.74
CA TYR T 15 3.60 -34.97 -61.16
C TYR T 15 3.73 -35.67 -62.50
N ASN T 16 4.30 -34.97 -63.49
CA ASN T 16 4.47 -35.48 -64.83
C ASN T 16 5.94 -35.63 -65.17
N THR T 17 6.27 -36.70 -65.88
CA THR T 17 7.59 -36.87 -66.47
C THR T 17 7.47 -37.85 -67.62
N ILE T 18 8.45 -37.81 -68.52
CA ILE T 18 8.45 -38.67 -69.69
C ILE T 18 9.77 -39.43 -69.76
N VAL T 19 9.70 -40.67 -70.23
CA VAL T 19 10.87 -41.51 -70.46
C VAL T 19 11.34 -41.29 -71.88
N ASN T 20 12.63 -41.02 -72.04
CA ASN T 20 13.21 -40.81 -73.37
C ASN T 20 14.23 -41.92 -73.65
N ARG T 21 13.74 -43.06 -74.11
CA ARG T 21 14.62 -44.00 -74.79
C ARG T 21 14.76 -43.52 -76.23
N ALA T 22 15.97 -43.66 -76.79
CA ALA T 22 16.39 -42.85 -77.93
C ALA T 22 15.61 -43.18 -79.20
N GLY T 23 15.65 -44.43 -79.64
CA GLY T 23 15.04 -44.75 -80.91
C GLY T 23 13.56 -45.04 -80.86
N TYR T 24 12.91 -44.78 -79.73
CA TYR T 24 11.49 -45.10 -79.53
C TYR T 24 10.72 -43.83 -79.22
N ALA T 25 9.40 -43.95 -79.19
CA ALA T 25 8.54 -42.81 -78.91
C ALA T 25 8.54 -42.50 -77.41
N PRO T 26 8.49 -41.23 -77.03
CA PRO T 26 8.50 -40.89 -75.60
C PRO T 26 7.21 -41.31 -74.92
N LEU T 27 7.36 -41.85 -73.70
CA LEU T 27 6.24 -42.41 -72.96
C LEU T 27 5.91 -41.50 -71.80
N PRO T 28 4.70 -40.97 -71.70
CA PRO T 28 4.36 -40.10 -70.57
C PRO T 28 4.05 -40.90 -69.31
N ILE T 29 4.54 -40.38 -68.18
CA ILE T 29 4.25 -40.93 -66.86
C ILE T 29 3.62 -39.84 -66.02
N SER T 30 2.44 -40.09 -65.49
CA SER T 30 1.74 -39.15 -64.63
C SER T 30 1.38 -39.86 -63.34
N ILE T 31 1.90 -39.37 -62.21
CA ILE T 31 1.71 -39.99 -60.91
C ILE T 31 1.16 -38.96 -59.96
N THR T 32 -0.01 -39.22 -59.40
CA THR T 32 -0.63 -38.33 -58.43
C THR T 32 -0.75 -39.05 -57.11
N PRO T 33 -0.03 -38.63 -56.06
CA PRO T 33 -0.14 -39.31 -54.76
C PRO T 33 -1.43 -38.94 -54.05
N THR T 34 -2.19 -39.97 -53.64
CA THR T 34 -3.47 -39.72 -53.00
C THR T 34 -3.30 -39.45 -51.52
N LYS T 35 -2.48 -40.24 -50.84
CA LYS T 35 -2.33 -40.16 -49.39
C LYS T 35 -0.93 -40.63 -49.02
N ILE T 36 -0.29 -39.89 -48.13
CA ILE T 36 1.06 -40.19 -47.66
C ILE T 36 1.02 -40.31 -46.14
N LYS T 37 1.36 -41.48 -45.62
CA LYS T 37 1.26 -41.75 -44.19
C LYS T 37 2.62 -41.74 -43.52
N LEU T 38 2.60 -41.85 -42.20
CA LEU T 38 3.82 -41.95 -41.40
C LEU T 38 3.46 -42.68 -40.11
N ILE T 39 3.79 -43.96 -40.03
CA ILE T 39 3.36 -44.82 -38.94
C ILE T 39 4.58 -45.15 -38.09
N PRO T 40 4.67 -44.65 -36.86
CA PRO T 40 5.80 -45.03 -36.00
C PRO T 40 5.53 -46.33 -35.26
N THR T 41 6.62 -46.97 -34.86
CA THR T 41 6.52 -48.17 -34.05
C THR T 41 6.12 -47.76 -32.64
N VAL T 42 4.99 -48.28 -32.19
CA VAL T 42 4.29 -47.75 -31.03
C VAL T 42 4.16 -48.86 -30.01
N ASN T 43 4.68 -48.61 -28.81
CA ASN T 43 4.82 -49.63 -27.76
C ASN T 43 4.11 -49.13 -26.51
N LEU T 44 3.04 -49.82 -26.13
CA LEU T 44 2.28 -49.41 -24.95
C LEU T 44 3.06 -49.68 -23.68
N GLU T 45 3.00 -48.73 -22.74
CA GLU T 45 3.63 -48.90 -21.44
C GLU T 45 2.64 -49.00 -20.30
N TYR T 46 1.77 -48.00 -20.11
CA TYR T 46 0.74 -48.15 -19.09
C TYR T 46 -0.47 -47.30 -19.48
N VAL T 47 -1.59 -47.58 -18.82
CA VAL T 47 -2.80 -46.79 -19.01
C VAL T 47 -3.15 -46.12 -17.69
N THR T 48 -4.01 -45.12 -17.77
CA THR T 48 -4.35 -44.34 -16.59
C THR T 48 -5.79 -43.86 -16.70
N CYS T 49 -6.39 -43.56 -15.56
CA CYS T 49 -7.79 -43.16 -15.50
C CYS T 49 -8.02 -42.38 -14.22
N HIS T 50 -9.28 -42.09 -13.91
CA HIS T 50 -9.61 -41.56 -12.61
C HIS T 50 -9.47 -42.66 -11.57
N TYR T 51 -9.14 -42.27 -10.34
CA TYR T 51 -9.14 -43.28 -9.29
C TYR T 51 -10.50 -43.37 -8.63
N LYS T 52 -10.56 -44.19 -7.59
CA LYS T 52 -11.77 -44.41 -6.83
C LYS T 52 -11.33 -44.91 -5.48
N THR T 53 -11.44 -44.06 -4.46
CA THR T 53 -11.00 -44.43 -3.13
C THR T 53 -12.00 -45.39 -2.53
N GLY T 54 -11.55 -46.61 -2.25
CA GLY T 54 -12.39 -47.60 -1.63
C GLY T 54 -12.22 -47.56 -0.14
N MET T 55 -13.30 -47.35 0.59
CA MET T 55 -13.28 -47.19 2.03
C MET T 55 -13.88 -48.42 2.67
N ASP T 56 -13.08 -49.13 3.46
CA ASP T 56 -13.55 -50.33 4.13
C ASP T 56 -14.46 -49.95 5.29
N SER T 57 -15.33 -50.87 5.68
CA SER T 57 -16.27 -50.57 6.75
C SER T 57 -15.57 -50.51 8.10
N PRO T 58 -15.97 -49.60 8.98
CA PRO T 58 -15.27 -49.43 10.25
C PRO T 58 -15.53 -50.58 11.22
N ALA T 59 -14.48 -51.30 11.57
CA ALA T 59 -14.57 -52.33 12.59
C ALA T 59 -14.52 -51.66 13.96
N ILE T 60 -15.57 -51.85 14.76
CA ILE T 60 -15.69 -51.23 16.07
C ILE T 60 -15.72 -52.34 17.12
N LYS T 61 -14.94 -52.18 18.18
CA LYS T 61 -14.98 -53.07 19.33
C LYS T 61 -15.23 -52.23 20.58
N CYS T 62 -16.17 -52.68 21.41
CA CYS T 62 -16.54 -51.95 22.62
C CYS T 62 -15.74 -52.47 23.80
N CYS T 63 -15.02 -51.58 24.48
CA CYS T 63 -14.09 -51.87 25.58
C CYS T 63 -13.09 -52.96 25.19
N GLY T 64 -12.37 -52.69 24.11
CA GLY T 64 -11.31 -53.58 23.67
C GLY T 64 -10.20 -52.82 23.01
N SER T 65 -9.46 -53.48 22.11
CA SER T 65 -8.41 -52.80 21.36
C SER T 65 -8.20 -53.58 20.06
N GLN T 66 -8.61 -52.99 18.95
CA GLN T 66 -8.41 -53.54 17.62
C GLN T 66 -6.93 -53.54 17.25
N GLU T 67 -6.61 -54.31 16.23
CA GLU T 67 -5.25 -54.38 15.70
C GLU T 67 -5.27 -54.22 14.19
N CYS T 68 -4.21 -53.63 13.65
CA CYS T 68 -4.11 -53.33 12.24
C CYS T 68 -3.61 -54.55 11.47
N THR T 69 -4.27 -54.86 10.37
CA THR T 69 -3.87 -55.97 9.51
C THR T 69 -3.53 -55.44 8.13
N PRO T 70 -2.40 -55.85 7.56
CA PRO T 70 -2.08 -55.44 6.19
C PRO T 70 -2.79 -56.32 5.16
N THR T 71 -3.10 -55.71 4.02
CA THR T 71 -3.82 -56.38 2.94
C THR T 71 -3.11 -56.21 1.60
N TYR T 72 -2.10 -55.34 1.53
CA TYR T 72 -1.24 -55.12 0.36
C TYR T 72 -2.03 -54.64 -0.85
N ARG T 73 -3.08 -53.87 -0.60
CA ARG T 73 -3.83 -53.16 -1.61
C ARG T 73 -3.05 -51.95 -2.11
N PRO T 74 -3.41 -51.38 -3.27
CA PRO T 74 -2.66 -50.21 -3.75
C PRO T 74 -2.89 -48.97 -2.91
N ASP T 75 -1.78 -48.36 -2.47
CA ASP T 75 -1.74 -47.15 -1.65
C ASP T 75 -2.61 -47.28 -0.40
N GLU T 76 -2.45 -48.40 0.28
CA GLU T 76 -3.39 -48.81 1.32
C GLU T 76 -2.97 -48.21 2.65
N GLN T 77 -3.86 -47.40 3.23
CA GLN T 77 -3.60 -46.67 4.46
C GLN T 77 -4.44 -47.27 5.59
N CYS T 78 -3.80 -47.50 6.73
CA CYS T 78 -4.48 -48.11 7.86
C CYS T 78 -4.10 -47.37 9.13
N LYS T 79 -5.11 -47.03 9.93
CA LYS T 79 -4.88 -46.37 11.20
C LYS T 79 -5.98 -46.79 12.15
N VAL T 80 -5.68 -46.82 13.43
CA VAL T 80 -6.62 -47.25 14.45
C VAL T 80 -6.84 -46.10 15.42
N PHE T 81 -8.11 -45.83 15.73
CA PHE T 81 -8.50 -44.67 16.52
C PHE T 81 -9.15 -45.15 17.81
N THR T 82 -8.73 -44.61 18.93
CA THR T 82 -9.22 -45.04 20.23
C THR T 82 -10.01 -43.91 20.88
N GLY T 83 -10.87 -44.30 21.83
CA GLY T 83 -11.68 -43.34 22.53
C GLY T 83 -12.89 -42.82 21.77
N VAL T 84 -13.29 -43.50 20.71
CA VAL T 84 -14.43 -43.08 19.90
C VAL T 84 -15.71 -43.59 20.55
N TYR T 85 -16.83 -42.88 20.38
CA TYR T 85 -18.09 -43.30 20.96
C TYR T 85 -19.18 -43.23 19.90
N PRO T 86 -19.38 -44.30 19.13
CA PRO T 86 -20.22 -44.23 17.94
C PRO T 86 -21.71 -44.29 18.22
N PHE T 87 -22.47 -43.72 17.28
CA PHE T 87 -23.93 -43.71 17.28
C PHE T 87 -24.46 -44.33 16.00
N MET T 88 -25.47 -45.17 16.13
CA MET T 88 -26.23 -45.69 15.00
C MET T 88 -27.55 -44.92 14.93
N TRP T 89 -28.46 -45.38 14.08
CA TRP T 89 -29.79 -44.75 14.07
C TRP T 89 -30.59 -45.10 15.31
N GLY T 90 -30.38 -46.29 15.87
CA GLY T 90 -31.16 -46.74 17.00
C GLY T 90 -30.43 -46.69 18.32
N GLY T 91 -29.69 -45.62 18.55
CA GLY T 91 -29.06 -45.41 19.83
C GLY T 91 -27.55 -45.55 19.75
N ALA T 92 -26.92 -45.59 20.92
CA ALA T 92 -25.47 -45.71 20.99
C ALA T 92 -25.04 -47.12 20.62
N TYR T 93 -23.81 -47.23 20.12
CA TYR T 93 -23.30 -48.52 19.70
C TYR T 93 -22.55 -49.23 20.81
N CYS T 94 -21.90 -48.50 21.70
CA CYS T 94 -21.22 -49.07 22.84
C CYS T 94 -21.91 -48.63 24.13
N PHE T 95 -21.47 -49.20 25.25
CA PHE T 95 -21.89 -48.78 26.56
C PHE T 95 -20.78 -48.15 27.39
N CYS T 96 -19.52 -48.34 27.00
CA CYS T 96 -18.38 -47.80 27.72
C CYS T 96 -18.26 -46.30 27.46
N ASP T 97 -17.46 -45.64 28.29
CA ASP T 97 -17.18 -44.22 28.08
C ASP T 97 -15.88 -44.01 27.31
N THR T 98 -14.83 -44.70 27.71
CA THR T 98 -13.56 -44.73 27.01
C THR T 98 -13.26 -46.18 26.63
N GLU T 99 -12.03 -46.41 26.19
CA GLU T 99 -11.45 -47.71 25.83
C GLU T 99 -12.11 -48.36 24.62
N ASN T 100 -12.87 -47.61 23.84
CA ASN T 100 -13.44 -48.13 22.60
C ASN T 100 -12.47 -47.83 21.45
N THR T 101 -12.49 -48.70 20.44
CA THR T 101 -11.45 -48.73 19.44
C THR T 101 -12.06 -48.98 18.07
N GLN T 102 -11.55 -48.29 17.05
CA GLN T 102 -12.12 -48.32 15.71
C GLN T 102 -11.02 -48.25 14.66
N VAL T 103 -11.08 -49.12 13.66
CA VAL T 103 -10.11 -49.16 12.57
C VAL T 103 -10.69 -48.49 11.35
N SER T 104 -9.98 -47.49 10.83
CA SER T 104 -10.27 -46.91 9.53
C SER T 104 -9.30 -47.50 8.51
N LYS T 105 -9.81 -47.83 7.34
CA LYS T 105 -9.00 -48.43 6.30
C LYS T 105 -9.40 -47.86 4.95
N ALA T 106 -8.42 -47.52 4.13
CA ALA T 106 -8.70 -46.97 2.81
C ALA T 106 -7.60 -47.42 1.85
N TYR T 107 -7.94 -47.43 0.57
CA TYR T 107 -7.07 -47.91 -0.48
C TYR T 107 -7.56 -47.33 -1.80
N VAL T 108 -6.69 -47.35 -2.80
CA VAL T 108 -6.98 -46.74 -4.10
C VAL T 108 -7.13 -47.85 -5.12
N MET T 109 -8.23 -47.82 -5.88
CA MET T 109 -8.48 -48.76 -6.94
C MET T 109 -8.98 -48.00 -8.16
N LYS T 110 -9.00 -48.69 -9.31
CA LYS T 110 -9.39 -48.04 -10.55
C LYS T 110 -10.87 -47.71 -10.58
N SER T 111 -11.21 -46.74 -11.41
CA SER T 111 -12.59 -46.31 -11.55
C SER T 111 -13.42 -47.38 -12.24
N ASP T 112 -14.74 -47.24 -12.12
CA ASP T 112 -15.63 -48.17 -12.79
C ASP T 112 -15.73 -47.88 -14.28
N ASP T 113 -15.30 -46.70 -14.71
CA ASP T 113 -15.48 -46.22 -16.07
C ASP T 113 -14.20 -46.34 -16.90
N CYS T 114 -13.29 -47.24 -16.53
CA CYS T 114 -11.95 -47.23 -17.10
C CYS T 114 -11.92 -47.80 -18.51
N LEU T 115 -12.82 -48.73 -18.84
CA LEU T 115 -12.80 -49.38 -20.14
C LEU T 115 -13.19 -48.43 -21.27
N ALA T 116 -13.92 -47.37 -20.95
CA ALA T 116 -14.31 -46.38 -21.96
C ALA T 116 -13.55 -45.07 -21.86
N ASP T 117 -13.22 -44.61 -20.65
CA ASP T 117 -12.58 -43.32 -20.42
C ASP T 117 -11.22 -43.57 -19.77
N HIS T 118 -10.17 -43.56 -20.58
CA HIS T 118 -8.82 -43.73 -20.08
C HIS T 118 -7.86 -43.17 -21.13
N ALA T 119 -6.61 -43.03 -20.74
CA ALA T 119 -5.55 -42.62 -21.64
C ALA T 119 -4.46 -43.66 -21.64
N GLU T 120 -3.63 -43.63 -22.67
CA GLU T 120 -2.63 -44.65 -22.92
C GLU T 120 -1.29 -43.97 -23.15
N ALA T 121 -0.28 -44.36 -22.38
CA ALA T 121 1.05 -43.81 -22.53
C ALA T 121 1.87 -44.74 -23.42
N TYR T 122 2.35 -44.23 -24.55
CA TYR T 122 3.07 -45.01 -25.54
C TYR T 122 4.50 -44.54 -25.66
N LYS T 123 5.23 -45.16 -26.59
CA LYS T 123 6.56 -44.72 -26.99
C LYS T 123 6.73 -44.88 -28.49
N ALA T 124 7.43 -43.93 -29.09
CA ALA T 124 7.57 -43.86 -30.53
C ALA T 124 9.03 -43.93 -30.94
N HIS T 125 9.27 -44.62 -32.05
CA HIS T 125 10.54 -44.68 -32.76
C HIS T 125 10.27 -45.34 -34.11
N THR T 126 11.17 -45.10 -35.06
CA THR T 126 11.33 -45.87 -36.30
C THR T 126 10.05 -45.86 -37.14
N ALA T 127 9.73 -44.68 -37.65
CA ALA T 127 8.55 -44.54 -38.49
C ALA T 127 8.77 -45.14 -39.87
N SER T 128 7.69 -45.60 -40.47
CA SER T 128 7.71 -46.15 -41.84
C SER T 128 6.70 -45.37 -42.66
N VAL T 129 7.19 -44.57 -43.61
CA VAL T 129 6.31 -43.82 -44.49
C VAL T 129 5.69 -44.76 -45.51
N GLN T 130 4.39 -44.63 -45.72
CA GLN T 130 3.61 -45.48 -46.59
C GLN T 130 2.70 -44.59 -47.42
N ALA T 131 2.56 -44.90 -48.70
CA ALA T 131 1.98 -43.96 -49.65
C ALA T 131 0.96 -44.63 -50.55
N PHE T 132 -0.02 -43.85 -50.99
CA PHE T 132 -1.00 -44.28 -52.00
C PHE T 132 -0.70 -43.52 -53.27
N LEU T 133 -0.35 -44.23 -54.32
CA LEU T 133 -0.01 -43.63 -55.61
C LEU T 133 -1.08 -43.97 -56.63
N ASN T 134 -1.39 -43.00 -57.48
CA ASN T 134 -2.29 -43.18 -58.61
C ASN T 134 -1.45 -42.93 -59.86
N ILE T 135 -1.03 -44.01 -60.51
CA ILE T 135 0.06 -43.99 -61.47
C ILE T 135 -0.50 -44.21 -62.87
N THR T 136 -0.05 -43.39 -63.82
CA THR T 136 -0.44 -43.50 -65.23
C THR T 136 0.83 -43.67 -66.05
N VAL T 137 1.21 -44.92 -66.33
CA VAL T 137 2.35 -45.23 -67.19
C VAL T 137 1.81 -45.61 -68.55
N GLY T 138 1.89 -44.67 -69.49
CA GLY T 138 1.46 -44.89 -70.86
C GLY T 138 -0.02 -45.20 -70.98
N GLU T 139 -0.85 -44.18 -70.71
CA GLU T 139 -2.32 -44.19 -70.72
C GLU T 139 -2.97 -45.44 -70.09
N HIS T 140 -2.37 -45.94 -69.02
CA HIS T 140 -2.91 -47.06 -68.24
C HIS T 140 -2.78 -46.70 -66.76
N SER T 141 -3.89 -46.78 -66.04
CA SER T 141 -3.95 -46.33 -64.66
C SER T 141 -4.08 -47.50 -63.70
N ILE T 142 -3.58 -47.29 -62.48
CA ILE T 142 -3.73 -48.22 -61.37
C ILE T 142 -3.56 -47.43 -60.08
N VAL T 143 -4.26 -47.87 -59.03
CA VAL T 143 -4.09 -47.34 -57.69
C VAL T 143 -3.16 -48.29 -56.93
N THR T 144 -2.11 -47.73 -56.34
CA THR T 144 -0.98 -48.52 -55.88
C THR T 144 -0.59 -48.10 -54.47
N THR T 145 -0.39 -49.07 -53.58
CA THR T 145 0.13 -48.81 -52.24
C THR T 145 1.55 -49.35 -52.15
N VAL T 146 2.50 -48.44 -51.89
CA VAL T 146 3.91 -48.78 -51.98
C VAL T 146 4.61 -48.32 -50.71
N TYR T 147 5.66 -49.04 -50.32
CA TYR T 147 6.47 -48.73 -49.15
C TYR T 147 7.72 -48.02 -49.63
N VAL T 148 8.09 -46.93 -48.96
CA VAL T 148 9.12 -46.04 -49.46
C VAL T 148 10.53 -46.48 -49.07
N ASN T 149 10.67 -47.67 -48.49
CA ASN T 149 11.99 -48.14 -48.13
C ASN T 149 12.80 -48.52 -49.38
N GLY T 150 14.07 -48.85 -49.17
CA GLY T 150 14.96 -49.20 -50.26
C GLY T 150 14.74 -50.55 -50.91
N GLU T 151 13.62 -51.17 -50.59
CA GLU T 151 13.19 -52.44 -51.17
C GLU T 151 11.68 -52.32 -51.39
N THR T 152 11.01 -53.46 -51.52
CA THR T 152 9.57 -53.64 -51.68
C THR T 152 9.07 -52.98 -52.96
N PRO T 153 9.32 -53.56 -54.13
CA PRO T 153 8.74 -53.03 -55.37
C PRO T 153 7.28 -53.43 -55.50
N VAL T 154 6.63 -52.85 -56.50
CA VAL T 154 5.29 -53.24 -56.91
C VAL T 154 5.33 -53.62 -58.38
N ASN T 155 4.48 -54.56 -58.77
CA ASN T 155 4.54 -55.15 -60.10
C ASN T 155 3.14 -55.16 -60.69
N PHE T 156 2.96 -54.42 -61.79
CA PHE T 156 1.73 -54.51 -62.57
C PHE T 156 2.11 -54.42 -64.03
N ASN T 157 1.66 -55.42 -64.81
CA ASN T 157 1.86 -55.49 -66.26
C ASN T 157 3.33 -55.48 -66.66
N GLY T 158 4.21 -55.97 -65.80
CA GLY T 158 5.63 -55.93 -66.04
C GLY T 158 6.32 -54.66 -65.59
N VAL T 159 5.58 -53.64 -65.21
CA VAL T 159 6.17 -52.40 -64.74
C VAL T 159 6.52 -52.57 -63.27
N LYS T 160 7.71 -52.11 -62.89
CA LYS T 160 8.27 -52.32 -61.55
C LYS T 160 8.67 -50.97 -60.98
N ILE T 161 8.09 -50.63 -59.82
CA ILE T 161 8.21 -49.31 -59.22
C ILE T 161 8.71 -49.47 -57.79
N THR T 162 9.77 -48.74 -57.44
CA THR T 162 10.35 -48.79 -56.12
C THR T 162 10.50 -47.37 -55.59
N ALA T 163 9.65 -47.02 -54.63
CA ALA T 163 9.70 -45.69 -54.03
C ALA T 163 10.93 -45.58 -53.14
N GLY T 164 11.82 -44.66 -53.48
CA GLY T 164 13.07 -44.51 -52.77
C GLY T 164 12.87 -43.93 -51.39
N PRO T 165 13.93 -43.93 -50.59
CA PRO T 165 13.80 -43.47 -49.20
C PRO T 165 13.62 -41.96 -49.14
N LEU T 166 12.84 -41.52 -48.14
CA LEU T 166 12.61 -40.11 -47.92
C LEU T 166 13.91 -39.39 -47.58
N SER T 167 14.02 -38.16 -48.06
CA SER T 167 15.22 -37.37 -47.84
C SER T 167 15.36 -36.91 -46.39
N THR T 168 14.29 -36.97 -45.61
CA THR T 168 14.28 -36.44 -44.26
C THR T 168 13.67 -37.48 -43.33
N ALA T 169 14.31 -37.71 -42.18
CA ALA T 169 13.81 -38.63 -41.18
C ALA T 169 12.97 -37.93 -40.11
N TRP T 170 12.34 -36.81 -40.45
CA TRP T 170 11.56 -36.04 -39.50
C TRP T 170 10.24 -36.76 -39.20
N THR T 171 9.80 -36.67 -37.94
CA THR T 171 8.52 -37.18 -37.49
C THR T 171 7.89 -36.14 -36.56
N PRO T 172 6.56 -35.96 -36.59
CA PRO T 172 5.92 -35.09 -35.61
C PRO T 172 5.80 -35.69 -34.23
N PHE T 173 6.01 -36.99 -34.07
CA PHE T 173 5.89 -37.66 -32.79
C PHE T 173 7.22 -37.61 -32.06
N ASP T 174 7.20 -37.19 -30.80
CA ASP T 174 8.40 -37.23 -29.99
C ASP T 174 8.62 -38.63 -29.42
N ARG T 175 9.50 -38.72 -28.42
CA ARG T 175 9.81 -40.01 -27.80
C ARG T 175 8.62 -40.60 -27.07
N LYS T 176 7.75 -39.75 -26.51
CA LYS T 176 6.66 -40.21 -25.67
C LYS T 176 5.33 -39.62 -26.12
N ILE T 177 4.29 -40.45 -26.14
CA ILE T 177 3.00 -40.16 -26.74
C ILE T 177 1.90 -40.55 -25.77
N VAL T 178 0.88 -39.71 -25.64
CA VAL T 178 -0.33 -40.03 -24.90
C VAL T 178 -1.50 -39.96 -25.87
N GLN T 179 -2.21 -41.07 -26.01
CA GLN T 179 -3.46 -41.10 -26.76
C GLN T 179 -4.63 -41.04 -25.80
N TYR T 180 -5.44 -39.98 -25.92
CA TYR T 180 -6.66 -39.88 -25.13
C TYR T 180 -7.80 -39.34 -25.99
N ALA T 181 -8.92 -40.07 -25.95
CA ALA T 181 -10.20 -39.66 -26.57
C ALA T 181 -10.05 -39.42 -28.06
N GLY T 182 -9.32 -40.30 -28.74
CA GLY T 182 -9.11 -40.19 -30.15
C GLY T 182 -8.00 -39.26 -30.58
N GLU T 183 -7.59 -38.33 -29.75
CA GLU T 183 -6.53 -37.40 -30.08
C GLU T 183 -5.24 -37.86 -29.43
N ILE T 184 -4.14 -37.31 -29.93
CA ILE T 184 -2.80 -37.77 -29.58
C ILE T 184 -2.01 -36.59 -29.07
N TYR T 185 -1.46 -36.72 -27.87
CA TYR T 185 -0.80 -35.62 -27.19
C TYR T 185 0.68 -35.95 -27.01
N ASN T 186 1.52 -34.94 -27.15
CA ASN T 186 2.95 -35.15 -27.18
C ASN T 186 3.52 -34.84 -25.80
N TYR T 187 3.12 -35.66 -24.84
CA TYR T 187 3.37 -35.43 -23.43
C TYR T 187 4.56 -36.25 -22.95
N ASP T 188 5.17 -35.81 -21.85
CA ASP T 188 6.32 -36.49 -21.24
C ASP T 188 5.87 -37.05 -19.89
N PHE T 189 5.31 -38.25 -19.93
CA PHE T 189 4.74 -38.90 -18.75
C PHE T 189 5.82 -39.55 -17.90
N PRO T 190 5.56 -39.76 -16.61
CA PRO T 190 6.54 -40.48 -15.79
C PRO T 190 6.49 -41.97 -16.09
N GLU T 191 7.57 -42.65 -15.69
CA GLU T 191 7.72 -44.06 -15.96
C GLU T 191 6.81 -44.87 -15.03
N TYR T 192 6.76 -46.19 -15.28
CA TYR T 192 5.86 -47.05 -14.53
C TYR T 192 6.43 -47.27 -13.14
N GLY T 193 6.02 -46.43 -12.21
CA GLY T 193 6.53 -46.42 -10.86
C GLY T 193 6.88 -45.03 -10.36
N ALA T 194 7.16 -44.09 -11.26
CA ALA T 194 7.49 -42.73 -10.89
C ALA T 194 6.27 -41.83 -10.85
N GLY T 195 5.08 -42.41 -10.69
CA GLY T 195 3.86 -41.61 -10.70
C GLY T 195 3.74 -40.79 -9.44
N GLN T 196 3.57 -39.51 -9.60
CA GLN T 196 3.47 -38.57 -8.51
C GLN T 196 2.03 -38.10 -8.36
N PRO T 197 1.57 -37.87 -7.14
CA PRO T 197 0.18 -37.44 -6.96
C PRO T 197 -0.06 -36.03 -7.45
N GLY T 198 -1.30 -35.78 -7.87
CA GLY T 198 -1.70 -34.50 -8.38
C GLY T 198 -1.49 -34.30 -9.86
N ALA T 199 -0.64 -35.11 -10.48
CA ALA T 199 -0.30 -34.97 -11.90
C ALA T 199 -0.56 -36.27 -12.62
N PHE T 200 -0.31 -36.24 -13.94
CA PHE T 200 -0.59 -37.35 -14.83
C PHE T 200 0.29 -38.54 -14.49
N GLY T 201 -0.33 -39.67 -14.16
CA GLY T 201 0.38 -40.86 -13.77
C GLY T 201 0.22 -41.29 -12.34
N ASP T 202 -0.65 -40.65 -11.57
CA ASP T 202 -0.87 -41.04 -10.18
C ASP T 202 -1.53 -42.41 -10.06
N ILE T 203 -2.24 -42.86 -11.09
CA ILE T 203 -2.71 -44.24 -11.21
C ILE T 203 -2.07 -44.82 -12.46
N GLN T 204 -1.45 -45.97 -12.32
CA GLN T 204 -0.82 -46.63 -13.46
C GLN T 204 -1.30 -48.06 -13.52
N SER T 205 -1.31 -48.64 -14.71
CA SER T 205 -1.84 -49.97 -14.95
C SER T 205 -1.34 -50.43 -16.30
N ARG T 206 -0.79 -51.65 -16.36
CA ARG T 206 -0.06 -52.08 -17.55
C ARG T 206 -0.97 -52.26 -18.75
N THR T 207 -2.17 -52.80 -18.55
CA THR T 207 -3.20 -52.87 -19.57
C THR T 207 -4.51 -52.47 -18.93
N VAL T 208 -5.54 -52.33 -19.77
CA VAL T 208 -6.87 -52.01 -19.24
C VAL T 208 -7.43 -53.19 -18.48
N SER T 209 -7.17 -54.41 -18.97
CA SER T 209 -7.59 -55.64 -18.32
C SER T 209 -6.47 -56.24 -17.48
N SER T 210 -5.64 -55.40 -16.88
CA SER T 210 -4.59 -55.89 -16.00
C SER T 210 -5.17 -56.17 -14.61
N SER T 211 -4.29 -56.49 -13.67
CA SER T 211 -4.70 -56.76 -12.30
C SER T 211 -3.83 -56.09 -11.25
N ASP T 212 -2.67 -55.54 -11.61
CA ASP T 212 -1.74 -54.98 -10.65
C ASP T 212 -1.54 -53.51 -11.00
N LEU T 213 -1.97 -52.62 -10.12
CA LEU T 213 -1.99 -51.19 -10.40
C LEU T 213 -1.22 -50.42 -9.34
N TYR T 214 -0.38 -49.50 -9.81
CA TYR T 214 0.40 -48.62 -8.95
C TYR T 214 -0.46 -47.42 -8.58
N ALA T 215 -0.39 -47.00 -7.32
CA ALA T 215 -1.11 -45.82 -6.86
C ALA T 215 -0.24 -45.06 -5.88
N ASN T 216 0.04 -43.80 -6.20
CA ASN T 216 0.70 -42.87 -5.29
C ASN T 216 -0.18 -41.63 -5.33
N THR T 217 -1.22 -41.58 -4.49
CA THR T 217 -2.20 -40.51 -4.55
C THR T 217 -2.22 -39.66 -3.28
N ASN T 218 -1.25 -39.82 -2.39
CA ASN T 218 -1.07 -39.01 -1.17
C ASN T 218 -2.27 -39.13 -0.24
N LEU T 219 -2.60 -40.37 0.13
CA LEU T 219 -3.79 -40.65 0.93
C LEU T 219 -3.43 -40.61 2.42
N VAL T 220 -4.23 -39.87 3.19
CA VAL T 220 -4.01 -39.70 4.63
C VAL T 220 -5.34 -39.87 5.34
N LEU T 221 -5.39 -40.76 6.32
CA LEU T 221 -6.59 -40.97 7.12
C LEU T 221 -6.68 -39.92 8.22
N GLN T 222 -7.85 -39.30 8.35
CA GLN T 222 -8.09 -38.35 9.43
C GLN T 222 -8.94 -39.00 10.51
N ARG T 223 -9.12 -38.29 11.63
CA ARG T 223 -9.87 -38.86 12.74
C ARG T 223 -11.37 -38.64 12.51
N PRO T 224 -12.21 -39.66 12.76
CA PRO T 224 -13.65 -39.48 12.60
C PRO T 224 -14.23 -38.50 13.61
N LYS T 225 -15.34 -37.89 13.23
CA LYS T 225 -16.00 -36.90 14.05
C LYS T 225 -16.56 -37.56 15.30
N ALA T 226 -16.52 -36.83 16.41
CA ALA T 226 -17.01 -37.32 17.69
C ALA T 226 -18.50 -37.61 17.65
N GLY T 227 -18.86 -38.88 17.73
CA GLY T 227 -20.24 -39.29 17.73
C GLY T 227 -20.77 -39.73 16.39
N ALA T 228 -19.93 -40.30 15.53
CA ALA T 228 -20.38 -40.68 14.20
C ALA T 228 -19.51 -41.81 13.67
N ILE T 229 -20.07 -42.55 12.73
CA ILE T 229 -19.35 -43.62 12.04
C ILE T 229 -19.13 -43.17 10.61
N HIS T 230 -17.88 -42.86 10.27
CA HIS T 230 -17.45 -42.70 8.90
C HIS T 230 -15.95 -42.87 8.85
N VAL T 231 -15.43 -43.07 7.65
CA VAL T 231 -14.00 -43.06 7.38
C VAL T 231 -13.68 -41.72 6.71
N PRO T 232 -13.02 -40.79 7.40
CA PRO T 232 -12.56 -39.57 6.74
C PRO T 232 -11.15 -39.74 6.20
N TYR T 233 -10.94 -39.23 4.99
CA TYR T 233 -9.65 -39.27 4.34
C TYR T 233 -9.43 -37.93 3.68
N THR T 234 -8.20 -37.71 3.21
CA THR T 234 -7.84 -36.45 2.57
C THR T 234 -6.68 -36.73 1.64
N GLN T 235 -6.92 -36.66 0.34
CA GLN T 235 -5.86 -36.92 -0.62
C GLN T 235 -5.93 -35.94 -1.76
N ALA T 236 -4.93 -36.03 -2.64
CA ALA T 236 -4.78 -35.10 -3.73
C ALA T 236 -5.79 -35.40 -4.83
N PRO T 237 -6.40 -34.37 -5.43
CA PRO T 237 -7.38 -34.62 -6.49
C PRO T 237 -6.70 -35.18 -7.73
N SER T 238 -7.51 -35.75 -8.62
CA SER T 238 -7.05 -36.71 -9.60
C SER T 238 -6.10 -36.11 -10.61
N GLY T 239 -5.06 -36.88 -10.94
CA GLY T 239 -4.10 -36.41 -11.92
C GLY T 239 -4.64 -36.45 -13.33
N PHE T 240 -5.55 -37.37 -13.61
CA PHE T 240 -6.11 -37.48 -14.94
C PHE T 240 -7.08 -36.33 -15.22
N GLU T 241 -7.89 -35.97 -14.24
CA GLU T 241 -8.80 -34.83 -14.38
C GLU T 241 -8.03 -33.53 -14.50
N GLN T 242 -6.93 -33.42 -13.75
CA GLN T 242 -6.13 -32.21 -13.83
C GLN T 242 -5.37 -32.11 -15.14
N TRP T 243 -4.94 -33.25 -15.69
CA TRP T 243 -4.35 -33.26 -17.03
C TRP T 243 -5.36 -32.85 -18.08
N LYS T 244 -6.60 -33.32 -17.94
CA LYS T 244 -7.65 -32.94 -18.88
C LYS T 244 -7.98 -31.46 -18.81
N LYS T 245 -7.90 -30.86 -17.62
CA LYS T 245 -8.15 -29.42 -17.54
C LYS T 245 -7.02 -28.62 -18.15
N ASP T 246 -5.79 -29.07 -17.99
CA ASP T 246 -4.61 -28.32 -18.40
C ASP T 246 -3.98 -28.88 -19.66
N LYS T 247 -4.77 -29.39 -20.59
CA LYS T 247 -4.25 -29.82 -21.87
C LYS T 247 -3.81 -28.63 -22.70
N ALA T 248 -2.67 -28.78 -23.35
CA ALA T 248 -2.42 -28.05 -24.58
C ALA T 248 -3.29 -28.65 -25.67
N PRO T 249 -3.54 -27.92 -26.76
CA PRO T 249 -4.24 -28.54 -27.90
C PRO T 249 -3.47 -29.72 -28.48
N SER T 250 -4.20 -30.61 -29.14
CA SER T 250 -3.67 -31.90 -29.53
C SER T 250 -2.68 -31.75 -30.67
N LEU T 251 -2.15 -32.88 -31.12
CA LEU T 251 -1.11 -32.82 -32.13
C LEU T 251 -1.68 -32.62 -33.53
N LYS T 252 -2.99 -32.78 -33.71
CA LYS T 252 -3.65 -32.40 -34.96
C LYS T 252 -3.88 -30.89 -35.07
N PHE T 253 -3.47 -30.11 -34.07
CA PHE T 253 -3.57 -28.67 -34.13
C PHE T 253 -2.23 -27.96 -34.02
N THR T 254 -1.18 -28.62 -33.54
CA THR T 254 0.10 -27.97 -33.29
C THR T 254 1.24 -28.60 -34.08
N ALA T 255 0.97 -29.50 -35.02
CA ALA T 255 2.13 -30.12 -35.62
C ALA T 255 2.53 -29.38 -36.90
N PRO T 256 3.82 -29.22 -37.14
CA PRO T 256 4.27 -28.50 -38.34
C PRO T 256 4.16 -29.32 -39.61
N PHE T 257 4.42 -28.64 -40.72
CA PHE T 257 4.32 -29.11 -42.10
C PHE T 257 2.92 -29.57 -42.49
N GLY T 258 1.90 -29.17 -41.75
CA GLY T 258 0.53 -29.53 -42.11
C GLY T 258 0.18 -30.98 -41.92
N CYS T 259 0.81 -31.66 -40.97
CA CYS T 259 0.48 -33.04 -40.67
C CYS T 259 -0.96 -33.17 -40.17
N GLU T 260 -1.58 -34.29 -40.46
CA GLU T 260 -2.94 -34.61 -40.00
C GLU T 260 -2.85 -35.85 -39.12
N ILE T 261 -2.91 -35.64 -37.81
CA ILE T 261 -2.66 -36.71 -36.84
C ILE T 261 -3.93 -37.53 -36.68
N TYR T 262 -3.91 -38.78 -37.13
CA TYR T 262 -5.08 -39.63 -37.03
C TYR T 262 -4.87 -40.74 -35.99
N THR T 263 -5.97 -41.40 -35.65
CA THR T 263 -6.07 -42.09 -34.38
C THR T 263 -5.69 -43.57 -34.45
N ASN T 264 -6.44 -44.36 -35.23
CA ASN T 264 -6.68 -45.76 -34.84
C ASN T 264 -5.47 -46.65 -35.07
N PRO T 265 -4.77 -46.62 -36.21
CA PRO T 265 -3.31 -46.65 -36.11
C PRO T 265 -2.78 -45.24 -35.92
N ILE T 266 -1.85 -45.08 -34.98
CA ILE T 266 -1.26 -43.78 -34.74
C ILE T 266 -0.40 -43.39 -35.93
N ARG T 267 -0.81 -42.32 -36.62
CA ARG T 267 -0.20 -41.97 -37.88
C ARG T 267 -0.40 -40.49 -38.16
N ALA T 268 0.42 -39.97 -39.06
CA ALA T 268 0.29 -38.61 -39.56
C ALA T 268 0.15 -38.69 -41.06
N GLU T 269 -0.87 -38.03 -41.60
CA GLU T 269 -1.16 -38.14 -43.02
C GLU T 269 -0.97 -36.81 -43.72
N ASN T 270 -0.48 -36.88 -44.96
CA ASN T 270 -0.37 -35.77 -45.90
C ASN T 270 0.47 -34.63 -45.36
N CYS T 271 1.67 -34.97 -44.91
CA CYS T 271 2.54 -34.01 -44.23
C CYS T 271 3.67 -33.64 -45.19
N ALA T 272 3.62 -32.42 -45.71
CA ALA T 272 4.44 -32.00 -46.85
C ALA T 272 5.84 -31.59 -46.40
N VAL T 273 6.76 -32.56 -46.42
CA VAL T 273 8.17 -32.30 -46.16
C VAL T 273 8.98 -33.30 -46.95
N GLY T 274 10.15 -32.87 -47.41
CA GLY T 274 11.06 -33.76 -48.09
C GLY T 274 10.63 -34.06 -49.51
N SER T 275 11.33 -35.02 -50.11
CA SER T 275 11.04 -35.42 -51.47
C SER T 275 11.21 -36.91 -51.61
N ILE T 276 10.35 -37.54 -52.39
CA ILE T 276 10.30 -39.00 -52.53
C ILE T 276 10.88 -39.37 -53.89
N PRO T 277 12.09 -39.94 -53.96
CA PRO T 277 12.61 -40.41 -55.24
C PRO T 277 11.94 -41.69 -55.68
N LEU T 278 11.88 -41.88 -57.00
CA LEU T 278 11.25 -43.04 -57.59
C LEU T 278 12.23 -43.76 -58.49
N ALA T 279 11.82 -44.94 -58.95
CA ALA T 279 12.61 -45.75 -59.85
C ALA T 279 11.67 -46.64 -60.64
N PHE T 280 11.94 -46.80 -61.94
CA PHE T 280 11.10 -47.60 -62.82
C PHE T 280 11.92 -48.68 -63.49
N ASP T 281 11.27 -49.82 -63.75
CA ASP T 281 11.82 -50.87 -64.61
C ASP T 281 10.73 -51.23 -65.59
N ILE T 282 10.79 -50.64 -66.78
CA ILE T 282 9.71 -50.68 -67.75
C ILE T 282 10.05 -51.74 -68.79
N PRO T 283 9.13 -52.67 -69.10
CA PRO T 283 9.38 -53.61 -70.18
C PRO T 283 9.35 -52.93 -71.54
N ASP T 284 10.06 -53.53 -72.49
CA ASP T 284 10.12 -53.00 -73.84
C ASP T 284 8.85 -53.23 -74.64
N ALA T 285 7.89 -53.98 -74.11
CA ALA T 285 6.67 -54.25 -74.85
C ALA T 285 5.68 -53.08 -74.82
N LEU T 286 5.88 -52.12 -73.92
CA LEU T 286 5.01 -50.96 -73.83
C LEU T 286 5.50 -49.78 -74.66
N PHE T 287 6.70 -49.87 -75.22
CA PHE T 287 7.24 -48.83 -76.07
C PHE T 287 6.75 -48.99 -77.50
N THR T 288 7.12 -48.02 -78.35
CA THR T 288 6.69 -47.97 -79.73
C THR T 288 7.77 -47.27 -80.54
N ARG T 289 8.03 -47.78 -81.74
CA ARG T 289 8.95 -47.16 -82.69
C ARG T 289 8.47 -45.75 -83.05
N VAL T 290 9.42 -44.92 -83.48
CA VAL T 290 9.13 -43.51 -83.72
C VAL T 290 8.29 -43.34 -84.97
N SER T 291 8.57 -44.13 -86.01
CA SER T 291 7.91 -43.95 -87.30
C SER T 291 6.44 -44.31 -87.29
N GLU T 292 5.96 -45.04 -86.29
CA GLU T 292 4.54 -45.31 -86.12
C GLU T 292 3.84 -44.22 -85.33
N THR T 293 4.54 -43.16 -84.95
CA THR T 293 4.05 -42.06 -84.14
C THR T 293 4.32 -40.75 -84.88
N PRO T 294 3.56 -39.66 -84.58
CA PRO T 294 3.80 -38.40 -85.29
C PRO T 294 5.11 -37.73 -84.99
N THR T 295 6.02 -37.72 -85.96
CA THR T 295 7.27 -36.99 -85.90
C THR T 295 7.07 -35.66 -86.61
N LEU T 296 7.50 -34.57 -85.98
CA LEU T 296 7.15 -33.25 -86.47
C LEU T 296 8.40 -32.47 -86.87
N SER T 297 8.18 -31.47 -87.69
CA SER T 297 9.21 -30.53 -88.12
C SER T 297 8.65 -29.12 -88.10
N ALA T 298 9.54 -28.15 -87.85
CA ALA T 298 9.28 -26.72 -87.93
C ALA T 298 8.16 -26.29 -86.97
N ALA T 299 8.46 -26.40 -85.68
CA ALA T 299 7.54 -25.98 -84.64
C ALA T 299 8.04 -24.69 -84.00
N GLU T 300 7.10 -23.77 -83.72
CA GLU T 300 7.41 -22.47 -83.15
C GLU T 300 6.43 -22.18 -82.02
N CYS T 301 6.90 -21.50 -80.98
CA CYS T 301 6.11 -21.23 -79.78
C CYS T 301 5.97 -19.73 -79.55
N THR T 302 4.74 -19.29 -79.27
CA THR T 302 4.45 -17.92 -78.82
C THR T 302 3.54 -17.97 -77.61
N LEU T 303 3.71 -17.02 -76.69
CA LEU T 303 2.97 -17.00 -75.44
C LEU T 303 1.76 -16.09 -75.57
N ASN T 304 0.57 -16.65 -75.35
CA ASN T 304 -0.66 -15.87 -75.44
C ASN T 304 -0.94 -15.16 -74.12
N GLU T 305 -1.01 -15.92 -73.03
CA GLU T 305 -1.23 -15.39 -71.70
C GLU T 305 -0.06 -15.81 -70.83
N CYS T 306 0.33 -14.96 -69.90
CA CYS T 306 1.45 -15.25 -69.01
C CYS T 306 1.17 -14.50 -67.72
N VAL T 307 0.74 -15.21 -66.68
CA VAL T 307 0.53 -14.66 -65.36
C VAL T 307 1.26 -15.56 -64.38
N TYR T 308 2.22 -15.01 -63.64
CA TYR T 308 2.92 -15.84 -62.68
C TYR T 308 2.02 -16.03 -61.46
N SER T 309 1.25 -17.12 -61.51
CA SER T 309 0.22 -17.45 -60.55
C SER T 309 0.53 -18.81 -59.93
N SER T 310 -0.19 -19.15 -58.87
CA SER T 310 0.00 -20.45 -58.25
C SER T 310 -0.60 -21.56 -59.10
N ASP T 311 -1.74 -21.29 -59.73
CA ASP T 311 -2.32 -22.24 -60.66
C ASP T 311 -1.72 -22.05 -62.05
N PHE T 312 -2.34 -22.63 -63.07
CA PHE T 312 -1.82 -22.57 -64.42
C PHE T 312 -2.18 -21.21 -65.02
N GLY T 313 -1.33 -20.23 -64.80
CA GLY T 313 -1.60 -18.89 -65.24
C GLY T 313 -0.95 -18.53 -66.56
N GLY T 314 -0.60 -19.52 -67.34
CA GLY T 314 0.01 -19.28 -68.65
C GLY T 314 -0.67 -20.11 -69.72
N ILE T 315 -0.77 -19.53 -70.91
CA ILE T 315 -1.32 -20.21 -72.08
C ILE T 315 -0.34 -19.98 -73.22
N ALA T 316 0.09 -21.05 -73.87
CA ALA T 316 1.04 -20.94 -74.96
C ALA T 316 0.56 -21.76 -76.14
N THR T 317 0.93 -21.30 -77.33
CA THR T 317 0.51 -21.92 -78.58
C THR T 317 1.74 -22.40 -79.31
N VAL T 318 1.72 -23.65 -79.75
CA VAL T 318 2.78 -24.22 -80.58
C VAL T 318 2.22 -24.43 -81.96
N LYS T 319 2.78 -23.73 -82.94
CA LYS T 319 2.40 -23.89 -84.34
C LYS T 319 3.39 -24.85 -85.00
N TYR T 320 2.89 -25.97 -85.49
CA TYR T 320 3.70 -27.11 -85.86
C TYR T 320 3.38 -27.52 -87.30
N SER T 321 4.17 -28.46 -87.81
CA SER T 321 3.85 -29.11 -89.08
C SER T 321 4.37 -30.54 -88.97
N ALA T 322 3.51 -31.45 -88.53
CA ALA T 322 3.92 -32.81 -88.23
C ALA T 322 3.80 -33.68 -89.48
N SER T 323 3.94 -34.99 -89.29
CA SER T 323 3.85 -35.93 -90.40
C SER T 323 2.62 -36.83 -90.34
N LYS T 324 2.14 -37.20 -89.16
CA LYS T 324 0.93 -37.98 -89.03
C LYS T 324 0.07 -37.41 -87.93
N SER T 325 -1.17 -37.90 -87.85
CA SER T 325 -2.12 -37.44 -86.86
C SER T 325 -2.15 -38.41 -85.69
N GLY T 326 -1.87 -37.89 -84.50
CA GLY T 326 -1.93 -38.70 -83.30
C GLY T 326 -1.49 -37.90 -82.10
N LYS T 327 -1.38 -38.58 -80.97
CA LYS T 327 -0.91 -37.93 -79.75
C LYS T 327 0.61 -38.02 -79.65
N CYS T 328 1.19 -37.10 -78.89
CA CYS T 328 2.56 -37.27 -78.42
C CYS T 328 2.70 -36.50 -77.12
N ALA T 329 3.80 -36.78 -76.41
CA ALA T 329 3.99 -36.20 -75.10
C ALA T 329 4.62 -34.83 -75.18
N VAL T 330 4.27 -33.98 -74.22
CA VAL T 330 4.88 -32.66 -74.06
C VAL T 330 5.43 -32.55 -72.65
N HIS T 331 6.59 -31.92 -72.52
CA HIS T 331 7.26 -31.83 -71.22
C HIS T 331 8.28 -30.69 -71.28
N VAL T 332 8.40 -29.97 -70.16
CA VAL T 332 9.45 -28.97 -70.00
C VAL T 332 10.53 -29.57 -69.11
N PRO T 333 11.74 -29.83 -69.63
CA PRO T 333 12.77 -30.47 -68.79
C PRO T 333 13.34 -29.59 -67.71
N SER T 334 13.15 -28.28 -67.76
CA SER T 334 13.71 -27.39 -66.76
C SER T 334 12.78 -27.29 -65.56
N GLY T 335 13.05 -26.33 -64.69
CA GLY T 335 12.16 -26.00 -63.59
C GLY T 335 11.47 -24.67 -63.76
N THR T 336 11.53 -24.08 -64.95
CA THR T 336 10.89 -22.79 -65.19
C THR T 336 9.38 -22.90 -65.16
N ALA T 337 8.82 -23.81 -65.96
CA ALA T 337 7.39 -23.94 -66.06
C ALA T 337 6.98 -25.39 -65.86
N THR T 338 5.70 -25.59 -65.55
CA THR T 338 5.13 -26.91 -65.34
C THR T 338 3.87 -27.03 -66.18
N LEU T 339 3.87 -27.97 -67.12
CA LEU T 339 2.75 -28.11 -68.03
C LEU T 339 1.58 -28.78 -67.35
N LYS T 340 0.37 -28.37 -67.75
CA LYS T 340 -0.84 -29.08 -67.34
C LYS T 340 -1.07 -30.33 -68.18
N GLU T 341 -0.63 -30.29 -69.44
CA GLU T 341 -1.21 -31.17 -70.45
C GLU T 341 -0.62 -32.58 -70.43
N ALA T 342 0.70 -32.67 -70.68
CA ALA T 342 1.51 -33.90 -70.75
C ALA T 342 1.12 -34.86 -71.88
N ALA T 343 0.14 -34.50 -72.71
CA ALA T 343 -0.22 -35.27 -73.90
C ALA T 343 -1.05 -34.37 -74.80
N VAL T 344 -0.53 -34.05 -75.99
CA VAL T 344 -1.21 -33.19 -76.94
C VAL T 344 -1.48 -33.99 -78.20
N GLU T 345 -2.75 -34.07 -78.59
CA GLU T 345 -3.14 -34.77 -79.80
C GLU T 345 -3.01 -33.84 -81.00
N LEU T 346 -2.32 -34.31 -82.03
CA LEU T 346 -1.95 -33.47 -83.17
C LEU T 346 -2.61 -33.98 -84.44
N THR T 347 -2.84 -33.06 -85.37
CA THR T 347 -3.21 -33.38 -86.73
C THR T 347 -1.97 -33.30 -87.61
N GLU T 348 -2.18 -33.31 -88.93
CA GLU T 348 -1.07 -33.17 -89.86
C GLU T 348 -0.59 -31.72 -89.93
N GLN T 349 -1.44 -30.76 -89.58
CA GLN T 349 -1.12 -29.34 -89.70
C GLN T 349 -2.05 -28.57 -88.79
N GLY T 350 -1.50 -27.62 -88.03
CA GLY T 350 -2.37 -26.79 -87.21
C GLY T 350 -1.60 -26.11 -86.09
N SER T 351 -2.32 -25.87 -85.00
CA SER T 351 -1.75 -25.26 -83.80
C SER T 351 -2.17 -26.08 -82.59
N ALA T 352 -1.31 -26.08 -81.58
CA ALA T 352 -1.54 -26.81 -80.34
C ALA T 352 -1.43 -25.85 -79.18
N THR T 353 -2.45 -25.84 -78.32
CA THR T 353 -2.51 -24.94 -77.19
C THR T 353 -2.28 -25.72 -75.91
N ILE T 354 -1.27 -25.31 -75.15
CA ILE T 354 -0.89 -25.98 -73.91
C ILE T 354 -1.01 -24.98 -72.77
N HIS T 355 -1.06 -25.51 -71.55
CA HIS T 355 -1.27 -24.72 -70.35
C HIS T 355 -0.11 -24.97 -69.39
N PHE T 356 0.58 -23.91 -69.01
CA PHE T 356 1.69 -24.05 -68.08
C PHE T 356 1.46 -23.15 -66.87
N SER T 357 2.37 -23.26 -65.92
CA SER T 357 2.36 -22.50 -64.68
C SER T 357 3.78 -22.18 -64.32
N THR T 358 4.08 -20.90 -64.12
CA THR T 358 5.45 -20.49 -63.89
C THR T 358 5.48 -19.43 -62.81
N ALA T 359 6.70 -19.13 -62.35
CA ALA T 359 6.93 -18.03 -61.42
C ALA T 359 7.88 -16.99 -61.96
N ASN T 360 8.42 -17.18 -63.16
CA ASN T 360 9.29 -16.20 -63.74
C ASN T 360 8.51 -15.02 -64.28
N ILE T 361 9.00 -13.81 -64.01
CA ILE T 361 8.38 -12.63 -64.60
C ILE T 361 8.77 -12.51 -66.06
N HIS T 362 9.93 -13.05 -66.44
CA HIS T 362 10.38 -13.10 -67.82
C HIS T 362 10.76 -14.54 -68.13
N PRO T 363 9.80 -15.37 -68.50
CA PRO T 363 10.10 -16.78 -68.72
C PRO T 363 10.83 -17.03 -70.03
N GLU T 364 11.73 -18.01 -69.97
CA GLU T 364 12.46 -18.46 -71.16
C GLU T 364 12.81 -19.92 -70.92
N PHE T 365 12.00 -20.83 -71.44
CA PHE T 365 12.18 -22.25 -71.19
C PHE T 365 12.12 -23.03 -72.48
N ARG T 366 12.80 -24.18 -72.46
CA ARG T 366 12.98 -25.01 -73.65
C ARG T 366 11.97 -26.16 -73.59
N LEU T 367 10.85 -25.99 -74.27
CA LEU T 367 9.77 -26.97 -74.30
C LEU T 367 10.08 -28.13 -75.22
N GLN T 368 9.80 -29.35 -74.76
CA GLN T 368 9.88 -30.54 -75.60
C GLN T 368 8.50 -30.93 -76.09
N ILE T 369 8.31 -30.83 -77.40
CA ILE T 369 7.19 -31.46 -78.09
C ILE T 369 7.80 -32.61 -78.89
N CYS T 370 6.95 -33.45 -79.50
CA CYS T 370 7.04 -34.91 -79.53
C CYS T 370 8.45 -35.49 -79.42
N THR T 371 9.36 -35.10 -80.32
CA THR T 371 10.77 -35.43 -80.19
C THR T 371 11.66 -34.24 -80.49
N SER T 372 11.13 -33.03 -80.51
CA SER T 372 11.87 -31.83 -80.84
C SER T 372 11.90 -30.88 -79.65
N TYR T 373 12.50 -29.71 -79.84
CA TYR T 373 12.66 -28.76 -78.74
C TYR T 373 12.47 -27.35 -79.26
N VAL T 374 11.45 -26.66 -78.76
CA VAL T 374 11.19 -25.27 -79.11
C VAL T 374 11.58 -24.39 -77.93
N THR T 375 11.55 -23.08 -78.15
CA THR T 375 11.92 -22.11 -77.13
C THR T 375 10.79 -21.11 -76.98
N CYS T 376 10.12 -21.14 -75.85
CA CYS T 376 9.02 -20.23 -75.55
C CYS T 376 9.55 -19.06 -74.74
N LYS T 377 9.28 -17.85 -75.21
CA LYS T 377 9.79 -16.64 -74.56
C LYS T 377 8.69 -15.59 -74.51
N GLY T 378 8.48 -15.03 -73.32
CA GLY T 378 7.47 -14.01 -73.17
C GLY T 378 7.72 -13.16 -71.95
N ASP T 379 6.69 -12.43 -71.54
CA ASP T 379 6.69 -11.69 -70.28
C ASP T 379 5.42 -12.01 -69.51
N CYS T 380 5.57 -12.32 -68.23
CA CYS T 380 4.44 -12.53 -67.35
C CYS T 380 4.07 -11.26 -66.58
N HIS T 381 2.83 -11.25 -66.08
CA HIS T 381 2.22 -10.17 -65.35
C HIS T 381 1.74 -10.67 -63.99
N PRO T 382 1.70 -9.81 -62.98
CA PRO T 382 1.28 -10.26 -61.64
C PRO T 382 -0.20 -10.59 -61.60
N PRO T 383 -0.62 -11.46 -60.68
CA PRO T 383 -2.04 -11.70 -60.47
C PRO T 383 -2.64 -10.62 -59.58
N LYS T 384 -3.96 -10.66 -59.43
CA LYS T 384 -4.63 -9.70 -58.58
C LYS T 384 -5.16 -10.28 -57.28
N ASP T 385 -5.43 -11.58 -57.23
CA ASP T 385 -5.93 -12.20 -56.02
C ASP T 385 -4.81 -12.34 -55.00
N HIS T 386 -5.06 -11.88 -53.78
CA HIS T 386 -3.99 -11.87 -52.79
C HIS T 386 -3.81 -13.24 -52.14
N ILE T 387 -4.92 -13.93 -51.83
CA ILE T 387 -4.88 -15.20 -51.10
C ILE T 387 -5.70 -16.21 -51.89
N VAL T 388 -5.14 -17.40 -52.11
CA VAL T 388 -5.82 -18.48 -52.80
C VAL T 388 -6.01 -19.65 -51.83
N THR T 389 -6.72 -20.67 -52.29
CA THR T 389 -7.04 -21.82 -51.44
C THR T 389 -6.40 -23.11 -51.91
N HIS T 390 -5.51 -23.05 -52.89
CA HIS T 390 -4.79 -24.22 -53.38
C HIS T 390 -3.29 -23.95 -53.29
N PRO T 391 -2.46 -25.00 -53.13
CA PRO T 391 -1.01 -24.77 -53.06
C PRO T 391 -0.36 -24.43 -54.39
N GLN T 392 0.96 -24.33 -54.38
CA GLN T 392 1.73 -23.77 -55.49
C GLN T 392 2.17 -24.87 -56.43
N TYR T 393 1.79 -24.77 -57.71
CA TYR T 393 1.92 -25.86 -58.66
C TYR T 393 3.28 -25.94 -59.34
N HIS T 394 4.25 -25.16 -58.91
CA HIS T 394 5.54 -25.09 -59.59
C HIS T 394 6.63 -24.99 -58.53
N ALA T 395 7.84 -24.62 -58.95
CA ALA T 395 8.99 -24.53 -58.06
C ALA T 395 9.67 -23.18 -58.27
N GLN T 396 9.86 -22.44 -57.19
CA GLN T 396 10.47 -21.12 -57.29
C GLN T 396 11.96 -21.24 -57.57
N THR T 397 12.52 -20.15 -58.09
CA THR T 397 13.91 -20.06 -58.48
C THR T 397 14.48 -18.80 -57.84
N PHE T 398 15.79 -18.74 -57.67
CA PHE T 398 16.43 -17.47 -57.36
C PHE T 398 16.66 -16.71 -58.66
N THR T 399 16.64 -15.38 -58.56
CA THR T 399 16.55 -14.45 -59.71
C THR T 399 15.39 -14.83 -60.63
N ALA T 400 14.25 -15.21 -60.03
CA ALA T 400 13.11 -15.60 -60.83
C ALA T 400 12.20 -14.44 -61.13
N ALA T 401 12.04 -13.50 -60.19
CA ALA T 401 11.13 -12.39 -60.36
C ALA T 401 11.86 -11.10 -60.71
N VAL T 402 13.13 -11.18 -61.09
CA VAL T 402 13.89 -9.99 -61.44
C VAL T 402 13.51 -9.54 -62.84
N SER T 403 13.14 -8.27 -62.97
CA SER T 403 12.70 -7.73 -64.26
C SER T 403 13.89 -7.22 -65.05
N LYS T 404 13.66 -7.04 -66.36
CA LYS T 404 14.68 -6.47 -67.24
C LYS T 404 14.99 -5.03 -66.90
N THR T 405 14.05 -4.31 -66.27
CA THR T 405 14.37 -3.01 -65.71
C THR T 405 15.30 -3.14 -64.52
N ALA T 406 15.07 -4.14 -63.66
CA ALA T 406 15.92 -4.34 -62.49
C ALA T 406 17.32 -4.78 -62.88
N TRP T 407 17.44 -5.60 -63.93
CA TRP T 407 18.76 -5.95 -64.46
C TRP T 407 19.48 -4.73 -65.01
N THR T 408 18.73 -3.81 -65.62
CA THR T 408 19.34 -2.59 -66.16
C THR T 408 19.84 -1.69 -65.05
N TRP T 409 19.04 -1.50 -63.99
CA TRP T 409 19.48 -0.66 -62.88
C TRP T 409 20.56 -1.34 -62.03
N LEU T 410 20.67 -2.67 -62.07
CA LEU T 410 21.83 -3.33 -61.47
C LEU T 410 23.07 -3.14 -62.32
N THR T 411 22.96 -3.41 -63.63
CA THR T 411 24.14 -3.47 -64.48
C THR T 411 24.73 -2.08 -64.72
N SER T 412 23.89 -1.09 -65.06
CA SER T 412 24.39 0.24 -65.37
C SER T 412 24.92 0.98 -64.15
N LEU T 413 24.64 0.51 -62.94
CA LEU T 413 25.20 1.12 -61.74
C LEU T 413 26.25 0.25 -61.05
N LEU T 414 26.41 -1.00 -61.47
CA LEU T 414 27.40 -1.89 -60.86
C LEU T 414 28.59 -2.16 -61.76
N GLY T 415 28.41 -2.20 -63.08
CA GLY T 415 29.54 -2.34 -63.98
C GLY T 415 30.02 -0.98 -64.47
N GLY T 416 29.13 0.01 -64.43
CA GLY T 416 29.52 1.37 -64.79
C GLY T 416 30.52 1.95 -63.81
N SER T 417 30.41 1.58 -62.54
CA SER T 417 31.42 1.96 -61.55
C SER T 417 32.77 1.34 -61.88
N ALA T 418 32.78 0.11 -62.37
CA ALA T 418 34.03 -0.53 -62.79
C ALA T 418 34.61 0.16 -64.02
N VAL T 419 33.73 0.61 -64.92
CA VAL T 419 34.18 1.36 -66.10
C VAL T 419 34.83 2.69 -65.68
N ILE T 420 34.22 3.37 -64.71
CA ILE T 420 34.77 4.64 -64.24
C ILE T 420 36.11 4.43 -63.52
N ILE T 421 36.23 3.35 -62.74
CA ILE T 421 37.50 3.15 -62.04
C ILE T 421 38.60 2.68 -63.00
N ILE T 422 38.26 1.94 -64.06
CA ILE T 422 39.33 1.54 -64.96
C ILE T 422 39.73 2.68 -65.90
N ILE T 423 38.81 3.60 -66.24
CA ILE T 423 39.27 4.75 -66.99
C ILE T 423 40.01 5.74 -66.10
N GLY T 424 39.75 5.73 -64.79
CA GLY T 424 40.61 6.46 -63.88
C GLY T 424 42.01 5.88 -63.81
N LEU T 425 42.12 4.55 -63.84
CA LEU T 425 43.45 3.91 -63.87
C LEU T 425 44.19 4.20 -65.18
N VAL T 426 43.48 4.16 -66.31
CA VAL T 426 44.11 4.44 -67.60
C VAL T 426 44.53 5.91 -67.69
N LEU T 427 43.69 6.82 -67.17
CA LEU T 427 44.04 8.24 -67.15
C LEU T 427 45.26 8.51 -66.26
N ALA T 428 45.32 7.86 -65.09
CA ALA T 428 46.47 8.04 -64.20
C ALA T 428 47.74 7.47 -64.82
N THR T 429 47.62 6.34 -65.54
CA THR T 429 48.79 5.75 -66.20
C THR T 429 49.30 6.64 -67.34
N ILE T 430 48.38 7.22 -68.12
CA ILE T 430 48.77 8.09 -69.22
C ILE T 430 49.41 9.38 -68.69
N VAL T 431 48.88 9.93 -67.58
CA VAL T 431 49.47 11.13 -66.99
C VAL T 431 50.85 10.83 -66.43
N ALA T 432 51.03 9.68 -65.77
CA ALA T 432 52.33 9.31 -65.23
C ALA T 432 53.36 9.10 -66.34
N MET T 433 52.96 8.45 -67.43
CA MET T 433 53.88 8.21 -68.54
C MET T 433 54.23 9.50 -69.25
N TYR T 434 53.27 10.42 -69.40
CA TYR T 434 53.56 11.69 -70.07
C TYR T 434 54.50 12.56 -69.24
N VAL T 435 54.28 12.62 -67.92
CA VAL T 435 55.13 13.44 -67.07
C VAL T 435 56.52 12.83 -66.94
N LEU T 436 56.62 11.50 -66.90
CA LEU T 436 57.94 10.88 -66.90
C LEU T 436 58.62 10.99 -68.26
N THR T 437 57.84 11.08 -69.35
CA THR T 437 58.42 11.20 -70.68
C THR T 437 59.02 12.58 -70.90
N ASN T 438 58.35 13.63 -70.42
CA ASN T 438 58.92 14.96 -70.53
C ASN T 438 60.12 15.17 -69.62
N GLN T 439 60.31 14.30 -68.64
CA GLN T 439 61.43 14.44 -67.72
C GLN T 439 62.68 13.63 -68.11
N LYS T 440 62.64 12.98 -69.27
CA LYS T 440 63.77 12.20 -69.74
C LYS T 440 64.86 13.03 -70.42
N HIS T 441 64.48 14.17 -70.98
CA HIS T 441 65.42 15.03 -71.70
C HIS T 441 66.52 15.64 -70.85
N ASN T 442 66.12 16.25 -69.74
CA ASN T 442 67.04 16.89 -68.82
C ASN T 442 67.44 18.29 -69.33
CA CA U . -40.75 -33.05 19.81
CA CA V . -60.85 -10.54 -11.91
CA CA W . -33.52 -0.03 75.59
CA CA X . -43.49 -49.56 -21.83
#